data_3RQW
#
_entry.id   3RQW
#
_cell.length_a   105.763
_cell.length_b   266.068
_cell.length_c   111.162
_cell.angle_alpha   90.00
_cell.angle_beta   107.82
_cell.angle_gamma   90.00
#
_symmetry.space_group_name_H-M   'P 1 21 1'
#
loop_
_entity.id
_entity.type
_entity.pdbx_description
1 polymer 'ELIC Pentameric Ligand Gated Ion Channel from Erwinia Chrysanthemi'
2 non-polymer ACETYLCHOLINE
3 non-polymer '2-(N-MORPHOLINO)-ETHANESULFONIC ACID'
4 non-polymer GLYCEROL
5 water water
#
_entity_poly.entity_id   1
_entity_poly.type   'polypeptide(L)'
_entity_poly.pdbx_seq_one_letter_code
;APADNAADARPVDVSVSIFINKIYGVNTLEQTYKVDGYIVAQWTGKPRKTPGDKPLIVENTQIERWINNGLWVPALEFIN
VVGSPDTGNKRLMLFPDGRVIYNARFLGSFSNDMDFRLFPFDRQQFVLELEPFSYNNQQLRFSDIQVYTENIDNEEIDEW
WIRGKASTHISDIRYDHLSSVQPNQNEFSRITVRIDAVRNPSYYLWSFILPLGLIIAASWSVFWLESFSERLQTSFTLML
TVVAYAFYTSNILPRLPYTTVIDQMIIAGYGSIFAAILLIIFAHHRQANGVEDDLLIQRCRLAFPLGFLAIGCVLVIRGI
TL
;
_entity_poly.pdbx_strand_id   A,B,C,D,E,F,G,H,I,J
#
# COMPACT_ATOMS: atom_id res chain seq x y z
N PRO A 11 53.78 17.58 -19.07
CA PRO A 11 52.78 17.50 -17.99
C PRO A 11 51.49 16.88 -18.50
N VAL A 12 50.92 15.93 -17.75
CA VAL A 12 49.70 15.26 -18.20
C VAL A 12 48.46 16.13 -17.94
N ASP A 13 47.61 16.24 -18.96
CA ASP A 13 46.39 17.03 -18.81
C ASP A 13 45.30 16.16 -18.17
N VAL A 14 44.86 16.57 -16.98
CA VAL A 14 43.77 15.88 -16.31
C VAL A 14 42.55 16.79 -16.22
N SER A 15 41.42 16.32 -16.74
CA SER A 15 40.16 17.04 -16.56
C SER A 15 39.25 16.31 -15.58
N VAL A 16 38.71 17.06 -14.64
CA VAL A 16 37.85 16.45 -13.64
C VAL A 16 36.47 17.09 -13.64
N SER A 17 35.47 16.22 -13.51
CA SER A 17 34.13 16.66 -13.19
C SER A 17 33.76 16.17 -11.79
N ILE A 18 33.13 17.04 -11.00
CA ILE A 18 32.63 16.69 -9.69
C ILE A 18 31.11 16.80 -9.62
N PHE A 19 30.43 15.67 -9.41
CA PHE A 19 29.00 15.68 -9.15
C PHE A 19 28.70 15.74 -7.65
N ILE A 20 27.96 16.77 -7.24
CA ILE A 20 27.61 16.93 -5.83
C ILE A 20 26.18 16.48 -5.53
N ASN A 21 26.05 15.40 -4.76
CA ASN A 21 24.74 14.83 -4.41
C ASN A 21 24.08 15.45 -3.20
N LYS A 22 24.86 15.90 -2.24
CA LYS A 22 24.31 16.29 -0.95
C LYS A 22 25.33 17.07 -0.15
N ILE A 23 24.91 18.20 0.39
CA ILE A 23 25.72 18.94 1.34
C ILE A 23 24.93 19.01 2.62
N TYR A 24 25.50 18.51 3.70
CA TYR A 24 24.74 18.40 4.93
C TYR A 24 25.66 18.34 6.14
N GLY A 25 25.06 18.21 7.31
CA GLY A 25 25.81 18.05 8.53
C GLY A 25 26.81 19.14 8.87
N VAL A 26 26.44 20.40 8.73
CA VAL A 26 27.38 21.44 9.13
C VAL A 26 27.71 21.32 10.61
N ASN A 27 28.98 21.48 10.95
CA ASN A 27 29.40 21.49 12.36
C ASN A 27 30.03 22.83 12.68
N THR A 28 29.27 23.68 13.39
CA THR A 28 29.68 25.07 13.61
C THR A 28 30.99 25.17 14.37
N LEU A 29 31.13 24.35 15.40
CA LEU A 29 32.33 24.40 16.23
C LEU A 29 33.61 24.04 15.46
N GLU A 30 33.54 22.99 14.65
CA GLU A 30 34.67 22.50 13.86
C GLU A 30 34.82 23.23 12.52
N GLN A 31 33.80 24.00 12.15
CA GLN A 31 33.75 24.64 10.85
C GLN A 31 33.94 23.61 9.73
N THR A 32 33.10 22.58 9.78
CA THR A 32 33.12 21.55 8.75
C THR A 32 31.70 21.29 8.22
N TYR A 33 31.61 20.52 7.15
CA TYR A 33 30.34 20.14 6.56
C TYR A 33 30.58 18.88 5.75
N LYS A 34 29.55 18.07 5.57
CA LYS A 34 29.69 16.80 4.85
C LYS A 34 29.27 16.97 3.40
N VAL A 35 30.01 16.33 2.49
CA VAL A 35 29.65 16.36 1.08
C VAL A 35 29.66 14.96 0.50
N ASP A 36 28.56 14.59 -0.15
CA ASP A 36 28.48 13.30 -0.85
C ASP A 36 28.40 13.58 -2.33
N GLY A 37 29.21 12.87 -3.09
CA GLY A 37 29.25 13.07 -4.52
C GLY A 37 30.10 12.05 -5.27
N TYR A 38 30.27 12.30 -6.57
CA TYR A 38 31.15 11.49 -7.39
C TYR A 38 32.25 12.39 -7.90
N ILE A 39 33.43 11.81 -8.10
CA ILE A 39 34.51 12.49 -8.78
C ILE A 39 34.88 11.69 -10.01
N VAL A 40 35.11 12.41 -11.11
CA VAL A 40 35.55 11.79 -12.34
C VAL A 40 36.79 12.52 -12.79
N ALA A 41 37.81 11.76 -13.18
CA ALA A 41 39.06 12.33 -13.66
C ALA A 41 39.46 11.62 -14.94
N GLN A 42 39.82 12.40 -15.95
CA GLN A 42 40.17 11.86 -17.25
C GLN A 42 41.51 12.39 -17.75
N TRP A 43 42.27 11.50 -18.38
CA TRP A 43 43.57 11.84 -18.97
C TRP A 43 43.86 10.85 -20.09
N THR A 44 44.77 11.21 -20.98
CA THR A 44 45.11 10.32 -22.08
C THR A 44 46.54 9.80 -21.96
N GLY A 45 46.71 8.51 -22.19
CA GLY A 45 48.01 7.86 -22.15
C GLY A 45 48.28 7.05 -23.41
N LYS A 46 49.24 6.15 -23.35
CA LYS A 46 49.60 5.33 -24.51
C LYS A 46 48.46 4.38 -24.89
N PRO A 47 48.07 4.38 -26.17
CA PRO A 47 47.02 3.49 -26.67
C PRO A 47 47.24 2.06 -26.20
N ARG A 48 46.16 1.26 -26.21
CA ARG A 48 46.18 -0.02 -25.51
C ARG A 48 45.32 -1.05 -26.24
N LYS A 49 45.70 -2.31 -26.11
CA LYS A 49 44.88 -3.38 -26.64
C LYS A 49 43.83 -3.78 -25.62
N THR A 50 42.56 -3.74 -26.02
CA THR A 50 41.49 -4.11 -25.13
C THR A 50 40.63 -5.17 -25.80
N PRO A 51 40.15 -6.14 -25.01
CA PRO A 51 39.26 -7.19 -25.51
C PRO A 51 38.22 -6.62 -26.48
N GLY A 52 37.95 -7.34 -27.57
CA GLY A 52 37.21 -6.76 -28.68
C GLY A 52 38.03 -5.56 -29.12
N ASP A 53 37.38 -4.42 -29.26
CA ASP A 53 38.11 -3.16 -29.31
C ASP A 53 37.25 -2.15 -28.60
N LYS A 54 36.39 -2.69 -27.75
CA LYS A 54 35.53 -1.91 -26.89
C LYS A 54 36.38 -1.44 -25.71
N PRO A 55 36.07 -0.25 -25.19
CA PRO A 55 36.78 0.18 -23.98
C PRO A 55 36.56 -0.82 -22.85
N LEU A 56 37.50 -0.90 -21.92
CA LEU A 56 37.49 -1.90 -20.87
C LEU A 56 37.13 -1.28 -19.52
N ILE A 57 36.28 -1.98 -18.78
CA ILE A 57 35.88 -1.50 -17.45
C ILE A 57 36.52 -2.29 -16.31
N VAL A 58 37.08 -1.57 -15.35
CA VAL A 58 37.76 -2.18 -14.22
C VAL A 58 37.23 -1.62 -12.91
N GLU A 59 36.61 -2.47 -12.09
CA GLU A 59 35.97 -2.04 -10.85
C GLU A 59 36.75 -2.39 -9.57
N ASN A 60 36.71 -1.47 -8.61
CA ASN A 60 37.18 -1.73 -7.24
C ASN A 60 38.50 -2.50 -7.07
N THR A 61 38.45 -3.69 -6.47
CA THR A 61 39.70 -4.39 -6.14
C THR A 61 40.58 -4.63 -7.35
N GLN A 62 39.96 -4.68 -8.51
CA GLN A 62 40.69 -4.96 -9.74
C GLN A 62 41.64 -3.82 -10.13
N ILE A 63 41.32 -2.61 -9.71
CA ILE A 63 42.16 -1.48 -10.06
C ILE A 63 43.58 -1.64 -9.52
N GLU A 64 43.71 -2.06 -8.27
CA GLU A 64 45.05 -2.21 -7.71
C GLU A 64 45.86 -3.20 -8.54
N ARG A 65 45.21 -4.27 -8.98
CA ARG A 65 45.89 -5.25 -9.82
C ARG A 65 46.53 -4.55 -11.02
N TRP A 66 45.74 -3.78 -11.76
CA TRP A 66 46.27 -3.06 -12.91
C TRP A 66 47.42 -2.12 -12.54
N ILE A 67 47.34 -1.55 -11.35
CA ILE A 67 48.40 -0.64 -10.91
C ILE A 67 49.70 -1.40 -10.67
N ASN A 68 49.61 -2.58 -10.06
CA ASN A 68 50.79 -3.43 -9.87
C ASN A 68 51.46 -3.81 -11.18
N ASN A 69 50.65 -4.06 -12.21
CA ASN A 69 51.19 -4.40 -13.51
C ASN A 69 51.57 -3.16 -14.33
N GLY A 70 51.62 -2.01 -13.68
CA GLY A 70 52.16 -0.83 -14.32
C GLY A 70 51.24 0.33 -14.66
N LEU A 71 49.93 0.14 -14.51
CA LEU A 71 48.99 1.20 -14.85
C LEU A 71 49.17 2.42 -13.93
N TRP A 72 49.19 3.61 -14.52
CA TRP A 72 49.39 4.84 -13.76
C TRP A 72 48.05 5.44 -13.40
N VAL A 73 47.77 5.52 -12.09
CA VAL A 73 46.57 6.17 -11.60
C VAL A 73 46.94 7.15 -10.50
N PRO A 74 47.09 8.43 -10.86
CA PRO A 74 47.56 9.40 -9.88
C PRO A 74 46.54 9.58 -8.75
N ALA A 75 47.05 9.76 -7.53
CA ALA A 75 46.20 10.01 -6.38
C ALA A 75 45.83 11.48 -6.27
N LEU A 76 44.54 11.77 -6.36
CA LEU A 76 44.05 13.13 -6.16
C LEU A 76 43.54 13.32 -4.73
N GLU A 77 44.11 14.31 -4.02
CA GLU A 77 43.77 14.56 -2.63
C GLU A 77 42.80 15.72 -2.45
N PHE A 78 41.78 15.52 -1.62
CA PHE A 78 40.98 16.66 -1.20
C PHE A 78 41.78 17.44 -0.16
N ILE A 79 42.23 18.62 -0.54
CA ILE A 79 43.09 19.40 0.32
C ILE A 79 42.44 19.68 1.67
N ASN A 80 41.15 20.05 1.64
CA ASN A 80 40.45 20.54 2.82
C ASN A 80 39.48 19.54 3.46
N VAL A 81 39.63 18.26 3.11
CA VAL A 81 38.92 17.20 3.79
C VAL A 81 39.52 17.02 5.20
N VAL A 82 38.68 16.62 6.16
CA VAL A 82 39.16 16.38 7.52
C VAL A 82 39.03 14.91 7.82
N GLY A 83 40.12 14.17 7.69
CA GLY A 83 40.06 12.72 7.81
C GLY A 83 39.88 12.06 6.45
N SER A 84 40.26 10.80 6.34
CA SER A 84 40.12 10.08 5.08
C SER A 84 38.66 10.00 4.69
N PRO A 85 38.33 10.54 3.51
CA PRO A 85 36.96 10.42 3.00
C PRO A 85 36.57 8.96 2.85
N ASP A 86 35.27 8.69 2.94
CA ASP A 86 34.72 7.36 2.75
C ASP A 86 34.43 7.19 1.26
N THR A 87 35.23 6.38 0.58
CA THR A 87 34.98 6.19 -0.84
C THR A 87 34.27 4.87 -1.09
N GLY A 88 33.23 4.94 -1.91
CA GLY A 88 32.47 3.76 -2.26
C GLY A 88 33.09 3.01 -3.42
N ASN A 89 32.31 2.77 -4.45
CA ASN A 89 32.82 2.10 -5.63
C ASN A 89 33.71 3.03 -6.41
N LYS A 90 34.70 2.44 -7.04
CA LYS A 90 35.51 3.17 -7.97
C LYS A 90 35.70 2.30 -9.19
N ARG A 91 35.91 2.96 -10.33
CA ARG A 91 36.08 2.24 -11.57
C ARG A 91 37.06 3.00 -12.47
N LEU A 92 37.81 2.23 -13.25
CA LEU A 92 38.58 2.77 -14.36
C LEU A 92 37.86 2.35 -15.64
N MET A 93 37.69 3.31 -16.55
CA MET A 93 37.27 2.99 -17.90
C MET A 93 38.47 3.20 -18.82
N LEU A 94 38.96 2.10 -19.40
CA LEU A 94 40.16 2.15 -20.24
C LEU A 94 39.80 2.05 -21.71
N PHE A 95 39.97 3.16 -22.44
CA PHE A 95 39.76 3.16 -23.89
C PHE A 95 41.01 2.69 -24.62
N PRO A 96 40.82 2.06 -25.79
CA PRO A 96 41.92 1.48 -26.57
C PRO A 96 42.81 2.57 -27.17
N ASP A 97 42.21 3.72 -27.42
CA ASP A 97 42.96 4.87 -27.94
C ASP A 97 43.74 5.61 -26.86
N GLY A 98 43.71 5.09 -25.64
CA GLY A 98 44.52 5.63 -24.56
C GLY A 98 43.82 6.53 -23.55
N ARG A 99 42.54 6.81 -23.76
CA ARG A 99 41.78 7.55 -22.75
C ARG A 99 41.68 6.69 -21.50
N VAL A 100 41.75 7.35 -20.35
CA VAL A 100 41.58 6.67 -19.07
C VAL A 100 40.66 7.53 -18.19
N ILE A 101 39.53 6.95 -17.79
CA ILE A 101 38.61 7.69 -16.95
C ILE A 101 38.39 7.04 -15.59
N TYR A 102 38.76 7.77 -14.54
CA TYR A 102 38.59 7.31 -13.17
C TYR A 102 37.33 7.90 -12.56
N ASN A 103 36.55 7.04 -11.92
CA ASN A 103 35.27 7.45 -11.35
C ASN A 103 35.07 6.83 -9.97
N ALA A 104 34.80 7.67 -8.98
CA ALA A 104 34.58 7.17 -7.62
C ALA A 104 33.51 7.94 -6.85
N ARG A 105 32.79 7.21 -6.02
CA ARG A 105 31.79 7.79 -5.13
C ARG A 105 32.53 8.20 -3.87
N PHE A 106 32.15 9.34 -3.30
CA PHE A 106 32.83 9.77 -2.08
C PHE A 106 31.93 10.49 -1.11
N LEU A 107 32.26 10.36 0.17
CA LEU A 107 31.60 11.10 1.22
C LEU A 107 32.66 11.56 2.18
N GLY A 108 32.76 12.88 2.37
CA GLY A 108 33.83 13.41 3.19
C GLY A 108 33.40 14.58 4.04
N SER A 109 34.16 14.83 5.10
CA SER A 109 33.97 16.01 5.91
C SER A 109 34.94 17.06 5.42
N PHE A 110 34.41 18.20 5.01
CA PHE A 110 35.27 19.25 4.48
C PHE A 110 35.33 20.47 5.37
N SER A 111 36.47 21.14 5.36
CA SER A 111 36.71 22.27 6.22
C SER A 111 36.73 23.55 5.41
N ASN A 112 36.24 24.63 6.03
CA ASN A 112 36.40 25.96 5.47
C ASN A 112 36.28 26.99 6.57
N ASP A 113 36.76 28.20 6.32
CA ASP A 113 36.56 29.29 7.26
C ASP A 113 35.08 29.59 7.28
N MET A 114 34.48 29.62 8.46
CA MET A 114 33.04 29.83 8.56
C MET A 114 32.71 30.83 9.66
N ASP A 115 32.09 31.93 9.22
CA ASP A 115 31.72 33.03 10.12
C ASP A 115 30.23 32.94 10.45
N PHE A 116 29.90 32.53 11.66
CA PHE A 116 28.50 32.36 12.06
C PHE A 116 28.01 33.55 12.88
N ARG A 117 28.76 34.66 12.83
CA ARG A 117 28.46 35.82 13.67
C ARG A 117 27.08 36.43 13.42
N LEU A 118 26.69 36.55 12.15
CA LEU A 118 25.36 37.06 11.84
C LEU A 118 24.34 35.95 11.85
N PHE A 119 24.26 35.18 12.95
CA PHE A 119 23.42 34.00 12.94
C PHE A 119 21.99 34.33 12.48
N PRO A 120 21.05 33.42 12.70
CA PRO A 120 20.02 32.92 11.75
C PRO A 120 20.16 33.42 10.30
N PHE A 121 20.89 34.51 10.07
CA PHE A 121 20.93 35.14 8.76
C PHE A 121 22.31 35.07 8.12
N ASP A 122 23.06 34.04 8.45
CA ASP A 122 24.42 33.91 7.94
C ASP A 122 24.43 33.31 6.56
N ARG A 123 25.45 33.64 5.78
CA ARG A 123 25.67 32.96 4.51
C ARG A 123 27.08 32.35 4.51
N GLN A 124 27.17 31.14 4.00
CA GLN A 124 28.42 30.40 4.00
C GLN A 124 28.76 29.99 2.59
N GLN A 125 30.03 29.63 2.37
CA GLN A 125 30.33 28.91 1.14
C GLN A 125 30.97 27.55 1.41
N PHE A 126 30.36 26.53 0.83
CA PHE A 126 30.86 25.18 0.91
C PHE A 126 31.87 25.01 -0.21
N VAL A 127 33.13 24.77 0.15
CA VAL A 127 34.16 24.61 -0.88
C VAL A 127 34.80 23.22 -0.90
N LEU A 128 35.25 22.81 -2.08
CA LEU A 128 36.11 21.65 -2.24
C LEU A 128 37.42 22.12 -2.83
N GLU A 129 38.52 21.54 -2.37
CA GLU A 129 39.84 21.83 -2.94
C GLU A 129 40.56 20.54 -3.30
N LEU A 130 40.96 20.41 -4.56
CA LEU A 130 41.55 19.20 -5.09
C LEU A 130 42.96 19.47 -5.64
N GLU A 131 43.96 18.76 -5.13
CA GLU A 131 45.31 18.78 -5.70
C GLU A 131 45.80 17.36 -5.89
N PRO A 132 46.69 17.14 -6.87
CA PRO A 132 47.29 15.82 -6.97
C PRO A 132 48.20 15.64 -5.77
N PHE A 133 48.35 14.43 -5.27
CA PHE A 133 49.04 14.27 -3.99
C PHE A 133 50.55 14.34 -4.12
N SER A 134 51.09 13.73 -5.18
CA SER A 134 52.53 13.57 -5.32
C SER A 134 53.11 14.31 -6.52
N TYR A 135 52.28 14.48 -7.54
CA TYR A 135 52.75 15.03 -8.80
C TYR A 135 52.53 16.54 -8.93
N ASN A 136 53.63 17.29 -8.92
CA ASN A 136 53.57 18.68 -9.35
C ASN A 136 53.54 18.70 -10.86
N ASN A 137 54.14 17.66 -11.45
CA ASN A 137 54.38 17.48 -12.90
C ASN A 137 53.21 16.92 -13.72
N GLN A 138 52.00 17.36 -13.34
CA GLN A 138 50.78 16.98 -14.01
C GLN A 138 49.69 17.98 -13.62
N GLN A 139 48.81 18.32 -14.56
CA GLN A 139 48.05 19.58 -14.51
C GLN A 139 46.56 19.43 -14.77
N LEU A 140 45.76 20.14 -13.99
CA LEU A 140 44.32 20.09 -14.18
C LEU A 140 43.95 20.99 -15.36
N ARG A 141 43.44 20.36 -16.41
CA ARG A 141 43.08 21.08 -17.62
C ARG A 141 41.77 21.85 -17.47
N PHE A 142 40.72 21.19 -16.99
CA PHE A 142 39.49 21.92 -16.66
C PHE A 142 38.60 21.29 -15.58
N SER A 143 37.76 22.12 -14.96
CA SER A 143 36.87 21.65 -13.91
C SER A 143 35.40 21.89 -14.23
N ASP A 144 34.58 20.85 -14.11
CA ASP A 144 33.13 21.01 -14.20
C ASP A 144 32.41 20.42 -12.98
N ILE A 145 31.68 21.25 -12.22
CA ILE A 145 30.84 20.70 -11.16
C ILE A 145 29.36 20.64 -11.60
N GLN A 146 28.75 19.48 -11.41
CA GLN A 146 27.36 19.33 -11.75
C GLN A 146 26.60 19.26 -10.42
N VAL A 147 26.20 20.42 -9.90
CA VAL A 147 25.42 20.49 -8.67
C VAL A 147 23.96 20.43 -9.02
N TYR A 148 23.60 19.43 -9.81
CA TYR A 148 22.25 19.34 -10.35
C TYR A 148 21.22 18.92 -9.29
N THR A 149 21.30 19.57 -8.14
CA THR A 149 20.19 19.57 -7.20
C THR A 149 19.13 20.44 -7.92
N GLU A 150 18.99 21.68 -7.47
CA GLU A 150 18.08 22.63 -8.10
C GLU A 150 18.01 23.90 -7.26
N ASN A 151 17.65 25.01 -7.90
CA ASN A 151 17.55 26.29 -7.20
C ASN A 151 16.22 26.49 -6.45
N ILE A 152 15.27 27.16 -7.08
CA ILE A 152 13.97 27.45 -6.44
C ILE A 152 13.02 26.25 -6.53
N ASP A 153 12.99 25.45 -5.46
CA ASP A 153 12.17 24.24 -5.41
C ASP A 153 11.90 23.88 -3.95
N ASN A 154 12.26 22.67 -3.54
CA ASN A 154 12.32 22.33 -2.13
C ASN A 154 13.42 23.15 -1.46
N GLU A 155 13.03 24.06 -0.59
CA GLU A 155 14.00 24.88 0.11
C GLU A 155 13.52 25.03 1.54
N GLU A 156 12.20 25.12 1.67
CA GLU A 156 11.56 25.26 2.96
C GLU A 156 11.48 23.89 3.60
N ILE A 157 11.91 22.89 2.84
CA ILE A 157 12.08 21.54 3.35
C ILE A 157 13.54 21.36 3.80
N ASP A 158 14.41 22.21 3.26
CA ASP A 158 15.84 22.12 3.49
C ASP A 158 16.36 23.22 4.41
N GLU A 159 17.47 22.94 5.08
CA GLU A 159 18.08 23.88 6.01
C GLU A 159 18.81 25.01 5.29
N TRP A 160 19.51 24.67 4.22
CA TRP A 160 20.30 25.63 3.45
C TRP A 160 19.74 25.89 2.06
N TRP A 161 19.77 27.15 1.64
CA TRP A 161 19.37 27.53 0.29
C TRP A 161 20.58 27.88 -0.55
N ILE A 162 20.73 27.19 -1.68
CA ILE A 162 21.87 27.39 -2.56
C ILE A 162 21.70 28.58 -3.51
N ARG A 163 22.71 29.44 -3.57
CA ARG A 163 22.75 30.49 -4.59
C ARG A 163 22.88 29.87 -5.98
N GLY A 164 23.89 29.02 -6.17
CA GLY A 164 23.95 28.20 -7.36
C GLY A 164 24.45 28.90 -8.59
N LYS A 165 24.60 28.11 -9.63
CA LYS A 165 25.52 26.98 -9.64
C LYS A 165 26.88 27.26 -9.03
N ALA A 166 27.69 26.22 -8.88
CA ALA A 166 28.96 26.42 -8.23
C ALA A 166 29.96 27.14 -9.14
N SER A 167 30.84 27.92 -8.54
CA SER A 167 31.95 28.51 -9.27
C SER A 167 33.23 27.67 -9.15
N THR A 168 34.06 27.69 -10.19
CA THR A 168 35.28 26.89 -10.21
C THR A 168 36.51 27.76 -10.45
N HIS A 169 37.70 27.23 -10.20
CA HIS A 169 38.90 28.03 -10.43
C HIS A 169 40.21 27.25 -10.28
N ILE A 170 40.71 26.76 -11.41
CA ILE A 170 42.02 26.11 -11.46
C ILE A 170 43.13 27.11 -11.22
N SER A 171 44.08 26.78 -10.36
CA SER A 171 45.20 27.68 -10.11
C SER A 171 46.47 26.91 -9.76
N ASP A 172 47.54 27.63 -9.39
CA ASP A 172 48.80 26.98 -9.05
C ASP A 172 49.24 27.39 -7.68
N ILE A 173 49.57 26.40 -6.87
CA ILE A 173 49.94 26.65 -5.49
C ILE A 173 51.42 26.32 -5.31
N ARG A 174 52.11 27.22 -4.62
CA ARG A 174 53.54 27.07 -4.44
C ARG A 174 53.82 26.45 -3.08
N TYR A 175 54.53 25.33 -3.06
CA TYR A 175 54.98 24.72 -1.81
C TYR A 175 56.48 24.93 -1.65
N ASP A 176 56.86 25.92 -0.86
CA ASP A 176 58.26 26.32 -0.74
C ASP A 176 59.11 25.37 0.08
N HIS A 177 58.49 24.63 0.99
CA HIS A 177 59.24 23.76 1.89
C HIS A 177 59.02 22.28 1.62
N LEU A 178 58.80 21.97 0.35
CA LEU A 178 58.52 20.60 -0.04
C LEU A 178 59.42 20.24 -1.21
N SER A 179 60.44 19.41 -0.95
CA SER A 179 61.35 18.97 -1.99
C SER A 179 60.57 18.27 -3.11
N SER A 180 60.98 18.51 -4.36
CA SER A 180 60.27 17.96 -5.51
C SER A 180 61.18 17.17 -6.44
N VAL A 181 60.56 16.54 -7.45
CA VAL A 181 61.27 15.76 -8.44
C VAL A 181 62.50 16.50 -8.99
N GLN A 182 62.27 17.68 -9.60
CA GLN A 182 63.37 18.52 -10.08
C GLN A 182 63.58 19.70 -9.13
N PRO A 183 64.73 20.38 -9.24
CA PRO A 183 65.09 21.42 -8.27
C PRO A 183 64.25 22.71 -8.43
N ASN A 184 63.77 22.95 -9.63
CA ASN A 184 63.02 24.18 -9.91
C ASN A 184 61.54 24.08 -9.60
N GLN A 185 60.94 22.94 -9.96
CA GLN A 185 59.48 22.80 -10.03
C GLN A 185 58.76 22.43 -8.73
N ASN A 186 58.20 23.44 -8.05
CA ASN A 186 57.50 23.21 -6.78
C ASN A 186 56.11 23.84 -6.75
N GLU A 187 55.37 23.71 -7.84
CA GLU A 187 53.99 24.19 -7.88
C GLU A 187 53.01 23.06 -8.17
N PHE A 188 51.88 23.08 -7.47
CA PHE A 188 50.84 22.10 -7.71
C PHE A 188 49.58 22.70 -8.34
N SER A 189 49.00 21.95 -9.28
CA SER A 189 47.73 22.32 -9.89
C SER A 189 46.60 22.09 -8.88
N ARG A 190 45.83 23.13 -8.60
CA ARG A 190 44.71 22.99 -7.66
C ARG A 190 43.36 23.43 -8.23
N ILE A 191 42.38 22.53 -8.15
CA ILE A 191 40.99 22.88 -8.43
C ILE A 191 40.32 23.36 -7.16
N THR A 192 39.53 24.42 -7.27
CA THR A 192 38.76 24.90 -6.14
C THR A 192 37.30 25.11 -6.54
N VAL A 193 36.40 24.38 -5.89
CA VAL A 193 34.98 24.56 -6.14
C VAL A 193 34.32 25.33 -5.01
N ARG A 194 33.44 26.26 -5.35
CA ARG A 194 32.72 27.03 -4.33
C ARG A 194 31.24 27.03 -4.58
N ILE A 195 30.48 26.78 -3.54
CA ILE A 195 29.03 26.81 -3.61
C ILE A 195 28.52 27.74 -2.52
N ASP A 196 27.76 28.76 -2.92
CA ASP A 196 27.28 29.74 -1.95
C ASP A 196 25.94 29.31 -1.39
N ALA A 197 25.65 29.73 -0.16
CA ALA A 197 24.42 29.31 0.47
C ALA A 197 24.01 30.25 1.58
N VAL A 198 22.70 30.43 1.71
CA VAL A 198 22.14 31.23 2.79
C VAL A 198 21.33 30.32 3.69
N ARG A 199 21.30 30.64 4.98
CA ARG A 199 20.58 29.81 5.93
C ARG A 199 19.09 30.12 5.90
N ASN A 200 18.28 29.07 6.03
CA ASN A 200 16.83 29.21 6.12
C ASN A 200 16.40 29.72 7.49
N PRO A 201 16.20 31.05 7.61
CA PRO A 201 16.09 31.76 8.89
C PRO A 201 14.70 31.66 9.51
N SER A 202 13.78 30.99 8.84
CA SER A 202 12.41 30.90 9.33
C SER A 202 12.35 30.40 10.77
N TYR A 203 12.67 29.12 10.97
CA TYR A 203 12.52 28.50 12.28
C TYR A 203 13.00 29.40 13.43
N TYR A 204 14.14 30.04 13.24
CA TYR A 204 14.75 30.82 14.32
C TYR A 204 14.00 32.13 14.57
N LEU A 205 13.44 32.71 13.50
CA LEU A 205 12.64 33.90 13.64
C LEU A 205 11.40 33.64 14.47
N TRP A 206 10.63 32.65 14.05
CA TRP A 206 9.36 32.34 14.68
C TRP A 206 9.44 31.61 16.01
N SER A 207 10.50 30.85 16.23
CA SER A 207 10.57 30.04 17.45
C SER A 207 11.55 30.57 18.47
N PHE A 208 12.39 31.52 18.09
CA PHE A 208 13.35 32.07 19.03
C PHE A 208 13.30 33.58 19.13
N ILE A 209 13.53 34.25 18.01
CA ILE A 209 13.59 35.70 18.02
C ILE A 209 12.26 36.35 18.44
N LEU A 210 11.16 35.88 17.88
CA LEU A 210 9.84 36.38 18.25
C LEU A 210 9.58 36.26 19.75
N PRO A 211 9.46 35.03 20.26
CA PRO A 211 9.21 34.93 21.71
C PRO A 211 10.20 35.70 22.57
N LEU A 212 11.46 35.80 22.15
CA LEU A 212 12.43 36.55 22.95
C LEU A 212 11.95 37.99 23.05
N GLY A 213 11.47 38.51 21.92
CA GLY A 213 10.91 39.86 21.87
C GLY A 213 9.75 40.02 22.83
N LEU A 214 8.71 39.21 22.62
CA LEU A 214 7.57 39.16 23.53
C LEU A 214 8.00 39.20 25.00
N ILE A 215 8.86 38.26 25.39
CA ILE A 215 9.34 38.21 26.76
C ILE A 215 10.05 39.49 27.18
N ILE A 216 10.87 40.03 26.30
CA ILE A 216 11.55 41.28 26.62
C ILE A 216 10.55 42.42 26.80
N ALA A 217 9.61 42.54 25.88
CA ALA A 217 8.56 43.54 25.96
C ALA A 217 7.77 43.41 27.26
N ALA A 218 7.15 42.25 27.45
CA ALA A 218 6.43 41.97 28.68
C ALA A 218 7.21 42.35 29.93
N SER A 219 8.54 42.26 29.87
CA SER A 219 9.35 42.62 31.02
C SER A 219 9.14 44.10 31.35
N TRP A 220 8.82 44.89 30.34
CA TRP A 220 8.63 46.33 30.49
C TRP A 220 7.35 46.66 31.25
N SER A 221 6.36 45.79 31.12
CA SER A 221 5.09 45.99 31.79
C SER A 221 5.23 45.97 33.31
N VAL A 222 6.46 45.91 33.80
CA VAL A 222 6.70 45.94 35.24
C VAL A 222 6.36 47.32 35.79
N PHE A 223 6.56 48.33 34.96
CA PHE A 223 6.34 49.71 35.39
C PHE A 223 4.85 50.07 35.56
N TRP A 224 3.96 49.20 35.10
CA TRP A 224 2.53 49.44 35.23
C TRP A 224 1.97 48.79 36.48
N LEU A 225 2.87 48.37 37.37
CA LEU A 225 2.45 47.83 38.66
C LEU A 225 2.35 48.97 39.65
N GLU A 226 1.40 48.86 40.57
CA GLU A 226 1.07 49.95 41.47
C GLU A 226 2.09 50.11 42.60
N SER A 227 2.31 49.03 43.34
CA SER A 227 3.22 49.04 44.48
C SER A 227 4.68 49.00 44.08
N PHE A 228 5.56 49.51 44.92
CA PHE A 228 7.00 49.32 44.75
C PHE A 228 7.35 47.85 45.02
N SER A 229 6.84 47.34 46.13
CA SER A 229 6.99 45.92 46.47
C SER A 229 6.62 45.04 45.28
N GLU A 230 5.49 45.32 44.63
CA GLU A 230 5.07 44.54 43.47
C GLU A 230 6.10 44.63 42.34
N ARG A 231 6.59 45.84 42.08
CA ARG A 231 7.52 46.06 40.98
C ARG A 231 8.87 45.34 41.16
N LEU A 232 9.47 45.48 42.34
CA LEU A 232 10.75 44.87 42.60
C LEU A 232 10.66 43.36 42.62
N GLN A 233 9.69 42.83 43.37
CA GLN A 233 9.52 41.39 43.47
C GLN A 233 9.28 40.73 42.12
N THR A 234 8.41 41.34 41.31
CA THR A 234 8.13 40.80 39.98
C THR A 234 9.38 40.77 39.12
N SER A 235 10.26 41.74 39.33
CA SER A 235 11.52 41.82 38.57
C SER A 235 12.32 40.51 38.66
N PHE A 236 12.42 39.95 39.85
CA PHE A 236 13.18 38.73 40.06
C PHE A 236 12.62 37.53 39.30
N THR A 237 11.32 37.54 39.04
CA THR A 237 10.70 36.51 38.23
C THR A 237 11.02 36.69 36.75
N LEU A 238 11.05 37.94 36.29
CA LEU A 238 11.46 38.23 34.93
C LEU A 238 12.92 37.80 34.72
N MET A 239 13.73 38.04 35.76
CA MET A 239 15.13 37.62 35.76
C MET A 239 15.23 36.12 35.50
N LEU A 240 14.55 35.34 36.33
CA LEU A 240 14.51 33.90 36.20
C LEU A 240 14.05 33.49 34.80
N THR A 241 13.10 34.22 34.26
CA THR A 241 12.59 33.90 32.93
C THR A 241 13.67 34.05 31.86
N VAL A 242 14.44 35.14 31.92
CA VAL A 242 15.50 35.33 30.95
C VAL A 242 16.54 34.21 31.07
N VAL A 243 16.89 33.85 32.31
CA VAL A 243 17.79 32.73 32.52
C VAL A 243 17.25 31.45 31.88
N ALA A 244 16.03 31.06 32.21
CA ALA A 244 15.44 29.89 31.56
C ALA A 244 15.54 30.03 30.05
N TYR A 245 15.27 31.21 29.54
CA TYR A 245 15.29 31.40 28.10
C TYR A 245 16.68 31.29 27.51
N ALA A 246 17.67 31.78 28.24
CA ALA A 246 19.06 31.65 27.80
C ALA A 246 19.47 30.19 27.75
N PHE A 247 19.09 29.44 28.78
CA PHE A 247 19.33 28.01 28.84
C PHE A 247 18.75 27.34 27.59
N TYR A 248 17.44 27.49 27.42
CA TYR A 248 16.72 26.98 26.27
C TYR A 248 17.39 27.36 24.95
N THR A 249 17.69 28.64 24.82
CA THR A 249 18.32 29.13 23.61
C THR A 249 19.68 28.47 23.38
N SER A 250 20.47 28.34 24.44
CA SER A 250 21.84 27.81 24.32
C SER A 250 21.88 26.32 24.05
N ASN A 251 21.00 25.58 24.69
CA ASN A 251 21.01 24.13 24.54
C ASN A 251 20.52 23.71 23.17
N ILE A 252 19.78 24.57 22.50
CA ILE A 252 19.19 24.21 21.20
C ILE A 252 19.89 24.82 19.98
N LEU A 253 20.42 26.03 20.11
CA LEU A 253 21.18 26.64 19.02
C LEU A 253 22.60 26.11 18.87
N PRO A 254 23.21 26.29 17.69
CA PRO A 254 24.53 25.76 17.39
C PRO A 254 25.60 26.37 18.30
N ARG A 255 26.51 25.54 18.81
CA ARG A 255 27.60 26.03 19.65
C ARG A 255 28.59 26.87 18.86
N LEU A 256 29.00 27.99 19.44
CA LEU A 256 29.98 28.86 18.80
C LEU A 256 30.92 29.43 19.87
N PRO A 257 32.07 29.96 19.43
CA PRO A 257 33.05 30.51 20.36
C PRO A 257 32.85 32.02 20.49
N TYR A 258 31.77 32.52 19.88
CA TYR A 258 31.46 33.94 19.93
C TYR A 258 29.96 34.19 20.02
N THR A 259 29.58 35.44 20.22
CA THR A 259 28.17 35.78 20.40
C THR A 259 27.47 36.01 19.08
N THR A 260 26.26 35.49 18.97
CA THR A 260 25.42 35.75 17.81
C THR A 260 24.47 36.90 18.13
N VAL A 261 23.66 37.29 17.15
CA VAL A 261 22.68 38.35 17.39
C VAL A 261 21.69 37.93 18.49
N ILE A 262 21.17 36.71 18.40
CA ILE A 262 20.32 36.17 19.45
C ILE A 262 20.98 36.24 20.82
N ASP A 263 22.26 35.92 20.90
CA ASP A 263 23.00 35.97 22.17
C ASP A 263 22.95 37.40 22.73
N GLN A 264 23.08 38.38 21.86
CA GLN A 264 23.05 39.77 22.26
C GLN A 264 21.67 40.19 22.78
N MET A 265 20.62 39.85 22.03
CA MET A 265 19.26 40.07 22.53
C MET A 265 19.12 39.54 23.95
N ILE A 266 19.55 38.30 24.20
CA ILE A 266 19.49 37.74 25.53
C ILE A 266 20.19 38.65 26.54
N ILE A 267 21.39 39.11 26.21
CA ILE A 267 22.15 39.97 27.09
C ILE A 267 21.41 41.30 27.33
N ALA A 268 20.82 41.83 26.28
CA ALA A 268 19.98 43.03 26.41
C ALA A 268 18.85 42.79 27.40
N GLY A 269 18.10 41.71 27.21
CA GLY A 269 17.08 41.30 28.16
C GLY A 269 17.57 41.37 29.59
N TYR A 270 18.72 40.74 29.86
CA TYR A 270 19.33 40.79 31.18
C TYR A 270 19.54 42.23 31.63
N GLY A 271 20.08 43.05 30.72
CA GLY A 271 20.43 44.42 31.04
C GLY A 271 19.21 45.28 31.33
N SER A 272 18.21 45.23 30.46
CA SER A 272 16.95 45.91 30.68
C SER A 272 16.41 45.59 32.07
N ILE A 273 16.30 44.30 32.39
CA ILE A 273 15.75 43.88 33.68
C ILE A 273 16.59 44.37 34.86
N PHE A 274 17.88 44.54 34.65
CA PHE A 274 18.74 45.02 35.73
C PHE A 274 18.60 46.52 35.89
N ALA A 275 18.60 47.24 34.76
CA ALA A 275 18.35 48.68 34.77
C ALA A 275 17.03 48.99 35.46
N ALA A 276 15.99 48.24 35.11
CA ALA A 276 14.69 48.37 35.73
C ALA A 276 14.79 48.25 37.26
N ILE A 277 15.47 47.21 37.72
CA ILE A 277 15.64 47.03 39.15
C ILE A 277 16.35 48.23 39.78
N LEU A 278 17.28 48.83 39.05
CA LEU A 278 17.94 50.03 39.53
C LEU A 278 16.95 51.19 39.63
N LEU A 279 16.30 51.54 38.53
CA LEU A 279 15.27 52.58 38.54
C LEU A 279 14.23 52.33 39.64
N ILE A 280 13.53 51.20 39.56
CA ILE A 280 12.51 50.86 40.53
C ILE A 280 12.93 51.14 41.97
N ILE A 281 14.17 50.84 42.30
CA ILE A 281 14.69 51.07 43.65
C ILE A 281 15.03 52.54 43.86
N PHE A 282 15.47 53.19 42.80
CA PHE A 282 15.81 54.61 42.83
C PHE A 282 14.57 55.47 43.06
N ALA A 283 13.56 55.29 42.21
CA ALA A 283 12.29 55.99 42.35
C ALA A 283 11.81 56.01 43.79
N HIS A 284 11.96 54.89 44.48
CA HIS A 284 11.42 54.73 45.82
C HIS A 284 12.22 55.46 46.90
N HIS A 285 13.47 55.83 46.59
CA HIS A 285 14.32 56.48 47.59
C HIS A 285 14.90 57.81 47.11
N ARG A 286 14.49 58.27 45.94
CA ARG A 286 14.81 59.62 45.48
C ARG A 286 13.60 60.52 45.69
N GLN A 287 13.47 61.02 46.92
CA GLN A 287 12.31 61.81 47.31
C GLN A 287 12.55 62.68 48.54
N ALA A 288 11.58 62.71 49.44
CA ALA A 288 11.67 63.53 50.64
C ALA A 288 10.66 63.10 51.71
N ASN A 289 10.66 61.80 52.02
CA ASN A 289 9.77 61.27 53.05
C ASN A 289 10.06 59.80 53.42
N GLY A 290 9.38 58.87 52.75
CA GLY A 290 9.56 57.46 53.02
C GLY A 290 9.04 56.57 51.89
N VAL A 291 7.80 56.83 51.47
CA VAL A 291 7.18 56.10 50.37
C VAL A 291 6.59 57.04 49.33
N GLU A 292 7.34 58.07 48.95
CA GLU A 292 6.94 58.97 47.87
C GLU A 292 7.64 58.58 46.58
N ASP A 293 7.09 57.58 45.90
CA ASP A 293 7.65 57.12 44.64
C ASP A 293 7.66 58.27 43.63
N ASP A 294 8.86 58.65 43.19
CA ASP A 294 9.06 59.70 42.21
C ASP A 294 8.01 59.58 41.11
N LEU A 295 7.03 60.48 41.14
CA LEU A 295 5.88 60.42 40.24
C LEU A 295 6.26 60.18 38.77
N LEU A 296 6.89 61.18 38.15
CA LEU A 296 7.24 61.12 36.73
C LEU A 296 8.02 59.85 36.37
N ILE A 297 9.00 59.50 37.19
CA ILE A 297 9.93 58.42 36.85
C ILE A 297 9.28 57.05 36.81
N GLN A 298 8.66 56.63 37.91
CA GLN A 298 7.98 55.34 37.99
C GLN A 298 7.10 55.15 36.77
N ARG A 299 6.85 56.25 36.05
CA ARG A 299 6.08 56.23 34.80
C ARG A 299 6.98 56.52 33.60
N CYS A 300 8.07 55.76 33.51
CA CYS A 300 8.88 55.67 32.31
C CYS A 300 8.47 54.39 31.60
N ARG A 301 7.16 54.22 31.46
CA ARG A 301 6.57 53.07 30.79
C ARG A 301 6.72 53.23 29.29
N LEU A 302 7.37 54.33 28.89
CA LEU A 302 7.60 54.60 27.48
C LEU A 302 9.06 54.99 27.27
N ALA A 303 9.71 55.42 28.35
CA ALA A 303 11.14 55.71 28.28
C ALA A 303 11.95 54.45 27.98
N PHE A 304 11.68 53.38 28.73
CA PHE A 304 12.34 52.10 28.52
C PHE A 304 12.09 51.52 27.13
N PRO A 305 10.83 51.17 26.83
CA PRO A 305 10.52 50.53 25.55
C PRO A 305 11.20 51.17 24.33
N LEU A 306 11.22 52.50 24.24
CA LEU A 306 11.85 53.11 23.08
C LEU A 306 13.31 53.49 23.31
N GLY A 307 13.68 53.70 24.57
CA GLY A 307 15.07 53.90 24.92
C GLY A 307 15.85 52.61 24.69
N PHE A 308 15.10 51.53 24.55
CA PHE A 308 15.65 50.20 24.29
C PHE A 308 15.61 49.93 22.79
N LEU A 309 14.59 50.46 22.11
CA LEU A 309 14.52 50.36 20.66
C LEU A 309 15.51 51.31 20.01
N ALA A 310 16.11 52.17 20.84
CA ALA A 310 17.18 53.06 20.39
C ALA A 310 18.50 52.32 20.53
N ILE A 311 18.77 51.84 21.73
CA ILE A 311 19.95 51.02 22.00
C ILE A 311 19.77 49.65 21.33
N GLY A 312 18.64 49.49 20.65
CA GLY A 312 18.35 48.27 19.92
C GLY A 312 18.51 48.48 18.44
N CYS A 313 18.70 49.72 18.03
CA CYS A 313 19.04 50.04 16.65
C CYS A 313 20.50 50.44 16.57
N VAL A 314 21.22 50.20 17.67
CA VAL A 314 22.68 50.35 17.69
C VAL A 314 23.30 48.96 17.91
N LEU A 315 22.46 47.93 17.87
CA LEU A 315 22.93 46.55 17.77
C LEU A 315 23.10 46.23 16.28
N VAL A 316 22.75 47.22 15.45
CA VAL A 316 22.85 47.10 13.99
C VAL A 316 23.55 48.31 13.40
N ILE A 317 24.66 48.71 14.02
CA ILE A 317 25.49 49.80 13.51
C ILE A 317 26.95 49.35 13.38
N PRO B 11 22.83 -6.71 -23.97
CA PRO B 11 22.73 -6.23 -22.59
C PRO B 11 22.36 -7.38 -21.66
N VAL B 12 23.02 -7.50 -20.52
CA VAL B 12 22.78 -8.62 -19.62
C VAL B 12 21.54 -8.38 -18.77
N ASP B 13 20.69 -9.39 -18.66
CA ASP B 13 19.49 -9.26 -17.86
C ASP B 13 19.78 -9.61 -16.43
N VAL B 14 19.64 -8.63 -15.54
CA VAL B 14 19.84 -8.88 -14.11
C VAL B 14 18.51 -8.74 -13.39
N SER B 15 18.10 -9.77 -12.65
CA SER B 15 16.97 -9.63 -11.76
C SER B 15 17.39 -9.59 -10.28
N VAL B 16 16.86 -8.62 -9.56
CA VAL B 16 17.20 -8.47 -8.16
C VAL B 16 15.99 -8.60 -7.26
N SER B 17 16.20 -9.31 -6.15
CA SER B 17 15.26 -9.29 -5.06
C SER B 17 15.91 -8.59 -3.84
N ILE B 18 15.14 -7.72 -3.20
CA ILE B 18 15.56 -7.09 -1.98
C ILE B 18 14.71 -7.51 -0.78
N PHE B 19 15.30 -8.23 0.16
CA PHE B 19 14.66 -8.49 1.46
C PHE B 19 14.95 -7.41 2.50
N ILE B 20 13.91 -6.82 3.06
CA ILE B 20 14.05 -5.74 4.04
C ILE B 20 13.78 -6.20 5.47
N ASN B 21 14.82 -6.25 6.28
CA ASN B 21 14.70 -6.75 7.64
C ASN B 21 14.25 -5.74 8.66
N LYS B 22 14.59 -4.47 8.44
CA LYS B 22 14.47 -3.47 9.49
C LYS B 22 14.69 -2.07 8.94
N ILE B 23 13.75 -1.18 9.24
CA ILE B 23 13.90 0.22 8.89
C ILE B 23 13.84 0.96 10.20
N TYR B 24 14.86 1.72 10.50
CA TYR B 24 14.94 2.36 11.79
C TYR B 24 15.87 3.54 11.75
N GLY B 25 16.04 4.19 12.89
CA GLY B 25 16.98 5.29 13.02
C GLY B 25 16.77 6.47 12.10
N VAL B 26 15.54 6.95 11.98
CA VAL B 26 15.34 8.13 11.16
C VAL B 26 16.12 9.28 11.76
N ASN B 27 16.78 10.06 10.91
CA ASN B 27 17.43 11.31 11.32
C ASN B 27 16.77 12.49 10.63
N THR B 28 15.96 13.25 11.37
CA THR B 28 15.17 14.32 10.79
C THR B 28 16.03 15.41 10.15
N LEU B 29 17.12 15.75 10.81
CA LEU B 29 17.94 16.84 10.31
C LEU B 29 18.61 16.49 9.00
N GLU B 30 19.14 15.28 8.91
CA GLU B 30 19.84 14.79 7.73
C GLU B 30 18.90 14.21 6.67
N GLN B 31 17.65 14.05 7.04
CA GLN B 31 16.70 13.36 6.19
C GLN B 31 17.25 12.02 5.73
N THR B 32 17.64 11.19 6.71
CA THR B 32 18.11 9.84 6.45
C THR B 32 17.40 8.80 7.32
N TYR B 33 17.62 7.53 7.02
CA TYR B 33 17.05 6.44 7.80
C TYR B 33 17.90 5.21 7.52
N LYS B 34 17.91 4.27 8.45
CA LYS B 34 18.74 3.09 8.31
C LYS B 34 17.91 1.91 7.80
N VAL B 35 18.49 1.11 6.91
CA VAL B 35 17.82 -0.07 6.40
C VAL B 35 18.75 -1.25 6.49
N ASP B 36 18.26 -2.33 7.10
CA ASP B 36 18.98 -3.58 7.15
C ASP B 36 18.24 -4.61 6.29
N GLY B 37 18.98 -5.30 5.44
CA GLY B 37 18.38 -6.29 4.57
C GLY B 37 19.38 -7.13 3.78
N TYR B 38 18.84 -7.92 2.86
CA TYR B 38 19.65 -8.68 1.94
C TYR B 38 19.34 -8.18 0.55
N ILE B 39 20.34 -8.24 -0.32
CA ILE B 39 20.11 -8.06 -1.73
C ILE B 39 20.52 -9.34 -2.45
N VAL B 40 19.72 -9.71 -3.44
CA VAL B 40 20.07 -10.84 -4.30
C VAL B 40 20.03 -10.34 -5.72
N ALA B 41 21.03 -10.73 -6.51
CA ALA B 41 21.03 -10.36 -7.92
C ALA B 41 21.39 -11.57 -8.77
N GLN B 42 20.62 -11.80 -9.82
CA GLN B 42 20.79 -12.98 -10.68
C GLN B 42 20.93 -12.62 -12.14
N TRP B 43 21.80 -13.35 -12.81
CA TRP B 43 22.04 -13.17 -14.24
C TRP B 43 22.61 -14.46 -14.80
N THR B 44 22.50 -14.65 -16.12
CA THR B 44 23.02 -15.85 -16.75
C THR B 44 24.21 -15.53 -17.64
N GLY B 45 25.24 -16.38 -17.55
CA GLY B 45 26.44 -16.26 -18.37
C GLY B 45 26.78 -17.59 -19.03
N LYS B 46 28.02 -17.72 -19.49
CA LYS B 46 28.46 -18.94 -20.17
C LYS B 46 28.46 -20.11 -19.21
N PRO B 47 27.87 -21.24 -19.61
CA PRO B 47 27.85 -22.47 -18.81
C PRO B 47 29.25 -22.84 -18.30
N ARG B 48 29.30 -23.59 -17.22
CA ARG B 48 30.55 -23.77 -16.49
C ARG B 48 30.68 -25.19 -15.93
N LYS B 49 31.92 -25.65 -15.80
CA LYS B 49 32.16 -26.92 -15.15
C LYS B 49 32.25 -26.69 -13.64
N THR B 50 31.42 -27.41 -12.89
CA THR B 50 31.43 -27.32 -11.44
C THR B 50 31.62 -28.70 -10.82
N PRO B 51 32.39 -28.78 -9.74
CA PRO B 51 32.58 -30.05 -9.01
C PRO B 51 31.28 -30.82 -8.90
N GLY B 52 31.33 -32.14 -9.08
CA GLY B 52 30.13 -32.93 -9.29
C GLY B 52 29.46 -32.34 -10.51
N ASP B 53 28.19 -32.02 -10.41
CA ASP B 53 27.58 -31.13 -11.38
C ASP B 53 26.56 -30.34 -10.60
N LYS B 54 26.80 -30.28 -9.30
CA LYS B 54 26.02 -29.49 -8.38
C LYS B 54 26.47 -28.05 -8.56
N PRO B 55 25.56 -27.10 -8.34
CA PRO B 55 26.01 -25.70 -8.36
C PRO B 55 27.05 -25.47 -7.25
N LEU B 56 27.91 -24.49 -7.47
CA LEU B 56 29.04 -24.22 -6.59
C LEU B 56 28.80 -22.97 -5.74
N ILE B 57 29.12 -23.07 -4.46
CA ILE B 57 28.99 -21.91 -3.57
C ILE B 57 30.34 -21.25 -3.24
N VAL B 58 30.36 -19.92 -3.30
CA VAL B 58 31.57 -19.17 -3.04
C VAL B 58 31.29 -18.03 -2.07
N GLU B 59 31.89 -18.09 -0.87
CA GLU B 59 31.64 -17.11 0.19
C GLU B 59 32.75 -16.07 0.37
N ASN B 60 32.33 -14.86 0.70
CA ASN B 60 33.24 -13.81 1.16
C ASN B 60 34.60 -13.64 0.44
N THR B 61 35.69 -13.87 1.14
CA THR B 61 36.99 -13.54 0.56
C THR B 61 37.22 -14.26 -0.76
N GLN B 62 36.55 -15.40 -0.90
CA GLN B 62 36.78 -16.26 -2.04
C GLN B 62 36.29 -15.59 -3.33
N ILE B 63 35.27 -14.73 -3.22
CA ILE B 63 34.72 -14.09 -4.40
C ILE B 63 35.76 -13.31 -5.17
N GLU B 64 36.57 -12.52 -4.48
CA GLU B 64 37.55 -11.72 -5.21
C GLU B 64 38.49 -12.63 -6.00
N ARG B 65 38.79 -13.80 -5.45
CA ARG B 65 39.69 -14.70 -6.15
C ARG B 65 39.09 -15.02 -7.51
N TRP B 66 37.83 -15.44 -7.52
CA TRP B 66 37.16 -15.77 -8.76
C TRP B 66 37.14 -14.59 -9.72
N ILE B 67 37.05 -13.39 -9.18
CA ILE B 67 37.05 -12.21 -10.01
C ILE B 67 38.41 -12.00 -10.66
N ASN B 68 39.47 -12.25 -9.90
CA ASN B 68 40.81 -12.13 -10.46
C ASN B 68 41.04 -13.11 -11.60
N ASN B 69 40.48 -14.31 -11.47
CA ASN B 69 40.57 -15.31 -12.52
C ASN B 69 39.54 -15.12 -13.65
N GLY B 70 38.83 -14.00 -13.64
CA GLY B 70 38.01 -13.63 -14.77
C GLY B 70 36.51 -13.56 -14.58
N LEU B 71 36.01 -14.04 -13.46
CA LEU B 71 34.57 -13.99 -13.19
C LEU B 71 34.04 -12.55 -13.20
N TRP B 72 32.91 -12.34 -13.87
CA TRP B 72 32.29 -11.02 -13.94
C TRP B 72 31.22 -10.87 -12.87
N VAL B 73 31.46 -9.93 -11.96
CA VAL B 73 30.51 -9.62 -10.90
C VAL B 73 30.27 -8.11 -10.87
N PRO B 74 29.23 -7.65 -11.56
CA PRO B 74 29.02 -6.20 -11.65
C PRO B 74 28.75 -5.58 -10.27
N ALA B 75 29.25 -4.38 -10.07
CA ALA B 75 29.01 -3.65 -8.84
C ALA B 75 27.69 -2.89 -8.90
N LEU B 76 26.76 -3.25 -8.02
CA LEU B 76 25.51 -2.51 -7.93
C LEU B 76 25.56 -1.49 -6.78
N GLU B 77 25.39 -0.22 -7.12
CA GLU B 77 25.44 0.90 -6.19
C GLU B 77 24.06 1.32 -5.68
N PHE B 78 23.96 1.55 -4.37
CA PHE B 78 22.77 2.19 -3.83
C PHE B 78 22.92 3.68 -4.10
N ILE B 79 22.10 4.19 -5.00
CA ILE B 79 22.20 5.58 -5.40
C ILE B 79 22.09 6.55 -4.23
N ASN B 80 21.18 6.26 -3.30
CA ASN B 80 20.80 7.24 -2.27
C ASN B 80 21.28 6.86 -0.88
N VAL B 81 22.23 5.93 -0.83
CA VAL B 81 22.93 5.63 0.39
C VAL B 81 23.83 6.82 0.78
N VAL B 82 24.04 7.04 2.08
CA VAL B 82 24.92 8.10 2.55
C VAL B 82 26.11 7.50 3.23
N GLY B 83 27.22 7.34 2.50
CA GLY B 83 28.37 6.63 3.00
C GLY B 83 28.35 5.17 2.57
N SER B 84 29.52 4.54 2.52
CA SER B 84 29.58 3.12 2.19
C SER B 84 28.75 2.28 3.15
N PRO B 85 27.78 1.56 2.61
CA PRO B 85 26.98 0.65 3.43
C PRO B 85 27.86 -0.43 4.09
N ASP B 86 27.42 -0.92 5.24
CA ASP B 86 28.10 -2.00 5.93
C ASP B 86 27.59 -3.33 5.39
N THR B 87 28.42 -4.02 4.62
CA THR B 87 27.97 -5.29 4.09
C THR B 87 28.56 -6.42 4.91
N GLY B 88 27.70 -7.37 5.28
CA GLY B 88 28.11 -8.55 6.01
C GLY B 88 28.65 -9.63 5.10
N ASN B 89 28.07 -10.82 5.21
CA ASN B 89 28.47 -11.91 4.33
C ASN B 89 27.96 -11.73 2.92
N LYS B 90 28.75 -12.21 1.97
CA LYS B 90 28.30 -12.22 0.62
C LYS B 90 28.67 -13.56 0.04
N ARG B 91 27.88 -14.01 -0.92
CA ARG B 91 28.12 -15.28 -1.57
C ARG B 91 27.77 -15.20 -3.05
N LEU B 92 28.49 -15.98 -3.85
CA LEU B 92 28.08 -16.28 -5.21
C LEU B 92 27.60 -17.73 -5.23
N MET B 93 26.46 -17.96 -5.86
CA MET B 93 26.04 -19.32 -6.20
C MET B 93 26.23 -19.48 -7.70
N LEU B 94 27.11 -20.39 -8.08
CA LEU B 94 27.44 -20.62 -9.47
C LEU B 94 26.83 -21.92 -9.98
N PHE B 95 25.82 -21.80 -10.84
CA PHE B 95 25.22 -22.96 -11.50
C PHE B 95 26.01 -23.34 -12.74
N PRO B 96 26.02 -24.65 -13.07
CA PRO B 96 26.80 -25.21 -14.19
C PRO B 96 26.19 -24.82 -15.55
N ASP B 97 24.88 -24.60 -15.56
CA ASP B 97 24.21 -24.08 -16.73
C ASP B 97 24.40 -22.57 -16.93
N GLY B 98 25.21 -21.94 -16.09
CA GLY B 98 25.57 -20.54 -16.30
C GLY B 98 24.83 -19.51 -15.46
N ARG B 99 23.88 -19.96 -14.64
CA ARG B 99 23.24 -19.04 -13.70
C ARG B 99 24.27 -18.58 -12.67
N VAL B 100 24.16 -17.31 -12.28
CA VAL B 100 25.02 -16.75 -11.26
C VAL B 100 24.18 -15.91 -10.31
N ILE B 101 24.15 -16.33 -9.05
CA ILE B 101 23.38 -15.57 -8.06
C ILE B 101 24.21 -14.95 -6.93
N TYR B 102 24.22 -13.63 -6.89
CA TYR B 102 24.92 -12.87 -5.87
C TYR B 102 23.98 -12.51 -4.73
N ASN B 103 24.44 -12.79 -3.51
CA ASN B 103 23.64 -12.54 -2.31
C ASN B 103 24.49 -11.87 -1.22
N ALA B 104 24.01 -10.75 -0.70
CA ALA B 104 24.73 -10.03 0.36
C ALA B 104 23.84 -9.41 1.42
N ARG B 105 24.29 -9.47 2.66
CA ARG B 105 23.63 -8.80 3.79
C ARG B 105 24.09 -7.35 3.78
N PHE B 106 23.20 -6.41 4.06
CA PHE B 106 23.62 -5.02 4.06
C PHE B 106 22.93 -4.16 5.11
N LEU B 107 23.64 -3.13 5.57
CA LEU B 107 23.05 -2.15 6.44
C LEU B 107 23.58 -0.80 6.02
N GLY B 108 22.68 0.13 5.73
CA GLY B 108 23.10 1.38 5.15
C GLY B 108 22.22 2.51 5.59
N SER B 109 22.75 3.72 5.48
CA SER B 109 21.99 4.90 5.77
C SER B 109 21.51 5.45 4.45
N PHE B 110 20.20 5.60 4.31
CA PHE B 110 19.66 6.03 3.05
C PHE B 110 19.02 7.41 3.16
N SER B 111 19.13 8.16 2.07
CA SER B 111 18.61 9.52 2.00
C SER B 111 17.31 9.59 1.16
N ASN B 112 16.42 10.48 1.56
CA ASN B 112 15.26 10.83 0.75
C ASN B 112 14.74 12.20 1.18
N ASP B 113 13.97 12.84 0.30
CA ASP B 113 13.33 14.08 0.68
C ASP B 113 12.30 13.76 1.74
N MET B 114 12.37 14.46 2.88
CA MET B 114 11.47 14.18 3.99
C MET B 114 10.87 15.45 4.58
N ASP B 115 9.55 15.52 4.50
CA ASP B 115 8.79 16.67 4.97
C ASP B 115 8.20 16.38 6.34
N PHE B 116 8.78 16.95 7.39
CA PHE B 116 8.30 16.71 8.75
C PHE B 116 7.35 17.81 9.24
N ARG B 117 6.85 18.62 8.32
CA ARG B 117 6.06 19.81 8.66
C ARG B 117 4.77 19.50 9.41
N LEU B 118 4.08 18.46 9.01
CA LEU B 118 2.90 18.04 9.74
C LEU B 118 3.24 17.08 10.84
N PHE B 119 4.20 17.44 11.71
CA PHE B 119 4.68 16.50 12.73
C PHE B 119 3.52 15.87 13.49
N PRO B 120 3.81 15.24 14.63
CA PRO B 120 3.33 13.91 15.04
C PRO B 120 2.54 13.12 13.98
N PHE B 121 1.97 13.79 12.99
CA PHE B 121 1.05 13.15 12.05
C PHE B 121 1.62 13.05 10.64
N ASP B 122 2.95 13.03 10.54
CA ASP B 122 3.58 13.01 9.24
C ASP B 122 3.59 11.60 8.65
N ARG B 123 3.60 11.52 7.33
CA ARG B 123 3.84 10.25 6.66
C ARG B 123 5.03 10.41 5.74
N GLN B 124 5.89 9.40 5.72
CA GLN B 124 7.13 9.43 4.95
C GLN B 124 7.17 8.25 4.01
N GLN B 125 8.03 8.32 3.02
CA GLN B 125 8.36 7.08 2.31
C GLN B 125 9.85 6.77 2.33
N PHE B 126 10.15 5.57 2.78
CA PHE B 126 11.50 5.06 2.83
C PHE B 126 11.79 4.44 1.47
N VAL B 127 12.77 4.98 0.76
CA VAL B 127 13.09 4.47 -0.55
C VAL B 127 14.51 3.90 -0.68
N LEU B 128 14.66 2.93 -1.57
CA LEU B 128 15.97 2.46 -2.00
C LEU B 128 16.09 2.74 -3.49
N GLU B 129 17.30 3.10 -3.93
CA GLU B 129 17.58 3.32 -5.35
C GLU B 129 18.86 2.56 -5.76
N LEU B 130 18.71 1.66 -6.71
CA LEU B 130 19.79 0.78 -7.15
C LEU B 130 20.13 0.99 -8.63
N GLU B 131 21.37 1.33 -8.92
CA GLU B 131 21.87 1.37 -10.30
C GLU B 131 23.18 0.60 -10.38
N PRO B 132 23.50 0.07 -11.56
CA PRO B 132 24.82 -0.52 -11.68
C PRO B 132 25.83 0.63 -11.68
N PHE B 133 27.03 0.38 -11.19
CA PHE B 133 27.94 1.48 -10.99
C PHE B 133 28.61 1.95 -12.27
N SER B 134 29.01 0.98 -13.09
CA SER B 134 29.87 1.26 -14.25
C SER B 134 29.21 0.92 -15.58
N TYR B 135 28.27 -0.01 -15.56
CA TYR B 135 27.68 -0.52 -16.78
C TYR B 135 26.35 0.14 -17.10
N ASN B 136 26.32 0.94 -18.16
CA ASN B 136 25.05 1.35 -18.75
C ASN B 136 24.52 0.17 -19.54
N ASN B 137 25.48 -0.64 -20.04
CA ASN B 137 25.27 -1.78 -20.96
C ASN B 137 24.84 -3.11 -20.33
N GLN B 138 23.97 -3.01 -19.32
CA GLN B 138 23.40 -4.15 -18.63
C GLN B 138 22.18 -3.64 -17.86
N GLN B 139 21.13 -4.45 -17.79
CA GLN B 139 19.77 -3.95 -17.53
C GLN B 139 19.04 -4.76 -16.46
N LEU B 140 18.30 -4.05 -15.60
CA LEU B 140 17.52 -4.75 -14.58
C LEU B 140 16.23 -5.27 -15.19
N ARG B 141 16.11 -6.60 -15.19
CA ARG B 141 14.96 -7.26 -15.78
C ARG B 141 13.73 -7.18 -14.89
N PHE B 142 13.83 -7.55 -13.62
CA PHE B 142 12.74 -7.30 -12.69
C PHE B 142 13.12 -7.10 -11.21
N SER B 143 12.25 -6.44 -10.46
CA SER B 143 12.48 -6.20 -9.05
C SER B 143 11.41 -6.79 -8.14
N ASP B 144 11.85 -7.56 -7.15
CA ASP B 144 10.94 -8.03 -6.09
C ASP B 144 11.44 -7.64 -4.69
N ILE B 145 10.67 -6.85 -3.94
CA ILE B 145 11.00 -6.64 -2.52
C ILE B 145 10.13 -7.46 -1.58
N GLN B 146 10.77 -8.19 -0.67
CA GLN B 146 10.06 -9.02 0.27
C GLN B 146 10.16 -8.29 1.62
N VAL B 147 9.22 -7.40 1.88
CA VAL B 147 9.17 -6.68 3.16
C VAL B 147 8.33 -7.49 4.13
N TYR B 148 8.66 -8.76 4.24
CA TYR B 148 7.84 -9.68 5.03
C TYR B 148 7.96 -9.43 6.52
N THR B 149 7.84 -8.16 6.90
CA THR B 149 7.61 -7.83 8.28
C THR B 149 6.15 -8.26 8.46
N GLU B 150 5.25 -7.29 8.48
CA GLU B 150 3.83 -7.58 8.59
C GLU B 150 3.07 -6.26 8.74
N ASN B 151 1.80 -6.25 8.34
CA ASN B 151 0.97 -5.05 8.45
C ASN B 151 0.38 -4.81 9.85
N ILE B 152 -0.86 -5.25 10.05
CA ILE B 152 -1.54 -5.06 11.32
C ILE B 152 -1.12 -6.09 12.37
N ASP B 153 -0.16 -5.73 13.22
CA ASP B 153 0.38 -6.63 14.24
C ASP B 153 1.00 -5.79 15.36
N ASN B 154 2.27 -6.02 15.64
CA ASN B 154 3.03 -5.10 16.49
C ASN B 154 3.19 -3.78 15.75
N GLU B 155 2.54 -2.75 16.27
CA GLU B 155 2.66 -1.44 15.66
C GLU B 155 2.76 -0.44 16.79
N GLU B 156 2.04 -0.72 17.86
CA GLU B 156 2.02 0.12 19.04
C GLU B 156 3.26 -0.15 19.86
N ILE B 157 4.03 -1.14 19.40
CA ILE B 157 5.35 -1.42 19.92
C ILE B 157 6.39 -0.68 19.08
N ASP B 158 5.99 -0.34 17.85
CA ASP B 158 6.89 0.27 16.88
C ASP B 158 6.62 1.76 16.67
N GLU B 159 7.64 2.48 16.23
CA GLU B 159 7.53 3.91 16.04
C GLU B 159 6.80 4.24 14.75
N TRP B 160 7.10 3.48 13.70
CA TRP B 160 6.50 3.67 12.38
C TRP B 160 5.53 2.55 11.98
N TRP B 161 4.41 2.93 11.36
CA TRP B 161 3.45 1.97 10.82
C TRP B 161 3.56 1.92 9.29
N ILE B 162 3.76 0.72 8.75
CA ILE B 162 3.92 0.55 7.31
C ILE B 162 2.60 0.41 6.60
N ARG B 163 2.43 1.13 5.49
CA ARG B 163 1.28 0.93 4.58
C ARG B 163 1.40 -0.41 3.86
N GLY B 164 2.52 -0.62 3.17
CA GLY B 164 2.90 -1.95 2.73
C GLY B 164 2.03 -2.43 1.59
N LYS B 165 2.43 -3.49 0.88
CA LYS B 165 3.83 -3.86 0.72
C LYS B 165 4.51 -2.78 -0.10
N ALA B 166 5.80 -2.97 -0.41
CA ALA B 166 6.52 -1.91 -1.10
C ALA B 166 6.18 -1.86 -2.57
N SER B 167 6.23 -0.68 -3.16
CA SER B 167 6.09 -0.54 -4.60
C SER B 167 7.45 -0.50 -5.27
N THR B 168 7.54 -1.01 -6.49
CA THR B 168 8.80 -1.07 -7.23
C THR B 168 8.71 -0.35 -8.57
N HIS B 169 9.88 -0.05 -9.12
CA HIS B 169 9.96 0.78 -10.29
C HIS B 169 11.30 0.66 -11.00
N ILE B 170 11.35 -0.15 -12.06
CA ILE B 170 12.48 -0.12 -13.00
C ILE B 170 12.31 1.04 -14.02
N SER B 171 13.40 1.76 -14.30
CA SER B 171 13.34 2.85 -15.27
C SER B 171 14.74 3.12 -15.78
N ASP B 172 14.87 4.15 -16.62
CA ASP B 172 16.15 4.47 -17.23
C ASP B 172 16.52 5.89 -16.93
N ILE B 173 17.74 6.08 -16.48
CA ILE B 173 18.21 7.39 -16.08
C ILE B 173 19.27 7.86 -17.03
N ARG B 174 19.17 9.12 -17.45
CA ARG B 174 20.10 9.66 -18.41
C ARG B 174 21.18 10.46 -17.71
N TYR B 175 22.43 10.07 -17.93
CA TYR B 175 23.55 10.85 -17.43
C TYR B 175 24.24 11.59 -18.59
N ASP B 176 23.91 12.88 -18.73
CA ASP B 176 24.35 13.69 -19.88
C ASP B 176 25.80 14.10 -19.81
N HIS B 177 26.37 14.15 -18.60
CA HIS B 177 27.73 14.64 -18.46
C HIS B 177 28.69 13.52 -18.01
N LEU B 178 28.39 12.30 -18.43
CA LEU B 178 29.20 11.16 -18.06
C LEU B 178 29.58 10.38 -19.30
N SER B 179 30.83 10.50 -19.73
CA SER B 179 31.31 9.75 -20.88
C SER B 179 31.09 8.25 -20.68
N SER B 180 30.70 7.57 -21.75
CA SER B 180 30.39 6.14 -21.67
C SER B 180 31.17 5.30 -22.68
N VAL B 181 31.00 3.97 -22.56
CA VAL B 181 31.67 3.02 -23.43
C VAL B 181 31.55 3.42 -24.90
N GLN B 182 30.32 3.56 -25.39
CA GLN B 182 30.07 4.01 -26.75
C GLN B 182 29.57 5.46 -26.73
N PRO B 183 29.60 6.13 -27.89
CA PRO B 183 29.27 7.56 -27.93
C PRO B 183 27.78 7.86 -27.75
N ASN B 184 26.93 6.91 -28.11
CA ASN B 184 25.48 7.11 -28.04
C ASN B 184 24.88 6.80 -26.67
N GLN B 185 25.33 5.69 -26.09
CA GLN B 185 24.66 5.06 -24.93
C GLN B 185 25.02 5.63 -23.55
N ASN B 186 24.17 6.51 -23.02
CA ASN B 186 24.40 7.10 -21.71
C ASN B 186 23.21 7.01 -20.76
N GLU B 187 22.58 5.84 -20.71
CA GLU B 187 21.45 5.63 -19.82
C GLU B 187 21.71 4.46 -18.90
N PHE B 188 21.31 4.61 -17.64
CA PHE B 188 21.48 3.53 -16.68
C PHE B 188 20.17 2.95 -16.19
N SER B 189 20.13 1.63 -16.06
CA SER B 189 18.97 0.92 -15.52
C SER B 189 18.88 1.17 -14.01
N ARG B 190 17.78 1.76 -13.56
CA ARG B 190 17.60 1.99 -12.14
C ARG B 190 16.38 1.31 -11.51
N ILE B 191 16.61 0.57 -10.43
CA ILE B 191 15.52 0.08 -9.60
C ILE B 191 15.24 1.08 -8.52
N THR B 192 13.96 1.30 -8.21
CA THR B 192 13.55 2.19 -7.12
C THR B 192 12.50 1.49 -6.29
N VAL B 193 12.82 1.24 -5.02
CA VAL B 193 11.86 0.67 -4.07
C VAL B 193 11.27 1.76 -3.19
N ARG B 194 9.97 1.67 -2.91
CA ARG B 194 9.30 2.65 -2.07
C ARG B 194 8.46 1.95 -1.03
N ILE B 195 8.63 2.35 0.22
CA ILE B 195 7.81 1.87 1.33
C ILE B 195 7.14 3.05 2.03
N ASP B 196 5.82 3.03 2.13
CA ASP B 196 5.10 4.14 2.75
C ASP B 196 4.93 3.89 4.26
N ALA B 197 4.88 4.97 5.01
CA ALA B 197 4.78 4.82 6.46
C ALA B 197 4.18 6.04 7.12
N VAL B 198 3.38 5.79 8.15
CA VAL B 198 2.81 6.84 8.95
C VAL B 198 3.40 6.75 10.33
N ARG B 199 3.57 7.91 10.97
CA ARG B 199 4.15 7.95 12.30
C ARG B 199 3.13 7.60 13.37
N ASN B 200 3.58 6.86 14.39
CA ASN B 200 2.75 6.48 15.52
C ASN B 200 2.56 7.67 16.45
N PRO B 201 1.46 8.41 16.30
CA PRO B 201 1.27 9.75 16.90
C PRO B 201 0.85 9.72 18.36
N SER B 202 0.64 8.53 18.89
CA SER B 202 0.14 8.39 20.26
C SER B 202 0.99 9.21 21.25
N TYR B 203 2.23 8.76 21.47
CA TYR B 203 3.08 9.38 22.49
C TYR B 203 3.03 10.90 22.49
N TYR B 204 3.05 11.50 21.31
CA TYR B 204 3.08 12.94 21.20
C TYR B 204 1.73 13.60 21.53
N LEU B 205 0.65 12.89 21.24
CA LEU B 205 -0.67 13.38 21.59
C LEU B 205 -0.81 13.47 23.10
N TRP B 206 -0.56 12.35 23.77
CA TRP B 206 -0.82 12.24 25.19
C TRP B 206 0.23 12.88 26.09
N SER B 207 1.46 13.01 25.61
CA SER B 207 2.53 13.51 26.45
C SER B 207 2.99 14.92 26.09
N PHE B 208 2.56 15.43 24.94
CA PHE B 208 2.95 16.79 24.56
C PHE B 208 1.76 17.66 24.21
N ILE B 209 0.98 17.24 23.21
CA ILE B 209 -0.15 18.04 22.75
C ILE B 209 -1.21 18.28 23.82
N LEU B 210 -1.58 17.23 24.55
CA LEU B 210 -2.57 17.35 25.62
C LEU B 210 -2.10 18.34 26.69
N PRO B 211 -1.01 18.02 27.39
CA PRO B 211 -0.59 18.99 28.41
C PRO B 211 -0.42 20.41 27.86
N LEU B 212 0.05 20.57 26.63
CA LEU B 212 0.23 21.92 26.13
C LEU B 212 -1.12 22.62 26.17
N GLY B 213 -2.16 21.92 25.73
CA GLY B 213 -3.53 22.39 25.77
C GLY B 213 -4.00 22.80 27.17
N LEU B 214 -4.00 21.85 28.10
CA LEU B 214 -4.26 22.17 29.49
C LEU B 214 -3.54 23.47 29.91
N ILE B 215 -2.23 23.53 29.69
CA ILE B 215 -1.47 24.68 30.16
C ILE B 215 -1.98 25.93 29.49
N ILE B 216 -2.25 25.84 28.19
CA ILE B 216 -2.76 27.01 27.47
C ILE B 216 -4.13 27.44 28.01
N ALA B 217 -5.01 26.47 28.24
CA ALA B 217 -6.32 26.74 28.82
C ALA B 217 -6.19 27.39 30.19
N ALA B 218 -5.54 26.69 31.10
CA ALA B 218 -5.30 27.22 32.43
C ALA B 218 -4.79 28.66 32.39
N SER B 219 -4.03 29.02 31.36
CA SER B 219 -3.52 30.38 31.25
C SER B 219 -4.68 31.36 31.18
N TRP B 220 -5.81 30.91 30.63
CA TRP B 220 -6.98 31.75 30.45
C TRP B 220 -7.63 32.09 31.78
N SER B 221 -7.51 31.17 32.73
CA SER B 221 -8.13 31.36 34.03
C SER B 221 -7.52 32.56 34.76
N VAL B 222 -6.68 33.33 34.08
CA VAL B 222 -6.09 34.51 34.69
C VAL B 222 -7.16 35.57 34.88
N PHE B 223 -8.14 35.55 33.99
CA PHE B 223 -9.19 36.56 33.99
C PHE B 223 -10.21 36.39 35.12
N TRP B 224 -10.16 35.26 35.81
CA TRP B 224 -11.06 35.04 36.94
C TRP B 224 -10.42 35.46 38.26
N LEU B 225 -9.32 36.20 38.17
CA LEU B 225 -8.66 36.74 39.36
C LEU B 225 -9.25 38.10 39.66
N GLU B 226 -9.36 38.40 40.95
CA GLU B 226 -10.11 39.58 41.39
C GLU B 226 -9.32 40.87 41.15
N SER B 227 -8.12 40.92 41.72
CA SER B 227 -7.28 42.11 41.64
C SER B 227 -6.61 42.26 40.26
N PHE B 228 -6.27 43.50 39.90
CA PHE B 228 -5.43 43.73 38.73
C PHE B 228 -4.02 43.28 39.03
N SER B 229 -3.52 43.68 40.19
CA SER B 229 -2.22 43.22 40.65
C SER B 229 -2.12 41.71 40.53
N GLU B 230 -3.12 40.98 41.01
CA GLU B 230 -3.12 39.52 40.92
C GLU B 230 -3.03 39.03 39.48
N ARG B 231 -3.78 39.67 38.58
CA ARG B 231 -3.82 39.25 37.18
C ARG B 231 -2.49 39.45 36.45
N LEU B 232 -1.89 40.62 36.59
CA LEU B 232 -0.65 40.93 35.89
C LEU B 232 0.49 40.08 36.41
N GLN B 233 0.62 40.05 37.73
CA GLN B 233 1.69 39.26 38.35
C GLN B 233 1.63 37.79 37.99
N THR B 234 0.44 37.20 38.07
CA THR B 234 0.28 35.81 37.69
C THR B 234 0.66 35.57 36.23
N SER B 235 0.42 36.57 35.38
CA SER B 235 0.78 36.47 33.96
C SER B 235 2.24 36.09 33.74
N PHE B 236 3.14 36.71 34.51
CA PHE B 236 4.57 36.45 34.38
C PHE B 236 4.96 35.04 34.74
N THR B 237 4.19 34.40 35.61
CA THR B 237 4.42 33.00 35.93
C THR B 237 3.93 32.07 34.80
N LEU B 238 2.82 32.41 34.17
CA LEU B 238 2.36 31.65 33.02
C LEU B 238 3.39 31.77 31.91
N MET B 239 3.96 32.96 31.77
CA MET B 239 5.01 33.22 30.77
C MET B 239 6.16 32.24 30.99
N LEU B 240 6.67 32.21 32.22
CA LEU B 240 7.77 31.32 32.57
C LEU B 240 7.39 29.89 32.26
N THR B 241 6.14 29.52 32.53
CA THR B 241 5.68 28.17 32.25
C THR B 241 5.76 27.80 30.78
N VAL B 242 5.36 28.69 29.90
CA VAL B 242 5.43 28.40 28.48
C VAL B 242 6.89 28.24 28.07
N VAL B 243 7.76 29.10 28.58
CA VAL B 243 9.19 28.95 28.30
C VAL B 243 9.72 27.60 28.75
N ALA B 244 9.45 27.22 30.00
CA ALA B 244 9.84 25.89 30.46
C ALA B 244 9.29 24.82 29.52
N TYR B 245 8.05 25.00 29.09
CA TYR B 245 7.43 23.99 28.23
C TYR B 245 8.09 23.94 26.87
N ALA B 246 8.45 25.12 26.34
CA ALA B 246 9.13 25.20 25.05
C ALA B 246 10.48 24.49 25.11
N PHE B 247 11.21 24.73 26.19
CA PHE B 247 12.48 24.08 26.43
C PHE B 247 12.26 22.59 26.38
N TYR B 248 11.36 22.11 27.21
CA TYR B 248 11.05 20.68 27.32
C TYR B 248 10.66 20.10 25.99
N THR B 249 9.80 20.81 25.29
CA THR B 249 9.34 20.35 24.00
C THR B 249 10.49 20.26 23.00
N SER B 250 11.34 21.28 22.97
CA SER B 250 12.44 21.35 22.01
C SER B 250 13.56 20.35 22.27
N ASN B 251 13.89 20.13 23.53
CA ASN B 251 14.98 19.26 23.86
C ASN B 251 14.63 17.80 23.58
N ILE B 252 13.33 17.48 23.56
CA ILE B 252 12.88 16.09 23.42
C ILE B 252 12.36 15.73 22.03
N LEU B 253 11.74 16.68 21.34
CA LEU B 253 11.26 16.45 19.97
C LEU B 253 12.38 16.56 18.91
N PRO B 254 12.15 15.96 17.73
CA PRO B 254 13.18 15.89 16.69
C PRO B 254 13.55 17.27 16.18
N ARG B 255 14.84 17.53 15.99
CA ARG B 255 15.30 18.81 15.46
C ARG B 255 14.88 18.99 14.01
N LEU B 256 14.37 20.16 13.70
CA LEU B 256 14.01 20.50 12.33
C LEU B 256 14.42 21.93 12.01
N PRO B 257 14.47 22.27 10.71
CA PRO B 257 14.86 23.61 10.29
C PRO B 257 13.61 24.45 10.07
N TYR B 258 12.46 23.89 10.43
CA TYR B 258 11.20 24.59 10.29
C TYR B 258 10.23 24.30 11.43
N THR B 259 9.10 25.01 11.47
CA THR B 259 8.18 24.86 12.59
C THR B 259 7.20 23.72 12.36
N THR B 260 6.93 22.95 13.41
CA THR B 260 5.92 21.92 13.35
C THR B 260 4.63 22.45 13.96
N VAL B 261 3.58 21.64 13.96
CA VAL B 261 2.32 22.07 14.54
C VAL B 261 2.48 22.36 16.05
N ILE B 262 3.18 21.47 16.74
CA ILE B 262 3.48 21.68 18.15
C ILE B 262 4.23 22.98 18.38
N ASP B 263 5.18 23.30 17.51
CA ASP B 263 5.92 24.56 17.59
C ASP B 263 4.95 25.74 17.55
N GLN B 264 3.96 25.65 16.68
CA GLN B 264 2.97 26.72 16.52
C GLN B 264 2.10 26.88 17.75
N MET B 265 1.57 25.77 18.25
CA MET B 265 0.87 25.80 19.53
C MET B 265 1.67 26.58 20.58
N ILE B 266 2.95 26.23 20.73
CA ILE B 266 3.81 26.91 21.69
C ILE B 266 3.78 28.42 21.43
N ILE B 267 3.94 28.80 20.16
CA ILE B 267 3.94 30.23 19.81
C ILE B 267 2.61 30.88 20.15
N ALA B 268 1.52 30.16 19.90
CA ALA B 268 0.20 30.63 20.27
C ALA B 268 0.15 30.89 21.77
N GLY B 269 0.57 29.89 22.55
CA GLY B 269 0.65 30.04 24.00
C GLY B 269 1.30 31.35 24.37
N TYR B 270 2.50 31.59 23.82
CA TYR B 270 3.20 32.85 24.04
C TYR B 270 2.32 34.05 23.69
N GLY B 271 1.65 33.98 22.53
CA GLY B 271 0.85 35.09 22.05
C GLY B 271 -0.35 35.40 22.91
N SER B 272 -1.13 34.36 23.21
CA SER B 272 -2.23 34.47 24.14
C SER B 272 -1.80 35.19 25.43
N ILE B 273 -0.75 34.68 26.07
CA ILE B 273 -0.28 35.25 27.33
C ILE B 273 0.20 36.70 27.20
N PHE B 274 0.67 37.10 26.02
CA PHE B 274 1.10 38.48 25.83
C PHE B 274 -0.12 39.36 25.61
N ALA B 275 -1.05 38.89 24.77
CA ALA B 275 -2.31 39.60 24.54
C ALA B 275 -3.02 39.86 25.87
N ALA B 276 -3.11 38.82 26.69
CA ALA B 276 -3.69 38.94 28.02
C ALA B 276 -3.01 40.05 28.84
N ILE B 277 -1.69 40.08 28.83
CA ILE B 277 -0.98 41.14 29.53
C ILE B 277 -1.33 42.52 28.97
N LEU B 278 -1.52 42.61 27.66
CA LEU B 278 -2.01 43.85 27.08
C LEU B 278 -3.41 44.23 27.61
N LEU B 279 -4.39 43.36 27.39
CA LEU B 279 -5.74 43.60 27.91
C LEU B 279 -5.70 43.95 29.39
N ILE B 280 -5.18 43.04 30.21
CA ILE B 280 -5.14 43.23 31.67
C ILE B 280 -4.68 44.62 32.06
N ILE B 281 -3.69 45.14 31.34
CA ILE B 281 -3.16 46.48 31.62
C ILE B 281 -4.07 47.55 31.05
N PHE B 282 -4.69 47.24 29.92
CA PHE B 282 -5.62 48.15 29.28
C PHE B 282 -6.87 48.37 30.13
N ALA B 283 -7.51 47.27 30.51
CA ALA B 283 -8.69 47.32 31.37
C ALA B 283 -8.50 48.30 32.53
N HIS B 284 -7.31 48.27 33.10
CA HIS B 284 -7.02 49.03 34.31
C HIS B 284 -6.82 50.52 34.06
N HIS B 285 -6.55 50.91 32.83
CA HIS B 285 -6.30 52.32 32.52
C HIS B 285 -7.20 52.88 31.42
N ARG B 286 -8.17 52.08 30.98
CA ARG B 286 -9.22 52.57 30.08
C ARG B 286 -10.48 52.81 30.91
N GLN B 287 -10.54 53.98 31.52
CA GLN B 287 -11.65 54.32 32.41
C GLN B 287 -11.78 55.83 32.65
N ALA B 288 -12.05 56.21 33.89
CA ALA B 288 -12.24 57.61 34.25
C ALA B 288 -12.07 57.85 35.74
N ASN B 289 -10.95 57.39 36.30
CA ASN B 289 -10.64 57.59 37.72
C ASN B 289 -9.21 57.17 38.11
N GLY B 290 -9.05 55.91 38.53
CA GLY B 290 -7.75 55.40 38.95
C GLY B 290 -7.71 53.88 39.00
N VAL B 291 -8.71 53.28 39.65
CA VAL B 291 -8.80 51.82 39.74
C VAL B 291 -10.21 51.33 39.36
N GLU B 292 -10.75 51.88 38.27
CA GLU B 292 -12.02 51.41 37.72
C GLU B 292 -11.78 50.43 36.57
N ASP B 293 -11.49 49.18 36.93
CA ASP B 293 -11.27 48.14 35.92
C ASP B 293 -12.50 48.02 35.02
N ASP B 294 -12.31 48.32 33.73
CA ASP B 294 -13.37 48.21 32.73
C ASP B 294 -14.20 46.94 32.97
N LEU B 295 -15.41 47.13 33.49
CA LEU B 295 -16.27 46.01 33.91
C LEU B 295 -16.38 44.89 32.87
N LEU B 296 -17.02 45.17 31.76
CA LEU B 296 -17.25 44.18 30.72
C LEU B 296 -15.96 43.45 30.30
N ILE B 297 -14.89 44.23 30.10
CA ILE B 297 -13.67 43.70 29.47
C ILE B 297 -12.95 42.69 30.36
N GLN B 298 -12.60 43.10 31.58
CA GLN B 298 -11.90 42.22 32.51
C GLN B 298 -12.62 40.87 32.58
N ARG B 299 -13.86 40.84 32.09
CA ARG B 299 -14.63 39.61 32.00
C ARG B 299 -14.80 39.17 30.54
N CYS B 300 -13.67 39.01 29.87
CA CYS B 300 -13.56 38.33 28.59
C CYS B 300 -13.00 36.95 28.89
N ARG B 301 -13.59 36.32 29.90
CA ARG B 301 -13.24 34.98 30.31
C ARG B 301 -13.78 33.98 29.30
N LEU B 302 -14.46 34.49 28.27
CA LEU B 302 -15.01 33.65 27.23
C LEU B 302 -14.63 34.19 25.86
N ALA B 303 -14.26 35.46 25.81
CA ALA B 303 -13.76 36.06 24.57
C ALA B 303 -12.45 35.41 24.15
N PHE B 304 -11.52 35.29 25.09
CA PHE B 304 -10.23 34.67 24.82
C PHE B 304 -10.35 33.20 24.41
N PRO B 305 -10.85 32.36 25.33
CA PRO B 305 -10.92 30.91 25.05
C PRO B 305 -11.46 30.57 23.66
N LEU B 306 -12.52 31.22 23.22
CA LEU B 306 -13.07 30.89 21.91
C LEU B 306 -12.51 31.76 20.78
N GLY B 307 -12.08 32.98 21.12
CA GLY B 307 -11.38 33.82 20.17
C GLY B 307 -10.04 33.20 19.81
N PHE B 308 -9.63 32.25 20.63
CA PHE B 308 -8.40 31.50 20.44
C PHE B 308 -8.70 30.21 19.72
N LEU B 309 -9.88 29.64 19.99
CA LEU B 309 -10.32 28.44 19.28
C LEU B 309 -10.77 28.80 17.86
N ALA B 310 -10.86 30.10 17.60
CA ALA B 310 -11.13 30.59 16.26
C ALA B 310 -9.82 30.74 15.52
N ILE B 311 -8.91 31.50 16.11
CA ILE B 311 -7.57 31.66 15.57
C ILE B 311 -6.81 30.33 15.72
N GLY B 312 -7.49 29.34 16.29
CA GLY B 312 -6.92 28.02 16.48
C GLY B 312 -7.50 27.03 15.47
N CYS B 313 -8.51 27.48 14.73
CA CYS B 313 -9.03 26.71 13.60
C CYS B 313 -8.60 27.37 12.29
N VAL B 314 -7.67 28.31 12.41
CA VAL B 314 -7.01 28.90 11.24
C VAL B 314 -5.53 28.54 11.28
N LEU B 315 -5.17 27.65 12.21
CA LEU B 315 -3.87 26.96 12.18
C LEU B 315 -4.04 25.71 11.32
N VAL B 316 -5.26 25.50 10.85
CA VAL B 316 -5.60 24.35 10.01
C VAL B 316 -6.39 24.80 8.77
N ILE B 317 -5.92 25.87 8.13
CA ILE B 317 -6.51 26.35 6.89
C ILE B 317 -5.44 26.50 5.82
N PRO C 11 23.97 -34.15 4.56
CA PRO C 11 24.05 -32.89 5.31
C PRO C 11 25.08 -32.99 6.42
N VAL C 12 25.95 -31.99 6.52
CA VAL C 12 27.00 -31.98 7.55
C VAL C 12 26.46 -31.59 8.93
N ASP C 13 26.76 -32.40 9.93
CA ASP C 13 26.32 -32.09 11.29
C ASP C 13 27.25 -31.06 11.94
N VAL C 14 26.69 -29.90 12.27
CA VAL C 14 27.45 -28.88 12.96
C VAL C 14 26.89 -28.65 14.35
N SER C 15 27.74 -28.80 15.37
CA SER C 15 27.33 -28.46 16.73
C SER C 15 27.98 -27.16 17.21
N VAL C 16 27.17 -26.28 17.77
CA VAL C 16 27.71 -25.02 18.23
C VAL C 16 27.49 -24.83 19.70
N SER C 17 28.52 -24.29 20.35
CA SER C 17 28.37 -23.72 21.67
C SER C 17 28.56 -22.19 21.59
N ILE C 18 27.69 -21.47 22.28
CA ILE C 18 27.85 -20.04 22.44
C ILE C 18 28.13 -19.65 23.90
N PHE C 19 29.30 -19.08 24.16
CA PHE C 19 29.59 -18.46 25.47
C PHE C 19 29.23 -16.99 25.51
N ILE C 20 28.33 -16.61 26.41
CA ILE C 20 27.94 -15.19 26.56
C ILE C 20 28.67 -14.48 27.72
N ASN C 21 29.51 -13.49 27.38
CA ASN C 21 30.29 -12.76 28.38
C ASN C 21 29.60 -11.56 29.00
N LYS C 22 28.74 -10.91 28.22
CA LYS C 22 28.20 -9.63 28.62
C LYS C 22 26.98 -9.29 27.77
N ILE C 23 25.89 -8.89 28.42
CA ILE C 23 24.78 -8.29 27.69
C ILE C 23 24.58 -6.87 28.21
N TYR C 24 24.69 -5.91 27.31
CA TYR C 24 24.67 -4.53 27.74
C TYR C 24 24.17 -3.58 26.66
N GLY C 25 24.13 -2.30 26.99
CA GLY C 25 23.85 -1.31 25.98
C GLY C 25 22.49 -1.40 25.33
N VAL C 26 21.43 -1.71 26.08
CA VAL C 26 20.12 -1.73 25.45
C VAL C 26 19.78 -0.36 24.83
N ASN C 27 19.23 -0.38 23.62
CA ASN C 27 18.76 0.85 22.99
C ASN C 27 17.26 0.78 22.76
N THR C 28 16.50 1.44 23.62
CA THR C 28 15.05 1.32 23.58
C THR C 28 14.44 1.72 22.23
N LEU C 29 14.88 2.85 21.70
CA LEU C 29 14.35 3.32 20.43
C LEU C 29 14.57 2.36 19.24
N GLU C 30 15.75 1.74 19.20
CA GLU C 30 16.12 0.83 18.12
C GLU C 30 15.77 -0.60 18.46
N GLN C 31 15.36 -0.84 19.69
CA GLN C 31 15.08 -2.20 20.15
C GLN C 31 16.27 -3.10 19.86
N THR C 32 17.45 -2.69 20.31
CA THR C 32 18.67 -3.47 20.16
C THR C 32 19.37 -3.62 21.50
N TYR C 33 20.39 -4.46 21.54
CA TYR C 33 21.19 -4.65 22.74
C TYR C 33 22.51 -5.26 22.30
N LYS C 34 23.58 -5.02 23.07
CA LYS C 34 24.89 -5.49 22.67
C LYS C 34 25.19 -6.81 23.35
N VAL C 35 25.88 -7.71 22.63
CA VAL C 35 26.29 -8.99 23.23
C VAL C 35 27.72 -9.28 22.91
N ASP C 36 28.51 -9.54 23.96
CA ASP C 36 29.90 -9.96 23.78
C ASP C 36 30.00 -11.42 24.19
N GLY C 37 30.66 -12.21 23.35
CA GLY C 37 30.83 -13.61 23.64
C GLY C 37 31.76 -14.34 22.70
N TYR C 38 31.84 -15.66 22.86
CA TYR C 38 32.54 -16.51 21.90
C TYR C 38 31.53 -17.41 21.24
N ILE C 39 31.82 -17.77 19.99
CA ILE C 39 31.08 -18.82 19.30
C ILE C 39 32.04 -19.96 18.93
N VAL C 40 31.59 -21.18 19.16
CA VAL C 40 32.35 -22.34 18.74
C VAL C 40 31.47 -23.20 17.87
N ALA C 41 32.02 -23.68 16.75
CA ALA C 41 31.28 -24.55 15.85
C ALA C 41 32.16 -25.71 15.47
N GLN C 42 31.60 -26.91 15.61
CA GLN C 42 32.31 -28.16 15.31
C GLN C 42 31.59 -29.03 14.28
N TRP C 43 32.40 -29.66 13.42
CA TRP C 43 31.93 -30.59 12.41
C TRP C 43 33.06 -31.55 12.03
N THR C 44 32.71 -32.69 11.46
CA THR C 44 33.73 -33.65 11.06
C THR C 44 33.82 -33.81 9.54
N GLY C 45 35.04 -33.86 9.04
CA GLY C 45 35.30 -33.99 7.63
C GLY C 45 36.30 -35.09 7.36
N LYS C 46 36.89 -35.07 6.17
CA LYS C 46 37.84 -36.12 5.82
C LYS C 46 39.11 -36.02 6.67
N PRO C 47 39.52 -37.16 7.28
CA PRO C 47 40.76 -37.21 8.06
C PRO C 47 41.93 -36.55 7.35
N ARG C 48 42.94 -36.14 8.10
CA ARG C 48 43.98 -35.27 7.58
C ARG C 48 45.32 -35.56 8.22
N LYS C 49 46.39 -35.30 7.48
CA LYS C 49 47.74 -35.43 8.01
C LYS C 49 48.15 -34.13 8.68
N THR C 50 48.50 -34.21 9.95
CA THR C 50 48.88 -33.02 10.71
C THR C 50 50.26 -33.23 11.30
N PRO C 51 51.09 -32.18 11.32
CA PRO C 51 52.43 -32.26 11.91
C PRO C 51 52.40 -33.04 13.23
N GLY C 52 53.40 -33.87 13.48
CA GLY C 52 53.30 -34.86 14.54
C GLY C 52 52.07 -35.69 14.21
N ASP C 53 51.22 -35.90 15.19
CA ASP C 53 49.87 -36.36 14.89
C ASP C 53 48.98 -35.66 15.88
N LYS C 54 49.48 -34.53 16.35
CA LYS C 54 48.76 -33.66 17.25
C LYS C 54 47.83 -32.80 16.40
N PRO C 55 46.65 -32.46 16.96
CA PRO C 55 45.79 -31.54 16.20
C PRO C 55 46.53 -30.26 15.89
N LEU C 56 46.09 -29.57 14.86
CA LEU C 56 46.77 -28.38 14.36
C LEU C 56 45.96 -27.12 14.67
N ILE C 57 46.65 -26.06 15.06
CA ILE C 57 45.98 -24.81 15.36
C ILE C 57 46.29 -23.73 14.32
N VAL C 58 45.23 -23.05 13.86
CA VAL C 58 45.34 -22.05 12.81
C VAL C 58 44.62 -20.76 13.25
N GLU C 59 45.37 -19.67 13.36
CA GLU C 59 44.82 -18.42 13.91
C GLU C 59 44.64 -17.32 12.86
N ASN C 60 43.52 -16.62 12.98
CA ASN C 60 43.33 -15.38 12.25
C ASN C 60 43.67 -15.38 10.75
N THR C 61 44.65 -14.58 10.32
CA THR C 61 44.92 -14.43 8.89
C THR C 61 45.25 -15.75 8.21
N GLN C 62 45.69 -16.72 9.00
CA GLN C 62 46.10 -17.99 8.46
C GLN C 62 44.89 -18.82 7.98
N ILE C 63 43.73 -18.56 8.54
CA ILE C 63 42.54 -19.29 8.14
C ILE C 63 42.18 -19.07 6.68
N GLU C 64 42.23 -17.83 6.23
CA GLU C 64 41.94 -17.59 4.83
C GLU C 64 42.86 -18.41 3.92
N ARG C 65 44.16 -18.43 4.24
CA ARG C 65 45.10 -19.24 3.48
C ARG C 65 44.59 -20.68 3.33
N TRP C 66 44.21 -21.32 4.43
CA TRP C 66 43.69 -22.68 4.34
C TRP C 66 42.43 -22.77 3.49
N ILE C 67 41.63 -21.72 3.51
CA ILE C 67 40.42 -21.71 2.72
C ILE C 67 40.75 -21.67 1.23
N ASN C 68 41.71 -20.84 0.84
CA ASN C 68 42.17 -20.80 -0.55
C ASN C 68 42.69 -22.15 -1.05
N ASN C 69 43.36 -22.89 -0.19
CA ASN C 69 43.86 -24.20 -0.57
C ASN C 69 42.79 -25.28 -0.38
N GLY C 70 41.54 -24.85 -0.27
CA GLY C 70 40.42 -25.79 -0.28
C GLY C 70 39.69 -26.14 1.00
N LEU C 71 40.15 -25.63 2.14
CA LEU C 71 39.50 -25.94 3.41
C LEU C 71 38.09 -25.37 3.44
N TRP C 72 37.13 -26.17 3.89
CA TRP C 72 35.73 -25.74 3.92
C TRP C 72 35.41 -25.16 5.29
N VAL C 73 35.10 -23.87 5.31
CA VAL C 73 34.68 -23.22 6.54
C VAL C 73 33.39 -22.46 6.31
N PRO C 74 32.24 -23.09 6.62
CA PRO C 74 30.97 -22.43 6.34
C PRO C 74 30.79 -21.14 7.12
N ALA C 75 30.25 -20.12 6.47
CA ALA C 75 29.90 -18.88 7.17
C ALA C 75 28.58 -18.99 7.96
N LEU C 76 28.68 -18.81 9.27
CA LEU C 76 27.47 -18.74 10.09
C LEU C 76 27.05 -17.29 10.36
N GLU C 77 25.81 -16.95 10.02
CA GLU C 77 25.31 -15.58 10.14
C GLU C 77 24.42 -15.38 11.35
N PHE C 78 24.64 -14.30 12.09
CA PHE C 78 23.70 -13.95 13.12
C PHE C 78 22.52 -13.29 12.44
N ILE C 79 21.37 -13.93 12.52
CA ILE C 79 20.23 -13.48 11.73
C ILE C 79 19.81 -12.09 12.16
N ASN C 80 19.75 -11.90 13.47
CA ASN C 80 19.19 -10.68 14.05
C ASN C 80 20.21 -9.67 14.55
N VAL C 81 21.47 -9.83 14.14
CA VAL C 81 22.46 -8.78 14.34
C VAL C 81 22.12 -7.54 13.48
N VAL C 82 22.50 -6.35 13.95
CA VAL C 82 22.28 -5.14 13.18
C VAL C 82 23.63 -4.54 12.82
N GLY C 83 24.09 -4.77 11.60
CA GLY C 83 25.42 -4.35 11.21
C GLY C 83 26.42 -5.49 11.43
N SER C 84 27.52 -5.48 10.69
CA SER C 84 28.53 -6.53 10.84
C SER C 84 29.08 -6.54 12.26
N PRO C 85 28.95 -7.68 12.94
CA PRO C 85 29.50 -7.80 14.28
C PRO C 85 31.01 -7.60 14.24
N ASP C 86 31.58 -7.14 15.35
CA ASP C 86 33.01 -6.95 15.48
C ASP C 86 33.57 -8.28 15.94
N THR C 87 34.33 -8.95 15.08
CA THR C 87 34.93 -10.20 15.53
C THR C 87 36.40 -10.00 15.88
N GLY C 88 36.80 -10.54 17.03
CA GLY C 88 38.18 -10.51 17.44
C GLY C 88 39.02 -11.61 16.82
N ASN C 89 39.70 -12.36 17.67
CA ASN C 89 40.47 -13.47 17.20
C ASN C 89 39.57 -14.60 16.80
N LYS C 90 40.00 -15.32 15.78
CA LYS C 90 39.39 -16.58 15.42
C LYS C 90 40.46 -17.64 15.22
N ARG C 91 40.06 -18.88 15.45
CA ARG C 91 40.98 -19.96 15.26
C ARG C 91 40.25 -21.20 14.72
N LEU C 92 40.94 -21.98 13.90
CA LEU C 92 40.52 -23.32 13.56
C LEU C 92 41.40 -24.28 14.34
N MET C 93 40.79 -25.28 14.93
CA MET C 93 41.54 -26.40 15.48
C MET C 93 41.28 -27.61 14.58
N LEU C 94 42.31 -28.07 13.86
CA LEU C 94 42.17 -29.19 12.93
C LEU C 94 42.72 -30.49 13.50
N PHE C 95 41.81 -31.40 13.86
CA PHE C 95 42.23 -32.75 14.28
C PHE C 95 42.53 -33.67 13.09
N PRO C 96 43.45 -34.63 13.29
CA PRO C 96 43.91 -35.52 12.22
C PRO C 96 42.83 -36.52 11.84
N ASP C 97 41.94 -36.82 12.78
CA ASP C 97 40.80 -37.69 12.50
C ASP C 97 39.64 -37.00 11.83
N GLY C 98 39.84 -35.72 11.49
CA GLY C 98 38.88 -35.00 10.66
C GLY C 98 37.95 -34.03 11.39
N ARG C 99 38.04 -33.97 12.71
CA ARG C 99 37.29 -32.98 13.45
C ARG C 99 37.84 -31.60 13.08
N VAL C 100 36.92 -30.62 13.00
CA VAL C 100 37.27 -29.24 12.75
C VAL C 100 36.49 -28.34 13.70
N ILE C 101 37.20 -27.58 14.52
CA ILE C 101 36.53 -26.70 15.47
C ILE C 101 36.89 -25.24 15.23
N TYR C 102 35.86 -24.46 14.95
CA TYR C 102 36.01 -23.04 14.71
C TYR C 102 35.63 -22.26 15.96
N ASN C 103 36.48 -21.32 16.33
CA ASN C 103 36.27 -20.51 17.53
C ASN C 103 36.53 -19.03 17.25
N ALA C 104 35.57 -18.19 17.58
CA ALA C 104 35.75 -16.76 17.41
C ALA C 104 35.12 -15.91 18.50
N ARG C 105 35.81 -14.83 18.85
CA ARG C 105 35.28 -13.82 19.76
C ARG C 105 34.38 -12.89 18.98
N PHE C 106 33.26 -12.47 19.57
CA PHE C 106 32.43 -11.54 18.84
C PHE C 106 31.76 -10.52 19.76
N LEU C 107 31.47 -9.36 19.18
CA LEU C 107 30.68 -8.35 19.82
C LEU C 107 29.72 -7.77 18.78
N GLY C 108 28.42 -7.89 19.05
CA GLY C 108 27.44 -7.44 18.08
C GLY C 108 26.22 -6.77 18.65
N SER C 109 25.55 -5.99 17.81
CA SER C 109 24.31 -5.36 18.21
C SER C 109 23.19 -6.22 17.69
N PHE C 110 22.37 -6.75 18.59
CA PHE C 110 21.30 -7.64 18.20
C PHE C 110 19.91 -7.03 18.37
N SER C 111 19.02 -7.42 17.48
CA SER C 111 17.67 -6.91 17.44
C SER C 111 16.67 -7.93 17.97
N ASN C 112 15.61 -7.41 18.58
CA ASN C 112 14.47 -8.23 18.96
C ASN C 112 13.30 -7.32 19.20
N ASP C 113 12.11 -7.88 19.17
CA ASP C 113 10.92 -7.13 19.52
C ASP C 113 11.00 -6.82 21.00
N MET C 114 10.84 -5.55 21.34
CA MET C 114 10.97 -5.16 22.74
C MET C 114 9.84 -4.23 23.16
N ASP C 115 9.07 -4.70 24.13
CA ASP C 115 7.94 -3.95 24.67
C ASP C 115 8.33 -3.27 25.98
N PHE C 116 8.49 -1.96 25.95
CA PHE C 116 8.89 -1.20 27.14
C PHE C 116 7.70 -0.52 27.81
N ARG C 117 6.49 -0.96 27.45
CA ARG C 117 5.28 -0.31 27.93
C ARG C 117 5.11 -0.32 29.44
N LEU C 118 5.44 -1.45 30.08
CA LEU C 118 5.36 -1.53 31.54
C LEU C 118 6.64 -1.07 32.17
N PHE C 119 7.13 0.11 31.82
CA PHE C 119 8.46 0.51 32.25
C PHE C 119 8.64 0.35 33.75
N PRO C 120 9.65 0.99 34.33
CA PRO C 120 10.59 0.43 35.30
C PRO C 120 10.46 -1.08 35.58
N PHE C 121 9.31 -1.67 35.28
CA PHE C 121 9.03 -3.05 35.68
C PHE C 121 8.93 -4.00 34.49
N ASP C 122 9.60 -3.66 33.39
CA ASP C 122 9.47 -4.44 32.17
C ASP C 122 10.36 -5.68 32.22
N ARG C 123 9.99 -6.70 31.47
CA ARG C 123 10.88 -7.84 31.30
C ARG C 123 11.09 -8.06 29.82
N GLN C 124 12.33 -8.37 29.46
CA GLN C 124 12.72 -8.52 28.07
C GLN C 124 13.36 -9.87 27.86
N GLN C 125 13.46 -10.29 26.62
CA GLN C 125 14.34 -11.40 26.32
C GLN C 125 15.38 -11.07 25.28
N PHE C 126 16.63 -11.29 25.64
CA PHE C 126 17.73 -11.07 24.74
C PHE C 126 17.91 -12.35 23.97
N VAL C 127 17.77 -12.28 22.66
CA VAL C 127 17.89 -13.47 21.83
C VAL C 127 19.02 -13.39 20.80
N LEU C 128 19.57 -14.54 20.47
CA LEU C 128 20.49 -14.68 19.35
C LEU C 128 19.92 -15.68 18.39
N GLU C 129 20.02 -15.40 17.09
CA GLU C 129 19.56 -16.34 16.07
C GLU C 129 20.68 -16.57 15.05
N LEU C 130 20.99 -17.83 14.83
CA LEU C 130 22.13 -18.24 14.01
C LEU C 130 21.67 -19.18 12.89
N GLU C 131 21.92 -18.79 11.65
CA GLU C 131 21.73 -19.68 10.51
C GLU C 131 22.99 -19.69 9.67
N PRO C 132 23.23 -20.79 8.94
CA PRO C 132 24.34 -20.79 7.98
C PRO C 132 23.96 -19.83 6.87
N PHE C 133 24.93 -19.16 6.26
CA PHE C 133 24.62 -18.08 5.33
C PHE C 133 24.17 -18.59 3.97
N SER C 134 24.87 -19.61 3.48
CA SER C 134 24.68 -20.06 2.10
C SER C 134 24.16 -21.49 2.00
N TYR C 135 24.48 -22.31 2.99
CA TYR C 135 24.13 -23.70 2.95
C TYR C 135 22.79 -24.04 3.62
N ASN C 136 21.81 -24.45 2.82
CA ASN C 136 20.63 -25.10 3.37
C ASN C 136 21.01 -26.53 3.68
N ASN C 137 21.96 -27.05 2.90
CA ASN C 137 22.40 -28.46 2.89
C ASN C 137 23.45 -28.82 3.95
N GLN C 138 23.25 -28.26 5.14
CA GLN C 138 24.08 -28.52 6.30
C GLN C 138 23.30 -28.08 7.55
N GLN C 139 23.43 -28.83 8.64
CA GLN C 139 22.43 -28.82 9.70
C GLN C 139 23.02 -28.67 11.11
N LEU C 140 22.36 -27.87 11.95
CA LEU C 140 22.82 -27.73 13.32
C LEU C 140 22.37 -28.94 14.11
N ARG C 141 23.35 -29.71 14.60
CA ARG C 141 23.09 -30.90 15.38
C ARG C 141 22.65 -30.59 16.81
N PHE C 142 23.40 -29.74 17.52
CA PHE C 142 22.96 -29.28 18.84
C PHE C 142 23.50 -27.93 19.27
N SER C 143 22.81 -27.30 20.22
CA SER C 143 23.22 -26.00 20.73
C SER C 143 23.42 -26.02 22.23
N ASP C 144 24.57 -25.50 22.68
CA ASP C 144 24.80 -25.26 24.11
C ASP C 144 25.21 -23.82 24.37
N ILE C 145 24.44 -23.08 25.17
CA ILE C 145 24.92 -21.77 25.60
C ILE C 145 25.47 -21.83 27.03
N GLN C 146 26.65 -21.29 27.22
CA GLN C 146 27.22 -21.24 28.56
C GLN C 146 27.14 -19.77 28.98
N VAL C 147 26.04 -19.40 29.65
CA VAL C 147 25.87 -18.04 30.18
C VAL C 147 26.38 -18.02 31.61
N TYR C 148 27.60 -18.49 31.79
CA TYR C 148 28.16 -18.65 33.13
C TYR C 148 28.55 -17.32 33.77
N THR C 149 27.64 -16.35 33.68
CA THR C 149 27.70 -15.21 34.56
C THR C 149 27.33 -15.78 35.93
N GLU C 150 26.10 -15.55 36.35
CA GLU C 150 25.59 -16.11 37.61
C GLU C 150 24.21 -15.54 37.91
N ASN C 151 23.42 -16.26 38.69
CA ASN C 151 22.07 -15.81 39.04
C ASN C 151 22.03 -14.81 40.20
N ILE C 152 21.80 -15.32 41.41
CA ILE C 152 21.70 -14.46 42.60
C ILE C 152 23.08 -14.08 43.15
N ASP C 153 23.59 -12.91 42.75
CA ASP C 153 24.91 -12.43 43.14
C ASP C 153 24.95 -10.91 43.03
N ASN C 154 25.90 -10.39 42.25
CA ASN C 154 25.84 -8.98 41.85
C ASN C 154 24.65 -8.76 40.94
N GLU C 155 23.67 -8.03 41.42
CA GLU C 155 22.49 -7.74 40.63
C GLU C 155 22.14 -6.28 40.88
N GLU C 156 22.34 -5.85 42.13
CA GLU C 156 22.05 -4.51 42.54
C GLU C 156 23.19 -3.62 42.09
N ILE C 157 24.21 -4.26 41.53
CA ILE C 157 25.29 -3.56 40.85
C ILE C 157 24.95 -3.45 39.36
N ASP C 158 24.09 -4.33 38.90
CA ASP C 158 23.76 -4.45 37.49
C ASP C 158 22.37 -3.91 37.16
N GLU C 159 22.20 -3.47 35.93
CA GLU C 159 20.93 -2.91 35.48
C GLU C 159 19.87 -3.97 35.25
N TRP C 160 20.28 -5.10 34.69
CA TRP C 160 19.35 -6.18 34.37
C TRP C 160 19.59 -7.42 35.23
N TRP C 161 18.50 -8.06 35.66
CA TRP C 161 18.59 -9.32 36.37
C TRP C 161 18.19 -10.48 35.46
N ILE C 162 19.07 -11.47 35.34
CA ILE C 162 18.82 -12.63 34.49
C ILE C 162 18.00 -13.74 35.18
N ARG C 163 16.95 -14.21 34.52
CA ARG C 163 16.25 -15.42 34.97
C ARG C 163 17.18 -16.62 34.88
N GLY C 164 17.69 -16.89 33.68
CA GLY C 164 18.72 -17.89 33.48
C GLY C 164 18.23 -19.32 33.66
N LYS C 165 19.01 -20.31 33.26
CA LYS C 165 20.03 -20.16 32.22
C LYS C 165 19.26 -19.98 30.91
N ALA C 166 19.98 -19.85 29.80
CA ALA C 166 19.29 -19.55 28.55
C ALA C 166 18.61 -20.78 28.00
N SER C 167 17.51 -20.57 27.29
CA SER C 167 16.86 -21.66 26.58
C SER C 167 17.28 -21.71 25.11
N THR C 168 17.36 -22.91 24.56
CA THR C 168 17.77 -23.09 23.16
C THR C 168 16.73 -23.82 22.31
N HIS C 169 16.93 -23.81 21.01
CA HIS C 169 15.95 -24.39 20.11
C HIS C 169 16.46 -24.36 18.69
N ILE C 170 16.85 -25.53 18.20
CA ILE C 170 17.14 -25.72 16.79
C ILE C 170 15.87 -25.98 15.99
N SER C 171 15.73 -25.30 14.86
CA SER C 171 14.52 -25.46 14.05
C SER C 171 14.83 -25.31 12.56
N ASP C 172 13.80 -25.36 11.71
CA ASP C 172 14.00 -25.22 10.28
C ASP C 172 13.16 -24.09 9.73
N ILE C 173 13.80 -23.23 8.94
CA ILE C 173 13.14 -22.03 8.47
C ILE C 173 13.04 -22.14 6.98
N ARG C 174 11.87 -21.82 6.44
CA ARG C 174 11.61 -21.95 5.03
C ARG C 174 11.75 -20.62 4.34
N TYR C 175 12.63 -20.56 3.35
CA TYR C 175 12.77 -19.36 2.52
C TYR C 175 12.16 -19.60 1.13
N ASP C 176 10.94 -19.11 0.94
CA ASP C 176 10.18 -19.42 -0.27
C ASP C 176 10.66 -18.67 -1.51
N HIS C 177 11.30 -17.51 -1.31
CA HIS C 177 11.68 -16.67 -2.44
C HIS C 177 13.19 -16.58 -2.61
N LEU C 178 13.86 -17.69 -2.30
CA LEU C 178 15.31 -17.76 -2.37
C LEU C 178 15.73 -19.01 -3.11
N SER C 179 16.17 -18.85 -4.35
CA SER C 179 16.63 -19.99 -5.15
C SER C 179 17.74 -20.74 -4.41
N SER C 180 17.70 -22.07 -4.51
CA SER C 180 18.68 -22.89 -3.80
C SER C 180 19.45 -23.85 -4.72
N VAL C 181 20.42 -24.56 -4.15
CA VAL C 181 21.21 -25.52 -4.89
C VAL C 181 20.34 -26.49 -5.73
N GLN C 182 19.44 -27.20 -5.07
CA GLN C 182 18.50 -28.10 -5.75
C GLN C 182 17.12 -27.46 -5.76
N PRO C 183 16.20 -27.98 -6.61
CA PRO C 183 14.90 -27.33 -6.79
C PRO C 183 13.95 -27.51 -5.61
N ASN C 184 14.12 -28.60 -4.88
CA ASN C 184 13.23 -28.90 -3.76
C ASN C 184 13.63 -28.22 -2.45
N GLN C 185 14.93 -28.21 -2.16
CA GLN C 185 15.46 -27.89 -0.83
C GLN C 185 15.68 -26.40 -0.52
N ASN C 186 14.71 -25.81 0.20
CA ASN C 186 14.79 -24.41 0.56
C ASN C 186 14.57 -24.15 2.07
N GLU C 187 15.14 -25.01 2.90
CA GLU C 187 15.02 -24.84 4.34
C GLU C 187 16.40 -24.65 4.99
N PHE C 188 16.48 -23.72 5.95
CA PHE C 188 17.72 -23.51 6.66
C PHE C 188 17.61 -23.93 8.12
N SER C 189 18.66 -24.60 8.60
CA SER C 189 18.81 -24.91 10.04
C SER C 189 19.08 -23.63 10.84
N ARG C 190 18.24 -23.36 11.84
CA ARG C 190 18.41 -22.18 12.69
C ARG C 190 18.50 -22.46 14.19
N ILE C 191 19.58 -22.00 14.80
CA ILE C 191 19.66 -21.96 16.26
C ILE C 191 19.05 -20.68 16.80
N THR C 192 18.31 -20.78 17.89
CA THR C 192 17.75 -19.60 18.54
C THR C 192 18.04 -19.69 20.04
N VAL C 193 18.81 -18.73 20.55
CA VAL C 193 19.06 -18.63 21.98
C VAL C 193 18.19 -17.55 22.63
N ARG C 194 17.62 -17.84 23.79
CA ARG C 194 16.83 -16.85 24.53
C ARG C 194 17.26 -16.75 25.97
N ILE C 195 17.47 -15.52 26.43
CA ILE C 195 17.81 -15.25 27.81
C ILE C 195 16.79 -14.26 28.37
N ASP C 196 16.13 -14.64 29.45
CA ASP C 196 15.09 -13.77 30.00
C ASP C 196 15.70 -12.83 31.03
N ALA C 197 15.08 -11.67 31.19
CA ALA C 197 15.63 -10.70 32.11
C ALA C 197 14.57 -9.71 32.58
N VAL C 198 14.71 -9.31 33.84
CA VAL C 198 13.84 -8.31 34.41
C VAL C 198 14.68 -7.08 34.72
N ARG C 199 14.07 -5.91 34.62
CA ARG C 199 14.77 -4.68 34.90
C ARG C 199 14.87 -4.39 36.41
N ASN C 200 16.03 -3.91 36.82
CA ASN C 200 16.24 -3.49 38.21
C ASN C 200 15.53 -2.18 38.50
N PRO C 201 14.32 -2.26 39.07
CA PRO C 201 13.37 -1.14 39.16
C PRO C 201 13.68 -0.18 40.30
N SER C 202 14.70 -0.49 41.10
CA SER C 202 14.98 0.31 42.27
C SER C 202 15.10 1.79 41.92
N TYR C 203 16.17 2.16 41.22
CA TYR C 203 16.47 3.57 40.96
C TYR C 203 15.26 4.38 40.55
N TYR C 204 14.40 3.81 39.70
CA TYR C 204 13.24 4.53 39.18
C TYR C 204 12.14 4.71 40.22
N LEU C 205 11.99 3.72 41.09
CA LEU C 205 11.04 3.82 42.20
C LEU C 205 11.41 4.97 43.12
N TRP C 206 12.62 4.93 43.64
CA TRP C 206 13.07 5.89 44.63
C TRP C 206 13.42 7.27 44.09
N SER C 207 13.81 7.37 42.83
CA SER C 207 14.27 8.66 42.33
C SER C 207 13.29 9.32 41.38
N PHE C 208 12.28 8.58 40.94
CA PHE C 208 11.28 9.14 40.03
C PHE C 208 9.85 8.96 40.50
N ILE C 209 9.43 7.71 40.67
CA ILE C 209 8.05 7.45 41.05
C ILE C 209 7.69 8.06 42.41
N LEU C 210 8.54 7.85 43.42
CA LEU C 210 8.31 8.44 44.74
C LEU C 210 8.12 9.96 44.68
N PRO C 211 9.18 10.70 44.38
CA PRO C 211 8.99 12.16 44.30
C PRO C 211 7.79 12.58 43.44
N LEU C 212 7.50 11.86 42.36
CA LEU C 212 6.36 12.26 41.54
C LEU C 212 5.12 12.19 42.40
N GLY C 213 5.05 11.16 43.25
CA GLY C 213 3.94 10.98 44.16
C GLY C 213 3.82 12.14 45.14
N LEU C 214 4.88 12.34 45.91
CA LEU C 214 4.99 13.49 46.79
C LEU C 214 4.48 14.79 46.13
N ILE C 215 5.06 15.14 44.98
CA ILE C 215 4.65 16.34 44.27
C ILE C 215 3.18 16.31 43.89
N ILE C 216 2.66 15.16 43.49
CA ILE C 216 1.25 15.06 43.15
C ILE C 216 0.38 15.27 44.39
N ALA C 217 0.71 14.55 45.46
CA ALA C 217 0.02 14.73 46.74
C ALA C 217 0.03 16.20 47.18
N ALA C 218 1.23 16.74 47.39
CA ALA C 218 1.37 18.14 47.77
C ALA C 218 0.49 19.06 46.94
N SER C 219 0.26 18.70 45.68
CA SER C 219 -0.54 19.57 44.82
C SER C 219 -1.94 19.67 45.41
N TRP C 220 -2.33 18.63 46.14
CA TRP C 220 -3.67 18.55 46.68
C TRP C 220 -3.86 19.53 47.83
N SER C 221 -2.77 19.80 48.53
CA SER C 221 -2.80 20.71 49.67
C SER C 221 -3.16 22.12 49.25
N VAL C 222 -3.52 22.30 48.00
CA VAL C 222 -3.98 23.61 47.54
C VAL C 222 -5.32 23.95 48.18
N PHE C 223 -6.13 22.92 48.45
CA PHE C 223 -7.46 23.12 48.99
C PHE C 223 -7.46 23.58 50.45
N TRP C 224 -6.32 23.53 51.10
CA TRP C 224 -6.23 23.94 52.49
C TRP C 224 -5.79 25.38 52.60
N LEU C 225 -5.81 26.10 51.48
CA LEU C 225 -5.52 27.51 51.50
C LEU C 225 -6.82 28.26 51.77
N GLU C 226 -6.70 29.40 52.44
CA GLU C 226 -7.88 30.14 52.91
C GLU C 226 -8.54 30.95 51.80
N SER C 227 -7.77 31.80 51.15
CA SER C 227 -8.29 32.67 50.10
C SER C 227 -8.51 31.93 48.77
N PHE C 228 -9.42 32.43 47.95
CA PHE C 228 -9.57 31.95 46.58
C PHE C 228 -8.34 32.39 45.81
N SER C 229 -8.00 33.68 45.94
CA SER C 229 -6.81 34.22 45.30
C SER C 229 -5.59 33.35 45.57
N GLU C 230 -5.41 32.94 46.82
CA GLU C 230 -4.28 32.09 47.18
C GLU C 230 -4.35 30.75 46.47
N ARG C 231 -5.55 30.17 46.39
CA ARG C 231 -5.72 28.86 45.79
C ARG C 231 -5.43 28.85 44.29
N LEU C 232 -5.99 29.81 43.57
CA LEU C 232 -5.84 29.85 42.12
C LEU C 232 -4.40 30.17 41.74
N GLN C 233 -3.84 31.21 42.35
CA GLN C 233 -2.47 31.62 42.04
C GLN C 233 -1.47 30.49 42.32
N THR C 234 -1.61 29.83 43.46
CA THR C 234 -0.71 28.73 43.80
C THR C 234 -0.79 27.61 42.77
N SER C 235 -1.97 27.42 42.20
CA SER C 235 -2.17 26.38 41.21
C SER C 235 -1.16 26.53 40.07
N PHE C 236 -0.96 27.75 39.59
CA PHE C 236 -0.06 27.99 38.47
C PHE C 236 1.39 27.64 38.75
N THR C 237 1.75 27.68 40.03
CA THR C 237 3.08 27.24 40.43
C THR C 237 3.19 25.71 40.46
N LEU C 238 2.13 25.03 40.89
CA LEU C 238 2.10 23.58 40.84
C LEU C 238 2.20 23.12 39.39
N MET C 239 1.49 23.83 38.51
CA MET C 239 1.53 23.60 37.06
C MET C 239 2.97 23.59 36.54
N LEU C 240 3.67 24.70 36.80
CA LEU C 240 5.08 24.85 36.43
C LEU C 240 5.93 23.73 36.99
N THR C 241 5.58 23.30 38.20
CA THR C 241 6.32 22.21 38.82
C THR C 241 6.17 20.91 38.04
N VAL C 242 4.96 20.56 37.66
CA VAL C 242 4.77 19.35 36.90
C VAL C 242 5.49 19.44 35.55
N VAL C 243 5.50 20.64 34.95
CA VAL C 243 6.24 20.81 33.71
C VAL C 243 7.72 20.54 33.91
N ALA C 244 8.32 21.23 34.87
CA ALA C 244 9.72 20.96 35.18
C ALA C 244 9.92 19.48 35.37
N TYR C 245 9.02 18.84 36.13
CA TYR C 245 9.19 17.42 36.41
C TYR C 245 9.07 16.55 35.18
N ALA C 246 8.21 16.92 34.26
CA ALA C 246 8.07 16.19 33.02
C ALA C 246 9.36 16.31 32.20
N PHE C 247 9.89 17.54 32.12
CA PHE C 247 11.17 17.80 31.47
C PHE C 247 12.24 16.87 32.02
N TYR C 248 12.45 16.95 33.33
CA TYR C 248 13.42 16.14 34.05
C TYR C 248 13.22 14.67 33.74
N THR C 249 11.98 14.21 33.87
CA THR C 249 11.67 12.82 33.67
C THR C 249 11.98 12.40 32.23
N SER C 250 11.66 13.26 31.27
CA SER C 250 11.83 12.93 29.86
C SER C 250 13.28 12.93 29.41
N ASN C 251 14.04 13.90 29.87
CA ASN C 251 15.42 14.01 29.46
C ASN C 251 16.29 12.90 30.05
N ILE C 252 15.82 12.25 31.10
CA ILE C 252 16.64 11.25 31.78
C ILE C 252 16.19 9.80 31.51
N LEU C 253 14.90 9.59 31.35
CA LEU C 253 14.40 8.25 31.06
C LEU C 253 14.59 7.85 29.58
N PRO C 254 14.54 6.55 29.30
CA PRO C 254 14.78 6.06 27.94
C PRO C 254 13.72 6.55 26.96
N ARG C 255 14.14 6.97 25.78
CA ARG C 255 13.21 7.41 24.75
C ARG C 255 12.36 6.26 24.22
N LEU C 256 11.05 6.51 24.06
CA LEU C 256 10.14 5.51 23.51
C LEU C 256 9.11 6.17 22.62
N PRO C 257 8.42 5.38 21.80
CA PRO C 257 7.43 5.93 20.88
C PRO C 257 6.04 5.85 21.50
N TYR C 258 5.98 5.46 22.76
CA TYR C 258 4.72 5.30 23.44
C TYR C 258 4.86 5.69 24.90
N THR C 259 3.73 5.78 25.60
CA THR C 259 3.72 6.20 27.00
C THR C 259 4.01 5.06 27.95
N THR C 260 4.85 5.34 28.96
CA THR C 260 5.10 4.39 30.05
C THR C 260 4.21 4.71 31.24
N VAL C 261 4.27 3.87 32.28
CA VAL C 261 3.46 4.14 33.45
C VAL C 261 3.82 5.51 34.06
N ILE C 262 5.12 5.79 34.18
CA ILE C 262 5.58 7.09 34.63
C ILE C 262 5.00 8.25 33.82
N ASP C 263 5.00 8.11 32.50
CA ASP C 263 4.43 9.11 31.60
C ASP C 263 2.97 9.38 31.93
N GLN C 264 2.25 8.33 32.29
CA GLN C 264 0.84 8.46 32.67
C GLN C 264 0.68 9.20 34.00
N MET C 265 1.46 8.82 35.00
CA MET C 265 1.48 9.56 36.27
C MET C 265 1.66 11.05 36.01
N ILE C 266 2.60 11.41 35.16
CA ILE C 266 2.82 12.81 34.83
C ILE C 266 1.55 13.45 34.25
N ILE C 267 0.90 12.74 33.33
CA ILE C 267 -0.32 13.25 32.72
C ILE C 267 -1.42 13.41 33.77
N ALA C 268 -1.54 12.44 34.67
CA ALA C 268 -2.47 12.53 35.79
C ALA C 268 -2.22 13.80 36.62
N GLY C 269 -0.96 14.00 37.04
CA GLY C 269 -0.58 15.23 37.69
C GLY C 269 -1.09 16.48 36.98
N TYR C 270 -0.85 16.57 35.67
CA TYR C 270 -1.37 17.69 34.88
C TYR C 270 -2.89 17.79 35.02
N GLY C 271 -3.56 16.64 34.92
CA GLY C 271 -5.00 16.60 34.97
C GLY C 271 -5.55 17.05 36.31
N SER C 272 -5.06 16.41 37.37
CA SER C 272 -5.44 16.81 38.73
C SER C 272 -5.34 18.32 38.90
N ILE C 273 -4.19 18.88 38.58
CA ILE C 273 -3.97 20.31 38.71
C ILE C 273 -4.92 21.15 37.85
N PHE C 274 -5.37 20.60 36.74
CA PHE C 274 -6.30 21.33 35.89
C PHE C 274 -7.70 21.24 36.46
N ALA C 275 -8.11 20.04 36.85
CA ALA C 275 -9.39 19.84 37.51
C ALA C 275 -9.52 20.76 38.73
N ALA C 276 -8.46 20.81 39.54
CA ALA C 276 -8.42 21.70 40.69
C ALA C 276 -8.72 23.14 40.29
N ILE C 277 -8.03 23.64 39.27
CA ILE C 277 -8.25 25.00 38.81
C ILE C 277 -9.69 25.19 38.38
N LEU C 278 -10.30 24.15 37.83
CA LEU C 278 -11.72 24.22 37.47
C LEU C 278 -12.58 24.35 38.73
N LEU C 279 -12.47 23.39 39.64
CA LEU C 279 -13.18 23.47 40.91
C LEU C 279 -12.96 24.80 41.61
N ILE C 280 -11.71 25.10 41.95
CA ILE C 280 -11.37 26.34 42.65
C ILE C 280 -12.09 27.56 42.06
N ILE C 281 -12.19 27.63 40.74
CA ILE C 281 -12.87 28.74 40.10
C ILE C 281 -14.39 28.59 40.17
N PHE C 282 -14.86 27.35 40.13
CA PHE C 282 -16.28 27.04 40.24
C PHE C 282 -16.81 27.41 41.62
N ALA C 283 -16.18 26.88 42.66
CA ALA C 283 -16.56 27.17 44.04
C ALA C 283 -16.82 28.66 44.25
N HIS C 284 -15.98 29.49 43.65
CA HIS C 284 -16.03 30.93 43.85
C HIS C 284 -17.18 31.62 43.15
N HIS C 285 -17.75 30.98 42.13
CA HIS C 285 -18.83 31.60 41.35
C HIS C 285 -20.12 30.77 41.29
N ARG C 286 -20.14 29.66 42.02
CA ARG C 286 -21.38 28.87 42.20
C ARG C 286 -21.96 29.20 43.57
N GLN C 287 -22.71 30.30 43.63
CA GLN C 287 -23.24 30.81 44.89
C GLN C 287 -24.42 31.77 44.68
N ALA C 288 -24.43 32.84 45.46
CA ALA C 288 -25.51 33.82 45.40
C ALA C 288 -25.12 35.16 46.02
N ASN C 289 -23.98 35.70 45.58
CA ASN C 289 -23.50 37.00 46.07
C ASN C 289 -22.30 37.55 45.29
N GLY C 290 -21.09 37.25 45.77
CA GLY C 290 -19.87 37.72 45.14
C GLY C 290 -18.65 36.93 45.57
N VAL C 291 -18.47 36.79 46.88
CA VAL C 291 -17.35 36.02 47.43
C VAL C 291 -17.82 34.98 48.46
N GLU C 292 -18.88 34.25 48.13
CA GLU C 292 -19.37 33.16 48.97
C GLU C 292 -18.85 31.82 48.44
N ASP C 293 -17.61 31.50 48.78
CA ASP C 293 -17.02 30.26 48.33
C ASP C 293 -17.84 29.08 48.82
N ASP C 294 -18.39 28.32 47.88
CA ASP C 294 -19.19 27.13 48.19
C ASP C 294 -18.54 26.35 49.34
N LEU C 295 -19.15 26.43 50.53
CA LEU C 295 -18.59 25.87 51.75
C LEU C 295 -18.09 24.42 51.61
N LEU C 296 -19.02 23.50 51.40
CA LEU C 296 -18.71 22.07 51.31
C LEU C 296 -17.64 21.77 50.26
N ILE C 297 -17.76 22.39 49.09
CA ILE C 297 -16.91 22.04 47.95
C ILE C 297 -15.43 22.41 48.17
N GLN C 298 -15.17 23.69 48.43
CA GLN C 298 -13.81 24.18 48.67
C GLN C 298 -13.11 23.26 49.66
N ARG C 299 -13.90 22.43 50.35
CA ARG C 299 -13.38 21.44 51.26
C ARG C 299 -13.58 20.02 50.73
N CYS C 300 -13.13 19.82 49.50
CA CYS C 300 -12.95 18.48 48.93
C CYS C 300 -11.48 18.11 49.06
N ARG C 301 -10.95 18.34 50.26
CA ARG C 301 -9.56 18.06 50.58
C ARG C 301 -9.39 16.57 50.77
N LEU C 302 -10.48 15.84 50.57
CA LEU C 302 -10.46 14.39 50.67
C LEU C 302 -11.15 13.76 49.44
N ALA C 303 -11.95 14.55 48.76
CA ALA C 303 -12.58 14.10 47.53
C ALA C 303 -11.52 13.84 46.46
N PHE C 304 -10.63 14.82 46.26
CA PHE C 304 -9.56 14.70 45.29
C PHE C 304 -8.60 13.54 45.60
N PRO C 305 -7.89 13.60 46.73
CA PRO C 305 -6.88 12.59 47.06
C PRO C 305 -7.35 11.16 46.84
N LEU C 306 -8.58 10.82 47.24
CA LEU C 306 -9.03 9.45 47.03
C LEU C 306 -9.81 9.24 45.72
N GLY C 307 -10.43 10.30 45.21
CA GLY C 307 -11.04 10.26 43.90
C GLY C 307 -9.96 10.10 42.84
N PHE C 308 -8.73 10.35 43.24
CA PHE C 308 -7.57 10.22 42.37
C PHE C 308 -6.92 8.86 42.60
N LEU C 309 -7.01 8.37 43.83
CA LEU C 309 -6.53 7.01 44.12
C LEU C 309 -7.52 5.98 43.58
N ALA C 310 -8.68 6.46 43.14
CA ALA C 310 -9.66 5.62 42.48
C ALA C 310 -9.36 5.55 40.99
N ILE C 311 -9.27 6.72 40.38
CA ILE C 311 -8.87 6.84 38.98
C ILE C 311 -7.39 6.48 38.85
N GLY C 312 -6.77 6.16 39.99
CA GLY C 312 -5.37 5.76 40.03
C GLY C 312 -5.23 4.27 40.22
N CYS C 313 -6.35 3.61 40.50
CA CYS C 313 -6.40 2.16 40.50
C CYS C 313 -7.12 1.65 39.26
N VAL C 314 -7.35 2.57 38.32
CA VAL C 314 -7.86 2.22 37.00
C VAL C 314 -6.78 2.55 35.95
N LEU C 315 -5.59 2.91 36.44
CA LEU C 315 -4.38 2.95 35.61
C LEU C 315 -3.77 1.55 35.63
N VAL C 316 -4.39 0.65 36.39
CA VAL C 316 -3.95 -0.73 36.53
C VAL C 316 -5.12 -1.70 36.33
N ILE C 317 -5.93 -1.46 35.30
CA ILE C 317 -7.03 -2.35 34.94
C ILE C 317 -6.93 -2.74 33.46
N PRO D 11 55.64 -26.94 27.19
CA PRO D 11 54.90 -25.65 27.17
C PRO D 11 55.88 -24.50 26.98
N VAL D 12 55.57 -23.55 26.12
CA VAL D 12 56.48 -22.44 25.84
C VAL D 12 56.33 -21.38 26.92
N ASP D 13 57.45 -20.91 27.45
CA ASP D 13 57.43 -19.88 28.48
C ASP D 13 57.33 -18.52 27.84
N VAL D 14 56.24 -17.82 28.13
CA VAL D 14 56.05 -16.46 27.63
C VAL D 14 56.04 -15.45 28.77
N SER D 15 56.96 -14.48 28.68
CA SER D 15 56.93 -13.37 29.64
C SER D 15 56.42 -12.10 28.99
N VAL D 16 55.48 -11.45 29.66
CA VAL D 16 54.94 -10.21 29.13
C VAL D 16 55.15 -9.05 30.08
N SER D 17 55.50 -7.92 29.49
CA SER D 17 55.44 -6.66 30.20
C SER D 17 54.35 -5.76 29.58
N ILE D 18 53.54 -5.14 30.42
CA ILE D 18 52.53 -4.17 29.97
C ILE D 18 52.82 -2.75 30.44
N PHE D 19 53.08 -1.86 29.49
CA PHE D 19 53.21 -0.43 29.80
C PHE D 19 51.88 0.32 29.67
N ILE D 20 51.42 0.91 30.76
CA ILE D 20 50.16 1.64 30.77
C ILE D 20 50.35 3.15 30.65
N ASN D 21 49.91 3.71 29.51
CA ASN D 21 50.07 5.16 29.23
C ASN D 21 48.97 6.04 29.76
N LYS D 22 47.76 5.50 29.86
CA LYS D 22 46.61 6.32 30.15
C LYS D 22 45.41 5.43 30.48
N ILE D 23 44.72 5.77 31.56
CA ILE D 23 43.44 5.17 31.86
C ILE D 23 42.42 6.29 31.92
N TYR D 24 41.39 6.20 31.10
CA TYR D 24 40.49 7.31 30.96
C TYR D 24 39.12 6.86 30.48
N GLY D 25 38.23 7.81 30.29
CA GLY D 25 36.91 7.53 29.74
C GLY D 25 36.08 6.47 30.43
N VAL D 26 35.99 6.52 31.75
CA VAL D 26 35.14 5.56 32.42
C VAL D 26 33.71 5.73 31.95
N ASN D 27 32.99 4.63 31.77
CA ASN D 27 31.59 4.67 31.41
C ASN D 27 30.80 3.94 32.46
N THR D 28 30.13 4.69 33.32
CA THR D 28 29.45 4.13 34.47
C THR D 28 28.38 3.11 34.11
N LEU D 29 27.59 3.43 33.09
CA LEU D 29 26.48 2.58 32.69
C LEU D 29 26.95 1.23 32.15
N GLU D 30 27.98 1.27 31.31
CA GLU D 30 28.58 0.06 30.74
C GLU D 30 29.60 -0.63 31.64
N GLN D 31 30.03 0.04 32.71
CA GLN D 31 31.11 -0.44 33.55
C GLN D 31 32.35 -0.76 32.70
N THR D 32 32.82 0.23 31.97
CA THR D 32 34.01 0.10 31.15
C THR D 32 34.92 1.31 31.33
N TYR D 33 36.16 1.19 30.87
CA TYR D 33 37.10 2.30 30.93
C TYR D 33 38.09 2.05 29.81
N LYS D 34 38.71 3.13 29.31
CA LYS D 34 39.65 3.02 28.21
C LYS D 34 41.10 2.92 28.71
N VAL D 35 41.91 2.03 28.11
CA VAL D 35 43.31 1.93 28.46
C VAL D 35 44.18 2.06 27.25
N ASP D 36 45.17 2.96 27.32
CA ASP D 36 46.16 3.09 26.23
C ASP D 36 47.52 2.67 26.75
N GLY D 37 48.19 1.79 26.01
CA GLY D 37 49.46 1.25 26.45
C GLY D 37 50.19 0.43 25.41
N TYR D 38 51.29 -0.19 25.84
CA TYR D 38 52.03 -1.11 25.01
C TYR D 38 51.99 -2.47 25.67
N ILE D 39 52.02 -3.52 24.86
CA ILE D 39 52.21 -4.87 25.36
C ILE D 39 53.48 -5.42 24.73
N VAL D 40 54.28 -6.08 25.54
CA VAL D 40 55.46 -6.77 25.05
C VAL D 40 55.35 -8.20 25.51
N ALA D 41 55.61 -9.14 24.60
CA ALA D 41 55.62 -10.55 24.92
C ALA D 41 56.89 -11.17 24.36
N GLN D 42 57.56 -11.97 25.20
CA GLN D 42 58.82 -12.60 24.83
C GLN D 42 58.80 -14.10 25.10
N TRP D 43 59.41 -14.86 24.18
CA TRP D 43 59.57 -16.31 24.30
C TRP D 43 60.80 -16.71 23.50
N THR D 44 61.32 -17.91 23.77
CA THR D 44 62.47 -18.40 23.02
C THR D 44 62.11 -19.60 22.12
N GLY D 45 62.57 -19.55 20.88
CA GLY D 45 62.41 -20.65 19.96
C GLY D 45 63.72 -21.16 19.36
N LYS D 46 63.63 -21.84 18.23
CA LYS D 46 64.81 -22.38 17.58
C LYS D 46 65.68 -21.25 17.03
N PRO D 47 66.97 -21.28 17.37
CA PRO D 47 67.92 -20.27 16.89
C PRO D 47 67.77 -20.04 15.39
N ARG D 48 68.29 -18.94 14.89
CA ARG D 48 67.96 -18.51 13.53
C ARG D 48 69.09 -17.72 12.91
N LYS D 49 69.16 -17.77 11.58
CA LYS D 49 70.16 -17.00 10.88
C LYS D 49 69.58 -15.62 10.57
N THR D 50 70.28 -14.58 10.99
CA THR D 50 69.82 -13.23 10.77
C THR D 50 70.92 -12.43 10.11
N PRO D 51 70.54 -11.55 9.15
CA PRO D 51 71.51 -10.69 8.46
C PRO D 51 72.53 -10.13 9.44
N GLY D 52 73.80 -10.08 9.03
CA GLY D 52 74.88 -9.85 9.96
C GLY D 52 74.79 -10.96 10.98
N ASP D 53 74.84 -10.62 12.26
CA ASP D 53 74.37 -11.54 13.27
C ASP D 53 73.67 -10.72 14.32
N LYS D 54 73.24 -9.54 13.88
CA LYS D 54 72.45 -8.63 14.67
C LYS D 54 71.02 -9.12 14.69
N PRO D 55 70.32 -8.91 15.80
CA PRO D 55 68.90 -9.30 15.81
C PRO D 55 68.13 -8.54 14.75
N LEU D 56 67.05 -9.13 14.26
CA LEU D 56 66.30 -8.62 13.13
C LEU D 56 65.00 -7.95 13.54
N ILE D 57 64.68 -6.82 12.93
CA ILE D 57 63.44 -6.11 13.27
C ILE D 57 62.41 -6.20 12.15
N VAL D 58 61.18 -6.57 12.51
CA VAL D 58 60.11 -6.76 11.54
C VAL D 58 58.88 -5.99 11.95
N GLU D 59 58.47 -5.02 11.14
CA GLU D 59 57.37 -4.12 11.52
C GLU D 59 56.07 -4.37 10.75
N ASN D 60 54.96 -4.23 11.47
CA ASN D 60 53.63 -4.19 10.85
C ASN D 60 53.28 -5.23 9.78
N THR D 61 53.06 -4.79 8.54
CA THR D 61 52.59 -5.70 7.48
C THR D 61 53.55 -6.86 7.23
N GLN D 62 54.82 -6.62 7.50
CA GLN D 62 55.84 -7.64 7.32
C GLN D 62 55.65 -8.85 8.25
N ILE D 63 55.04 -8.65 9.41
CA ILE D 63 54.90 -9.75 10.35
C ILE D 63 54.08 -10.85 9.76
N GLU D 64 53.00 -10.51 9.07
CA GLU D 64 52.17 -11.57 8.52
C GLU D 64 52.96 -12.40 7.51
N ARG D 65 53.81 -11.74 6.73
CA ARG D 65 54.63 -12.46 5.78
C ARG D 65 55.43 -13.54 6.51
N TRP D 66 56.13 -13.17 7.58
CA TRP D 66 56.89 -14.16 8.37
C TRP D 66 56.02 -15.30 8.90
N ILE D 67 54.79 -14.98 9.28
CA ILE D 67 53.89 -16.00 9.79
C ILE D 67 53.51 -17.00 8.69
N ASN D 68 53.24 -16.50 7.48
CA ASN D 68 52.98 -17.37 6.32
C ASN D 68 54.13 -18.33 6.04
N ASN D 69 55.36 -17.84 6.12
CA ASN D 69 56.53 -18.69 5.91
C ASN D 69 56.90 -19.52 7.14
N GLY D 70 55.99 -19.60 8.11
CA GLY D 70 56.17 -20.52 9.21
C GLY D 70 56.47 -19.98 10.61
N LEU D 71 56.72 -18.68 10.75
CA LEU D 71 56.98 -18.08 12.07
C LEU D 71 55.77 -18.18 13.02
N TRP D 72 56.02 -18.64 14.24
CA TRP D 72 54.95 -18.80 15.23
C TRP D 72 54.82 -17.54 16.07
N VAL D 73 53.66 -16.91 16.01
CA VAL D 73 53.39 -15.76 16.84
C VAL D 73 52.01 -15.94 17.45
N PRO D 74 51.97 -16.40 18.70
CA PRO D 74 50.69 -16.75 19.34
C PRO D 74 49.81 -15.51 19.58
N ALA D 75 48.51 -15.66 19.41
CA ALA D 75 47.60 -14.55 19.61
C ALA D 75 47.22 -14.46 21.05
N LEU D 76 47.54 -13.33 21.66
CA LEU D 76 47.16 -13.09 23.03
C LEU D 76 45.90 -12.21 23.06
N GLU D 77 44.87 -12.71 23.73
CA GLU D 77 43.59 -11.99 23.86
C GLU D 77 43.40 -11.24 25.18
N PHE D 78 42.91 -10.01 25.09
CA PHE D 78 42.46 -9.34 26.30
C PHE D 78 41.09 -9.91 26.65
N ILE D 79 41.04 -10.71 27.69
CA ILE D 79 39.81 -11.38 28.07
C ILE D 79 38.68 -10.39 28.24
N ASN D 80 38.95 -9.26 28.89
CA ASN D 80 37.89 -8.35 29.38
C ASN D 80 37.80 -7.07 28.59
N VAL D 81 38.42 -7.05 27.42
CA VAL D 81 38.20 -6.00 26.44
C VAL D 81 36.78 -6.10 25.82
N VAL D 82 36.19 -4.95 25.52
CA VAL D 82 34.88 -4.92 24.92
C VAL D 82 35.01 -4.43 23.50
N GLY D 83 34.99 -5.35 22.54
CA GLY D 83 35.28 -5.00 21.16
C GLY D 83 36.75 -5.15 20.84
N SER D 84 37.07 -5.31 19.56
CA SER D 84 38.45 -5.41 19.14
C SER D 84 39.22 -4.15 19.48
N PRO D 85 40.26 -4.28 20.30
CA PRO D 85 41.12 -3.14 20.60
C PRO D 85 41.69 -2.54 19.33
N ASP D 86 42.04 -1.27 19.40
CA ASP D 86 42.70 -0.55 18.32
C ASP D 86 44.18 -0.73 18.49
N THR D 87 44.80 -1.54 17.65
CA THR D 87 46.24 -1.68 17.79
C THR D 87 46.96 -0.86 16.73
N GLY D 88 48.00 -0.16 17.18
CA GLY D 88 48.80 0.68 16.32
C GLY D 88 49.92 -0.11 15.69
N ASN D 89 51.15 0.38 15.81
CA ASN D 89 52.30 -0.34 15.30
C ASN D 89 52.54 -1.60 16.06
N LYS D 90 53.02 -2.61 15.37
CA LYS D 90 53.51 -3.78 16.07
C LYS D 90 54.83 -4.16 15.46
N ARG D 91 55.69 -4.79 16.25
CA ARG D 91 56.96 -5.21 15.74
C ARG D 91 57.37 -6.55 16.34
N LEU D 92 58.13 -7.31 15.58
CA LEU D 92 58.80 -8.49 16.10
C LEU D 92 60.26 -8.14 16.11
N MET D 93 60.93 -8.45 17.22
CA MET D 93 62.39 -8.43 17.27
C MET D 93 62.84 -9.88 17.33
N LEU D 94 63.55 -10.31 16.28
CA LEU D 94 64.02 -11.69 16.17
C LEU D 94 65.52 -11.80 16.44
N PHE D 95 65.88 -12.40 17.56
CA PHE D 95 67.29 -12.63 17.88
C PHE D 95 67.78 -13.93 17.25
N PRO D 96 69.07 -13.97 16.88
CA PRO D 96 69.67 -15.12 16.22
C PRO D 96 69.74 -16.34 17.15
N ASP D 97 69.84 -16.09 18.45
CA ASP D 97 69.86 -17.17 19.43
C ASP D 97 68.47 -17.72 19.74
N GLY D 98 67.45 -17.21 19.06
CA GLY D 98 66.11 -17.75 19.19
C GLY D 98 65.12 -16.96 20.02
N ARG D 99 65.56 -15.87 20.62
CA ARG D 99 64.64 -14.98 21.33
C ARG D 99 63.70 -14.36 20.31
N VAL D 100 62.44 -14.23 20.69
CA VAL D 100 61.45 -13.53 19.87
C VAL D 100 60.68 -12.54 20.74
N ILE D 101 60.76 -11.26 20.40
CA ILE D 101 60.02 -10.28 21.20
C ILE D 101 58.95 -9.53 20.42
N TYR D 102 57.70 -9.72 20.82
CA TYR D 102 56.57 -9.05 20.19
C TYR D 102 56.16 -7.78 20.96
N ASN D 103 56.00 -6.69 20.22
CA ASN D 103 55.68 -5.40 20.80
C ASN D 103 54.58 -4.67 20.02
N ALA D 104 53.51 -4.30 20.69
CA ALA D 104 52.44 -3.54 20.03
C ALA D 104 51.81 -2.48 20.90
N ARG D 105 51.43 -1.39 20.24
CA ARG D 105 50.66 -0.30 20.83
C ARG D 105 49.19 -0.67 20.85
N PHE D 106 48.50 -0.40 21.95
CA PHE D 106 47.08 -0.74 21.98
C PHE D 106 46.21 0.27 22.69
N LEU D 107 44.99 0.40 22.24
CA LEU D 107 43.99 1.20 22.92
C LEU D 107 42.72 0.41 22.94
N GLY D 108 42.19 0.14 24.13
CA GLY D 108 41.02 -0.71 24.23
C GLY D 108 40.03 -0.26 25.29
N SER D 109 38.81 -0.76 25.16
CA SER D 109 37.82 -0.54 26.17
C SER D 109 37.74 -1.78 27.02
N PHE D 110 38.00 -1.63 28.32
CA PHE D 110 38.02 -2.78 29.21
C PHE D 110 36.88 -2.75 30.21
N SER D 111 36.41 -3.95 30.54
CA SER D 111 35.26 -4.14 31.40
C SER D 111 35.71 -4.63 32.75
N ASN D 112 34.96 -4.22 33.78
CA ASN D 112 35.09 -4.80 35.09
C ASN D 112 33.85 -4.56 35.91
N ASP D 113 33.67 -5.34 36.96
CA ASP D 113 32.59 -5.06 37.89
C ASP D 113 32.91 -3.72 38.55
N MET D 114 31.95 -2.81 38.53
CA MET D 114 32.19 -1.48 39.08
C MET D 114 31.00 -1.03 39.93
N ASP D 115 31.27 -0.77 41.20
CA ASP D 115 30.24 -0.38 42.15
C ASP D 115 30.32 1.13 42.39
N PHE D 116 29.36 1.88 41.88
CA PHE D 116 29.39 3.34 41.99
C PHE D 116 28.44 3.83 43.07
N ARG D 117 28.00 2.92 43.92
CA ARG D 117 27.04 3.25 44.98
C ARG D 117 27.51 4.32 45.97
N LEU D 118 28.76 4.25 46.44
CA LEU D 118 29.26 5.32 47.29
C LEU D 118 29.80 6.48 46.49
N PHE D 119 28.99 7.02 45.57
CA PHE D 119 29.52 8.04 44.67
C PHE D 119 30.23 9.17 45.42
N PRO D 120 30.44 10.30 44.78
CA PRO D 120 31.71 11.05 44.74
C PRO D 120 32.90 10.37 45.44
N PHE D 121 32.66 9.41 46.32
CA PHE D 121 33.70 8.85 47.16
C PHE D 121 33.98 7.39 46.86
N ASP D 122 33.72 6.98 45.62
CA ASP D 122 33.90 5.59 45.23
C ASP D 122 35.37 5.25 44.93
N ARG D 123 35.72 3.99 45.13
CA ARG D 123 37.01 3.51 44.66
C ARG D 123 36.82 2.32 43.73
N GLN D 124 37.59 2.30 42.66
CA GLN D 124 37.44 1.30 41.62
C GLN D 124 38.78 0.64 41.40
N GLN D 125 38.76 -0.51 40.76
CA GLN D 125 40.02 -1.03 40.22
C GLN D 125 39.91 -1.26 38.72
N PHE D 126 40.89 -0.72 38.01
CA PHE D 126 41.00 -0.90 36.59
C PHE D 126 41.82 -2.17 36.39
N VAL D 127 41.23 -3.19 35.82
CA VAL D 127 41.97 -4.40 35.57
C VAL D 127 42.16 -4.74 34.09
N LEU D 128 43.26 -5.42 33.77
CA LEU D 128 43.46 -6.07 32.49
C LEU D 128 43.55 -7.56 32.69
N GLU D 129 42.96 -8.33 31.78
CA GLU D 129 43.07 -9.80 31.81
C GLU D 129 43.56 -10.32 30.45
N LEU D 130 44.65 -11.09 30.46
CA LEU D 130 45.31 -11.59 29.24
C LEU D 130 45.37 -13.09 29.27
N GLU D 131 44.82 -13.73 28.23
CA GLU D 131 44.98 -15.18 28.00
C GLU D 131 45.41 -15.43 26.59
N PRO D 132 46.19 -16.48 26.36
CA PRO D 132 46.46 -16.85 24.97
C PRO D 132 45.15 -17.31 24.35
N PHE D 133 44.92 -17.05 23.06
CA PHE D 133 43.60 -17.29 22.49
C PHE D 133 43.30 -18.75 22.19
N SER D 134 44.30 -19.46 21.69
CA SER D 134 44.09 -20.80 21.20
C SER D 134 44.88 -21.85 21.97
N TYR D 135 45.99 -21.43 22.56
CA TYR D 135 46.95 -22.35 23.16
C TYR D 135 46.78 -22.50 24.66
N ASN D 136 46.28 -23.64 25.10
CA ASN D 136 46.34 -24.00 26.51
C ASN D 136 47.77 -24.42 26.82
N ASN D 137 48.44 -24.98 25.81
CA ASN D 137 49.77 -25.61 25.85
C ASN D 137 50.98 -24.64 25.77
N GLN D 138 50.79 -23.48 26.35
CA GLN D 138 51.83 -22.49 26.43
C GLN D 138 51.52 -21.55 27.60
N GLN D 139 52.57 -21.14 28.33
CA GLN D 139 52.41 -20.61 29.71
C GLN D 139 53.06 -19.24 30.01
N LEU D 140 52.35 -18.40 30.75
CA LEU D 140 52.91 -17.10 31.08
C LEU D 140 53.85 -17.27 32.26
N ARG D 141 55.10 -16.92 32.01
CA ARG D 141 56.15 -17.16 32.95
C ARG D 141 56.16 -16.06 34.00
N PHE D 142 56.15 -14.81 33.54
CA PHE D 142 55.98 -13.69 34.47
C PHE D 142 55.33 -12.42 33.90
N SER D 143 54.73 -11.63 34.78
CA SER D 143 54.12 -10.36 34.39
C SER D 143 54.75 -9.13 35.03
N ASP D 144 55.11 -8.15 34.22
CA ASP D 144 55.56 -6.86 34.73
C ASP D 144 54.76 -5.65 34.17
N ILE D 145 54.00 -4.95 35.00
CA ILE D 145 53.37 -3.72 34.51
C ILE D 145 54.14 -2.45 34.90
N GLN D 146 54.40 -1.61 33.91
CA GLN D 146 55.14 -0.38 34.15
C GLN D 146 54.10 0.76 34.04
N VAL D 147 53.42 1.06 35.15
CA VAL D 147 52.46 2.15 35.20
C VAL D 147 53.18 3.42 35.59
N TYR D 148 54.28 3.70 34.88
CA TYR D 148 55.16 4.79 35.24
C TYR D 148 54.55 6.17 34.92
N THR D 149 53.29 6.31 35.30
CA THR D 149 52.71 7.63 35.42
C THR D 149 53.43 8.21 36.64
N GLU D 150 52.75 8.24 37.78
CA GLU D 150 53.35 8.72 39.03
C GLU D 150 52.27 8.81 40.10
N ASN D 151 52.68 8.75 41.36
CA ASN D 151 51.73 8.82 42.47
C ASN D 151 51.32 10.26 42.84
N ILE D 152 51.99 10.82 43.84
CA ILE D 152 51.66 12.16 44.34
C ILE D 152 52.27 13.26 43.45
N ASP D 153 51.48 13.76 42.51
CA ASP D 153 51.94 14.77 41.56
C ASP D 153 50.73 15.54 41.04
N ASN D 154 50.56 15.54 39.72
CA ASN D 154 49.30 15.98 39.11
C ASN D 154 48.20 15.00 39.49
N GLU D 155 47.26 15.46 40.31
CA GLU D 155 46.14 14.63 40.71
C GLU D 155 44.88 15.49 40.71
N GLU D 156 45.07 16.73 41.13
CA GLU D 156 43.99 17.71 41.19
C GLU D 156 43.76 18.24 39.79
N ILE D 157 44.61 17.82 38.86
CA ILE D 157 44.41 18.05 37.43
C ILE D 157 43.68 16.86 36.81
N ASP D 158 43.76 15.73 37.50
CA ASP D 158 43.20 14.46 37.03
C ASP D 158 41.95 14.04 37.81
N GLU D 159 41.09 13.29 37.12
CA GLU D 159 39.83 12.83 37.70
C GLU D 159 40.04 11.75 38.74
N TRP D 160 40.96 10.82 38.43
CA TRP D 160 41.23 9.66 39.29
C TRP D 160 42.62 9.70 39.93
N TRP D 161 42.70 9.30 41.19
CA TRP D 161 43.98 9.18 41.91
C TRP D 161 44.39 7.73 42.12
N ILE D 162 45.55 7.36 41.61
CA ILE D 162 46.03 5.99 41.67
C ILE D 162 46.70 5.66 43.02
N ARG D 163 46.24 4.61 43.71
CA ARG D 163 46.96 4.06 44.86
C ARG D 163 48.33 3.43 44.50
N GLY D 164 48.44 2.78 43.32
CA GLY D 164 49.69 2.36 42.68
C GLY D 164 50.65 1.52 43.49
N LYS D 165 51.71 0.97 42.91
CA LYS D 165 51.78 0.58 41.51
C LYS D 165 50.85 -0.60 41.34
N ALA D 166 50.75 -1.13 40.12
CA ALA D 166 49.78 -2.19 39.88
C ALA D 166 50.20 -3.53 40.44
N SER D 167 49.22 -4.29 40.91
CA SER D 167 49.46 -5.66 41.34
C SER D 167 49.13 -6.67 40.21
N THR D 168 49.87 -7.78 40.17
CA THR D 168 49.73 -8.78 39.12
C THR D 168 49.44 -10.16 39.70
N HIS D 169 48.90 -11.04 38.87
CA HIS D 169 48.56 -12.40 39.29
C HIS D 169 48.47 -13.34 38.08
N ILE D 170 49.50 -14.19 37.89
CA ILE D 170 49.44 -15.27 36.91
C ILE D 170 48.71 -16.46 37.52
N SER D 171 47.74 -17.00 36.80
CA SER D 171 46.99 -18.14 37.31
C SER D 171 46.54 -19.09 36.19
N ASP D 172 45.75 -20.10 36.55
CA ASP D 172 45.29 -21.06 35.57
C ASP D 172 43.78 -21.15 35.58
N ILE D 173 43.18 -20.96 34.40
CA ILE D 173 41.74 -20.95 34.31
C ILE D 173 41.28 -22.22 33.62
N ARG D 174 40.25 -22.83 34.15
CA ARG D 174 39.72 -24.07 33.60
C ARG D 174 38.52 -23.79 32.71
N TYR D 175 38.60 -24.23 31.45
CA TYR D 175 37.46 -24.15 30.54
C TYR D 175 36.89 -25.54 30.33
N ASP D 176 35.81 -25.85 31.04
CA ASP D 176 35.22 -27.19 31.04
C ASP D 176 34.46 -27.54 29.78
N HIS D 177 33.94 -26.54 29.08
CA HIS D 177 33.13 -26.80 27.90
C HIS D 177 33.81 -26.37 26.60
N LEU D 178 35.13 -26.53 26.57
CA LEU D 178 35.90 -26.13 25.42
C LEU D 178 36.86 -27.26 25.05
N SER D 179 36.56 -27.96 23.96
CA SER D 179 37.42 -29.04 23.49
C SER D 179 38.83 -28.53 23.24
N SER D 180 39.83 -29.33 23.59
CA SER D 180 41.22 -28.92 23.45
C SER D 180 42.07 -29.92 22.66
N VAL D 181 43.29 -29.52 22.36
CA VAL D 181 44.22 -30.35 21.62
C VAL D 181 44.26 -31.79 22.13
N GLN D 182 44.59 -31.99 23.41
CA GLN D 182 44.55 -33.32 24.01
C GLN D 182 43.32 -33.45 24.90
N PRO D 183 42.96 -34.69 25.28
CA PRO D 183 41.70 -34.92 26.01
C PRO D 183 41.74 -34.44 27.47
N ASN D 184 42.93 -34.40 28.06
CA ASN D 184 43.08 -34.02 29.46
C ASN D 184 43.20 -32.51 29.69
N GLN D 185 43.99 -31.87 28.84
CA GLN D 185 44.46 -30.50 29.07
C GLN D 185 43.50 -29.36 28.66
N ASN D 186 42.76 -28.84 29.63
CA ASN D 186 41.84 -27.75 29.37
C ASN D 186 41.99 -26.57 30.34
N GLU D 187 43.24 -26.18 30.58
CA GLU D 187 43.51 -24.99 31.38
C GLU D 187 44.32 -23.93 30.59
N PHE D 188 43.93 -22.68 30.75
CA PHE D 188 44.68 -21.61 30.13
C PHE D 188 45.43 -20.77 31.15
N SER D 189 46.60 -20.29 30.75
CA SER D 189 47.42 -19.38 31.52
C SER D 189 46.85 -17.98 31.40
N ARG D 190 46.50 -17.37 32.53
CA ARG D 190 45.99 -16.00 32.52
C ARG D 190 46.79 -15.03 33.38
N ILE D 191 47.17 -13.91 32.76
CA ILE D 191 47.69 -12.76 33.49
C ILE D 191 46.56 -11.81 33.91
N THR D 192 46.57 -11.38 35.16
CA THR D 192 45.60 -10.38 35.61
C THR D 192 46.31 -9.18 36.27
N VAL D 193 46.13 -8.00 35.70
CA VAL D 193 46.71 -6.79 36.27
C VAL D 193 45.63 -5.98 36.97
N ARG D 194 45.94 -5.45 38.15
CA ARG D 194 44.97 -4.61 38.85
C ARG D 194 45.58 -3.30 39.28
N ILE D 195 44.84 -2.23 39.08
CA ILE D 195 45.30 -0.91 39.47
C ILE D 195 44.20 -0.31 40.29
N ASP D 196 44.52 0.10 41.51
CA ASP D 196 43.51 0.68 42.39
C ASP D 196 43.43 2.18 42.27
N ALA D 197 42.25 2.73 42.47
CA ALA D 197 42.06 4.16 42.26
C ALA D 197 40.92 4.69 43.09
N VAL D 198 41.08 5.92 43.57
CA VAL D 198 40.01 6.64 44.24
C VAL D 198 39.60 7.85 43.44
N ARG D 199 38.33 8.23 43.53
CA ARG D 199 37.83 9.34 42.75
C ARG D 199 38.18 10.67 43.42
N ASN D 200 38.53 11.65 42.60
CA ASN D 200 38.79 13.01 43.08
C ASN D 200 37.48 13.74 43.42
N PRO D 201 37.06 13.67 44.68
CA PRO D 201 35.72 14.06 45.15
C PRO D 201 35.52 15.55 45.28
N SER D 202 36.54 16.36 44.99
CA SER D 202 36.45 17.80 45.21
C SER D 202 35.26 18.40 44.47
N TYR D 203 35.30 18.38 43.13
CA TYR D 203 34.29 19.04 42.33
C TYR D 203 32.88 18.79 42.88
N TYR D 204 32.61 17.56 43.29
CA TYR D 204 31.24 17.18 43.64
C TYR D 204 30.87 17.69 45.02
N LEU D 205 31.86 17.76 45.90
CA LEU D 205 31.62 18.31 47.22
C LEU D 205 31.24 19.78 47.14
N TRP D 206 32.09 20.56 46.49
CA TRP D 206 31.89 22.00 46.36
C TRP D 206 30.80 22.45 45.39
N SER D 207 30.56 21.70 44.33
CA SER D 207 29.60 22.14 43.33
C SER D 207 28.25 21.45 43.40
N PHE D 208 28.14 20.37 44.17
CA PHE D 208 26.87 19.67 44.28
C PHE D 208 26.42 19.45 45.70
N ILE D 209 27.24 18.76 46.48
CA ILE D 209 26.85 18.45 47.86
C ILE D 209 26.65 19.69 48.73
N LEU D 210 27.57 20.64 48.68
CA LEU D 210 27.42 21.89 49.42
C LEU D 210 26.11 22.61 49.08
N PRO D 211 25.98 23.10 47.84
CA PRO D 211 24.72 23.80 47.54
C PRO D 211 23.46 22.99 47.85
N LEU D 212 23.51 21.68 47.70
CA LEU D 212 22.33 20.89 48.04
C LEU D 212 22.00 21.11 49.50
N GLY D 213 23.03 21.08 50.35
CA GLY D 213 22.89 21.33 51.77
C GLY D 213 22.29 22.70 52.07
N LEU D 214 22.96 23.75 51.60
CA LEU D 214 22.41 25.11 51.67
C LEU D 214 20.93 25.16 51.33
N ILE D 215 20.56 24.64 50.16
CA ILE D 215 19.16 24.63 49.74
C ILE D 215 18.27 23.85 50.68
N ILE D 216 18.73 22.72 51.16
CA ILE D 216 17.94 21.94 52.11
C ILE D 216 17.78 22.72 53.42
N ALA D 217 18.87 23.29 53.92
CA ALA D 217 18.82 24.11 55.13
C ALA D 217 17.84 25.25 54.99
N ALA D 218 18.08 26.11 54.01
CA ALA D 218 17.20 27.22 53.71
C ALA D 218 15.73 26.80 53.62
N SER D 219 15.46 25.57 53.22
CA SER D 219 14.10 25.08 53.16
C SER D 219 13.46 25.11 54.56
N TRP D 220 14.30 24.93 55.58
CA TRP D 220 13.85 24.88 56.97
C TRP D 220 13.43 26.25 57.49
N SER D 221 14.02 27.30 56.92
CA SER D 221 13.66 28.65 57.29
C SER D 221 12.19 28.98 56.93
N VAL D 222 11.43 27.98 56.53
CA VAL D 222 10.04 28.20 56.22
C VAL D 222 9.28 28.43 57.53
N PHE D 223 9.75 27.80 58.59
CA PHE D 223 9.07 27.88 59.87
C PHE D 223 9.20 29.24 60.55
N TRP D 224 10.05 30.10 60.02
CA TRP D 224 10.26 31.43 60.59
C TRP D 224 9.39 32.45 59.88
N LEU D 225 8.43 31.97 59.12
CA LEU D 225 7.47 32.84 58.47
C LEU D 225 6.28 33.03 59.39
N GLU D 226 5.71 34.24 59.38
CA GLU D 226 4.66 34.60 60.33
C GLU D 226 3.32 33.96 60.01
N SER D 227 2.84 34.20 58.79
CA SER D 227 1.54 33.70 58.37
C SER D 227 1.55 32.21 58.01
N PHE D 228 0.40 31.55 58.17
CA PHE D 228 0.23 30.20 57.65
C PHE D 228 0.24 30.25 56.13
N SER D 229 -0.53 31.17 55.56
CA SER D 229 -0.52 31.39 54.12
C SER D 229 0.89 31.54 53.57
N GLU D 230 1.72 32.35 54.23
CA GLU D 230 3.11 32.53 53.82
C GLU D 230 3.88 31.20 53.86
N ARG D 231 3.68 30.44 54.93
CA ARG D 231 4.41 29.19 55.10
C ARG D 231 4.08 28.14 54.05
N LEU D 232 2.80 27.92 53.80
CA LEU D 232 2.38 26.90 52.84
C LEU D 232 2.75 27.29 51.42
N GLN D 233 2.46 28.53 51.06
CA GLN D 233 2.73 29.00 49.70
C GLN D 233 4.21 28.93 49.36
N THR D 234 5.06 29.38 50.29
CA THR D 234 6.50 29.31 50.09
C THR D 234 6.99 27.87 49.91
N SER D 235 6.37 26.93 50.61
CA SER D 235 6.70 25.52 50.50
C SER D 235 6.71 25.03 49.03
N PHE D 236 5.71 25.43 48.25
CA PHE D 236 5.63 25.02 46.86
C PHE D 236 6.79 25.55 46.01
N THR D 237 7.32 26.71 46.36
CA THR D 237 8.51 27.22 45.69
C THR D 237 9.78 26.43 46.07
N LEU D 238 9.91 26.03 47.33
CA LEU D 238 11.00 25.16 47.74
C LEU D 238 10.93 23.80 47.03
N MET D 239 9.69 23.31 46.86
CA MET D 239 9.42 22.09 46.09
C MET D 239 10.00 22.21 44.68
N LEU D 240 9.59 23.25 43.97
CA LEU D 240 10.09 23.52 42.62
C LEU D 240 11.60 23.60 42.59
N THR D 241 12.19 24.16 43.64
CA THR D 241 13.64 24.29 43.70
C THR D 241 14.35 22.95 43.78
N VAL D 242 13.85 22.05 44.61
CA VAL D 242 14.41 20.71 44.69
C VAL D 242 14.31 20.00 43.32
N VAL D 243 13.15 20.07 42.68
CA VAL D 243 12.99 19.52 41.35
C VAL D 243 14.03 20.09 40.39
N ALA D 244 14.11 21.41 40.26
CA ALA D 244 15.16 21.98 39.41
C ALA D 244 16.51 21.41 39.79
N TYR D 245 16.77 21.27 41.07
CA TYR D 245 18.07 20.77 41.49
C TYR D 245 18.30 19.30 41.14
N ALA D 246 17.27 18.48 41.27
CA ALA D 246 17.33 17.09 40.86
C ALA D 246 17.62 16.99 39.36
N PHE D 247 16.95 17.81 38.58
CA PHE D 247 17.17 17.88 37.14
C PHE D 247 18.65 18.16 36.90
N TYR D 248 19.11 19.31 37.37
CA TYR D 248 20.51 19.73 37.28
C TYR D 248 21.48 18.63 37.72
N THR D 249 21.19 18.07 38.89
CA THR D 249 22.01 17.01 39.41
C THR D 249 22.06 15.81 38.46
N SER D 250 20.90 15.38 37.95
CA SER D 250 20.80 14.18 37.12
C SER D 250 21.40 14.35 35.75
N ASN D 251 21.23 15.53 35.16
CA ASN D 251 21.71 15.74 33.81
C ASN D 251 23.23 15.86 33.75
N ILE D 252 23.84 16.22 34.87
CA ILE D 252 25.29 16.43 34.92
C ILE D 252 26.11 15.28 35.52
N LEU D 253 25.57 14.59 36.53
CA LEU D 253 26.23 13.43 37.13
C LEU D 253 26.14 12.14 36.27
N PRO D 254 27.06 11.20 36.49
CA PRO D 254 27.12 9.96 35.71
C PRO D 254 25.84 9.13 35.85
N ARG D 255 25.39 8.52 34.77
CA ARG D 255 24.17 7.73 34.81
C ARG D 255 24.41 6.41 35.52
N LEU D 256 23.45 5.98 36.32
CA LEU D 256 23.58 4.71 37.02
C LEU D 256 22.22 4.04 37.14
N PRO D 257 22.21 2.74 37.44
CA PRO D 257 20.95 2.01 37.57
C PRO D 257 20.50 1.98 39.02
N TYR D 258 21.19 2.72 39.89
CA TYR D 258 20.90 2.72 41.31
C TYR D 258 21.14 4.11 41.91
N THR D 259 20.75 4.29 43.17
CA THR D 259 20.86 5.58 43.82
C THR D 259 22.22 5.78 44.44
N THR D 260 22.77 6.96 44.27
CA THR D 260 24.01 7.35 44.93
C THR D 260 23.69 8.13 46.21
N VAL D 261 24.72 8.54 46.94
CA VAL D 261 24.49 9.30 48.15
C VAL D 261 23.82 10.63 47.83
N ILE D 262 24.32 11.30 46.79
CA ILE D 262 23.69 12.53 46.30
C ILE D 262 22.20 12.33 45.97
N ASP D 263 21.88 11.21 45.32
CA ASP D 263 20.49 10.90 44.98
C ASP D 263 19.64 10.86 46.24
N GLN D 264 20.16 10.24 47.29
CA GLN D 264 19.46 10.15 48.57
C GLN D 264 19.22 11.53 49.20
N MET D 265 20.27 12.34 49.27
CA MET D 265 20.11 13.71 49.75
C MET D 265 18.94 14.40 49.03
N ILE D 266 18.93 14.32 47.71
CA ILE D 266 17.83 14.88 46.94
C ILE D 266 16.49 14.35 47.44
N ILE D 267 16.40 13.04 47.64
CA ILE D 267 15.16 12.44 48.10
C ILE D 267 14.80 12.95 49.49
N ALA D 268 15.80 13.08 50.35
CA ALA D 268 15.61 13.67 51.67
C ALA D 268 15.02 15.08 51.57
N GLY D 269 15.66 15.94 50.78
CA GLY D 269 15.12 17.26 50.49
C GLY D 269 13.63 17.23 50.15
N TYR D 270 13.25 16.39 49.19
CA TYR D 270 11.85 16.19 48.86
C TYR D 270 11.01 15.84 50.08
N GLY D 271 11.52 14.92 50.90
CA GLY D 271 10.79 14.44 52.05
C GLY D 271 10.63 15.49 53.13
N SER D 272 11.71 16.17 53.45
CA SER D 272 11.67 17.27 54.39
C SER D 272 10.57 18.25 53.98
N ILE D 273 10.62 18.71 52.74
CA ILE D 273 9.66 19.68 52.25
C ILE D 273 8.21 19.18 52.29
N PHE D 274 8.03 17.88 52.17
CA PHE D 274 6.69 17.32 52.23
C PHE D 274 6.21 17.23 53.67
N ALA D 275 7.10 16.75 54.55
CA ALA D 275 6.81 16.71 55.99
C ALA D 275 6.44 18.09 56.49
N ALA D 276 7.22 19.09 56.09
CA ALA D 276 6.93 20.48 56.39
C ALA D 276 5.49 20.86 55.98
N ILE D 277 5.15 20.57 54.75
CA ILE D 277 3.80 20.86 54.28
C ILE D 277 2.74 20.16 55.12
N LEU D 278 3.02 18.95 55.58
CA LEU D 278 2.12 18.26 56.49
C LEU D 278 1.98 19.00 57.81
N LEU D 279 3.10 19.21 58.53
CA LEU D 279 3.08 19.99 59.77
C LEU D 279 2.40 21.35 59.62
N ILE D 280 2.93 22.18 58.72
CA ILE D 280 2.38 23.50 58.48
C ILE D 280 0.84 23.50 58.38
N ILE D 281 0.29 22.50 57.72
CA ILE D 281 -1.15 22.39 57.56
C ILE D 281 -1.79 21.87 58.84
N PHE D 282 -1.07 21.00 59.54
CA PHE D 282 -1.54 20.42 60.79
C PHE D 282 -1.64 21.47 61.88
N ALA D 283 -0.54 22.18 62.11
CA ALA D 283 -0.52 23.28 63.07
C ALA D 283 -1.75 24.17 62.95
N HIS D 284 -2.15 24.45 61.73
CA HIS D 284 -3.24 25.38 61.45
C HIS D 284 -4.64 24.84 61.75
N HIS D 285 -4.77 23.51 61.85
CA HIS D 285 -6.08 22.90 62.08
C HIS D 285 -6.11 21.95 63.29
N ARG D 286 -5.02 21.90 64.04
CA ARG D 286 -5.01 21.20 65.32
C ARG D 286 -5.12 22.22 66.45
N GLN D 287 -6.34 22.63 66.73
CA GLN D 287 -6.60 23.67 67.71
C GLN D 287 -8.03 23.66 68.24
N ALA D 288 -8.64 24.84 68.36
CA ALA D 288 -9.98 24.96 68.91
C ALA D 288 -10.61 26.31 68.55
N ASN D 289 -10.59 26.66 67.27
CA ASN D 289 -11.19 27.91 66.80
C ASN D 289 -11.25 28.03 65.28
N GLY D 290 -10.23 28.64 64.68
CA GLY D 290 -10.16 28.83 63.24
C GLY D 290 -8.77 29.14 62.74
N VAL D 291 -8.11 30.11 63.37
CA VAL D 291 -6.75 30.49 63.02
C VAL D 291 -5.84 30.54 64.26
N GLU D 292 -5.95 29.53 65.12
CA GLU D 292 -5.06 29.40 66.27
C GLU D 292 -3.93 28.44 65.94
N ASP D 293 -2.90 28.95 65.26
CA ASP D 293 -1.75 28.12 64.91
C ASP D 293 -1.10 27.57 66.17
N ASP D 294 -1.10 26.24 66.31
CA ASP D 294 -0.48 25.55 67.44
C ASP D 294 0.85 26.21 67.80
N LEU D 295 0.85 26.97 68.89
CA LEU D 295 2.01 27.77 69.29
C LEU D 295 3.34 27.02 69.24
N LEU D 296 3.50 26.05 70.13
CA LEU D 296 4.75 25.30 70.26
C LEU D 296 5.20 24.71 68.91
N ILE D 297 4.27 24.11 68.18
CA ILE D 297 4.62 23.33 66.99
C ILE D 297 5.17 24.20 65.84
N GLN D 298 4.39 25.19 65.40
CA GLN D 298 4.81 26.10 64.34
C GLN D 298 6.24 26.57 64.60
N ARG D 299 6.71 26.38 65.82
CA ARG D 299 8.07 26.72 66.21
C ARG D 299 8.91 25.49 66.48
N CYS D 300 8.89 24.57 65.51
CA CYS D 300 9.81 23.45 65.45
C CYS D 300 10.91 23.85 64.48
N ARG D 301 11.41 25.06 64.66
CA ARG D 301 12.46 25.61 63.83
C ARG D 301 13.78 24.98 64.22
N LEU D 302 13.71 24.07 65.18
CA LEU D 302 14.90 23.37 65.63
C LEU D 302 14.63 21.88 65.66
N ALA D 303 13.35 21.51 65.70
CA ALA D 303 12.96 20.11 65.64
C ALA D 303 13.35 19.49 64.29
N PHE D 304 12.99 20.18 63.20
CA PHE D 304 13.33 19.73 61.86
C PHE D 304 14.85 19.65 61.61
N PRO D 305 15.54 20.81 61.64
CA PRO D 305 16.97 20.82 61.34
C PRO D 305 17.77 19.68 62.01
N LEU D 306 17.53 19.40 63.29
CA LEU D 306 18.31 18.34 63.94
C LEU D 306 17.62 16.98 63.88
N GLY D 307 16.30 16.97 63.75
CA GLY D 307 15.58 15.74 63.53
C GLY D 307 15.92 15.19 62.17
N PHE D 308 16.50 16.06 61.34
CA PHE D 308 16.92 15.70 59.99
C PHE D 308 18.39 15.34 60.02
N LEU D 309 19.16 15.99 60.90
CA LEU D 309 20.55 15.62 61.09
C LEU D 309 20.66 14.32 61.86
N ALA D 310 19.53 13.85 62.37
CA ALA D 310 19.46 12.55 63.02
C ALA D 310 19.17 11.48 61.96
N ILE D 311 18.09 11.68 61.22
CA ILE D 311 17.74 10.82 60.10
C ILE D 311 18.75 11.04 58.97
N GLY D 312 19.72 11.92 59.22
CA GLY D 312 20.77 12.20 58.27
C GLY D 312 22.06 11.55 58.70
N CYS D 313 22.09 11.03 59.91
CA CYS D 313 23.22 10.23 60.37
C CYS D 313 22.81 8.76 60.39
N VAL D 314 21.66 8.48 59.78
CA VAL D 314 21.24 7.11 59.54
C VAL D 314 21.20 6.85 58.03
N LEU D 315 21.71 7.82 57.27
CA LEU D 315 22.03 7.61 55.85
C LEU D 315 23.45 7.05 55.79
N VAL D 316 24.08 6.94 56.96
CA VAL D 316 25.44 6.43 57.08
C VAL D 316 25.52 5.35 58.16
N ILE D 317 24.56 4.43 58.15
CA ILE D 317 24.56 3.29 59.06
C ILE D 317 24.40 1.97 58.30
N PRO E 11 74.15 4.95 12.68
CA PRO E 11 72.77 5.40 12.85
C PRO E 11 72.31 6.23 11.65
N VAL E 12 71.11 5.95 11.14
CA VAL E 12 70.59 6.70 9.99
C VAL E 12 70.04 8.07 10.40
N ASP E 13 70.45 9.10 9.66
CA ASP E 13 69.97 10.45 9.93
C ASP E 13 68.63 10.68 9.26
N VAL E 14 67.59 10.88 10.07
CA VAL E 14 66.27 11.18 9.53
C VAL E 14 65.86 12.61 9.87
N SER E 15 65.58 13.41 8.84
CA SER E 15 65.02 14.73 9.09
C SER E 15 63.53 14.78 8.76
N VAL E 16 62.75 15.37 9.66
CA VAL E 16 61.33 15.44 9.46
C VAL E 16 60.83 16.87 9.49
N SER E 17 59.89 17.15 8.61
CA SER E 17 59.11 18.35 8.66
C SER E 17 57.64 17.99 8.89
N ILE E 18 57.00 18.73 9.80
CA ILE E 18 55.58 18.54 10.09
C ILE E 18 54.79 19.78 9.70
N PHE E 19 53.87 19.64 8.77
CA PHE E 19 52.96 20.72 8.41
C PHE E 19 51.65 20.57 9.17
N ILE E 20 51.30 21.60 9.95
CA ILE E 20 50.06 21.56 10.71
C ILE E 20 48.92 22.36 10.05
N ASN E 21 47.88 21.66 9.63
CA ASN E 21 46.76 22.29 8.93
C ASN E 21 45.66 22.82 9.85
N LYS E 22 45.46 22.16 10.98
CA LYS E 22 44.27 22.42 11.78
C LYS E 22 44.43 21.80 13.17
N ILE E 23 44.16 22.60 14.20
CA ILE E 23 44.11 22.08 15.55
C ILE E 23 42.72 22.40 16.06
N TYR E 24 41.98 21.37 16.45
CA TYR E 24 40.58 21.53 16.76
C TYR E 24 40.09 20.42 17.67
N GLY E 25 38.81 20.45 18.00
CA GLY E 25 38.21 19.39 18.79
C GLY E 25 38.80 19.14 20.16
N VAL E 26 39.17 20.18 20.90
CA VAL E 26 39.64 19.91 22.26
C VAL E 26 38.59 19.19 23.08
N ASN E 27 39.00 18.14 23.79
CA ASN E 27 38.13 17.44 24.74
C ASN E 27 38.66 17.59 26.15
N THR E 28 38.01 18.42 26.94
CA THR E 28 38.53 18.77 28.25
C THR E 28 38.61 17.60 29.21
N LEU E 29 37.63 16.70 29.12
CA LEU E 29 37.59 15.56 30.01
C LEU E 29 38.72 14.57 29.76
N GLU E 30 38.97 14.31 28.48
CA GLU E 30 40.01 13.40 28.04
C GLU E 30 41.40 14.04 27.95
N GLN E 31 41.43 15.36 27.99
CA GLN E 31 42.65 16.13 27.78
C GLN E 31 43.26 15.75 26.43
N THR E 32 42.45 15.82 25.38
CA THR E 32 42.94 15.53 24.04
C THR E 32 42.56 16.65 23.09
N TYR E 33 43.08 16.60 21.86
CA TYR E 33 42.76 17.59 20.82
C TYR E 33 43.10 16.94 19.49
N LYS E 34 42.46 17.39 18.43
CA LYS E 34 42.65 16.82 17.10
C LYS E 34 43.63 17.65 16.28
N VAL E 35 44.53 16.98 15.56
CA VAL E 35 45.45 17.69 14.70
C VAL E 35 45.44 17.07 13.33
N ASP E 36 45.32 17.91 12.32
CA ASP E 36 45.36 17.45 10.94
C ASP E 36 46.58 18.10 10.31
N GLY E 37 47.34 17.30 9.57
CA GLY E 37 48.57 17.78 8.97
C GLY E 37 49.25 16.77 8.07
N TYR E 38 50.43 17.13 7.62
CA TYR E 38 51.26 16.22 6.85
C TYR E 38 52.53 15.97 7.63
N ILE E 39 53.08 14.78 7.45
CA ILE E 39 54.42 14.50 7.95
C ILE E 39 55.30 14.18 6.75
N VAL E 40 56.52 14.67 6.82
CA VAL E 40 57.51 14.33 5.82
C VAL E 40 58.75 13.88 6.53
N ALA E 41 59.32 12.78 6.06
CA ALA E 41 60.53 12.24 6.65
C ALA E 41 61.52 11.92 5.54
N GLN E 42 62.77 12.33 5.73
CA GLN E 42 63.80 12.11 4.72
C GLN E 42 65.04 11.46 5.32
N TRP E 43 65.64 10.58 4.52
CA TRP E 43 66.88 9.92 4.89
C TRP E 43 67.58 9.47 3.61
N THR E 44 68.89 9.20 3.72
CA THR E 44 69.64 8.75 2.55
C THR E 44 70.13 7.31 2.70
N GLY E 45 69.95 6.55 1.62
CA GLY E 45 70.35 5.15 1.56
C GLY E 45 71.21 4.86 0.34
N LYS E 46 71.32 3.59 -0.02
CA LYS E 46 72.17 3.19 -1.15
C LYS E 46 71.57 3.65 -2.45
N PRO E 47 72.38 4.33 -3.28
CA PRO E 47 71.92 4.84 -4.58
C PRO E 47 71.17 3.76 -5.36
N ARG E 48 70.38 4.18 -6.34
CA ARG E 48 69.41 3.28 -6.95
C ARG E 48 69.19 3.62 -8.41
N LYS E 49 68.85 2.60 -9.19
CA LYS E 49 68.49 2.81 -10.59
C LYS E 49 67.01 3.13 -10.66
N THR E 50 66.69 4.26 -11.29
CA THR E 50 65.31 4.66 -11.45
C THR E 50 65.04 4.94 -12.91
N PRO E 51 63.83 4.57 -13.39
CA PRO E 51 63.41 4.87 -14.76
C PRO E 51 63.84 6.28 -15.17
N GLY E 52 64.29 6.43 -16.42
CA GLY E 52 65.00 7.64 -16.80
C GLY E 52 66.16 7.77 -15.84
N ASP E 53 66.33 8.94 -15.25
CA ASP E 53 67.18 9.05 -14.08
C ASP E 53 66.51 10.09 -13.22
N LYS E 54 65.22 10.25 -13.47
CA LYS E 54 64.36 11.08 -12.66
C LYS E 54 64.02 10.33 -11.40
N PRO E 55 63.88 11.04 -10.27
CA PRO E 55 63.45 10.36 -9.06
C PRO E 55 62.08 9.71 -9.29
N LEU E 56 61.80 8.65 -8.52
CA LEU E 56 60.63 7.82 -8.71
C LEU E 56 59.58 8.04 -7.61
N ILE E 57 58.33 8.12 -8.00
CA ILE E 57 57.25 8.33 -7.06
C ILE E 57 56.40 7.07 -6.84
N VAL E 58 56.20 6.73 -5.57
CA VAL E 58 55.43 5.54 -5.23
C VAL E 58 54.33 5.87 -4.24
N GLU E 59 53.08 5.70 -4.68
CA GLU E 59 51.92 6.08 -3.88
C GLU E 59 51.17 4.91 -3.20
N ASN E 60 50.71 5.16 -1.99
CA ASN E 60 49.78 4.26 -1.29
C ASN E 60 50.07 2.75 -1.35
N THR E 61 49.13 1.97 -1.87
CA THR E 61 49.30 0.52 -1.86
C THR E 61 50.64 0.06 -2.43
N GLN E 62 51.21 0.86 -3.32
CA GLN E 62 52.45 0.47 -3.96
C GLN E 62 53.63 0.42 -2.97
N ILE E 63 53.56 1.24 -1.92
CA ILE E 63 54.65 1.26 -0.96
C ILE E 63 54.89 -0.10 -0.33
N GLU E 64 53.83 -0.78 0.07
CA GLU E 64 54.03 -2.06 0.72
C GLU E 64 54.76 -3.02 -0.22
N ARG E 65 54.45 -2.93 -1.51
CA ARG E 65 55.12 -3.78 -2.48
C ARG E 65 56.64 -3.57 -2.40
N TRP E 66 57.08 -2.32 -2.49
CA TRP E 66 58.51 -2.04 -2.38
C TRP E 66 59.10 -2.53 -1.09
N ILE E 67 58.31 -2.51 -0.02
CA ILE E 67 58.82 -2.97 1.26
C ILE E 67 59.03 -4.48 1.25
N ASN E 68 58.12 -5.23 0.61
CA ASN E 68 58.29 -6.68 0.48
C ASN E 68 59.54 -7.04 -0.31
N ASN E 69 59.86 -6.23 -1.31
CA ASN E 69 61.05 -6.46 -2.11
C ASN E 69 62.33 -5.87 -1.48
N GLY E 70 62.22 -5.47 -0.21
CA GLY E 70 63.40 -5.08 0.55
C GLY E 70 63.55 -3.62 0.94
N LEU E 71 62.72 -2.73 0.41
CA LEU E 71 62.84 -1.31 0.76
C LEU E 71 62.65 -1.07 2.26
N TRP E 72 63.52 -0.25 2.85
CA TRP E 72 63.43 0.04 4.28
C TRP E 72 62.67 1.33 4.49
N VAL E 73 61.54 1.23 5.18
CA VAL E 73 60.73 2.40 5.53
C VAL E 73 60.38 2.32 7.01
N PRO E 74 61.15 3.00 7.85
CA PRO E 74 60.96 2.85 9.30
C PRO E 74 59.61 3.43 9.73
N ALA E 75 58.97 2.78 10.69
CA ALA E 75 57.72 3.25 11.25
C ALA E 75 57.92 4.31 12.33
N LEU E 76 57.41 5.50 12.05
CA LEU E 76 57.46 6.59 13.03
C LEU E 76 56.15 6.70 13.80
N GLU E 77 56.23 6.58 15.13
CA GLU E 77 55.04 6.58 15.99
C GLU E 77 54.79 7.93 16.64
N PHE E 78 53.54 8.38 16.63
CA PHE E 78 53.19 9.51 17.46
C PHE E 78 53.01 9.01 18.89
N ILE E 79 53.95 9.41 19.75
CA ILE E 79 53.99 8.89 21.10
C ILE E 79 52.71 9.17 21.83
N ASN E 80 52.20 10.40 21.67
CA ASN E 80 51.05 10.91 22.42
C ASN E 80 49.72 10.98 21.65
N VAL E 81 49.64 10.28 20.53
CA VAL E 81 48.37 10.01 19.90
C VAL E 81 47.52 9.04 20.75
N VAL E 82 46.21 9.18 20.68
CA VAL E 82 45.29 8.29 21.39
C VAL E 82 44.48 7.51 20.36
N GLY E 83 44.87 6.27 20.12
CA GLY E 83 44.28 5.50 19.04
C GLY E 83 45.03 5.69 17.72
N SER E 84 44.90 4.74 16.81
CA SER E 84 45.58 4.83 15.53
C SER E 84 45.10 6.05 14.80
N PRO E 85 46.03 6.91 14.38
CA PRO E 85 45.69 8.08 13.60
C PRO E 85 45.13 7.66 12.26
N ASP E 86 44.30 8.51 11.68
CA ASP E 86 43.72 8.28 10.37
C ASP E 86 44.67 8.82 9.32
N THR E 87 45.33 7.94 8.58
CA THR E 87 46.25 8.44 7.59
C THR E 87 45.64 8.39 6.21
N GLY E 88 45.81 9.48 5.48
CA GLY E 88 45.31 9.57 4.13
C GLY E 88 46.29 8.99 3.13
N ASN E 89 46.64 9.81 2.16
CA ASN E 89 47.58 9.36 1.15
C ASN E 89 48.95 9.40 1.71
N LYS E 90 49.76 8.45 1.27
CA LYS E 90 51.17 8.46 1.59
C LYS E 90 51.91 8.20 0.29
N ARG E 91 53.15 8.67 0.24
CA ARG E 91 53.96 8.50 -0.94
C ARG E 91 55.42 8.37 -0.53
N LEU E 92 56.18 7.59 -1.30
CA LEU E 92 57.63 7.61 -1.23
C LEU E 92 58.12 8.33 -2.48
N MET E 93 59.09 9.22 -2.31
CA MET E 93 59.83 9.81 -3.43
C MET E 93 61.25 9.24 -3.38
N LEU E 94 61.60 8.42 -4.36
CA LEU E 94 62.89 7.73 -4.39
C LEU E 94 63.82 8.39 -5.39
N PHE E 95 64.86 9.04 -4.88
CA PHE E 95 65.88 9.63 -5.73
C PHE E 95 66.92 8.57 -6.08
N PRO E 96 67.54 8.72 -7.26
CA PRO E 96 68.53 7.76 -7.77
C PRO E 96 69.84 7.83 -6.98
N ASP E 97 70.11 8.99 -6.40
CA ASP E 97 71.29 9.17 -5.56
C ASP E 97 71.10 8.65 -4.15
N GLY E 98 69.96 8.02 -3.89
CA GLY E 98 69.70 7.36 -2.61
C GLY E 98 68.85 8.12 -1.60
N ARG E 99 68.44 9.35 -1.93
CA ARG E 99 67.51 10.08 -1.08
C ARG E 99 66.17 9.35 -1.07
N VAL E 100 65.56 9.27 0.10
CA VAL E 100 64.22 8.70 0.23
C VAL E 100 63.33 9.64 1.04
N ILE E 101 62.25 10.12 0.43
CA ILE E 101 61.34 11.01 1.15
C ILE E 101 59.92 10.45 1.32
N TYR E 102 59.55 10.22 2.57
CA TYR E 102 58.23 9.72 2.90
C TYR E 102 57.31 10.88 3.29
N ASN E 103 56.11 10.85 2.74
CA ASN E 103 55.16 11.94 2.96
C ASN E 103 53.75 11.39 3.15
N ALA E 104 53.12 11.75 4.26
CA ALA E 104 51.77 11.28 4.52
C ALA E 104 50.86 12.32 5.18
N ARG E 105 49.59 12.26 4.83
CA ARG E 105 48.57 13.11 5.43
C ARG E 105 48.09 12.38 6.68
N PHE E 106 47.84 13.13 7.76
CA PHE E 106 47.38 12.46 8.96
C PHE E 106 46.39 13.32 9.75
N LEU E 107 45.51 12.64 10.46
CA LEU E 107 44.59 13.28 11.38
C LEU E 107 44.52 12.39 12.61
N GLY E 108 44.86 12.95 13.75
CA GLY E 108 44.91 12.13 14.95
C GLY E 108 44.43 12.88 16.16
N SER E 109 44.08 12.12 17.20
CA SER E 109 43.75 12.72 18.47
C SER E 109 44.98 12.65 19.35
N PHE E 110 45.45 13.80 19.82
CA PHE E 110 46.65 13.86 20.64
C PHE E 110 46.36 14.20 22.09
N SER E 111 47.19 13.67 22.99
CA SER E 111 47.01 13.84 24.42
C SER E 111 48.09 14.74 24.98
N ASN E 112 47.72 15.55 25.96
CA ASN E 112 48.70 16.28 26.74
C ASN E 112 48.15 16.59 28.10
N ASP E 113 49.00 16.94 29.05
CA ASP E 113 48.51 17.41 30.35
C ASP E 113 47.83 18.74 30.10
N MET E 114 46.61 18.89 30.58
CA MET E 114 45.85 20.10 30.32
C MET E 114 45.14 20.62 31.57
N ASP E 115 45.56 21.81 32.01
CA ASP E 115 45.03 22.44 33.19
C ASP E 115 43.98 23.48 32.80
N PHE E 116 42.71 23.18 33.05
CA PHE E 116 41.64 24.07 32.67
C PHE E 116 41.12 24.90 33.85
N ARG E 117 41.89 24.90 34.95
CA ARG E 117 41.48 25.54 36.19
C ARG E 117 41.17 27.04 36.07
N LEU E 118 42.02 27.77 35.35
CA LEU E 118 41.76 29.19 35.14
C LEU E 118 40.84 29.40 33.96
N PHE E 119 39.69 28.73 33.94
CA PHE E 119 38.85 28.76 32.73
C PHE E 119 38.58 30.19 32.27
N PRO E 120 37.63 30.39 31.36
CA PRO E 120 37.70 31.19 30.12
C PRO E 120 39.07 31.75 29.76
N PHE E 121 40.00 31.80 30.71
CA PHE E 121 41.27 32.51 30.51
C PHE E 121 42.45 31.57 30.59
N ASP E 122 42.23 30.32 30.22
CA ASP E 122 43.30 29.33 30.30
C ASP E 122 44.19 29.41 29.06
N ARG E 123 45.44 29.02 29.24
CA ARG E 123 46.33 28.82 28.09
C ARG E 123 46.86 27.38 28.07
N GLN E 124 46.87 26.79 26.89
CA GLN E 124 47.25 25.39 26.71
C GLN E 124 48.39 25.30 25.75
N GLN E 125 49.13 24.20 25.79
CA GLN E 125 49.99 23.88 24.66
C GLN E 125 49.62 22.56 23.97
N PHE E 126 49.39 22.67 22.66
CA PHE E 126 49.18 21.51 21.82
C PHE E 126 50.52 20.94 21.41
N VAL E 127 50.83 19.72 21.84
CA VAL E 127 52.11 19.12 21.51
C VAL E 127 52.01 17.87 20.65
N LEU E 128 53.01 17.64 19.81
CA LEU E 128 53.19 16.37 19.13
C LEU E 128 54.49 15.74 19.63
N GLU E 129 54.47 14.43 19.82
CA GLU E 129 55.70 13.70 20.12
C GLU E 129 55.90 12.53 19.14
N LEU E 130 57.04 12.53 18.45
CA LEU E 130 57.41 11.52 17.45
C LEU E 130 58.65 10.71 17.86
N GLU E 131 58.53 9.39 17.91
CA GLU E 131 59.68 8.52 18.07
C GLU E 131 59.59 7.40 17.04
N PRO E 132 60.74 6.86 16.61
CA PRO E 132 60.72 5.69 15.75
C PRO E 132 60.15 4.54 16.56
N PHE E 133 59.37 3.65 15.95
CA PHE E 133 58.68 2.66 16.74
C PHE E 133 59.59 1.53 17.26
N SER E 134 60.51 1.06 16.40
CA SER E 134 61.32 -0.14 16.69
C SER E 134 62.82 0.15 16.76
N TYR E 135 63.25 1.18 16.06
CA TYR E 135 64.67 1.50 15.95
C TYR E 135 65.17 2.49 16.97
N ASN E 136 65.98 2.02 17.91
CA ASN E 136 66.78 2.94 18.73
C ASN E 136 67.95 3.42 17.91
N ASN E 137 68.39 2.57 16.98
CA ASN E 137 69.60 2.70 16.14
C ASN E 137 69.39 3.52 14.86
N GLN E 138 68.63 4.60 15.01
CA GLN E 138 68.41 5.56 13.94
C GLN E 138 67.89 6.86 14.58
N GLN E 139 68.28 8.01 14.02
CA GLN E 139 68.30 9.27 14.77
C GLN E 139 67.67 10.43 14.02
N LEU E 140 66.93 11.27 14.74
CA LEU E 140 66.33 12.43 14.09
C LEU E 140 67.37 13.55 14.04
N ARG E 141 67.71 13.93 12.82
CA ARG E 141 68.72 14.92 12.59
C ARG E 141 68.18 16.32 12.82
N PHE E 142 67.01 16.65 12.28
CA PHE E 142 66.38 17.94 12.58
C PHE E 142 64.87 18.01 12.37
N SER E 143 64.22 18.92 13.10
CA SER E 143 62.78 19.08 13.03
C SER E 143 62.37 20.46 12.53
N ASP E 144 61.45 20.50 11.56
CA ASP E 144 60.84 21.78 11.13
C ASP E 144 59.30 21.70 11.09
N ILE E 145 58.61 22.51 11.89
CA ILE E 145 57.16 22.56 11.75
C ILE E 145 56.72 23.82 10.99
N GLN E 146 55.85 23.63 10.03
CA GLN E 146 55.38 24.75 9.24
C GLN E 146 53.92 24.94 9.66
N VAL E 147 53.72 25.73 10.71
CA VAL E 147 52.37 26.02 11.20
C VAL E 147 51.87 27.25 10.47
N TYR E 148 51.96 27.21 9.15
CA TYR E 148 51.65 28.38 8.32
C TYR E 148 50.14 28.67 8.25
N THR E 149 49.49 28.61 9.39
CA THR E 149 48.19 29.23 9.54
C THR E 149 48.48 30.73 9.47
N GLU E 150 48.48 31.40 10.63
CA GLU E 150 48.83 32.81 10.71
C GLU E 150 48.58 33.33 12.13
N ASN E 151 49.27 34.39 12.51
CA ASN E 151 49.10 34.96 13.86
C ASN E 151 47.89 35.90 13.98
N ILE E 152 48.12 37.20 13.84
CA ILE E 152 47.06 38.20 13.98
C ILE E 152 46.22 38.34 12.69
N ASP E 153 45.09 37.62 12.65
CA ASP E 153 44.22 37.60 11.47
C ASP E 153 42.81 37.21 11.91
N ASN E 154 42.27 36.14 11.32
CA ASN E 154 41.07 35.50 11.86
C ASN E 154 41.40 34.89 13.21
N GLU E 155 40.82 35.43 14.26
CA GLU E 155 41.04 34.90 15.60
C GLU E 155 39.72 34.96 16.33
N GLU E 156 38.97 36.01 16.04
CA GLU E 156 37.66 36.24 16.63
C GLU E 156 36.65 35.38 15.89
N ILE E 157 37.13 34.71 14.84
CA ILE E 157 36.36 33.68 14.14
C ILE E 157 36.70 32.32 14.72
N ASP E 158 37.86 32.24 15.35
CA ASP E 158 38.38 30.98 15.89
C ASP E 158 38.29 30.93 17.41
N GLU E 159 38.23 29.71 17.93
CA GLU E 159 38.15 29.46 19.37
C GLU E 159 39.48 29.72 20.09
N TRP E 160 40.58 29.28 19.46
CA TRP E 160 41.91 29.39 20.07
C TRP E 160 42.81 30.36 19.33
N TRP E 161 43.60 31.11 20.08
CA TRP E 161 44.56 32.06 19.50
C TRP E 161 45.97 31.54 19.72
N ILE E 162 46.70 31.38 18.63
CA ILE E 162 48.06 30.82 18.70
C ILE E 162 49.10 31.89 19.02
N ARG E 163 49.95 31.63 20.02
CA ARG E 163 51.15 32.45 20.17
C ARG E 163 51.95 32.34 18.87
N GLY E 164 52.52 31.16 18.61
CA GLY E 164 53.22 30.91 17.36
C GLY E 164 54.65 31.42 17.38
N LYS E 165 55.47 31.02 16.41
CA LYS E 165 55.31 29.75 15.70
C LYS E 165 55.67 28.65 16.71
N ALA E 166 55.61 27.40 16.26
CA ALA E 166 55.85 26.32 17.20
C ALA E 166 57.32 26.16 17.55
N SER E 167 57.56 25.66 18.75
CA SER E 167 58.91 25.34 19.18
C SER E 167 59.18 23.86 19.00
N THR E 168 60.42 23.51 18.75
CA THR E 168 60.81 22.12 18.52
C THR E 168 61.91 21.70 19.46
N HIS E 169 62.13 20.40 19.57
CA HIS E 169 63.16 19.89 20.47
C HIS E 169 63.44 18.38 20.30
N ILE E 170 64.50 18.07 19.57
CA ILE E 170 64.97 16.71 19.46
C ILE E 170 65.70 16.31 20.73
N SER E 171 65.40 15.13 21.26
CA SER E 171 66.09 14.66 22.46
C SER E 171 66.23 13.14 22.50
N ASP E 172 66.71 12.60 23.62
CA ASP E 172 66.87 11.16 23.72
C ASP E 172 66.16 10.60 24.95
N ILE E 173 65.37 9.56 24.74
CA ILE E 173 64.54 9.04 25.81
C ILE E 173 65.04 7.67 26.15
N ARG E 174 65.15 7.39 27.42
CA ARG E 174 65.71 6.12 27.85
C ARG E 174 64.57 5.19 28.21
N TYR E 175 64.55 4.00 27.59
CA TYR E 175 63.58 2.97 27.95
C TYR E 175 64.28 1.83 28.69
N ASP E 176 64.19 1.86 30.01
CA ASP E 176 64.96 0.95 30.86
C ASP E 176 64.43 -0.47 30.85
N HIS E 177 63.13 -0.63 30.57
CA HIS E 177 62.53 -1.96 30.64
C HIS E 177 62.13 -2.50 29.27
N LEU E 178 62.89 -2.12 28.26
CA LEU E 178 62.62 -2.54 26.90
C LEU E 178 63.89 -3.12 26.29
N SER E 179 63.91 -4.45 26.13
CA SER E 179 65.06 -5.12 25.53
C SER E 179 65.32 -4.54 24.13
N SER E 180 66.59 -4.42 23.78
CA SER E 180 66.96 -3.83 22.49
C SER E 180 67.90 -4.71 21.66
N VAL E 181 68.16 -4.26 20.44
CA VAL E 181 69.05 -4.96 19.53
C VAL E 181 70.36 -5.35 20.22
N GLN E 182 71.12 -4.37 20.70
CA GLN E 182 72.35 -4.65 21.44
C GLN E 182 72.11 -4.45 22.94
N PRO E 183 73.01 -4.98 23.78
CA PRO E 183 72.77 -4.96 25.23
C PRO E 183 72.90 -3.58 25.86
N ASN E 184 73.69 -2.71 25.24
CA ASN E 184 73.93 -1.38 25.78
C ASN E 184 72.89 -0.34 25.39
N GLN E 185 72.48 -0.37 24.12
CA GLN E 185 71.75 0.72 23.49
C GLN E 185 70.22 0.72 23.67
N ASN E 186 69.73 1.52 24.61
CA ASN E 186 68.30 1.59 24.90
C ASN E 186 67.76 3.01 24.94
N GLU E 187 68.21 3.83 23.99
CA GLU E 187 67.70 5.19 23.89
C GLU E 187 67.04 5.44 22.54
N PHE E 188 65.91 6.15 22.55
CA PHE E 188 65.24 6.53 21.32
C PHE E 188 65.31 8.03 21.04
N SER E 189 65.49 8.36 19.77
CA SER E 189 65.43 9.74 19.31
C SER E 189 63.96 10.21 19.28
N ARG E 190 63.67 11.32 19.95
CA ARG E 190 62.32 11.84 20.00
C ARG E 190 62.23 13.31 19.61
N ILE E 191 61.34 13.58 18.67
CA ILE E 191 60.99 14.95 18.31
C ILE E 191 59.79 15.41 19.13
N THR E 192 59.87 16.61 19.69
CA THR E 192 58.74 17.16 20.41
C THR E 192 58.38 18.51 19.83
N VAL E 193 57.17 18.65 19.32
CA VAL E 193 56.68 19.94 18.83
C VAL E 193 55.71 20.54 19.84
N ARG E 194 55.85 21.83 20.11
CA ARG E 194 54.93 22.54 21.01
C ARG E 194 54.35 23.79 20.39
N ILE E 195 53.05 23.95 20.50
CA ILE E 195 52.38 25.14 20.03
C ILE E 195 51.60 25.72 21.18
N ASP E 196 51.86 26.98 21.52
CA ASP E 196 51.14 27.64 22.62
C ASP E 196 49.87 28.33 22.14
N ALA E 197 48.91 28.43 23.05
CA ALA E 197 47.63 29.00 22.66
C ALA E 197 46.85 29.51 23.84
N VAL E 198 46.12 30.60 23.62
CA VAL E 198 45.25 31.16 24.63
C VAL E 198 43.82 31.08 24.16
N ARG E 199 42.91 30.92 25.11
CA ARG E 199 41.50 30.75 24.76
C ARG E 199 40.85 32.10 24.48
N ASN E 200 39.98 32.12 23.48
CA ASN E 200 39.21 33.31 23.13
C ASN E 200 38.08 33.56 24.13
N PRO E 201 38.35 34.38 25.17
CA PRO E 201 37.52 34.50 26.38
C PRO E 201 36.29 35.38 26.18
N SER E 202 36.10 35.91 24.98
CA SER E 202 34.99 36.81 24.72
C SER E 202 33.68 36.15 25.12
N TYR E 203 33.24 35.15 24.36
CA TYR E 203 31.93 34.55 24.53
C TYR E 203 31.56 34.33 26.00
N TYR E 204 32.52 33.88 26.79
CA TYR E 204 32.26 33.49 28.18
C TYR E 204 32.12 34.71 29.09
N LEU E 205 32.86 35.78 28.75
CA LEU E 205 32.72 37.04 29.48
C LEU E 205 31.32 37.63 29.32
N TRP E 206 30.93 37.84 28.07
CA TRP E 206 29.68 38.49 27.76
C TRP E 206 28.44 37.64 27.95
N SER E 207 28.57 36.32 27.86
CA SER E 207 27.38 35.49 27.89
C SER E 207 27.22 34.71 29.17
N PHE E 208 28.26 34.72 30.01
CA PHE E 208 28.21 33.94 31.25
C PHE E 208 28.63 34.74 32.46
N ILE E 209 29.85 35.26 32.42
CA ILE E 209 30.36 35.99 33.57
C ILE E 209 29.57 37.27 33.85
N LEU E 210 29.31 38.06 32.81
CA LEU E 210 28.49 39.27 32.96
C LEU E 210 27.14 38.96 33.60
N PRO E 211 26.26 38.22 32.90
CA PRO E 211 24.97 37.93 33.51
C PRO E 211 25.04 37.33 34.91
N LEU E 212 26.04 36.53 35.20
CA LEU E 212 26.14 35.94 36.53
C LEU E 212 26.30 37.07 37.53
N GLY E 213 27.12 38.05 37.15
CA GLY E 213 27.35 39.22 37.96
C GLY E 213 26.05 39.96 38.24
N LEU E 214 25.42 40.43 37.17
CA LEU E 214 24.11 41.06 37.24
C LEU E 214 23.20 40.29 38.20
N ILE E 215 23.06 38.99 38.00
CA ILE E 215 22.18 38.20 38.84
C ILE E 215 22.62 38.22 40.30
N ILE E 216 23.92 38.11 40.53
CA ILE E 216 24.42 38.17 41.89
C ILE E 216 24.13 39.54 42.53
N ALA E 217 24.42 40.60 41.79
CA ALA E 217 24.14 41.96 42.25
C ALA E 217 22.67 42.13 42.59
N ALA E 218 21.80 41.98 41.60
CA ALA E 218 20.37 42.02 41.82
C ALA E 218 19.95 41.25 43.08
N SER E 219 20.64 40.17 43.40
CA SER E 219 20.27 39.39 44.56
C SER E 219 20.39 40.25 45.82
N TRP E 220 21.25 41.26 45.76
CA TRP E 220 21.55 42.10 46.91
C TRP E 220 20.42 43.08 47.16
N SER E 221 19.71 43.42 46.10
CA SER E 221 18.61 44.35 46.19
C SER E 221 17.47 43.79 47.04
N VAL E 222 17.68 42.63 47.63
CA VAL E 222 16.68 42.07 48.53
C VAL E 222 16.55 42.94 49.78
N PHE E 223 17.64 43.58 50.17
CA PHE E 223 17.67 44.37 51.39
C PHE E 223 16.91 45.71 51.27
N TRP E 224 16.49 46.05 50.05
CA TRP E 224 15.72 47.27 49.84
C TRP E 224 14.21 46.99 49.83
N LEU E 225 13.84 45.81 50.30
CA LEU E 225 12.44 45.48 50.45
C LEU E 225 12.01 45.90 51.86
N GLU E 226 10.76 46.36 51.96
CA GLU E 226 10.25 46.94 53.19
C GLU E 226 9.92 45.91 54.26
N SER E 227 9.09 44.93 53.90
CA SER E 227 8.66 43.89 54.83
C SER E 227 9.73 42.81 55.05
N PHE E 228 9.67 42.15 56.19
CA PHE E 228 10.49 40.96 56.44
C PHE E 228 9.95 39.83 55.57
N SER E 229 8.65 39.61 55.62
CA SER E 229 7.99 38.64 54.75
C SER E 229 8.43 38.79 53.29
N GLU E 230 8.44 40.01 52.79
CA GLU E 230 8.90 40.28 51.43
C GLU E 230 10.35 39.84 51.20
N ARG E 231 11.21 40.15 52.17
CA ARG E 231 12.64 39.86 52.04
C ARG E 231 12.96 38.37 52.05
N LEU E 232 12.38 37.64 53.00
CA LEU E 232 12.61 36.20 53.09
C LEU E 232 12.03 35.46 51.88
N GLN E 233 10.78 35.73 51.55
CA GLN E 233 10.13 35.04 50.44
C GLN E 233 10.85 35.27 49.13
N THR E 234 11.23 36.51 48.87
CA THR E 234 11.96 36.81 47.65
C THR E 234 13.29 36.07 47.58
N SER E 235 13.88 35.83 48.74
CA SER E 235 15.14 35.09 48.80
C SER E 235 15.06 33.74 48.10
N PHE E 236 13.98 33.00 48.35
CA PHE E 236 13.78 31.66 47.76
C PHE E 236 13.69 31.66 46.23
N THR E 237 13.24 32.78 45.66
CA THR E 237 13.21 32.95 44.23
C THR E 237 14.61 33.21 43.67
N LEU E 238 15.40 34.00 44.40
CA LEU E 238 16.79 34.22 44.02
C LEU E 238 17.57 32.90 44.08
N MET E 239 17.26 32.09 45.09
CA MET E 239 17.82 30.76 45.23
C MET E 239 17.57 29.95 43.95
N LEU E 240 16.29 29.83 43.60
CA LEU E 240 15.89 29.11 42.38
C LEU E 240 16.63 29.66 41.17
N THR E 241 16.78 30.97 41.09
CA THR E 241 17.47 31.56 39.95
C THR E 241 18.93 31.09 39.83
N VAL E 242 19.65 31.08 40.95
CA VAL E 242 21.03 30.59 40.93
C VAL E 242 21.09 29.13 40.50
N VAL E 243 20.19 28.30 41.03
CA VAL E 243 20.08 26.93 40.55
C VAL E 243 19.86 26.85 39.03
N ALA E 244 18.84 27.50 38.52
CA ALA E 244 18.66 27.51 37.08
C ALA E 244 19.96 27.93 36.41
N TYR E 245 20.63 28.93 36.96
CA TYR E 245 21.82 29.44 36.30
C TYR E 245 22.98 28.45 36.35
N ALA E 246 23.05 27.70 37.43
CA ALA E 246 24.08 26.69 37.58
C ALA E 246 23.87 25.60 36.54
N PHE E 247 22.63 25.16 36.40
CA PHE E 247 22.23 24.18 35.41
C PHE E 247 22.65 24.67 34.01
N TYR E 248 22.13 25.81 33.61
CA TYR E 248 22.50 26.46 32.36
C TYR E 248 24.01 26.49 32.15
N THR E 249 24.72 26.97 33.15
CA THR E 249 26.17 27.08 33.09
C THR E 249 26.84 25.71 32.90
N SER E 250 26.36 24.71 33.64
CA SER E 250 26.98 23.38 33.62
C SER E 250 26.71 22.62 32.35
N ASN E 251 25.50 22.72 31.84
CA ASN E 251 25.14 22.00 30.63
C ASN E 251 25.84 22.53 29.39
N ILE E 252 26.28 23.77 29.45
CA ILE E 252 26.86 24.43 28.27
C ILE E 252 28.39 24.55 28.31
N LEU E 253 28.97 24.75 29.49
CA LEU E 253 30.42 24.81 29.62
C LEU E 253 31.08 23.42 29.58
N PRO E 254 32.37 23.39 29.25
CA PRO E 254 33.12 22.14 29.15
C PRO E 254 33.17 21.36 30.48
N ARG E 255 32.96 20.06 30.43
CA ARG E 255 33.01 19.23 31.63
C ARG E 255 34.43 19.13 32.16
N LEU E 256 34.56 19.24 33.47
CA LEU E 256 35.85 19.09 34.12
C LEU E 256 35.69 18.35 35.45
N PRO E 257 36.80 17.85 36.00
CA PRO E 257 36.76 17.12 37.27
C PRO E 257 37.05 18.07 38.43
N TYR E 258 37.15 19.36 38.13
CA TYR E 258 37.44 20.36 39.15
C TYR E 258 36.65 21.64 38.90
N THR E 259 36.73 22.58 39.83
CA THR E 259 35.99 23.83 39.73
C THR E 259 36.76 24.88 38.96
N THR E 260 36.05 25.58 38.10
CA THR E 260 36.64 26.71 37.39
C THR E 260 36.31 28.00 38.14
N VAL E 261 36.80 29.13 37.65
CA VAL E 261 36.44 30.42 38.25
C VAL E 261 34.91 30.64 38.21
N ILE E 262 34.30 30.48 37.04
CA ILE E 262 32.85 30.52 36.91
C ILE E 262 32.13 29.65 37.95
N ASP E 263 32.65 28.44 38.18
CA ASP E 263 32.04 27.53 39.14
C ASP E 263 32.05 28.16 40.51
N GLN E 264 33.14 28.85 40.83
CA GLN E 264 33.28 29.51 42.12
C GLN E 264 32.31 30.68 42.28
N MET E 265 32.19 31.52 41.25
CA MET E 265 31.17 32.57 41.25
C MET E 265 29.80 31.98 41.57
N ILE E 266 29.43 30.91 40.88
CA ILE E 266 28.17 30.26 41.16
C ILE E 266 28.03 29.94 42.65
N ILE E 267 29.04 29.29 43.21
CA ILE E 267 29.03 28.95 44.63
C ILE E 267 28.94 30.19 45.54
N ALA E 268 29.64 31.25 45.17
CA ALA E 268 29.51 32.51 45.89
C ALA E 268 28.06 33.00 45.86
N GLY E 269 27.46 33.03 44.68
CA GLY E 269 26.05 33.36 44.56
C GLY E 269 25.20 32.59 45.55
N TYR E 270 25.33 31.28 45.57
CA TYR E 270 24.62 30.46 46.55
C TYR E 270 24.88 30.95 47.97
N GLY E 271 26.15 31.22 48.28
CA GLY E 271 26.54 31.61 49.61
C GLY E 271 25.99 32.95 50.05
N SER E 272 26.16 33.96 49.20
CA SER E 272 25.56 35.26 49.44
C SER E 272 24.08 35.12 49.77
N ILE E 273 23.35 34.41 48.92
CA ILE E 273 21.91 34.25 49.10
C ILE E 273 21.58 33.54 50.42
N PHE E 274 22.46 32.65 50.85
CA PHE E 274 22.20 31.92 52.09
C PHE E 274 22.50 32.81 53.29
N ALA E 275 23.62 33.52 53.23
CA ALA E 275 23.99 34.48 54.25
C ALA E 275 22.87 35.52 54.44
N ALA E 276 22.36 36.03 53.32
CA ALA E 276 21.23 36.94 53.31
C ALA E 276 20.05 36.37 54.09
N ILE E 277 19.66 35.14 53.75
CA ILE E 277 18.58 34.48 54.46
C ILE E 277 18.86 34.40 55.96
N LEU E 278 20.13 34.21 56.34
CA LEU E 278 20.48 34.19 57.76
C LEU E 278 20.28 35.56 58.40
N LEU E 279 20.93 36.57 57.84
CA LEU E 279 20.73 37.95 58.30
C LEU E 279 19.25 38.33 58.36
N ILE E 280 18.59 38.33 57.22
CA ILE E 280 17.18 38.67 57.15
C ILE E 280 16.36 38.08 58.31
N ILE E 281 16.62 36.83 58.64
CA ILE E 281 15.90 36.16 59.73
C ILE E 281 16.41 36.63 61.08
N PHE E 282 17.70 36.96 61.13
CA PHE E 282 18.33 37.42 62.36
C PHE E 282 17.80 38.80 62.74
N ALA E 283 17.88 39.74 61.81
CA ALA E 283 17.34 41.09 62.03
C ALA E 283 15.98 41.07 62.69
N HIS E 284 15.13 40.14 62.25
CA HIS E 284 13.75 40.09 62.67
C HIS E 284 13.56 39.55 64.08
N HIS E 285 14.56 38.86 64.60
CA HIS E 285 14.44 38.25 65.93
C HIS E 285 15.55 38.65 66.89
N ARG E 286 16.42 39.56 66.45
CA ARG E 286 17.41 40.16 67.34
C ARG E 286 16.92 41.54 67.76
N GLN E 287 16.06 41.56 68.78
CA GLN E 287 15.42 42.81 69.22
C GLN E 287 14.87 42.72 70.64
N ALA E 288 13.68 43.27 70.84
CA ALA E 288 13.05 43.29 72.16
C ALA E 288 11.54 43.54 72.06
N ASN E 289 10.85 42.76 71.24
CA ASN E 289 9.40 42.88 71.09
C ASN E 289 8.77 41.75 70.26
N GLY E 290 8.64 41.97 68.95
CA GLY E 290 8.03 40.99 68.07
C GLY E 290 8.35 41.24 66.61
N VAL E 291 8.14 42.48 66.17
CA VAL E 291 8.44 42.87 64.78
C VAL E 291 9.28 44.15 64.74
N GLU E 292 10.31 44.22 65.59
CA GLU E 292 11.25 45.34 65.56
C GLU E 292 12.50 44.94 64.78
N ASP E 293 12.41 45.03 63.45
CA ASP E 293 13.53 44.71 62.60
C ASP E 293 14.73 45.60 62.94
N ASP E 294 15.82 44.98 63.37
CA ASP E 294 17.05 45.68 63.71
C ASP E 294 17.34 46.75 62.68
N LEU E 295 17.11 48.01 63.07
CA LEU E 295 17.21 49.16 62.16
C LEU E 295 18.46 49.15 61.29
N LEU E 296 19.61 49.38 61.91
CA LEU E 296 20.90 49.47 61.21
C LEU E 296 21.16 48.25 60.29
N ILE E 297 20.89 47.06 60.81
CA ILE E 297 21.28 45.83 60.12
C ILE E 297 20.52 45.62 58.81
N GLN E 298 19.19 45.55 58.89
CA GLN E 298 18.35 45.38 57.71
C GLN E 298 18.81 46.32 56.59
N ARG E 299 19.59 47.32 56.96
CA ARG E 299 20.17 48.26 56.01
C ARG E 299 21.67 48.05 55.90
N CYS E 300 22.05 46.80 55.62
CA CYS E 300 23.39 46.46 55.17
C CYS E 300 23.29 46.29 53.65
N ARG E 301 22.70 47.29 53.01
CA ARG E 301 22.54 47.30 51.57
C ARG E 301 23.84 47.71 50.93
N LEU E 302 24.85 47.94 51.78
CA LEU E 302 26.18 48.28 51.31
C LEU E 302 27.23 47.39 51.97
N ALA E 303 26.90 46.80 53.11
CA ALA E 303 27.78 45.84 53.76
C ALA E 303 28.00 44.61 52.86
N PHE E 304 26.90 44.03 52.40
CA PHE E 304 26.97 42.87 51.51
C PHE E 304 27.73 43.16 50.21
N PRO E 305 27.20 44.06 49.36
CA PRO E 305 27.84 44.30 48.05
C PRO E 305 29.35 44.48 48.12
N LEU E 306 29.89 45.20 49.09
CA LEU E 306 31.34 45.37 49.15
C LEU E 306 32.04 44.35 50.05
N GLY E 307 31.31 43.81 51.02
CA GLY E 307 31.82 42.70 51.82
C GLY E 307 31.95 41.46 50.96
N PHE E 308 31.33 41.51 49.79
CA PHE E 308 31.38 40.43 48.82
C PHE E 308 32.44 40.75 47.77
N LEU E 309 32.62 42.03 47.47
CA LEU E 309 33.70 42.45 46.58
C LEU E 309 35.05 42.34 47.29
N ALA E 310 34.99 42.11 48.60
CA ALA E 310 36.19 41.87 49.40
C ALA E 310 36.51 40.39 49.35
N ILE E 311 35.54 39.58 49.73
CA ILE E 311 35.66 38.13 49.63
C ILE E 311 35.63 37.72 48.14
N GLY E 312 35.54 38.71 47.27
CA GLY E 312 35.55 38.50 45.84
C GLY E 312 36.88 38.90 45.23
N CYS E 313 37.70 39.56 46.04
CA CYS E 313 39.08 39.85 45.65
C CYS E 313 40.04 38.92 46.41
N VAL E 314 39.46 37.90 47.05
CA VAL E 314 40.24 36.83 47.65
C VAL E 314 39.91 35.53 46.92
N LEU E 315 39.17 35.64 45.82
CA LEU E 315 39.03 34.56 44.84
C LEU E 315 40.18 34.68 43.84
N VAL E 316 40.99 35.71 44.04
CA VAL E 316 42.14 35.99 43.18
C VAL E 316 43.39 36.27 44.04
N ILE E 317 43.60 35.43 45.05
CA ILE E 317 44.81 35.51 45.88
C ILE E 317 45.50 34.14 45.95
N PRO F 11 -45.93 31.26 -34.02
CA PRO F 11 -45.56 29.87 -33.73
C PRO F 11 -45.73 28.97 -34.96
N VAL F 12 -44.75 28.12 -35.24
CA VAL F 12 -44.80 27.29 -36.44
C VAL F 12 -45.68 26.06 -36.25
N ASP F 13 -46.58 25.81 -37.20
CA ASP F 13 -47.46 24.66 -37.09
C ASP F 13 -46.76 23.41 -37.59
N VAL F 14 -46.55 22.46 -36.70
CA VAL F 14 -45.94 21.19 -37.07
C VAL F 14 -46.95 20.06 -36.91
N SER F 15 -47.19 19.32 -37.98
CA SER F 15 -48.01 18.12 -37.90
C SER F 15 -47.14 16.88 -38.05
N VAL F 16 -47.35 15.93 -37.15
CA VAL F 16 -46.58 14.69 -37.17
C VAL F 16 -47.50 13.48 -37.33
N SER F 17 -47.04 12.56 -38.17
CA SER F 17 -47.57 11.21 -38.18
C SER F 17 -46.51 10.22 -37.65
N ILE F 18 -46.95 9.28 -36.82
CA ILE F 18 -46.09 8.21 -36.33
C ILE F 18 -46.57 6.83 -36.81
N PHE F 19 -45.75 6.18 -37.62
CA PHE F 19 -46.03 4.80 -38.01
C PHE F 19 -45.34 3.82 -37.06
N ILE F 20 -46.11 2.94 -36.43
CA ILE F 20 -45.57 1.95 -35.52
C ILE F 20 -45.43 0.55 -36.14
N ASN F 21 -44.20 0.09 -36.29
CA ASN F 21 -43.92 -1.20 -36.91
C ASN F 21 -43.91 -2.38 -35.97
N LYS F 22 -43.50 -2.15 -34.72
CA LYS F 22 -43.23 -3.26 -33.84
C LYS F 22 -43.11 -2.76 -32.40
N ILE F 23 -43.84 -3.40 -31.50
CA ILE F 23 -43.65 -3.15 -30.08
C ILE F 23 -43.21 -4.46 -29.47
N TYR F 24 -42.06 -4.46 -28.83
CA TYR F 24 -41.51 -5.71 -28.34
C TYR F 24 -40.54 -5.50 -27.20
N GLY F 25 -39.99 -6.60 -26.70
CA GLY F 25 -38.97 -6.54 -25.67
C GLY F 25 -39.35 -5.80 -24.41
N VAL F 26 -40.52 -6.07 -23.86
CA VAL F 26 -40.85 -5.44 -22.58
C VAL F 26 -39.85 -5.88 -21.51
N ASN F 27 -39.38 -4.93 -20.70
CA ASN F 27 -38.49 -5.25 -19.57
C ASN F 27 -39.19 -4.87 -18.28
N THR F 28 -39.68 -5.87 -17.57
CA THR F 28 -40.52 -5.65 -16.37
C THR F 28 -39.80 -4.88 -15.27
N LEU F 29 -38.54 -5.21 -15.06
CA LEU F 29 -37.77 -4.56 -14.02
C LEU F 29 -37.53 -3.08 -14.28
N GLU F 30 -37.21 -2.74 -15.52
CA GLU F 30 -36.95 -1.34 -15.89
C GLU F 30 -38.23 -0.61 -16.25
N GLN F 31 -39.32 -1.34 -16.43
CA GLN F 31 -40.56 -0.77 -16.95
C GLN F 31 -40.33 -0.05 -18.29
N THR F 32 -39.70 -0.77 -19.22
CA THR F 32 -39.47 -0.28 -20.58
C THR F 32 -39.95 -1.25 -21.64
N TYR F 33 -39.95 -0.79 -22.88
CA TYR F 33 -40.36 -1.62 -24.01
C TYR F 33 -39.77 -0.98 -25.25
N LYS F 34 -39.50 -1.80 -26.27
CA LYS F 34 -38.89 -1.30 -27.48
C LYS F 34 -39.93 -0.98 -28.55
N VAL F 35 -39.73 0.12 -29.29
CA VAL F 35 -40.65 0.47 -30.36
C VAL F 35 -39.87 0.78 -31.62
N ASP F 36 -40.28 0.14 -32.71
CA ASP F 36 -39.69 0.43 -34.02
C ASP F 36 -40.75 1.08 -34.90
N GLY F 37 -40.38 2.17 -35.54
CA GLY F 37 -41.32 2.91 -36.36
C GLY F 37 -40.69 4.01 -37.18
N TYR F 38 -41.55 4.75 -37.86
CA TYR F 38 -41.13 5.93 -38.58
C TYR F 38 -41.81 7.13 -37.94
N ILE F 39 -41.12 8.26 -37.98
CA ILE F 39 -41.73 9.54 -37.63
C ILE F 39 -41.69 10.46 -38.83
N VAL F 40 -42.79 11.16 -39.04
CA VAL F 40 -42.88 12.16 -40.08
C VAL F 40 -43.35 13.45 -39.47
N ALA F 41 -42.67 14.54 -39.81
CA ALA F 41 -43.03 15.88 -39.31
C ALA F 41 -43.05 16.85 -40.46
N GLN F 42 -44.14 17.62 -40.53
CA GLN F 42 -44.34 18.56 -41.63
C GLN F 42 -44.65 19.96 -41.13
N TRP F 43 -44.05 20.95 -41.78
CA TRP F 43 -44.30 22.36 -41.48
C TRP F 43 -44.04 23.18 -42.73
N THR F 44 -44.60 24.39 -42.78
CA THR F 44 -44.42 25.23 -43.96
C THR F 44 -43.52 26.42 -43.66
N GLY F 45 -42.63 26.73 -44.58
CA GLY F 45 -41.71 27.84 -44.45
C GLY F 45 -41.69 28.68 -45.72
N LYS F 46 -40.67 29.52 -45.85
CA LYS F 46 -40.59 30.42 -47.01
C LYS F 46 -40.38 29.62 -48.28
N PRO F 47 -41.21 29.88 -49.30
CA PRO F 47 -41.09 29.25 -50.62
C PRO F 47 -39.66 29.23 -51.11
N ARG F 48 -39.34 28.31 -52.01
CA ARG F 48 -37.95 28.00 -52.33
C ARG F 48 -37.78 27.59 -53.79
N LYS F 49 -36.62 27.89 -54.35
CA LYS F 49 -36.32 27.47 -55.70
C LYS F 49 -35.72 26.07 -55.66
N THR F 50 -36.35 25.15 -56.38
CA THR F 50 -35.88 23.77 -56.41
C THR F 50 -35.67 23.37 -57.85
N PRO F 51 -34.62 22.56 -58.11
CA PRO F 51 -34.31 22.06 -59.46
C PRO F 51 -35.58 21.62 -60.16
N GLY F 52 -35.69 21.91 -61.46
CA GLY F 52 -36.98 21.80 -62.14
C GLY F 52 -37.93 22.70 -61.38
N ASP F 53 -39.09 22.17 -61.01
CA ASP F 53 -39.88 22.81 -59.98
C ASP F 53 -40.53 21.70 -59.19
N LYS F 54 -39.87 20.54 -59.26
CA LYS F 54 -40.24 19.36 -58.52
C LYS F 54 -39.72 19.53 -57.08
N PRO F 55 -40.46 19.00 -56.10
CA PRO F 55 -39.93 19.02 -54.74
C PRO F 55 -38.59 18.30 -54.68
N LEU F 56 -37.74 18.67 -53.73
CA LEU F 56 -36.37 18.18 -53.67
C LEU F 56 -36.19 17.20 -52.52
N ILE F 57 -35.48 16.11 -52.78
CA ILE F 57 -35.23 15.13 -51.73
C ILE F 57 -33.80 15.15 -51.21
N VAL F 58 -33.67 15.19 -49.89
CA VAL F 58 -32.37 15.26 -49.25
C VAL F 58 -32.25 14.15 -48.20
N GLU F 59 -31.29 13.24 -48.41
CA GLU F 59 -31.12 12.08 -47.52
C GLU F 59 -29.92 12.18 -46.56
N ASN F 60 -30.12 11.66 -45.35
CA ASN F 60 -29.02 11.41 -44.42
C ASN F 60 -27.95 12.51 -44.30
N THR F 61 -26.70 12.20 -44.64
CA THR F 61 -25.61 13.13 -44.36
C THR F 61 -25.85 14.49 -44.99
N GLN F 62 -26.64 14.51 -46.06
CA GLN F 62 -26.88 15.73 -46.80
C GLN F 62 -27.74 16.73 -46.00
N ILE F 63 -28.54 16.24 -45.07
CA ILE F 63 -29.36 17.14 -44.26
C ILE F 63 -28.53 18.12 -43.45
N GLU F 64 -27.48 17.64 -42.80
CA GLU F 64 -26.67 18.55 -42.02
C GLU F 64 -26.13 19.69 -42.89
N ARG F 65 -25.68 19.36 -44.09
CA ARG F 65 -25.19 20.39 -45.00
C ARG F 65 -26.25 21.47 -45.15
N TRP F 66 -27.49 21.09 -45.43
CA TRP F 66 -28.53 22.10 -45.60
C TRP F 66 -28.73 22.94 -44.36
N ILE F 67 -28.53 22.30 -43.20
CA ILE F 67 -28.71 22.99 -41.93
C ILE F 67 -27.62 24.03 -41.74
N ASN F 68 -26.39 23.68 -42.09
CA ASN F 68 -25.28 24.64 -42.05
C ASN F 68 -25.52 25.86 -42.93
N ASN F 69 -26.13 25.66 -44.08
CA ASN F 69 -26.45 26.75 -44.97
C ASN F 69 -27.76 27.44 -44.62
N GLY F 70 -28.28 27.15 -43.43
CA GLY F 70 -29.38 27.92 -42.88
C GLY F 70 -30.73 27.25 -42.75
N LEU F 71 -30.87 26.04 -43.27
CA LEU F 71 -32.15 25.35 -43.21
C LEU F 71 -32.54 25.02 -41.76
N TRP F 72 -33.79 25.30 -41.41
CA TRP F 72 -34.28 25.09 -40.06
C TRP F 72 -34.94 23.74 -39.95
N VAL F 73 -34.35 22.89 -39.11
CA VAL F 73 -34.93 21.58 -38.83
C VAL F 73 -34.96 21.37 -37.31
N PRO F 74 -36.13 21.65 -36.71
CA PRO F 74 -36.23 21.56 -35.25
C PRO F 74 -36.04 20.14 -34.76
N ALA F 75 -35.30 19.99 -33.68
CA ALA F 75 -35.14 18.70 -33.03
C ALA F 75 -36.34 18.30 -32.18
N LEU F 76 -37.01 17.22 -32.57
CA LEU F 76 -38.09 16.67 -31.76
C LEU F 76 -37.59 15.53 -30.87
N GLU F 77 -37.83 15.63 -29.58
CA GLU F 77 -37.34 14.67 -28.60
C GLU F 77 -38.40 13.69 -28.10
N PHE F 78 -38.06 12.41 -28.05
CA PHE F 78 -38.95 11.48 -27.37
C PHE F 78 -38.77 11.68 -25.88
N ILE F 79 -39.78 12.21 -25.22
CA ILE F 79 -39.67 12.56 -23.82
C ILE F 79 -39.30 11.36 -22.97
N ASN F 80 -39.98 10.24 -23.24
CA ASN F 80 -39.91 9.04 -22.41
C ASN F 80 -39.04 7.92 -22.98
N VAL F 81 -38.17 8.27 -23.92
CA VAL F 81 -37.19 7.33 -24.40
C VAL F 81 -36.11 7.16 -23.33
N VAL F 82 -35.52 5.97 -23.23
CA VAL F 82 -34.43 5.76 -22.29
C VAL F 82 -33.15 5.53 -23.07
N GLY F 83 -32.33 6.57 -23.21
CA GLY F 83 -31.16 6.46 -24.05
C GLY F 83 -31.42 6.95 -25.46
N SER F 84 -30.37 7.34 -26.19
CA SER F 84 -30.57 7.87 -27.53
C SER F 84 -31.14 6.79 -28.41
N PRO F 85 -32.32 7.04 -29.00
CA PRO F 85 -32.91 6.09 -29.93
C PRO F 85 -31.97 5.84 -31.10
N ASP F 86 -32.11 4.69 -31.73
CA ASP F 86 -31.30 4.31 -32.88
C ASP F 86 -32.05 4.77 -34.11
N THR F 87 -31.53 5.77 -34.81
CA THR F 87 -32.26 6.25 -35.97
C THR F 87 -31.60 5.77 -37.25
N GLY F 88 -32.40 5.19 -38.13
CA GLY F 88 -31.90 4.75 -39.42
C GLY F 88 -31.77 5.88 -40.41
N ASN F 89 -32.35 5.70 -41.59
CA ASN F 89 -32.31 6.75 -42.58
C ASN F 89 -33.25 7.87 -42.20
N LYS F 90 -32.86 9.06 -42.60
CA LYS F 90 -33.72 10.20 -42.48
C LYS F 90 -33.66 10.96 -43.78
N ARG F 91 -34.75 11.65 -44.10
CA ARG F 91 -34.86 12.42 -45.31
C ARG F 91 -35.66 13.70 -45.08
N LEU F 92 -35.29 14.75 -45.81
CA LEU F 92 -36.11 15.94 -45.92
C LEU F 92 -36.68 15.90 -47.31
N MET F 93 -37.99 16.17 -47.41
CA MET F 93 -38.62 16.47 -48.69
C MET F 93 -38.91 17.97 -48.72
N LEU F 94 -38.26 18.69 -49.62
CA LEU F 94 -38.41 20.14 -49.70
C LEU F 94 -39.25 20.53 -50.89
N PHE F 95 -40.46 21.03 -50.64
CA PHE F 95 -41.34 21.52 -51.71
C PHE F 95 -41.02 22.98 -52.02
N PRO F 96 -41.22 23.38 -53.28
CA PRO F 96 -40.89 24.73 -53.74
C PRO F 96 -41.84 25.77 -53.11
N ASP F 97 -43.05 25.35 -52.79
CA ASP F 97 -44.02 26.24 -52.16
C ASP F 97 -43.79 26.40 -50.65
N GLY F 98 -42.72 25.78 -50.16
CA GLY F 98 -42.30 25.96 -48.78
C GLY F 98 -42.62 24.83 -47.81
N ARG F 99 -43.36 23.82 -48.25
CA ARG F 99 -43.59 22.68 -47.38
C ARG F 99 -42.24 22.00 -47.14
N VAL F 100 -42.06 21.51 -45.91
CA VAL F 100 -40.87 20.76 -45.54
C VAL F 100 -41.30 19.53 -44.77
N ILE F 101 -40.95 18.35 -45.29
CA ILE F 101 -41.33 17.11 -44.61
C ILE F 101 -40.14 16.29 -44.15
N TYR F 102 -40.03 16.12 -42.84
CA TYR F 102 -38.96 15.31 -42.26
C TYR F 102 -39.46 13.91 -41.95
N ASN F 103 -38.66 12.93 -42.35
CA ASN F 103 -39.03 11.52 -42.20
C ASN F 103 -37.83 10.70 -41.72
N ALA F 104 -38.02 9.93 -40.66
CA ALA F 104 -36.94 9.10 -40.16
C ALA F 104 -37.43 7.81 -39.54
N ARG F 105 -36.60 6.79 -39.69
CA ARG F 105 -36.82 5.48 -39.09
C ARG F 105 -36.25 5.56 -37.69
N PHE F 106 -36.92 4.93 -36.74
CA PHE F 106 -36.38 4.93 -35.38
C PHE F 106 -36.67 3.66 -34.59
N LEU F 107 -35.75 3.33 -33.70
CA LEU F 107 -35.93 2.22 -32.78
C LEU F 107 -35.48 2.72 -31.44
N GLY F 108 -36.38 2.72 -30.47
CA GLY F 108 -36.04 3.18 -29.15
C GLY F 108 -36.60 2.35 -28.02
N SER F 109 -35.97 2.50 -26.86
CA SER F 109 -36.52 1.95 -25.63
C SER F 109 -37.33 3.04 -24.96
N PHE F 110 -38.60 2.77 -24.71
CA PHE F 110 -39.45 3.75 -24.09
C PHE F 110 -39.88 3.33 -22.70
N SER F 111 -40.05 4.33 -21.85
CA SER F 111 -40.42 4.11 -20.45
C SER F 111 -41.87 4.48 -20.19
N ASN F 112 -42.50 3.76 -19.27
CA ASN F 112 -43.80 4.14 -18.77
C ASN F 112 -44.02 3.45 -17.43
N ASP F 113 -44.98 3.98 -16.67
CA ASP F 113 -45.37 3.32 -15.43
C ASP F 113 -46.01 2.00 -15.81
N MET F 114 -45.55 0.92 -15.21
CA MET F 114 -46.09 -0.39 -15.55
C MET F 114 -46.37 -1.22 -14.30
N ASP F 115 -47.65 -1.58 -14.15
CA ASP F 115 -48.11 -2.37 -13.02
C ASP F 115 -48.29 -3.84 -13.43
N PHE F 116 -47.37 -4.69 -12.98
CA PHE F 116 -47.42 -6.09 -13.36
C PHE F 116 -48.05 -6.94 -12.24
N ARG F 117 -48.74 -6.29 -11.31
CA ARG F 117 -49.24 -6.97 -10.13
C ARG F 117 -50.24 -8.10 -10.46
N LEU F 118 -51.15 -7.83 -11.38
CA LEU F 118 -52.10 -8.87 -11.75
C LEU F 118 -51.51 -9.73 -12.83
N PHE F 119 -50.33 -10.29 -12.61
CA PHE F 119 -49.65 -11.02 -13.68
C PHE F 119 -50.57 -12.05 -14.35
N PRO F 120 -50.00 -12.98 -15.13
CA PRO F 120 -50.43 -13.41 -16.47
C PRO F 120 -51.57 -12.62 -17.10
N PHE F 121 -52.37 -11.90 -16.30
CA PHE F 121 -53.58 -11.24 -16.79
C PHE F 121 -53.48 -9.72 -16.75
N ASP F 122 -52.26 -9.19 -16.85
CA ASP F 122 -52.07 -7.75 -16.76
C ASP F 122 -52.38 -7.09 -18.10
N ARG F 123 -52.78 -5.82 -18.03
CA ARG F 123 -52.88 -5.00 -19.23
C ARG F 123 -52.01 -3.76 -19.05
N GLN F 124 -51.32 -3.39 -20.12
CA GLN F 124 -50.38 -2.29 -20.10
C GLN F 124 -50.75 -1.30 -21.16
N GLN F 125 -50.25 -0.07 -21.05
CA GLN F 125 -50.26 0.79 -22.21
C GLN F 125 -48.87 1.24 -22.63
N PHE F 126 -48.59 1.02 -23.91
CA PHE F 126 -47.35 1.45 -24.52
C PHE F 126 -47.54 2.87 -25.03
N VAL F 127 -46.79 3.81 -24.45
CA VAL F 127 -46.93 5.19 -24.84
C VAL F 127 -45.66 5.80 -25.45
N LEU F 128 -45.87 6.76 -26.34
CA LEU F 128 -44.80 7.61 -26.84
C LEU F 128 -45.14 9.05 -26.46
N GLU F 129 -44.12 9.81 -26.04
CA GLU F 129 -44.28 11.23 -25.75
C GLU F 129 -43.26 12.07 -26.52
N LEU F 130 -43.76 12.99 -27.33
CA LEU F 130 -42.94 13.82 -28.21
C LEU F 130 -43.07 15.32 -27.90
N GLU F 131 -41.95 15.96 -27.57
CA GLU F 131 -41.90 17.43 -27.47
C GLU F 131 -40.74 17.98 -28.28
N PRO F 132 -40.86 19.21 -28.76
CA PRO F 132 -39.70 19.83 -29.40
C PRO F 132 -38.63 20.03 -28.34
N PHE F 133 -37.36 19.96 -28.71
CA PHE F 133 -36.34 19.96 -27.67
C PHE F 133 -36.06 21.35 -27.14
N SER F 134 -36.00 22.34 -28.03
CA SER F 134 -35.56 23.68 -27.67
C SER F 134 -36.65 24.72 -27.82
N TYR F 135 -37.58 24.48 -28.72
CA TYR F 135 -38.59 25.46 -29.05
C TYR F 135 -39.89 25.30 -28.28
N ASN F 136 -40.16 26.26 -27.40
CA ASN F 136 -41.49 26.42 -26.82
C ASN F 136 -42.35 27.14 -27.84
N ASN F 137 -41.69 27.97 -28.66
CA ASN F 137 -42.30 28.87 -29.65
C ASN F 137 -42.64 28.23 -31.01
N GLN F 138 -43.11 26.99 -30.94
CA GLN F 138 -43.53 26.22 -32.11
C GLN F 138 -44.40 25.05 -31.62
N GLN F 139 -45.46 24.75 -32.37
CA GLN F 139 -46.61 24.02 -31.85
C GLN F 139 -47.08 22.84 -32.73
N LEU F 140 -47.41 21.75 -32.07
CA LEU F 140 -47.90 20.58 -32.79
C LEU F 140 -49.35 20.80 -33.18
N ARG F 141 -49.59 20.89 -34.48
CA ARG F 141 -50.92 21.12 -34.99
C ARG F 141 -51.83 19.88 -34.90
N PHE F 142 -51.35 18.73 -35.38
CA PHE F 142 -52.08 17.48 -35.18
C PHE F 142 -51.23 16.21 -35.17
N SER F 143 -51.77 15.14 -34.57
CA SER F 143 -51.06 13.88 -34.48
C SER F 143 -51.84 12.72 -35.10
N ASP F 144 -51.20 11.97 -36.00
CA ASP F 144 -51.78 10.74 -36.52
C ASP F 144 -50.85 9.53 -36.31
N ILE F 145 -51.28 8.54 -35.54
CA ILE F 145 -50.51 7.30 -35.53
C ILE F 145 -51.15 6.23 -36.42
N GLN F 146 -50.34 5.62 -37.27
CA GLN F 146 -50.81 4.54 -38.13
C GLN F 146 -50.24 3.22 -37.58
N VAL F 147 -50.96 2.60 -36.66
CA VAL F 147 -50.54 1.33 -36.05
C VAL F 147 -51.09 0.20 -36.88
N TYR F 148 -50.84 0.28 -38.18
CA TYR F 148 -51.46 -0.65 -39.12
C TYR F 148 -50.85 -2.04 -39.06
N THR F 149 -50.68 -2.53 -37.83
CA THR F 149 -50.48 -3.94 -37.63
C THR F 149 -51.84 -4.54 -37.97
N GLU F 150 -52.60 -4.94 -36.95
CA GLU F 150 -53.96 -5.45 -37.14
C GLU F 150 -54.52 -5.92 -35.80
N ASN F 151 -55.84 -5.97 -35.67
CA ASN F 151 -56.48 -6.40 -34.43
C ASN F 151 -56.60 -7.92 -34.31
N ILE F 152 -57.75 -8.47 -34.70
CA ILE F 152 -57.98 -9.91 -34.59
C ILE F 152 -57.36 -10.69 -35.77
N ASP F 153 -56.16 -11.22 -35.55
CA ASP F 153 -55.41 -11.94 -36.57
C ASP F 153 -54.40 -12.88 -35.90
N ASN F 154 -53.12 -12.72 -36.25
CA ASN F 154 -52.06 -13.35 -35.47
C ASN F 154 -52.02 -12.72 -34.09
N GLU F 155 -52.36 -13.49 -33.08
CA GLU F 155 -52.33 -12.99 -31.72
C GLU F 155 -51.79 -14.09 -30.85
N GLU F 156 -52.15 -15.32 -31.23
CA GLU F 156 -51.73 -16.50 -30.50
C GLU F 156 -50.32 -16.83 -30.94
N ILE F 157 -49.85 -16.08 -31.93
CA ILE F 157 -48.46 -16.14 -32.35
C ILE F 157 -47.66 -15.08 -31.59
N ASP F 158 -48.36 -14.09 -31.07
CA ASP F 158 -47.73 -12.94 -30.43
C ASP F 158 -47.93 -12.97 -28.92
N GLU F 159 -47.04 -12.29 -28.21
CA GLU F 159 -47.09 -12.20 -26.75
C GLU F 159 -48.16 -11.20 -26.25
N TRP F 160 -48.29 -10.08 -26.94
CA TRP F 160 -49.25 -9.04 -26.54
C TRP F 160 -50.37 -8.90 -27.56
N TRP F 161 -51.58 -8.66 -27.05
CA TRP F 161 -52.74 -8.42 -27.90
C TRP F 161 -53.14 -6.96 -27.79
N ILE F 162 -53.19 -6.28 -28.93
CA ILE F 162 -53.52 -4.85 -28.95
C ILE F 162 -55.02 -4.57 -28.92
N ARG F 163 -55.45 -3.66 -28.05
CA ARG F 163 -56.83 -3.13 -28.10
C ARG F 163 -57.07 -2.32 -29.38
N GLY F 164 -56.19 -1.37 -29.65
CA GLY F 164 -56.17 -0.66 -30.92
C GLY F 164 -57.39 0.19 -31.18
N LYS F 165 -57.33 1.09 -32.17
CA LYS F 165 -56.08 1.70 -32.61
C LYS F 165 -55.58 2.64 -31.50
N ALA F 166 -54.46 3.30 -31.74
CA ALA F 166 -53.90 4.11 -30.67
C ALA F 166 -54.70 5.40 -30.48
N SER F 167 -54.70 5.89 -29.24
CA SER F 167 -55.25 7.20 -28.94
C SER F 167 -54.16 8.28 -28.89
N THR F 168 -54.51 9.49 -29.31
CA THR F 168 -53.56 10.60 -29.33
C THR F 168 -54.08 11.78 -28.52
N HIS F 169 -53.19 12.71 -28.19
CA HIS F 169 -53.56 13.85 -27.38
C HIS F 169 -52.46 14.91 -27.34
N ILE F 170 -52.63 15.97 -28.15
CA ILE F 170 -51.75 17.13 -28.08
C ILE F 170 -52.10 17.99 -26.85
N SER F 171 -51.08 18.41 -26.11
CA SER F 171 -51.32 19.24 -24.93
C SER F 171 -50.17 20.22 -24.69
N ASP F 172 -50.21 20.94 -23.57
CA ASP F 172 -49.17 21.91 -23.27
C ASP F 172 -48.58 21.66 -21.90
N ILE F 173 -47.26 21.58 -21.84
CA ILE F 173 -46.60 21.24 -20.61
C ILE F 173 -45.83 22.45 -20.13
N ARG F 174 -45.94 22.72 -18.84
CA ARG F 174 -45.31 23.89 -18.27
C ARG F 174 -44.00 23.49 -17.60
N TYR F 175 -42.90 24.12 -18.02
CA TYR F 175 -41.62 23.93 -17.35
C TYR F 175 -41.26 25.17 -16.55
N ASP F 176 -41.47 25.09 -15.25
CA ASP F 176 -41.31 26.26 -14.37
C ASP F 176 -39.86 26.65 -14.08
N HIS F 177 -38.95 25.70 -14.16
CA HIS F 177 -37.56 25.95 -13.79
C HIS F 177 -36.62 25.93 -14.99
N LEU F 178 -37.13 26.34 -16.14
CA LEU F 178 -36.38 26.28 -17.38
C LEU F 178 -36.49 27.63 -18.06
N SER F 179 -35.42 28.42 -18.01
CA SER F 179 -35.38 29.73 -18.66
C SER F 179 -35.69 29.61 -20.15
N SER F 180 -36.47 30.54 -20.67
CA SER F 180 -36.88 30.48 -22.08
C SER F 180 -36.53 31.74 -22.85
N VAL F 181 -36.76 31.69 -24.16
CA VAL F 181 -36.51 32.81 -25.06
C VAL F 181 -37.04 34.14 -24.51
N GLN F 182 -38.36 34.21 -24.29
CA GLN F 182 -38.98 35.38 -23.67
C GLN F 182 -39.31 35.10 -22.19
N PRO F 183 -39.57 36.14 -21.41
CA PRO F 183 -39.74 35.97 -19.95
C PRO F 183 -41.05 35.28 -19.58
N ASN F 184 -42.07 35.42 -20.43
CA ASN F 184 -43.40 34.87 -20.15
C ASN F 184 -43.58 33.41 -20.58
N GLN F 185 -43.03 33.07 -21.74
CA GLN F 185 -43.37 31.83 -22.45
C GLN F 185 -42.55 30.59 -22.07
N ASN F 186 -43.13 29.75 -21.22
CA ASN F 186 -42.45 28.54 -20.75
C ASN F 186 -43.32 27.27 -20.87
N GLU F 187 -44.06 27.17 -21.96
CA GLU F 187 -44.86 25.98 -22.21
C GLU F 187 -44.46 25.27 -23.51
N PHE F 188 -44.37 23.94 -23.44
CA PHE F 188 -44.05 23.18 -24.63
C PHE F 188 -45.23 22.39 -25.16
N SER F 189 -45.31 22.33 -26.49
CA SER F 189 -46.29 21.48 -27.17
C SER F 189 -45.85 20.01 -27.07
N ARG F 190 -46.71 19.17 -26.50
CA ARG F 190 -46.41 17.74 -26.38
C ARG F 190 -47.45 16.82 -27.01
N ILE F 191 -46.97 15.95 -27.90
CA ILE F 191 -47.81 14.86 -28.40
C ILE F 191 -47.70 13.66 -27.45
N THR F 192 -48.83 12.99 -27.22
CA THR F 192 -48.80 11.76 -26.43
C THR F 192 -49.59 10.66 -27.12
N VAL F 193 -48.91 9.56 -27.47
CA VAL F 193 -49.57 8.43 -28.08
C VAL F 193 -49.73 7.29 -27.10
N ARG F 194 -50.89 6.66 -27.10
CA ARG F 194 -51.13 5.55 -26.19
C ARG F 194 -51.70 4.36 -26.92
N ILE F 195 -51.11 3.20 -26.70
CA ILE F 195 -51.60 1.96 -27.27
C ILE F 195 -51.87 0.95 -26.18
N ASP F 196 -53.10 0.46 -26.11
CA ASP F 196 -53.48 -0.44 -25.02
C ASP F 196 -53.19 -1.87 -25.39
N ALA F 197 -52.95 -2.70 -24.40
CA ALA F 197 -52.59 -4.09 -24.68
C ALA F 197 -52.85 -5.00 -23.50
N VAL F 198 -53.27 -6.22 -23.81
CA VAL F 198 -53.46 -7.25 -22.82
C VAL F 198 -52.49 -8.39 -23.10
N ARG F 199 -52.04 -9.04 -22.03
CA ARG F 199 -51.06 -10.09 -22.17
C ARG F 199 -51.74 -11.38 -22.57
N ASN F 200 -51.08 -12.14 -23.44
CA ASN F 200 -51.56 -13.45 -23.85
C ASN F 200 -51.31 -14.49 -22.77
N PRO F 201 -52.35 -14.77 -21.94
CA PRO F 201 -52.23 -15.48 -20.66
C PRO F 201 -52.17 -16.98 -20.82
N SER F 202 -52.29 -17.47 -22.06
CA SER F 202 -52.35 -18.90 -22.30
C SER F 202 -51.18 -19.66 -21.65
N TYR F 203 -49.98 -19.44 -22.17
CA TYR F 203 -48.80 -20.18 -21.73
C TYR F 203 -48.72 -20.30 -20.21
N TYR F 204 -48.99 -19.21 -19.50
CA TYR F 204 -48.85 -19.21 -18.05
C TYR F 204 -49.95 -20.02 -17.36
N LEU F 205 -51.15 -20.01 -17.94
CA LEU F 205 -52.24 -20.82 -17.40
C LEU F 205 -51.91 -22.29 -17.47
N TRP F 206 -51.61 -22.75 -18.67
CA TRP F 206 -51.38 -24.17 -18.92
C TRP F 206 -50.05 -24.72 -18.44
N SER F 207 -49.03 -23.88 -18.35
CA SER F 207 -47.71 -24.38 -18.00
C SER F 207 -47.28 -24.02 -16.59
N PHE F 208 -47.99 -23.11 -15.95
CA PHE F 208 -47.63 -22.71 -14.59
C PHE F 208 -48.76 -22.84 -13.60
N ILE F 209 -49.84 -22.10 -13.86
CA ILE F 209 -50.96 -22.10 -12.93
C ILE F 209 -51.59 -23.49 -12.75
N LEU F 210 -51.84 -24.19 -13.85
CA LEU F 210 -52.41 -25.52 -13.80
C LEU F 210 -51.57 -26.46 -12.95
N PRO F 211 -50.36 -26.81 -13.41
CA PRO F 211 -49.55 -27.72 -12.59
C PRO F 211 -49.41 -27.26 -11.13
N LEU F 212 -49.35 -25.96 -10.87
CA LEU F 212 -49.23 -25.49 -9.49
C LEU F 212 -50.46 -25.96 -8.72
N GLY F 213 -51.61 -25.90 -9.37
CA GLY F 213 -52.85 -26.37 -8.78
C GLY F 213 -52.77 -27.86 -8.45
N LEU F 214 -52.52 -28.66 -9.49
CA LEU F 214 -52.29 -30.09 -9.33
C LEU F 214 -51.37 -30.44 -8.14
N ILE F 215 -50.18 -29.86 -8.13
CA ILE F 215 -49.25 -30.07 -7.03
C ILE F 215 -49.82 -29.65 -5.67
N ILE F 216 -50.52 -28.52 -5.62
CA ILE F 216 -51.12 -28.10 -4.37
C ILE F 216 -52.20 -29.09 -3.92
N ALA F 217 -53.08 -29.46 -4.84
CA ALA F 217 -54.12 -30.45 -4.56
C ALA F 217 -53.51 -31.76 -4.07
N ALA F 218 -52.67 -32.38 -4.90
CA ALA F 218 -51.96 -33.60 -4.52
C ALA F 218 -51.33 -33.52 -3.13
N SER F 219 -50.93 -32.33 -2.72
CA SER F 219 -50.35 -32.15 -1.39
C SER F 219 -51.38 -32.55 -0.33
N TRP F 220 -52.66 -32.35 -0.64
CA TRP F 220 -53.75 -32.62 0.29
C TRP F 220 -53.97 -34.11 0.51
N SER F 221 -53.62 -34.91 -0.51
CA SER F 221 -53.77 -36.35 -0.41
C SER F 221 -52.86 -36.95 0.68
N VAL F 222 -52.19 -36.10 1.46
CA VAL F 222 -51.35 -36.59 2.53
C VAL F 222 -52.22 -37.18 3.64
N PHE F 223 -53.42 -36.62 3.80
CA PHE F 223 -54.33 -37.05 4.86
C PHE F 223 -54.95 -38.44 4.62
N TRP F 224 -54.75 -38.99 3.43
CA TRP F 224 -55.28 -40.31 3.11
C TRP F 224 -54.23 -41.39 3.34
N LEU F 225 -53.16 -41.01 4.01
CA LEU F 225 -52.13 -41.96 4.41
C LEU F 225 -52.49 -42.54 5.76
N GLU F 226 -52.19 -43.83 5.94
CA GLU F 226 -52.63 -44.57 7.11
C GLU F 226 -51.83 -44.22 8.36
N SER F 227 -50.51 -44.35 8.27
CA SER F 227 -49.63 -44.11 9.40
C SER F 227 -49.40 -42.62 9.66
N PHE F 228 -49.10 -42.27 10.90
CA PHE F 228 -48.62 -40.93 11.23
C PHE F 228 -47.23 -40.72 10.63
N SER F 229 -46.34 -41.68 10.88
CA SER F 229 -45.02 -41.70 10.27
C SER F 229 -45.09 -41.43 8.77
N GLU F 230 -45.98 -42.11 8.08
CA GLU F 230 -46.14 -41.91 6.64
C GLU F 230 -46.54 -40.47 6.31
N ARG F 231 -47.50 -39.93 7.08
CA ARG F 231 -48.02 -38.60 6.83
C ARG F 231 -46.97 -37.49 7.00
N LEU F 232 -46.28 -37.51 8.14
CA LEU F 232 -45.28 -36.49 8.43
C LEU F 232 -44.10 -36.56 7.48
N GLN F 233 -43.53 -37.75 7.31
CA GLN F 233 -42.40 -37.94 6.39
C GLN F 233 -42.73 -37.49 4.97
N THR F 234 -43.90 -37.89 4.47
CA THR F 234 -44.31 -37.50 3.13
C THR F 234 -44.40 -35.97 3.00
N SER F 235 -44.81 -35.31 4.08
CA SER F 235 -44.91 -33.85 4.08
C SER F 235 -43.60 -33.18 3.62
N PHE F 236 -42.48 -33.66 4.15
CA PHE F 236 -41.18 -33.07 3.81
C PHE F 236 -40.85 -33.17 2.34
N THR F 237 -41.39 -34.18 1.68
CA THR F 237 -41.20 -34.32 0.24
C THR F 237 -42.06 -33.32 -0.53
N LEU F 238 -43.27 -33.09 -0.04
CA LEU F 238 -44.15 -32.09 -0.65
C LEU F 238 -43.51 -30.72 -0.49
N MET F 239 -42.87 -30.51 0.66
CA MET F 239 -42.14 -29.28 0.94
C MET F 239 -41.09 -29.03 -0.13
N LEU F 240 -40.20 -30.00 -0.30
CA LEU F 240 -39.15 -29.94 -1.31
C LEU F 240 -39.74 -29.68 -2.69
N THR F 241 -40.89 -30.28 -2.98
CA THR F 241 -41.52 -30.07 -4.27
C THR F 241 -41.92 -28.61 -4.48
N VAL F 242 -42.48 -27.98 -3.46
CA VAL F 242 -42.92 -26.60 -3.63
C VAL F 242 -41.70 -25.71 -3.82
N VAL F 243 -40.63 -26.01 -3.11
CA VAL F 243 -39.38 -25.29 -3.30
C VAL F 243 -38.91 -25.42 -4.74
N ALA F 244 -38.75 -26.65 -5.21
CA ALA F 244 -38.37 -26.83 -6.63
C ALA F 244 -39.28 -26.03 -7.53
N TYR F 245 -40.57 -26.04 -7.24
CA TYR F 245 -41.51 -25.36 -8.10
C TYR F 245 -41.34 -23.85 -8.04
N ALA F 246 -41.02 -23.34 -6.85
CA ALA F 246 -40.80 -21.90 -6.68
C ALA F 246 -39.57 -21.49 -7.46
N PHE F 247 -38.54 -22.35 -7.41
CA PHE F 247 -37.30 -22.13 -8.16
C PHE F 247 -37.61 -22.01 -9.64
N TYR F 248 -38.21 -23.06 -10.19
CA TYR F 248 -38.66 -23.12 -11.57
C TYR F 248 -39.51 -21.93 -11.96
N THR F 249 -40.51 -21.64 -11.16
CA THR F 249 -41.39 -20.51 -11.40
C THR F 249 -40.60 -19.21 -11.46
N SER F 250 -39.68 -19.00 -10.51
CA SER F 250 -38.95 -17.74 -10.39
C SER F 250 -37.95 -17.52 -11.50
N ASN F 251 -37.26 -18.59 -11.88
CA ASN F 251 -36.20 -18.48 -12.86
C ASN F 251 -36.77 -18.25 -14.25
N ILE F 252 -38.03 -18.60 -14.45
CA ILE F 252 -38.64 -18.50 -15.78
C ILE F 252 -39.61 -17.32 -15.97
N LEU F 253 -40.31 -16.92 -14.91
CA LEU F 253 -41.17 -15.73 -14.94
C LEU F 253 -40.42 -14.40 -14.82
N PRO F 254 -41.04 -13.31 -15.32
CA PRO F 254 -40.41 -12.00 -15.36
C PRO F 254 -40.09 -11.52 -13.96
N ARG F 255 -38.90 -10.95 -13.76
CA ARG F 255 -38.51 -10.40 -12.47
C ARG F 255 -39.33 -9.17 -12.10
N LEU F 256 -39.71 -9.08 -10.84
CA LEU F 256 -40.47 -7.94 -10.36
C LEU F 256 -40.05 -7.62 -8.92
N PRO F 257 -40.41 -6.43 -8.45
CA PRO F 257 -40.04 -6.02 -7.10
C PRO F 257 -41.21 -6.31 -6.17
N TYR F 258 -42.24 -6.95 -6.69
CA TYR F 258 -43.42 -7.28 -5.90
C TYR F 258 -44.00 -8.65 -6.26
N THR F 259 -44.97 -9.11 -5.48
CA THR F 259 -45.53 -10.44 -5.66
C THR F 259 -46.64 -10.44 -6.67
N THR F 260 -46.64 -11.45 -7.53
CA THR F 260 -47.72 -11.63 -8.49
C THR F 260 -48.73 -12.62 -7.93
N VAL F 261 -49.82 -12.86 -8.65
CA VAL F 261 -50.78 -13.87 -8.21
C VAL F 261 -50.13 -15.25 -8.09
N ILE F 262 -49.39 -15.65 -9.12
CA ILE F 262 -48.63 -16.88 -9.07
C ILE F 262 -47.72 -16.97 -7.83
N ASP F 263 -47.07 -15.86 -7.49
CA ASP F 263 -46.19 -15.81 -6.31
C ASP F 263 -46.97 -16.16 -5.03
N GLN F 264 -48.20 -15.62 -4.94
CA GLN F 264 -49.07 -15.89 -3.81
C GLN F 264 -49.49 -17.36 -3.75
N MET F 265 -49.98 -17.91 -4.86
CA MET F 265 -50.27 -19.34 -4.94
C MET F 265 -49.11 -20.15 -4.36
N ILE F 266 -47.88 -19.86 -4.80
CA ILE F 266 -46.71 -20.54 -4.28
C ILE F 266 -46.61 -20.43 -2.75
N ILE F 267 -46.84 -19.24 -2.23
CA ILE F 267 -46.80 -19.02 -0.78
C ILE F 267 -47.91 -19.79 -0.07
N ALA F 268 -49.09 -19.82 -0.67
CA ALA F 268 -50.20 -20.63 -0.17
C ALA F 268 -49.79 -22.10 -0.08
N GLY F 269 -49.26 -22.63 -1.17
CA GLY F 269 -48.71 -23.98 -1.19
C GLY F 269 -47.82 -24.23 0.01
N TYR F 270 -46.85 -23.34 0.23
CA TYR F 270 -45.99 -23.43 1.40
C TYR F 270 -46.80 -23.51 2.69
N GLY F 271 -47.81 -22.64 2.78
CA GLY F 271 -48.60 -22.50 4.00
C GLY F 271 -49.44 -23.72 4.27
N SER F 272 -50.19 -24.16 3.27
CA SER F 272 -50.96 -25.40 3.36
C SER F 272 -50.09 -26.54 3.89
N ILE F 273 -48.96 -26.78 3.24
CA ILE F 273 -48.03 -27.84 3.66
C ILE F 273 -47.52 -27.68 5.08
N PHE F 274 -47.38 -26.43 5.54
CA PHE F 274 -46.93 -26.19 6.92
C PHE F 274 -48.07 -26.44 7.91
N ALA F 275 -49.24 -25.88 7.62
CA ALA F 275 -50.43 -26.15 8.41
C ALA F 275 -50.66 -27.66 8.57
N ALA F 276 -50.59 -28.38 7.45
CA ALA F 276 -50.72 -29.84 7.46
C ALA F 276 -49.74 -30.45 8.46
N ILE F 277 -48.47 -30.07 8.40
CA ILE F 277 -47.49 -30.61 9.32
C ILE F 277 -47.86 -30.31 10.77
N LEU F 278 -48.48 -29.16 11.00
CA LEU F 278 -48.96 -28.83 12.33
C LEU F 278 -50.08 -29.77 12.76
N LEU F 279 -51.17 -29.80 11.98
CA LEU F 279 -52.27 -30.75 12.23
C LEU F 279 -51.76 -32.19 12.43
N ILE F 280 -51.10 -32.72 11.40
CA ILE F 280 -50.60 -34.10 11.44
C ILE F 280 -49.90 -34.44 12.76
N ILE F 281 -49.10 -33.50 13.26
CA ILE F 281 -48.40 -33.67 14.53
C ILE F 281 -49.35 -33.51 15.73
N PHE F 282 -50.31 -32.60 15.59
CA PHE F 282 -51.30 -32.36 16.62
C PHE F 282 -52.20 -33.57 16.83
N ALA F 283 -52.82 -34.06 15.75
CA ALA F 283 -53.65 -35.26 15.80
C ALA F 283 -53.01 -36.37 16.61
N HIS F 284 -51.70 -36.53 16.44
CA HIS F 284 -50.98 -37.64 17.04
C HIS F 284 -50.73 -37.47 18.54
N HIS F 285 -50.86 -36.24 19.03
CA HIS F 285 -50.57 -35.99 20.45
C HIS F 285 -51.69 -35.27 21.18
N ARG F 286 -52.83 -35.10 20.51
CA ARG F 286 -54.04 -34.62 21.15
C ARG F 286 -54.97 -35.80 21.40
N GLN F 287 -54.72 -36.51 22.49
CA GLN F 287 -55.46 -37.73 22.80
C GLN F 287 -55.39 -38.12 24.28
N ALA F 288 -55.19 -39.41 24.54
CA ALA F 288 -55.13 -39.91 25.91
C ALA F 288 -54.49 -41.30 25.98
N ASN F 289 -53.30 -41.43 25.38
CA ASN F 289 -52.56 -42.70 25.41
C ASN F 289 -51.14 -42.58 24.86
N GLY F 290 -50.97 -42.84 23.57
CA GLY F 290 -49.67 -42.78 22.92
C GLY F 290 -49.75 -42.69 21.41
N VAL F 291 -50.53 -43.58 20.81
CA VAL F 291 -50.74 -43.58 19.36
C VAL F 291 -52.24 -43.63 19.01
N GLU F 292 -53.04 -42.81 19.68
CA GLU F 292 -54.45 -42.67 19.35
C GLU F 292 -54.67 -41.42 18.49
N ASP F 293 -54.41 -41.56 17.19
CA ASP F 293 -54.59 -40.45 16.26
C ASP F 293 -56.04 -39.97 16.30
N ASP F 294 -56.23 -38.71 16.70
CA ASP F 294 -57.55 -38.09 16.77
C ASP F 294 -58.37 -38.49 15.53
N LEU F 295 -59.33 -39.40 15.74
CA LEU F 295 -60.12 -39.98 14.65
C LEU F 295 -60.64 -38.94 13.64
N LEU F 296 -61.56 -38.09 14.10
CA LEU F 296 -62.21 -37.12 13.23
C LEU F 296 -61.20 -36.23 12.49
N ILE F 297 -60.20 -35.75 13.21
CA ILE F 297 -59.29 -34.74 12.67
C ILE F 297 -58.41 -35.27 11.52
N GLN F 298 -57.65 -36.33 11.79
CA GLN F 298 -56.81 -36.95 10.77
C GLN F 298 -57.58 -37.11 9.47
N ARG F 299 -58.91 -37.03 9.57
CA ARG F 299 -59.80 -37.10 8.42
C ARG F 299 -60.44 -35.74 8.14
N CYS F 300 -59.58 -34.74 8.00
CA CYS F 300 -59.97 -33.46 7.45
C CYS F 300 -59.49 -33.44 6.00
N ARG F 301 -59.78 -34.54 5.30
CA ARG F 301 -59.42 -34.70 3.91
C ARG F 301 -60.35 -33.87 3.04
N LEU F 302 -61.22 -33.12 3.70
CA LEU F 302 -62.16 -32.25 3.00
C LEU F 302 -62.15 -30.87 3.66
N ALA F 303 -61.68 -30.82 4.90
CA ALA F 303 -61.57 -29.55 5.60
C ALA F 303 -60.53 -28.66 4.93
N PHE F 304 -59.36 -29.23 4.66
CA PHE F 304 -58.29 -28.52 3.98
C PHE F 304 -58.68 -28.06 2.56
N PRO F 305 -58.94 -29.03 1.66
CA PRO F 305 -59.23 -28.67 0.26
C PRO F 305 -60.20 -27.51 0.09
N LEU F 306 -61.28 -27.48 0.87
CA LEU F 306 -62.25 -26.39 0.72
C LEU F 306 -62.00 -25.23 1.69
N GLY F 307 -61.34 -25.52 2.80
CA GLY F 307 -60.90 -24.46 3.69
C GLY F 307 -59.81 -23.64 3.02
N PHE F 308 -59.27 -24.20 1.95
CA PHE F 308 -58.23 -23.56 1.18
C PHE F 308 -58.85 -22.87 -0.04
N LEU F 309 -59.93 -23.47 -0.56
CA LEU F 309 -60.68 -22.83 -1.64
C LEU F 309 -61.50 -21.67 -1.09
N ALA F 310 -61.55 -21.57 0.23
CA ALA F 310 -62.18 -20.43 0.89
C ALA F 310 -61.15 -19.31 1.04
N ILE F 311 -60.03 -19.63 1.67
CA ILE F 311 -58.90 -18.72 1.78
C ILE F 311 -58.25 -18.53 0.40
N GLY F 312 -58.81 -19.21 -0.60
CA GLY F 312 -58.34 -19.08 -1.97
C GLY F 312 -59.29 -18.22 -2.79
N CYS F 313 -60.45 -17.90 -2.22
CA CYS F 313 -61.37 -16.95 -2.82
C CYS F 313 -61.30 -15.62 -2.06
N VAL F 314 -60.30 -15.51 -1.20
CA VAL F 314 -59.98 -14.25 -0.53
C VAL F 314 -58.61 -13.78 -1.00
N LEU F 315 -58.07 -14.48 -2.00
CA LEU F 315 -56.92 -13.99 -2.75
C LEU F 315 -57.44 -13.12 -3.88
N VAL F 316 -58.77 -13.05 -3.97
CA VAL F 316 -59.45 -12.28 -5.00
C VAL F 316 -60.53 -11.39 -4.38
N ILE F 317 -60.18 -10.73 -3.28
CA ILE F 317 -61.07 -9.77 -2.64
C ILE F 317 -60.37 -8.43 -2.43
N PRO G 11 -38.51 6.87 -64.43
CA PRO G 11 -38.15 6.10 -63.22
C PRO G 11 -36.84 5.35 -63.45
N VAL G 12 -35.91 5.42 -62.49
CA VAL G 12 -34.61 4.77 -62.68
C VAL G 12 -34.68 3.27 -62.44
N ASP G 13 -34.09 2.50 -63.33
CA ASP G 13 -34.10 1.05 -63.17
C ASP G 13 -32.94 0.64 -62.27
N VAL G 14 -33.26 0.05 -61.14
CA VAL G 14 -32.23 -0.45 -60.23
C VAL G 14 -32.30 -1.97 -60.14
N SER G 15 -31.21 -2.65 -60.51
CA SER G 15 -31.11 -4.09 -60.23
C SER G 15 -30.20 -4.41 -59.04
N VAL G 16 -30.71 -5.22 -58.13
CA VAL G 16 -29.95 -5.60 -56.96
C VAL G 16 -29.72 -7.10 -56.87
N SER G 17 -28.48 -7.46 -56.57
CA SER G 17 -28.19 -8.82 -56.16
C SER G 17 -27.85 -8.83 -54.65
N ILE G 18 -28.39 -9.81 -53.94
CA ILE G 18 -28.07 -10.02 -52.53
C ILE G 18 -27.34 -11.34 -52.28
N PHE G 19 -26.08 -11.27 -51.84
CA PHE G 19 -25.36 -12.48 -51.41
C PHE G 19 -25.51 -12.74 -49.90
N ILE G 20 -26.03 -13.91 -49.54
CA ILE G 20 -26.25 -14.25 -48.14
C ILE G 20 -25.18 -15.19 -47.57
N ASN G 21 -24.34 -14.66 -46.68
CA ASN G 21 -23.25 -15.41 -46.08
C ASN G 21 -23.63 -16.30 -44.90
N LYS G 22 -24.57 -15.84 -44.09
CA LYS G 22 -24.85 -16.52 -42.85
C LYS G 22 -26.20 -16.09 -42.30
N ILE G 23 -26.97 -17.07 -41.85
CA ILE G 23 -28.21 -16.79 -41.16
C ILE G 23 -28.08 -17.50 -39.84
N TYR G 24 -28.21 -16.73 -38.77
CA TYR G 24 -27.97 -17.29 -37.45
C TYR G 24 -28.64 -16.47 -36.39
N GLY G 25 -28.47 -16.90 -35.15
CA GLY G 25 -28.95 -16.12 -34.03
C GLY G 25 -30.45 -15.94 -33.94
N VAL G 26 -31.24 -16.96 -34.28
CA VAL G 26 -32.68 -16.76 -34.12
C VAL G 26 -33.05 -16.37 -32.68
N ASN G 27 -33.93 -15.40 -32.52
CA ASN G 27 -34.47 -15.05 -31.20
C ASN G 27 -35.97 -15.30 -31.17
N THR G 28 -36.39 -16.38 -30.52
CA THR G 28 -37.78 -16.81 -30.57
C THR G 28 -38.76 -15.80 -30.00
N LEU G 29 -38.39 -15.23 -28.87
CA LEU G 29 -39.23 -14.22 -28.24
C LEU G 29 -39.49 -12.97 -29.09
N GLU G 30 -38.44 -12.45 -29.71
CA GLU G 30 -38.51 -11.24 -30.55
C GLU G 30 -38.91 -11.54 -32.00
N GLN G 31 -38.91 -12.81 -32.36
CA GLN G 31 -39.14 -13.21 -33.74
C GLN G 31 -38.16 -12.51 -34.69
N THR G 32 -36.88 -12.63 -34.38
CA THR G 32 -35.84 -12.07 -35.22
C THR G 32 -34.74 -13.09 -35.52
N TYR G 33 -33.82 -12.72 -36.41
CA TYR G 33 -32.72 -13.58 -36.79
C TYR G 33 -31.66 -12.69 -37.42
N LYS G 34 -30.43 -13.15 -37.43
CA LYS G 34 -29.37 -12.31 -37.94
C LYS G 34 -28.98 -12.76 -39.32
N VAL G 35 -28.67 -11.80 -40.19
CA VAL G 35 -28.24 -12.14 -41.53
C VAL G 35 -26.99 -11.36 -41.86
N ASP G 36 -25.95 -12.06 -42.29
CA ASP G 36 -24.75 -11.42 -42.80
C ASP G 36 -24.64 -11.66 -44.30
N GLY G 37 -24.42 -10.59 -45.05
CA GLY G 37 -24.30 -10.69 -46.49
C GLY G 37 -23.79 -9.44 -47.16
N TYR G 38 -23.81 -9.47 -48.49
CA TYR G 38 -23.48 -8.30 -49.29
C TYR G 38 -24.71 -7.88 -50.07
N ILE G 39 -24.83 -6.59 -50.32
CA ILE G 39 -25.86 -6.09 -51.23
C ILE G 39 -25.20 -5.36 -52.38
N VAL G 40 -25.68 -5.62 -53.58
CA VAL G 40 -25.19 -4.92 -54.74
C VAL G 40 -26.36 -4.29 -55.44
N ALA G 41 -26.21 -3.04 -55.89
CA ALA G 41 -27.27 -2.34 -56.56
C ALA G 41 -26.67 -1.62 -57.72
N GLN G 42 -27.30 -1.76 -58.89
CA GLN G 42 -26.81 -1.18 -60.13
C GLN G 42 -27.88 -0.38 -60.85
N TRP G 43 -27.46 0.75 -61.40
CA TRP G 43 -28.32 1.61 -62.19
C TRP G 43 -27.46 2.40 -63.18
N THR G 44 -28.08 2.92 -64.22
CA THR G 44 -27.33 3.70 -65.20
C THR G 44 -27.71 5.18 -65.18
N GLY G 45 -26.70 6.04 -65.22
CA GLY G 45 -26.91 7.48 -65.25
C GLY G 45 -26.15 8.12 -66.40
N LYS G 46 -25.95 9.44 -66.30
CA LYS G 46 -25.26 10.17 -67.37
C LYS G 46 -23.79 9.76 -67.45
N PRO G 47 -23.33 9.40 -68.66
CA PRO G 47 -21.92 9.03 -68.88
C PRO G 47 -20.97 10.03 -68.22
N ARG G 48 -19.73 9.60 -68.00
CA ARG G 48 -18.83 10.36 -67.13
C ARG G 48 -17.37 10.21 -67.58
N LYS G 49 -16.59 11.25 -67.33
CA LYS G 49 -15.15 11.17 -67.57
C LYS G 49 -14.45 10.53 -66.35
N THR G 50 -13.71 9.46 -66.61
CA THR G 50 -12.99 8.78 -65.55
C THR G 50 -11.53 8.66 -65.94
N PRO G 51 -10.61 8.81 -64.96
CA PRO G 51 -9.17 8.65 -65.18
C PRO G 51 -8.89 7.46 -66.08
N GLY G 52 -7.95 7.61 -67.01
CA GLY G 52 -7.81 6.64 -68.10
C GLY G 52 -9.14 6.66 -68.80
N ASP G 53 -9.71 5.48 -69.03
CA ASP G 53 -11.12 5.39 -69.37
C ASP G 53 -11.60 4.11 -68.75
N LYS G 54 -10.85 3.70 -67.72
CA LYS G 54 -11.20 2.57 -66.91
C LYS G 54 -12.28 3.03 -65.96
N PRO G 55 -13.18 2.11 -65.58
CA PRO G 55 -14.13 2.48 -64.52
C PRO G 55 -13.40 2.87 -63.22
N LEU G 56 -14.04 3.71 -62.42
CA LEU G 56 -13.44 4.28 -61.23
C LEU G 56 -14.00 3.65 -59.96
N ILE G 57 -13.11 3.31 -59.03
CA ILE G 57 -13.57 2.75 -57.77
C ILE G 57 -13.52 3.75 -56.62
N VAL G 58 -14.61 3.82 -55.86
CA VAL G 58 -14.70 4.73 -54.72
C VAL G 58 -15.11 3.99 -53.45
N GLU G 59 -14.21 3.97 -52.45
CA GLU G 59 -14.46 3.22 -51.21
C GLU G 59 -14.85 4.08 -49.99
N ASN G 60 -15.76 3.56 -49.19
CA ASN G 60 -16.05 4.11 -47.88
C ASN G 60 -16.17 5.65 -47.76
N THR G 61 -15.28 6.28 -47.00
CA THR G 61 -15.47 7.69 -46.69
C THR G 61 -15.54 8.56 -47.95
N GLN G 62 -14.95 8.05 -49.02
CA GLN G 62 -14.85 8.80 -50.25
C GLN G 62 -16.23 8.93 -50.94
N ILE G 63 -17.13 8.00 -50.66
CA ILE G 63 -18.43 8.06 -51.27
C ILE G 63 -19.17 9.33 -50.89
N GLU G 64 -19.19 9.68 -49.60
CA GLU G 64 -19.93 10.86 -49.20
C GLU G 64 -19.40 12.07 -49.97
N ARG G 65 -18.09 12.10 -50.22
CA ARG G 65 -17.46 13.23 -50.92
C ARG G 65 -18.12 13.39 -52.28
N TRP G 66 -18.16 12.30 -53.04
CA TRP G 66 -18.86 12.31 -54.33
C TRP G 66 -20.32 12.75 -54.23
N ILE G 67 -21.00 12.35 -53.18
CA ILE G 67 -22.39 12.73 -53.01
C ILE G 67 -22.52 14.24 -52.81
N ASN G 68 -21.62 14.84 -52.02
CA ASN G 68 -21.63 16.30 -51.83
C ASN G 68 -21.43 17.04 -53.13
N ASN G 69 -20.58 16.49 -53.99
CA ASN G 69 -20.35 17.12 -55.28
C ASN G 69 -21.39 16.75 -56.32
N GLY G 70 -22.50 16.16 -55.88
CA GLY G 70 -23.62 15.92 -56.76
C GLY G 70 -23.98 14.49 -57.15
N LEU G 71 -23.13 13.52 -56.83
CA LEU G 71 -23.44 12.14 -57.19
C LEU G 71 -24.71 11.63 -56.51
N TRP G 72 -25.57 10.95 -57.27
CA TRP G 72 -26.83 10.44 -56.72
C TRP G 72 -26.67 9.00 -56.26
N VAL G 73 -26.85 8.76 -54.97
CA VAL G 73 -26.76 7.40 -54.46
C VAL G 73 -27.97 7.16 -53.58
N PRO G 74 -29.01 6.55 -54.15
CA PRO G 74 -30.27 6.42 -53.41
C PRO G 74 -30.11 5.51 -52.19
N ALA G 75 -30.78 5.83 -51.09
CA ALA G 75 -30.72 4.99 -49.89
C ALA G 75 -31.74 3.85 -49.93
N LEU G 76 -31.24 2.63 -49.91
CA LEU G 76 -32.13 1.48 -49.88
C LEU G 76 -32.28 0.96 -48.45
N GLU G 77 -33.52 0.89 -47.98
CA GLU G 77 -33.81 0.49 -46.61
C GLU G 77 -34.26 -0.96 -46.49
N PHE G 78 -33.69 -1.69 -45.55
CA PHE G 78 -34.27 -2.96 -45.19
C PHE G 78 -35.53 -2.71 -44.38
N ILE G 79 -36.67 -2.95 -45.00
CA ILE G 79 -37.95 -2.71 -44.37
C ILE G 79 -38.08 -3.40 -43.02
N ASN G 80 -37.61 -4.65 -42.93
CA ASN G 80 -37.89 -5.50 -41.77
C ASN G 80 -36.67 -5.73 -40.86
N VAL G 81 -35.66 -4.89 -41.02
CA VAL G 81 -34.54 -4.85 -40.11
C VAL G 81 -34.99 -4.24 -38.76
N VAL G 82 -34.41 -4.73 -37.67
CA VAL G 82 -34.73 -4.19 -36.36
C VAL G 82 -33.51 -3.45 -35.83
N GLY G 83 -33.48 -2.14 -36.02
CA GLY G 83 -32.31 -1.38 -35.65
C GLY G 83 -31.42 -1.17 -36.85
N SER G 84 -30.53 -0.20 -36.77
CA SER G 84 -29.64 0.09 -37.87
C SER G 84 -28.70 -1.07 -38.09
N PRO G 85 -28.73 -1.65 -39.29
CA PRO G 85 -27.77 -2.70 -39.62
C PRO G 85 -26.34 -2.22 -39.50
N ASP G 86 -25.45 -3.16 -39.21
CA ASP G 86 -24.03 -2.88 -39.13
C ASP G 86 -23.45 -3.05 -40.53
N THR G 87 -23.11 -1.94 -41.18
CA THR G 87 -22.55 -2.04 -42.51
C THR G 87 -21.03 -1.90 -42.47
N GLY G 88 -20.36 -2.82 -43.14
CA GLY G 88 -18.91 -2.80 -43.23
C GLY G 88 -18.42 -1.87 -44.32
N ASN G 89 -17.61 -2.41 -45.22
CA ASN G 89 -17.11 -1.61 -46.32
C ASN G 89 -18.18 -1.41 -47.36
N LYS G 90 -18.10 -0.28 -48.02
CA LYS G 90 -18.96 -0.03 -49.14
C LYS G 90 -18.10 0.57 -50.22
N ARG G 91 -18.52 0.35 -51.46
CA ARG G 91 -17.81 0.89 -52.59
C ARG G 91 -18.79 1.25 -53.71
N LEU G 92 -18.46 2.32 -54.44
CA LEU G 92 -19.11 2.67 -55.70
C LEU G 92 -18.14 2.30 -56.82
N MET G 93 -18.64 1.62 -57.84
CA MET G 93 -17.89 1.39 -59.06
C MET G 93 -18.53 2.25 -60.13
N LEU G 94 -17.80 3.26 -60.60
CA LEU G 94 -18.32 4.21 -61.58
C LEU G 94 -17.76 3.92 -62.96
N PHE G 95 -18.61 3.44 -63.85
CA PHE G 95 -18.22 3.25 -65.25
C PHE G 95 -18.36 4.55 -66.03
N PRO G 96 -17.53 4.72 -67.07
CA PRO G 96 -17.50 5.95 -67.85
C PRO G 96 -18.75 6.07 -68.73
N ASP G 97 -19.32 4.92 -69.09
CA ASP G 97 -20.55 4.91 -69.85
C ASP G 97 -21.80 5.13 -69.00
N GLY G 98 -21.60 5.46 -67.72
CA GLY G 98 -22.70 5.83 -66.84
C GLY G 98 -23.26 4.75 -65.91
N ARG G 99 -22.74 3.52 -66.01
CA ARG G 99 -23.11 2.50 -65.04
C ARG G 99 -22.61 2.91 -63.66
N VAL G 100 -23.41 2.63 -62.64
CA VAL G 100 -23.01 2.88 -61.26
C VAL G 100 -23.35 1.66 -60.40
N ILE G 101 -22.34 1.06 -59.81
CA ILE G 101 -22.60 -0.13 -58.97
C ILE G 101 -22.23 0.05 -57.50
N TYR G 102 -23.23 -0.04 -56.65
CA TYR G 102 -23.02 0.11 -55.22
C TYR G 102 -22.91 -1.26 -54.56
N ASN G 103 -21.92 -1.41 -53.69
CA ASN G 103 -21.66 -2.69 -53.04
C ASN G 103 -21.31 -2.48 -51.58
N ALA G 104 -22.00 -3.19 -50.69
CA ALA G 104 -21.76 -3.03 -49.27
C ALA G 104 -21.98 -4.32 -48.50
N ARG G 105 -21.14 -4.51 -47.50
CA ARG G 105 -21.23 -5.64 -46.58
C ARG G 105 -22.21 -5.26 -45.49
N PHE G 106 -23.03 -6.21 -45.04
CA PHE G 106 -23.99 -5.87 -44.00
C PHE G 106 -24.26 -7.00 -43.03
N LEU G 107 -24.60 -6.63 -41.83
CA LEU G 107 -25.06 -7.59 -40.84
C LEU G 107 -26.22 -6.93 -40.11
N GLY G 108 -27.37 -7.58 -40.10
CA GLY G 108 -28.52 -6.98 -39.46
C GLY G 108 -29.44 -7.98 -38.81
N SER G 109 -30.29 -7.47 -37.92
CA SER G 109 -31.26 -8.29 -37.26
C SER G 109 -32.54 -8.08 -37.99
N PHE G 110 -33.13 -9.16 -38.49
CA PHE G 110 -34.33 -9.05 -39.29
C PHE G 110 -35.52 -9.65 -38.60
N SER G 111 -36.69 -9.09 -38.90
CA SER G 111 -37.93 -9.51 -38.29
C SER G 111 -38.82 -10.26 -39.27
N ASN G 112 -39.57 -11.22 -38.76
CA ASN G 112 -40.62 -11.86 -39.53
C ASN G 112 -41.59 -12.56 -38.61
N ASP G 113 -42.78 -12.86 -39.11
CA ASP G 113 -43.75 -13.60 -38.31
C ASP G 113 -43.18 -15.00 -38.15
N MET G 114 -43.13 -15.49 -36.91
CA MET G 114 -42.51 -16.76 -36.64
C MET G 114 -43.33 -17.62 -35.70
N ASP G 115 -43.85 -18.73 -36.23
CA ASP G 115 -44.69 -19.66 -35.48
C ASP G 115 -43.85 -20.82 -34.97
N PHE G 116 -43.57 -20.84 -33.67
CA PHE G 116 -42.76 -21.90 -33.08
C PHE G 116 -43.64 -22.96 -32.41
N ARG G 117 -44.92 -23.00 -32.76
CA ARG G 117 -45.85 -23.86 -32.05
C ARG G 117 -45.54 -25.35 -32.21
N LEU G 118 -45.18 -25.76 -33.42
CA LEU G 118 -44.81 -27.15 -33.64
C LEU G 118 -43.36 -27.38 -33.32
N PHE G 119 -42.91 -27.04 -32.12
CA PHE G 119 -41.48 -27.05 -31.85
C PHE G 119 -40.86 -28.40 -32.19
N PRO G 120 -39.64 -28.65 -31.73
CA PRO G 120 -38.51 -29.23 -32.46
C PRO G 120 -38.71 -29.38 -33.97
N PHE G 121 -39.94 -29.47 -34.43
CA PHE G 121 -40.21 -29.80 -35.83
C PHE G 121 -40.77 -28.62 -36.62
N ASP G 122 -40.43 -27.41 -36.22
CA ASP G 122 -40.97 -26.24 -36.86
C ASP G 122 -40.20 -25.89 -38.12
N ARG G 123 -40.88 -25.24 -39.07
CA ARG G 123 -40.20 -24.70 -40.23
C ARG G 123 -40.47 -23.21 -40.27
N GLN G 124 -39.44 -22.45 -40.65
CA GLN G 124 -39.50 -21.00 -40.67
C GLN G 124 -39.08 -20.48 -42.02
N GLN G 125 -39.48 -19.26 -42.33
CA GLN G 125 -38.82 -18.60 -43.45
C GLN G 125 -38.12 -17.31 -43.03
N PHE G 126 -36.86 -17.24 -43.41
CA PHE G 126 -36.05 -16.07 -43.14
C PHE G 126 -36.21 -15.18 -44.34
N VAL G 127 -36.79 -14.00 -44.12
CA VAL G 127 -37.03 -13.07 -45.23
C VAL G 127 -36.24 -11.76 -45.14
N LEU G 128 -35.94 -11.17 -46.29
CA LEU G 128 -35.44 -9.81 -46.38
C LEU G 128 -36.41 -8.98 -47.20
N GLU G 129 -36.64 -7.74 -46.78
CA GLU G 129 -37.50 -6.82 -47.51
C GLU G 129 -36.78 -5.48 -47.76
N LEU G 130 -36.62 -5.14 -49.03
CA LEU G 130 -35.87 -3.97 -49.46
C LEU G 130 -36.78 -2.97 -50.22
N GLU G 131 -36.86 -1.74 -49.72
CA GLU G 131 -37.51 -0.63 -50.44
C GLU G 131 -36.57 0.57 -50.49
N PRO G 132 -36.73 1.43 -51.50
CA PRO G 132 -35.95 2.66 -51.49
C PRO G 132 -36.55 3.54 -50.40
N PHE G 133 -35.72 4.35 -49.75
CA PHE G 133 -36.19 5.03 -48.55
C PHE G 133 -37.04 6.24 -48.86
N SER G 134 -36.63 6.99 -49.87
CA SER G 134 -37.27 8.28 -50.14
C SER G 134 -37.95 8.34 -51.48
N TYR G 135 -37.45 7.56 -52.43
CA TYR G 135 -37.92 7.59 -53.80
C TYR G 135 -39.00 6.53 -54.12
N ASN G 136 -40.21 7.00 -54.40
CA ASN G 136 -41.22 6.17 -55.02
C ASN G 136 -40.91 6.12 -56.50
N ASN G 137 -40.28 7.21 -56.98
CA ASN G 137 -39.97 7.49 -58.40
C ASN G 137 -38.71 6.79 -58.98
N GLN G 138 -38.53 5.55 -58.57
CA GLN G 138 -37.41 4.75 -59.02
C GLN G 138 -37.73 3.31 -58.64
N GLN G 139 -37.36 2.38 -59.52
CA GLN G 139 -37.95 1.04 -59.56
C GLN G 139 -36.95 -0.12 -59.62
N LEU G 140 -37.26 -1.17 -58.87
CA LEU G 140 -36.40 -2.33 -58.84
C LEU G 140 -36.69 -3.16 -60.08
N ARG G 141 -35.70 -3.25 -60.96
CA ARG G 141 -35.84 -3.95 -62.23
C ARG G 141 -35.78 -5.46 -62.05
N PHE G 142 -34.76 -5.96 -61.34
CA PHE G 142 -34.72 -7.38 -60.99
C PHE G 142 -33.93 -7.74 -59.72
N SER G 143 -34.27 -8.89 -59.15
CA SER G 143 -33.62 -9.37 -57.94
C SER G 143 -32.95 -10.74 -58.11
N ASP G 144 -31.66 -10.83 -57.77
CA ASP G 144 -30.97 -12.13 -57.66
C ASP G 144 -30.35 -12.36 -56.28
N ILE G 145 -30.76 -13.41 -55.57
CA ILE G 145 -30.05 -13.78 -54.36
C ILE G 145 -29.13 -14.96 -54.59
N GLN G 146 -27.88 -14.81 -54.18
CA GLN G 146 -26.93 -15.89 -54.31
C GLN G 146 -26.72 -16.44 -52.89
N VAL G 147 -27.52 -17.44 -52.51
CA VAL G 147 -27.39 -18.09 -51.21
C VAL G 147 -26.48 -19.29 -51.40
N TYR G 148 -25.30 -19.03 -51.96
CA TYR G 148 -24.38 -20.09 -52.31
C TYR G 148 -23.68 -20.69 -51.08
N THR G 149 -24.49 -21.00 -50.07
CA THR G 149 -24.06 -21.90 -49.04
C THR G 149 -24.07 -23.26 -49.74
N GLU G 150 -25.09 -24.07 -49.47
CA GLU G 150 -25.22 -25.37 -50.11
C GLU G 150 -26.37 -26.13 -49.47
N ASN G 151 -26.96 -27.05 -50.21
CA ASN G 151 -28.09 -27.84 -49.70
C ASN G 151 -27.65 -29.03 -48.83
N ILE G 152 -27.55 -30.22 -49.44
CA ILE G 152 -27.20 -31.43 -48.72
C ILE G 152 -25.68 -31.57 -48.50
N ASP G 153 -25.23 -31.12 -47.33
CA ASP G 153 -23.80 -31.12 -46.99
C ASP G 153 -23.65 -31.13 -45.47
N ASN G 154 -22.95 -30.14 -44.93
CA ASN G 154 -22.96 -29.91 -43.49
C ASN G 154 -24.35 -29.44 -43.11
N GLU G 155 -25.06 -30.25 -42.34
CA GLU G 155 -26.39 -29.89 -41.89
C GLU G 155 -26.52 -30.34 -40.47
N GLU G 156 -25.90 -31.49 -40.19
CA GLU G 156 -25.93 -32.08 -38.87
C GLU G 156 -24.92 -31.37 -38.02
N ILE G 157 -24.20 -30.46 -38.66
CA ILE G 157 -23.28 -29.54 -37.98
C ILE G 157 -24.01 -28.23 -37.69
N ASP G 158 -25.07 -27.99 -38.45
CA ASP G 158 -25.82 -26.74 -38.37
C ASP G 158 -27.16 -26.93 -37.68
N GLU G 159 -27.67 -25.85 -37.12
CA GLU G 159 -28.95 -25.88 -36.42
C GLU G 159 -30.14 -25.89 -37.39
N TRP G 160 -30.02 -25.13 -38.47
CA TRP G 160 -31.09 -25.03 -39.48
C TRP G 160 -30.71 -25.67 -40.82
N TRP G 161 -31.68 -26.34 -41.43
CA TRP G 161 -31.51 -26.91 -42.76
C TRP G 161 -32.30 -26.08 -43.78
N ILE G 162 -31.60 -25.61 -44.80
CA ILE G 162 -32.21 -24.81 -45.85
C ILE G 162 -32.88 -25.62 -46.97
N ARG G 163 -34.12 -25.21 -47.31
CA ARG G 163 -34.88 -25.74 -48.46
C ARG G 163 -34.41 -25.23 -49.84
N GLY G 164 -33.96 -23.98 -49.88
CA GLY G 164 -33.11 -23.48 -50.95
C GLY G 164 -33.62 -23.72 -52.33
N LYS G 165 -33.09 -23.01 -53.32
CA LYS G 165 -32.51 -21.70 -53.14
C LYS G 165 -33.60 -20.70 -52.74
N ALA G 166 -33.23 -19.45 -52.54
CA ALA G 166 -34.23 -18.51 -52.08
C ALA G 166 -35.17 -18.09 -53.21
N SER G 167 -36.41 -17.78 -52.85
CA SER G 167 -37.37 -17.19 -53.80
C SER G 167 -37.41 -15.64 -53.74
N THR G 168 -37.65 -15.01 -54.89
CA THR G 168 -37.68 -13.56 -54.95
C THR G 168 -39.01 -12.99 -55.42
N HIS G 169 -39.20 -11.71 -55.11
CA HIS G 169 -40.47 -11.06 -55.29
C HIS G 169 -40.34 -9.52 -55.40
N ILE G 170 -40.39 -9.00 -56.63
CA ILE G 170 -40.54 -7.57 -56.82
C ILE G 170 -42.04 -7.22 -56.90
N SER G 171 -42.47 -6.20 -56.17
CA SER G 171 -43.87 -5.78 -56.18
C SER G 171 -43.97 -4.32 -55.82
N ASP G 172 -45.20 -3.82 -55.68
CA ASP G 172 -45.43 -2.41 -55.39
C ASP G 172 -46.28 -2.25 -54.16
N ILE G 173 -45.81 -1.41 -53.25
CA ILE G 173 -46.46 -1.23 -51.98
C ILE G 173 -47.03 0.16 -51.95
N ARG G 174 -48.29 0.25 -51.53
CA ARG G 174 -48.98 1.53 -51.46
C ARG G 174 -48.87 2.14 -50.06
N TYR G 175 -48.35 3.36 -49.98
CA TYR G 175 -48.37 4.08 -48.71
C TYR G 175 -49.39 5.21 -48.76
N ASP G 176 -50.56 4.99 -48.17
CA ASP G 176 -51.69 5.92 -48.30
C ASP G 176 -51.53 7.18 -47.46
N HIS G 177 -50.77 7.07 -46.38
CA HIS G 177 -50.65 8.19 -45.46
C HIS G 177 -49.25 8.81 -45.47
N LEU G 178 -48.64 8.80 -46.65
CA LEU G 178 -47.31 9.34 -46.78
C LEU G 178 -47.27 10.28 -47.96
N SER G 179 -47.19 11.58 -47.70
CA SER G 179 -47.14 12.57 -48.77
C SER G 179 -45.93 12.31 -49.68
N SER G 180 -46.11 12.51 -50.98
CA SER G 180 -45.05 12.21 -51.94
C SER G 180 -44.71 13.40 -52.85
N VAL G 181 -43.68 13.20 -53.67
CA VAL G 181 -43.24 14.23 -54.62
C VAL G 181 -44.41 14.80 -55.44
N GLN G 182 -45.13 13.95 -56.16
CA GLN G 182 -46.32 14.39 -56.89
C GLN G 182 -47.59 13.91 -56.16
N PRO G 183 -48.77 14.47 -56.53
CA PRO G 183 -49.99 14.19 -55.76
C PRO G 183 -50.56 12.80 -56.03
N ASN G 184 -50.27 12.24 -57.19
CA ASN G 184 -50.79 10.93 -57.55
C ASN G 184 -49.94 9.76 -57.04
N GLN G 185 -48.61 9.90 -57.14
CA GLN G 185 -47.68 8.78 -57.01
C GLN G 185 -47.24 8.40 -55.58
N ASN G 186 -47.89 7.39 -54.99
CA ASN G 186 -47.54 6.96 -53.63
C ASN G 186 -47.27 5.45 -53.49
N GLU G 187 -46.57 4.89 -54.46
CA GLU G 187 -46.21 3.49 -54.42
C GLU G 187 -44.71 3.32 -54.40
N PHE G 188 -44.24 2.38 -53.59
CA PHE G 188 -42.82 2.05 -53.58
C PHE G 188 -42.50 0.67 -54.14
N SER G 189 -41.41 0.59 -54.91
CA SER G 189 -40.87 -0.67 -55.40
C SER G 189 -40.26 -1.48 -54.24
N ARG G 190 -40.76 -2.70 -54.01
CA ARG G 190 -40.24 -3.56 -52.95
C ARG G 190 -39.72 -4.92 -53.40
N ILE G 191 -38.45 -5.19 -53.07
CA ILE G 191 -37.91 -6.54 -53.21
C ILE G 191 -38.19 -7.34 -51.94
N THR G 192 -38.60 -8.60 -52.11
CA THR G 192 -38.77 -9.48 -50.97
C THR G 192 -38.05 -10.79 -51.23
N VAL G 193 -37.12 -11.14 -50.36
CA VAL G 193 -36.40 -12.40 -50.48
C VAL G 193 -36.89 -13.38 -49.42
N ARG G 194 -37.07 -14.65 -49.80
CA ARG G 194 -37.57 -15.67 -48.86
C ARG G 194 -36.72 -16.90 -48.94
N ILE G 195 -36.26 -17.34 -47.76
CA ILE G 195 -35.45 -18.56 -47.62
C ILE G 195 -36.12 -19.50 -46.65
N ASP G 196 -36.47 -20.70 -47.12
CA ASP G 196 -37.19 -21.65 -46.28
C ASP G 196 -36.21 -22.51 -45.46
N ALA G 197 -36.66 -22.98 -44.30
CA ALA G 197 -35.76 -23.74 -43.46
C ALA G 197 -36.48 -24.58 -42.44
N VAL G 198 -35.95 -25.77 -42.21
CA VAL G 198 -36.51 -26.67 -41.22
C VAL G 198 -35.51 -26.76 -40.10
N ARG G 199 -36.00 -26.94 -38.88
CA ARG G 199 -35.11 -27.07 -37.73
C ARG G 199 -34.56 -28.49 -37.63
N ASN G 200 -33.30 -28.57 -37.21
CA ASN G 200 -32.65 -29.85 -36.99
C ASN G 200 -33.09 -30.47 -35.67
N PRO G 201 -34.06 -31.38 -35.73
CA PRO G 201 -34.82 -31.85 -34.56
C PRO G 201 -34.09 -32.92 -33.77
N SER G 202 -32.92 -33.35 -34.22
CA SER G 202 -32.22 -34.44 -33.58
C SER G 202 -32.05 -34.20 -32.08
N TYR G 203 -31.21 -33.24 -31.71
CA TYR G 203 -30.89 -32.98 -30.30
C TYR G 203 -32.09 -33.07 -29.38
N TYR G 204 -33.21 -32.46 -29.78
CA TYR G 204 -34.39 -32.40 -28.93
C TYR G 204 -35.11 -33.75 -28.81
N LEU G 205 -35.08 -34.54 -29.89
CA LEU G 205 -35.62 -35.88 -29.84
C LEU G 205 -34.88 -36.72 -28.83
N TRP G 206 -33.57 -36.83 -29.01
CA TRP G 206 -32.74 -37.71 -28.21
C TRP G 206 -32.47 -37.21 -26.78
N SER G 207 -32.41 -35.90 -26.58
CA SER G 207 -32.07 -35.40 -25.26
C SER G 207 -33.23 -34.88 -24.44
N PHE G 208 -34.40 -34.70 -25.07
CA PHE G 208 -35.58 -34.20 -24.34
C PHE G 208 -36.81 -35.08 -24.49
N ILE G 209 -37.24 -35.31 -25.72
CA ILE G 209 -38.46 -36.05 -25.94
C ILE G 209 -38.34 -37.50 -25.45
N LEU G 210 -37.25 -38.18 -25.82
CA LEU G 210 -37.01 -39.54 -25.39
C LEU G 210 -37.04 -39.70 -23.86
N PRO G 211 -36.07 -39.12 -23.15
CA PRO G 211 -36.15 -39.19 -21.69
C PRO G 211 -37.51 -38.81 -21.10
N LEU G 212 -38.19 -37.80 -21.64
CA LEU G 212 -39.48 -37.41 -21.07
C LEU G 212 -40.39 -38.62 -21.16
N GLY G 213 -40.32 -39.32 -22.29
CA GLY G 213 -41.09 -40.53 -22.48
C GLY G 213 -40.77 -41.54 -21.40
N LEU G 214 -39.50 -41.93 -21.35
CA LEU G 214 -39.04 -42.86 -20.33
C LEU G 214 -39.60 -42.52 -18.95
N ILE G 215 -39.36 -41.29 -18.51
CA ILE G 215 -39.85 -40.85 -17.21
C ILE G 215 -41.36 -40.96 -17.08
N ILE G 216 -42.09 -40.64 -18.14
CA ILE G 216 -43.55 -40.72 -18.09
C ILE G 216 -43.96 -42.19 -17.96
N ALA G 217 -43.37 -43.05 -18.79
CA ALA G 217 -43.63 -44.49 -18.74
C ALA G 217 -43.33 -45.07 -17.35
N ALA G 218 -42.08 -44.95 -16.92
CA ALA G 218 -41.70 -45.35 -15.57
C ALA G 218 -42.69 -44.89 -14.51
N SER G 219 -43.33 -43.75 -14.72
CA SER G 219 -44.29 -43.26 -13.74
C SER G 219 -45.45 -44.24 -13.61
N TRP G 220 -45.70 -44.98 -14.68
CA TRP G 220 -46.80 -45.94 -14.73
C TRP G 220 -46.52 -47.17 -13.88
N SER G 221 -45.24 -47.52 -13.79
CA SER G 221 -44.84 -48.66 -12.98
C SER G 221 -45.21 -48.49 -11.49
N VAL G 222 -45.93 -47.42 -11.16
CA VAL G 222 -46.37 -47.24 -9.78
C VAL G 222 -47.44 -48.25 -9.41
N PHE G 223 -48.18 -48.72 -10.41
CA PHE G 223 -49.26 -49.66 -10.17
C PHE G 223 -48.79 -51.09 -9.88
N TRP G 224 -47.50 -51.34 -10.09
CA TRP G 224 -46.94 -52.66 -9.82
C TRP G 224 -46.36 -52.74 -8.43
N LEU G 225 -46.69 -51.75 -7.59
CA LEU G 225 -46.26 -51.76 -6.20
C LEU G 225 -47.32 -52.47 -5.39
N GLU G 226 -46.88 -53.19 -4.36
CA GLU G 226 -47.77 -54.06 -3.60
C GLU G 226 -48.67 -53.31 -2.62
N SER G 227 -48.07 -52.48 -1.78
CA SER G 227 -48.79 -51.72 -0.77
C SER G 227 -49.47 -50.49 -1.33
N PHE G 228 -50.53 -50.03 -0.68
CA PHE G 228 -51.13 -48.74 -0.98
C PHE G 228 -50.21 -47.61 -0.53
N SER G 229 -49.72 -47.71 0.70
CA SER G 229 -48.71 -46.81 1.21
C SER G 229 -47.56 -46.65 0.20
N GLU G 230 -47.04 -47.76 -0.32
CA GLU G 230 -45.95 -47.71 -1.29
C GLU G 230 -46.36 -46.91 -2.53
N ARG G 231 -47.54 -47.18 -3.05
CA ARG G 231 -48.02 -46.55 -4.27
C ARG G 231 -48.21 -45.04 -4.12
N LEU G 232 -48.87 -44.60 -3.05
CA LEU G 232 -49.16 -43.18 -2.87
C LEU G 232 -47.87 -42.40 -2.60
N GLN G 233 -47.06 -42.91 -1.68
CA GLN G 233 -45.82 -42.22 -1.33
C GLN G 233 -44.89 -42.09 -2.54
N THR G 234 -44.76 -43.14 -3.33
CA THR G 234 -43.91 -43.10 -4.51
C THR G 234 -44.39 -42.07 -5.52
N SER G 235 -45.70 -41.86 -5.55
CA SER G 235 -46.30 -40.88 -6.46
C SER G 235 -45.70 -39.49 -6.28
N PHE G 236 -45.54 -39.06 -5.03
CA PHE G 236 -45.00 -37.74 -4.73
C PHE G 236 -43.58 -37.54 -5.24
N THR G 237 -42.83 -38.63 -5.35
CA THR G 237 -41.48 -38.57 -5.89
C THR G 237 -41.52 -38.43 -7.41
N LEU G 238 -42.44 -39.13 -8.06
CA LEU G 238 -42.64 -38.96 -9.49
C LEU G 238 -43.08 -37.52 -9.80
N MET G 239 -43.95 -36.98 -8.94
CA MET G 239 -44.36 -35.59 -9.02
C MET G 239 -43.11 -34.68 -9.07
N LEU G 240 -42.28 -34.78 -8.03
CA LEU G 240 -41.05 -34.01 -7.96
C LEU G 240 -40.22 -34.16 -9.21
N THR G 241 -40.20 -35.36 -9.76
CA THR G 241 -39.37 -35.62 -10.92
C THR G 241 -39.86 -34.84 -12.13
N VAL G 242 -41.17 -34.83 -12.34
CA VAL G 242 -41.71 -34.06 -13.45
C VAL G 242 -41.41 -32.58 -13.26
N VAL G 243 -41.60 -32.06 -12.06
CA VAL G 243 -41.18 -30.69 -11.76
C VAL G 243 -39.72 -30.43 -12.12
N ALA G 244 -38.79 -31.19 -11.57
CA ALA G 244 -37.40 -31.06 -11.99
C ALA G 244 -37.27 -31.08 -13.52
N TYR G 245 -38.01 -31.97 -14.16
CA TYR G 245 -37.88 -32.10 -15.60
C TYR G 245 -38.42 -30.89 -16.36
N ALA G 246 -39.49 -30.31 -15.84
CA ALA G 246 -40.07 -29.10 -16.41
C ALA G 246 -39.09 -27.95 -16.30
N PHE G 247 -38.49 -27.81 -15.12
CA PHE G 247 -37.47 -26.80 -14.86
C PHE G 247 -36.39 -26.95 -15.93
N TYR G 248 -35.76 -28.11 -15.94
CA TYR G 248 -34.70 -28.42 -16.90
C TYR G 248 -35.11 -28.10 -18.32
N THR G 249 -36.31 -28.53 -18.67
CA THR G 249 -36.81 -28.34 -20.02
C THR G 249 -37.00 -26.86 -20.32
N SER G 250 -37.51 -26.12 -19.34
CA SER G 250 -37.82 -24.71 -19.52
C SER G 250 -36.57 -23.84 -19.60
N ASN G 251 -35.61 -24.11 -18.73
CA ASN G 251 -34.41 -23.30 -18.67
C ASN G 251 -33.53 -23.48 -19.92
N ILE G 252 -33.71 -24.59 -20.62
CA ILE G 252 -32.82 -24.91 -21.74
C ILE G 252 -33.43 -24.68 -23.11
N LEU G 253 -34.74 -24.89 -23.22
CA LEU G 253 -35.46 -24.67 -24.48
C LEU G 253 -35.80 -23.20 -24.70
N PRO G 254 -36.01 -22.81 -25.97
CA PRO G 254 -36.27 -21.42 -26.35
C PRO G 254 -37.51 -20.88 -25.69
N ARG G 255 -37.45 -19.66 -25.17
CA ARG G 255 -38.62 -19.02 -24.54
C ARG G 255 -39.69 -18.66 -25.56
N LEU G 256 -40.94 -18.96 -25.21
CA LEU G 256 -42.06 -18.64 -26.09
C LEU G 256 -43.27 -18.18 -25.27
N PRO G 257 -44.24 -17.55 -25.93
CA PRO G 257 -45.39 -17.00 -25.22
C PRO G 257 -46.53 -18.00 -25.29
N TYR G 258 -46.23 -19.19 -25.81
CA TYR G 258 -47.21 -20.24 -25.96
C TYR G 258 -46.61 -21.62 -25.72
N THR G 259 -47.46 -22.64 -25.65
CA THR G 259 -47.00 -23.99 -25.37
C THR G 259 -46.56 -24.73 -26.62
N THR G 260 -45.44 -25.44 -26.52
CA THR G 260 -44.95 -26.29 -27.58
C THR G 260 -45.43 -27.72 -27.35
N VAL G 261 -45.07 -28.64 -28.24
CA VAL G 261 -45.45 -30.03 -28.07
C VAL G 261 -44.80 -30.61 -26.79
N ILE G 262 -43.51 -30.36 -26.63
CA ILE G 262 -42.81 -30.75 -25.42
C ILE G 262 -43.50 -30.22 -24.16
N ASP G 263 -43.93 -28.96 -24.17
CA ASP G 263 -44.64 -28.37 -23.04
C ASP G 263 -45.88 -29.20 -22.69
N GLN G 264 -46.58 -29.64 -23.73
CA GLN G 264 -47.78 -30.45 -23.56
C GLN G 264 -47.46 -31.81 -22.93
N MET G 265 -46.47 -32.51 -23.49
CA MET G 265 -45.99 -33.73 -22.88
C MET G 265 -45.79 -33.53 -21.37
N ILE G 266 -45.04 -32.51 -20.99
CA ILE G 266 -44.82 -32.21 -19.58
C ILE G 266 -46.15 -32.12 -18.83
N ILE G 267 -47.11 -31.41 -19.40
CA ILE G 267 -48.40 -31.24 -18.73
C ILE G 267 -49.12 -32.59 -18.61
N ALA G 268 -49.05 -33.39 -19.67
CA ALA G 268 -49.57 -34.75 -19.61
C ALA G 268 -48.94 -35.52 -18.45
N GLY G 269 -47.61 -35.54 -18.39
CA GLY G 269 -46.91 -36.15 -17.28
C GLY G 269 -47.55 -35.75 -15.96
N TYR G 270 -47.70 -34.45 -15.76
CA TYR G 270 -48.31 -33.96 -14.52
C TYR G 270 -49.66 -34.59 -14.32
N GLY G 271 -50.45 -34.63 -15.40
CA GLY G 271 -51.82 -35.10 -15.34
C GLY G 271 -51.96 -36.58 -15.05
N SER G 272 -51.18 -37.39 -15.76
CA SER G 272 -51.07 -38.81 -15.48
C SER G 272 -50.78 -39.08 -14.00
N ILE G 273 -49.74 -38.45 -13.49
CA ILE G 273 -49.35 -38.64 -12.10
C ILE G 273 -50.44 -38.21 -11.11
N PHE G 274 -51.25 -37.23 -11.51
CA PHE G 274 -52.33 -36.76 -10.64
C PHE G 274 -53.52 -37.70 -10.70
N ALA G 275 -53.87 -38.14 -11.90
CA ALA G 275 -54.90 -39.16 -12.09
C ALA G 275 -54.55 -40.42 -11.30
N ALA G 276 -53.29 -40.85 -11.39
CA ALA G 276 -52.81 -42.00 -10.62
C ALA G 276 -53.07 -41.81 -9.13
N ILE G 277 -52.67 -40.68 -8.59
CA ILE G 277 -52.92 -40.39 -7.18
C ILE G 277 -54.40 -40.48 -6.83
N LEU G 278 -55.25 -40.07 -7.77
CA LEU G 278 -56.69 -40.19 -7.55
C LEU G 278 -57.12 -41.65 -7.51
N LEU G 279 -56.81 -42.39 -8.58
CA LEU G 279 -57.09 -43.81 -8.61
C LEU G 279 -56.53 -44.51 -7.37
N ILE G 280 -55.22 -44.45 -7.19
CA ILE G 280 -54.56 -45.10 -6.06
C ILE G 280 -55.31 -44.90 -4.74
N ILE G 281 -55.85 -43.70 -4.53
CA ILE G 281 -56.57 -43.37 -3.30
C ILE G 281 -58.00 -43.90 -3.35
N PHE G 282 -58.55 -43.95 -4.55
CA PHE G 282 -59.90 -44.45 -4.77
C PHE G 282 -59.97 -45.96 -4.54
N ALA G 283 -59.10 -46.70 -5.22
CA ALA G 283 -59.00 -48.14 -5.04
C ALA G 283 -59.03 -48.53 -3.55
N HIS G 284 -58.33 -47.77 -2.73
CA HIS G 284 -58.16 -48.12 -1.32
C HIS G 284 -59.41 -47.86 -0.48
N HIS G 285 -60.32 -47.02 -0.99
CA HIS G 285 -61.52 -46.66 -0.22
C HIS G 285 -62.84 -46.93 -0.95
N ARG G 286 -62.77 -47.53 -2.13
CA ARG G 286 -63.95 -48.03 -2.82
C ARG G 286 -64.07 -49.54 -2.60
N GLN G 287 -64.64 -49.92 -1.45
CA GLN G 287 -64.72 -51.32 -1.05
C GLN G 287 -65.79 -51.58 0.00
N ALA G 288 -65.46 -52.40 0.99
CA ALA G 288 -66.39 -52.79 2.03
C ALA G 288 -65.68 -53.36 3.25
N ASN G 289 -64.68 -52.63 3.75
CA ASN G 289 -63.96 -53.05 4.97
C ASN G 289 -63.00 -51.98 5.53
N GLY G 290 -61.74 -52.02 5.10
CA GLY G 290 -60.75 -51.08 5.56
C GLY G 290 -59.53 -51.02 4.66
N VAL G 291 -58.98 -52.20 4.35
CA VAL G 291 -57.83 -52.32 3.45
C VAL G 291 -58.08 -53.37 2.36
N GLU G 292 -59.25 -53.31 1.74
CA GLU G 292 -59.56 -54.17 0.59
C GLU G 292 -59.36 -53.40 -0.71
N ASP G 293 -58.10 -53.29 -1.14
CA ASP G 293 -57.80 -52.59 -2.39
C ASP G 293 -58.55 -53.25 -3.55
N ASP G 294 -59.42 -52.47 -4.19
CA ASP G 294 -60.20 -52.92 -5.34
C ASP G 294 -59.31 -53.73 -6.27
N LEU G 295 -59.49 -55.05 -6.24
CA LEU G 295 -58.65 -55.98 -6.98
C LEU G 295 -58.38 -55.54 -8.42
N LEU G 296 -59.40 -55.60 -9.27
CA LEU G 296 -59.28 -55.29 -10.70
C LEU G 296 -58.61 -53.94 -10.95
N ILE G 297 -59.03 -52.91 -10.21
CA ILE G 297 -58.61 -51.55 -10.51
C ILE G 297 -57.12 -51.33 -10.26
N GLN G 298 -56.66 -51.60 -9.04
CA GLN G 298 -55.26 -51.43 -8.68
C GLN G 298 -54.39 -52.08 -9.75
N ARG G 299 -55.01 -52.91 -10.58
CA ARG G 299 -54.32 -53.54 -11.71
C ARG G 299 -54.81 -52.97 -13.03
N CYS G 300 -54.74 -51.65 -13.14
CA CYS G 300 -54.90 -50.94 -14.40
C CYS G 300 -53.49 -50.57 -14.87
N ARG G 301 -52.60 -51.54 -14.82
CA ARG G 301 -51.21 -51.39 -15.23
C ARG G 301 -51.14 -51.39 -16.75
N LEU G 302 -52.30 -51.44 -17.39
CA LEU G 302 -52.38 -51.47 -18.83
C LEU G 302 -53.46 -50.49 -19.28
N ALA G 303 -54.36 -50.17 -18.36
CA ALA G 303 -55.38 -49.15 -18.63
C ALA G 303 -54.74 -47.78 -18.84
N PHE G 304 -53.88 -47.38 -17.91
CA PHE G 304 -53.17 -46.11 -18.00
C PHE G 304 -52.27 -46.02 -19.24
N PRO G 305 -51.24 -46.90 -19.32
CA PRO G 305 -50.29 -46.81 -20.45
C PRO G 305 -50.95 -46.62 -21.81
N LEU G 306 -52.02 -47.34 -22.11
CA LEU G 306 -52.66 -47.19 -23.42
C LEU G 306 -53.82 -46.19 -23.43
N GLY G 307 -54.45 -45.99 -22.26
CA GLY G 307 -55.43 -44.92 -22.13
C GLY G 307 -54.75 -43.56 -22.24
N PHE G 308 -53.43 -43.57 -22.13
CA PHE G 308 -52.61 -42.38 -22.25
C PHE G 308 -52.08 -42.28 -23.68
N LEU G 309 -51.81 -43.43 -24.30
CA LEU G 309 -51.41 -43.45 -25.71
C LEU G 309 -52.59 -43.16 -26.61
N ALA G 310 -53.78 -43.16 -26.01
CA ALA G 310 -55.01 -42.77 -26.71
C ALA G 310 -55.16 -41.27 -26.61
N ILE G 311 -55.16 -40.75 -25.39
CA ILE G 311 -55.19 -39.33 -25.14
C ILE G 311 -53.85 -38.71 -25.57
N GLY G 312 -52.96 -39.56 -26.07
CA GLY G 312 -51.67 -39.13 -26.57
C GLY G 312 -51.63 -39.14 -28.08
N CYS G 313 -52.68 -39.69 -28.69
CA CYS G 313 -52.85 -39.60 -30.14
C CYS G 313 -53.97 -38.61 -30.45
N VAL G 314 -54.38 -37.87 -29.44
CA VAL G 314 -55.29 -36.75 -29.61
C VAL G 314 -54.55 -35.44 -29.24
N LEU G 315 -53.25 -35.56 -29.01
CA LEU G 315 -52.35 -34.40 -28.98
C LEU G 315 -51.90 -34.11 -30.41
N VAL G 316 -52.34 -34.97 -31.33
CA VAL G 316 -52.01 -34.84 -32.74
C VAL G 316 -53.29 -34.95 -33.60
N ILE G 317 -54.34 -34.25 -33.20
CA ILE G 317 -55.58 -34.17 -33.97
C ILE G 317 -55.98 -32.72 -34.19
N PRO H 11 -0.92 -5.28 -61.86
CA PRO H 11 -1.53 -5.60 -60.57
C PRO H 11 -0.57 -5.20 -59.46
N VAL H 12 -1.05 -4.53 -58.41
CA VAL H 12 -0.17 -4.11 -57.31
C VAL H 12 0.16 -5.27 -56.36
N ASP H 13 1.45 -5.42 -56.04
CA ASP H 13 1.86 -6.46 -55.09
C ASP H 13 1.69 -5.98 -53.65
N VAL H 14 0.82 -6.65 -52.90
CA VAL H 14 0.62 -6.32 -51.50
C VAL H 14 1.02 -7.49 -50.64
N SER H 15 1.94 -7.24 -49.70
CA SER H 15 2.32 -8.27 -48.74
C SER H 15 1.77 -7.91 -47.39
N VAL H 16 1.20 -8.90 -46.72
CA VAL H 16 0.62 -8.67 -45.41
C VAL H 16 1.20 -9.58 -44.36
N SER H 17 1.41 -9.00 -43.19
CA SER H 17 1.70 -9.79 -42.01
C SER H 17 0.55 -9.61 -41.03
N ILE H 18 0.16 -10.69 -40.39
CA ILE H 18 -0.86 -10.66 -39.35
C ILE H 18 -0.31 -11.13 -38.00
N PHE H 19 -0.28 -10.23 -37.02
CA PHE H 19 0.09 -10.61 -35.65
C PHE H 19 -1.13 -10.94 -34.82
N ILE H 20 -1.18 -12.16 -34.28
CA ILE H 20 -2.31 -12.60 -33.48
C ILE H 20 -2.02 -12.55 -31.98
N ASN H 21 -2.70 -11.66 -31.27
CA ASN H 21 -2.50 -11.47 -29.84
C ASN H 21 -3.32 -12.40 -28.96
N LYS H 22 -4.52 -12.75 -29.42
CA LYS H 22 -5.47 -13.43 -28.56
C LYS H 22 -6.57 -14.10 -29.39
N ILE H 23 -6.84 -15.35 -29.06
CA ILE H 23 -7.99 -16.02 -29.62
C ILE H 23 -8.83 -16.45 -28.43
N TYR H 24 -10.06 -15.96 -28.38
CA TYR H 24 -10.90 -16.24 -27.23
C TYR H 24 -12.38 -16.18 -27.56
N GLY H 25 -13.19 -16.41 -26.54
CA GLY H 25 -14.62 -16.25 -26.68
C GLY H 25 -15.28 -17.07 -27.77
N VAL H 26 -14.98 -18.36 -27.83
CA VAL H 26 -15.70 -19.21 -28.79
C VAL H 26 -17.20 -19.23 -28.49
N ASN H 27 -18.01 -19.11 -29.53
CA ASN H 27 -19.45 -19.25 -29.36
C ASN H 27 -19.92 -20.46 -30.14
N THR H 28 -20.23 -21.53 -29.43
CA THR H 28 -20.55 -22.81 -30.06
C THR H 28 -21.77 -22.73 -30.97
N LEU H 29 -22.81 -22.06 -30.49
CA LEU H 29 -24.06 -21.95 -31.26
C LEU H 29 -23.90 -21.19 -32.57
N GLU H 30 -23.18 -20.08 -32.52
CA GLU H 30 -22.95 -19.24 -33.69
C GLU H 30 -21.75 -19.70 -34.53
N GLN H 31 -20.96 -20.62 -33.97
CA GLN H 31 -19.72 -21.05 -34.60
C GLN H 31 -18.80 -19.87 -34.91
N THR H 32 -18.55 -19.05 -33.89
CA THR H 32 -17.66 -17.91 -34.03
C THR H 32 -16.63 -17.91 -32.93
N TYR H 33 -15.64 -17.05 -33.05
CA TYR H 33 -14.62 -16.90 -32.03
C TYR H 33 -14.02 -15.51 -32.19
N LYS H 34 -13.47 -14.95 -31.12
CA LYS H 34 -12.91 -13.61 -31.17
C LYS H 34 -11.40 -13.66 -31.45
N VAL H 35 -10.90 -12.72 -32.25
CA VAL H 35 -9.47 -12.61 -32.48
C VAL H 35 -9.00 -11.19 -32.36
N ASP H 36 -7.96 -10.97 -31.55
CA ASP H 36 -7.36 -9.65 -31.39
C ASP H 36 -5.97 -9.71 -31.97
N GLY H 37 -5.63 -8.72 -32.79
CA GLY H 37 -4.33 -8.71 -33.44
C GLY H 37 -4.04 -7.42 -34.18
N TYR H 38 -2.93 -7.44 -34.90
CA TYR H 38 -2.58 -6.32 -35.77
C TYR H 38 -2.51 -6.87 -37.18
N ILE H 39 -2.83 -6.02 -38.14
CA ILE H 39 -2.62 -6.33 -39.55
C ILE H 39 -1.69 -5.29 -40.12
N VAL H 40 -0.76 -5.76 -40.94
CA VAL H 40 0.15 -4.88 -41.64
C VAL H 40 0.12 -5.24 -43.11
N ALA H 41 0.03 -4.22 -43.95
CA ALA H 41 -0.05 -4.43 -45.39
C ALA H 41 0.93 -3.47 -46.03
N GLN H 42 1.78 -4.02 -46.90
CA GLN H 42 2.76 -3.20 -47.60
C GLN H 42 2.70 -3.31 -49.13
N TRP H 43 2.90 -2.16 -49.79
CA TRP H 43 2.94 -2.10 -51.25
C TRP H 43 3.80 -0.92 -51.68
N THR H 44 4.25 -0.93 -52.93
CA THR H 44 5.07 0.18 -53.41
C THR H 44 4.36 0.97 -54.50
N GLY H 45 4.46 2.29 -54.42
CA GLY H 45 3.83 3.19 -55.37
C GLY H 45 4.84 4.20 -55.87
N LYS H 46 4.35 5.30 -56.43
CA LYS H 46 5.24 6.33 -56.97
C LYS H 46 6.00 7.06 -55.87
N PRO H 47 7.34 7.15 -56.02
CA PRO H 47 8.19 7.84 -55.03
C PRO H 47 7.63 9.20 -54.67
N ARG H 48 8.02 9.71 -53.51
CA ARG H 48 7.34 10.85 -52.89
C ARG H 48 8.31 11.74 -52.15
N LYS H 49 7.98 13.03 -52.07
CA LYS H 49 8.76 13.95 -51.28
C LYS H 49 8.22 13.93 -49.86
N THR H 50 9.10 13.70 -48.89
CA THR H 50 8.71 13.65 -47.49
C THR H 50 9.62 14.59 -46.71
N PRO H 51 9.07 15.30 -45.72
CA PRO H 51 9.85 16.18 -44.86
C PRO H 51 11.18 15.52 -44.48
N GLY H 52 12.26 16.30 -44.45
CA GLY H 52 13.60 15.74 -44.39
C GLY H 52 13.71 14.84 -45.61
N ASP H 53 14.14 13.60 -45.39
CA ASP H 53 13.95 12.58 -46.39
C ASP H 53 13.72 11.30 -45.62
N LYS H 54 13.25 11.50 -44.40
CA LYS H 54 12.85 10.42 -43.53
C LYS H 54 11.46 9.99 -43.94
N PRO H 55 11.15 8.70 -43.83
CA PRO H 55 9.78 8.27 -44.07
C PRO H 55 8.80 9.02 -43.17
N LEU H 56 7.56 9.14 -43.61
CA LEU H 56 6.56 9.96 -42.94
C LEU H 56 5.50 9.11 -42.25
N ILE H 57 5.13 9.49 -41.05
CA ILE H 57 4.13 8.74 -40.30
C ILE H 57 2.80 9.48 -40.21
N VAL H 58 1.73 8.76 -40.55
CA VAL H 58 0.38 9.33 -40.54
C VAL H 58 -0.59 8.46 -39.74
N GLU H 59 -1.17 9.05 -38.68
CA GLU H 59 -1.97 8.29 -37.73
C GLU H 59 -3.46 8.61 -37.81
N ASN H 60 -4.28 7.58 -37.64
CA ASN H 60 -5.73 7.74 -37.49
C ASN H 60 -6.46 8.78 -38.37
N THR H 61 -7.06 9.80 -37.78
CA THR H 61 -7.90 10.70 -38.58
C THR H 61 -7.14 11.33 -39.74
N GLN H 62 -5.83 11.39 -39.62
CA GLN H 62 -5.04 12.04 -40.64
C GLN H 62 -5.03 11.21 -41.93
N ILE H 63 -5.25 9.91 -41.83
CA ILE H 63 -5.21 9.06 -43.01
C ILE H 63 -6.28 9.45 -44.01
N GLU H 64 -7.49 9.73 -43.53
CA GLU H 64 -8.55 10.12 -44.45
C GLU H 64 -8.19 11.37 -45.20
N ARG H 65 -7.55 12.31 -44.52
CA ARG H 65 -7.11 13.51 -45.19
C ARG H 65 -6.23 13.16 -46.40
N TRP H 66 -5.21 12.34 -46.20
CA TRP H 66 -4.35 11.93 -47.31
C TRP H 66 -5.09 11.24 -48.44
N ILE H 67 -6.11 10.47 -48.08
CA ILE H 67 -6.91 9.82 -49.09
C ILE H 67 -7.68 10.83 -49.94
N ASN H 68 -8.28 11.83 -49.31
CA ASN H 68 -8.98 12.89 -50.06
C ASN H 68 -8.06 13.60 -51.04
N ASN H 69 -6.81 13.80 -50.65
CA ASN H 69 -5.85 14.44 -51.53
C ASN H 69 -5.20 13.48 -52.52
N GLY H 70 -5.76 12.28 -52.63
CA GLY H 70 -5.32 11.38 -53.67
C GLY H 70 -4.57 10.12 -53.30
N LEU H 71 -4.21 9.96 -52.03
CA LEU H 71 -3.48 8.77 -51.61
C LEU H 71 -4.34 7.51 -51.76
N TRP H 72 -3.77 6.46 -52.35
CA TRP H 72 -4.47 5.20 -52.52
C TRP H 72 -4.26 4.28 -51.34
N VAL H 73 -5.34 3.95 -50.66
CA VAL H 73 -5.28 2.96 -49.59
C VAL H 73 -6.39 1.91 -49.79
N PRO H 74 -6.04 0.76 -50.38
CA PRO H 74 -7.07 -0.23 -50.65
C PRO H 74 -7.70 -0.77 -49.37
N ALA H 75 -9.01 -0.95 -49.37
CA ALA H 75 -9.70 -1.56 -48.25
C ALA H 75 -9.59 -3.08 -48.27
N LEU H 76 -8.98 -3.66 -47.23
CA LEU H 76 -8.91 -5.11 -47.10
C LEU H 76 -10.00 -5.61 -46.17
N GLU H 77 -10.79 -6.56 -46.63
CA GLU H 77 -11.92 -7.08 -45.87
C GLU H 77 -11.62 -8.44 -45.27
N PHE H 78 -12.03 -8.62 -44.03
CA PHE H 78 -12.01 -9.97 -43.47
C PHE H 78 -13.25 -10.69 -43.96
N ILE H 79 -13.04 -11.68 -44.82
CA ILE H 79 -14.16 -12.35 -45.46
C ILE H 79 -15.09 -12.96 -44.43
N ASN H 80 -14.51 -13.63 -43.43
CA ASN H 80 -15.29 -14.40 -42.49
C ASN H 80 -15.53 -13.73 -41.13
N VAL H 81 -15.27 -12.44 -41.04
CA VAL H 81 -15.71 -11.66 -39.89
C VAL H 81 -17.26 -11.57 -39.82
N VAL H 82 -17.81 -11.52 -38.63
CA VAL H 82 -19.24 -11.39 -38.46
C VAL H 82 -19.52 -10.04 -37.80
N GLY H 83 -19.85 -9.05 -38.61
CA GLY H 83 -20.02 -7.71 -38.09
C GLY H 83 -18.75 -6.93 -38.30
N SER H 84 -18.84 -5.60 -38.36
CA SER H 84 -17.66 -4.74 -38.52
C SER H 84 -16.70 -4.92 -37.36
N PRO H 85 -15.48 -5.39 -37.64
CA PRO H 85 -14.45 -5.53 -36.61
C PRO H 85 -14.18 -4.20 -35.94
N ASP H 86 -13.78 -4.24 -34.67
CA ASP H 86 -13.44 -3.05 -33.90
C ASP H 86 -11.99 -2.74 -34.21
N THR H 87 -11.73 -1.65 -34.92
CA THR H 87 -10.34 -1.34 -35.21
C THR H 87 -9.87 -0.20 -34.33
N GLY H 88 -8.68 -0.38 -33.74
CA GLY H 88 -8.10 0.65 -32.91
C GLY H 88 -7.33 1.68 -33.70
N ASN H 89 -6.07 1.88 -33.33
CA ASN H 89 -5.27 2.82 -34.06
C ASN H 89 -4.90 2.25 -35.39
N LYS H 90 -4.71 3.15 -36.33
CA LYS H 90 -4.16 2.77 -37.59
C LYS H 90 -3.18 3.85 -38.00
N ARG H 91 -2.22 3.44 -38.81
CA ARG H 91 -1.16 4.33 -39.22
C ARG H 91 -0.70 3.97 -40.62
N LEU H 92 -0.33 5.00 -41.38
CA LEU H 92 0.39 4.81 -42.61
C LEU H 92 1.84 5.22 -42.36
N MET H 93 2.78 4.40 -42.84
CA MET H 93 4.17 4.79 -42.89
C MET H 93 4.54 4.99 -44.36
N LEU H 94 4.83 6.23 -44.73
CA LEU H 94 5.07 6.61 -46.12
C LEU H 94 6.54 6.83 -46.36
N PHE H 95 7.18 5.90 -47.08
CA PHE H 95 8.59 6.06 -47.47
C PHE H 95 8.73 6.91 -48.72
N PRO H 96 9.85 7.64 -48.82
CA PRO H 96 10.07 8.58 -49.93
C PRO H 96 10.31 7.82 -51.24
N ASP H 97 10.84 6.61 -51.12
CA ASP H 97 11.06 5.77 -52.28
C ASP H 97 9.78 5.06 -52.76
N GLY H 98 8.65 5.39 -52.15
CA GLY H 98 7.37 4.88 -52.58
C GLY H 98 6.78 3.70 -51.81
N ARG H 99 7.51 3.17 -50.83
CA ARG H 99 6.92 2.14 -49.98
C ARG H 99 5.78 2.77 -49.20
N VAL H 100 4.75 1.97 -48.96
CA VAL H 100 3.61 2.38 -48.16
C VAL H 100 3.23 1.23 -47.25
N ILE H 101 3.23 1.48 -45.94
CA ILE H 101 2.92 0.41 -44.99
C ILE H 101 1.76 0.79 -44.09
N TYR H 102 0.71 -0.01 -44.18
CA TYR H 102 -0.50 0.23 -43.41
C TYR H 102 -0.53 -0.73 -42.22
N ASN H 103 -0.87 -0.18 -41.07
CA ASN H 103 -0.83 -0.94 -39.83
C ASN H 103 -2.05 -0.57 -38.99
N ALA H 104 -2.78 -1.59 -38.56
CA ALA H 104 -3.92 -1.35 -37.69
C ALA H 104 -4.14 -2.47 -36.68
N ARG H 105 -4.66 -2.07 -35.55
CA ARG H 105 -5.03 -2.98 -34.49
C ARG H 105 -6.47 -3.39 -34.78
N PHE H 106 -6.79 -4.66 -34.54
CA PHE H 106 -8.17 -5.06 -34.76
C PHE H 106 -8.64 -6.10 -33.76
N LEU H 107 -9.95 -6.11 -33.55
CA LEU H 107 -10.60 -7.14 -32.77
C LEU H 107 -11.91 -7.47 -33.46
N GLY H 108 -12.05 -8.72 -33.87
CA GLY H 108 -13.23 -9.14 -34.60
C GLY H 108 -13.76 -10.49 -34.19
N SER H 109 -15.06 -10.70 -34.48
CA SER H 109 -15.65 -12.02 -34.33
C SER H 109 -15.56 -12.72 -35.68
N PHE H 110 -14.94 -13.87 -35.70
CA PHE H 110 -14.75 -14.60 -36.94
C PHE H 110 -15.53 -15.91 -36.97
N SER H 111 -15.93 -16.29 -38.17
CA SER H 111 -16.78 -17.45 -38.37
C SER H 111 -15.98 -18.56 -39.03
N ASN H 112 -16.29 -19.78 -38.65
CA ASN H 112 -15.83 -20.95 -39.36
C ASN H 112 -16.76 -22.12 -39.11
N ASP H 113 -16.67 -23.15 -39.94
CA ASP H 113 -17.40 -24.37 -39.69
C ASP H 113 -16.77 -25.00 -38.46
N MET H 114 -17.60 -25.34 -37.48
CA MET H 114 -17.11 -25.88 -36.22
C MET H 114 -17.93 -27.07 -35.76
N ASP H 115 -17.27 -28.22 -35.69
CA ASP H 115 -17.88 -29.48 -35.33
C ASP H 115 -17.56 -29.77 -33.87
N PHE H 116 -18.56 -29.63 -33.01
CA PHE H 116 -18.37 -29.87 -31.58
C PHE H 116 -18.87 -31.24 -31.15
N ARG H 117 -19.04 -32.14 -32.12
CA ARG H 117 -19.65 -33.45 -31.85
C ARG H 117 -18.84 -34.32 -30.89
N LEU H 118 -17.52 -34.33 -31.05
CA LEU H 118 -16.67 -35.08 -30.13
C LEU H 118 -16.30 -34.22 -28.95
N PHE H 119 -17.29 -33.69 -28.25
CA PHE H 119 -16.99 -32.72 -27.19
C PHE H 119 -15.98 -33.31 -26.20
N PRO H 120 -15.85 -32.70 -25.03
CA PRO H 120 -14.59 -32.34 -24.36
C PRO H 120 -13.32 -32.55 -25.19
N PHE H 121 -13.35 -33.41 -26.19
CA PHE H 121 -12.14 -33.82 -26.91
C PHE H 121 -12.13 -33.33 -28.35
N ASP H 122 -12.77 -32.19 -28.60
CA ASP H 122 -12.87 -31.69 -29.96
C ASP H 122 -11.63 -30.89 -30.36
N ARG H 123 -11.34 -30.87 -31.64
CA ARG H 123 -10.30 -29.98 -32.15
C ARG H 123 -10.89 -29.08 -33.22
N GLN H 124 -10.51 -27.80 -33.18
CA GLN H 124 -11.07 -26.82 -34.09
C GLN H 124 -9.94 -26.15 -34.83
N GLN H 125 -10.27 -25.46 -35.92
CA GLN H 125 -9.30 -24.52 -36.47
C GLN H 125 -9.84 -23.10 -36.58
N PHE H 126 -9.13 -22.18 -35.97
CA PHE H 126 -9.47 -20.78 -36.01
C PHE H 126 -8.85 -20.24 -37.27
N VAL H 127 -9.68 -19.76 -38.18
CA VAL H 127 -9.18 -19.23 -39.44
C VAL H 127 -9.49 -17.75 -39.65
N LEU H 128 -8.61 -17.09 -40.40
CA LEU H 128 -8.86 -15.73 -40.90
C LEU H 128 -8.83 -15.83 -42.40
N GLU H 129 -9.73 -15.08 -43.06
CA GLU H 129 -9.73 -14.99 -44.52
C GLU H 129 -9.74 -13.53 -44.94
N LEU H 130 -8.78 -13.15 -45.77
CA LEU H 130 -8.60 -11.76 -46.13
C LEU H 130 -8.61 -11.57 -47.65
N GLU H 131 -9.54 -10.76 -48.16
CA GLU H 131 -9.56 -10.36 -49.57
C GLU H 131 -9.66 -8.85 -49.69
N PRO H 132 -9.15 -8.28 -50.78
CA PRO H 132 -9.37 -6.85 -51.01
C PRO H 132 -10.85 -6.64 -51.26
N PHE H 133 -11.41 -5.48 -50.95
CA PHE H 133 -12.85 -5.35 -51.01
C PHE H 133 -13.36 -5.07 -52.42
N SER H 134 -12.63 -4.23 -53.14
CA SER H 134 -13.13 -3.74 -54.42
C SER H 134 -12.21 -4.11 -55.57
N TYR H 135 -10.96 -4.35 -55.28
CA TYR H 135 -9.99 -4.58 -56.34
C TYR H 135 -9.71 -6.05 -56.59
N ASN H 136 -10.11 -6.53 -57.77
CA ASN H 136 -9.65 -7.81 -58.24
C ASN H 136 -8.24 -7.62 -58.79
N ASN H 137 -8.00 -6.38 -59.26
CA ASN H 137 -6.80 -5.95 -60.00
C ASN H 137 -5.59 -5.55 -59.13
N GLN H 138 -5.39 -6.32 -58.07
CA GLN H 138 -4.31 -6.12 -57.12
C GLN H 138 -4.19 -7.40 -56.29
N GLN H 139 -2.95 -7.78 -55.98
CA GLN H 139 -2.63 -9.18 -55.62
C GLN H 139 -1.79 -9.32 -54.34
N LEU H 140 -2.14 -10.31 -53.52
CA LEU H 140 -1.38 -10.57 -52.31
C LEU H 140 -0.16 -11.34 -52.70
N ARG H 141 1.00 -10.70 -52.53
CA ARG H 141 2.29 -11.31 -52.83
C ARG H 141 2.71 -12.37 -51.81
N PHE H 142 2.68 -12.06 -50.50
CA PHE H 142 2.92 -13.11 -49.49
C PHE H 142 2.27 -12.86 -48.15
N SER H 143 2.08 -13.94 -47.38
CA SER H 143 1.48 -13.85 -46.06
C SER H 143 2.38 -14.37 -44.95
N ASP H 144 2.54 -13.58 -43.89
CA ASP H 144 3.22 -14.04 -42.67
C ASP H 144 2.38 -13.81 -41.43
N ILE H 145 2.03 -14.88 -40.72
CA ILE H 145 1.39 -14.69 -39.43
C ILE H 145 2.39 -14.92 -38.28
N GLN H 146 2.42 -13.98 -37.35
CA GLN H 146 3.29 -14.13 -36.20
C GLN H 146 2.36 -14.42 -35.01
N VAL H 147 2.15 -15.70 -34.74
CA VAL H 147 1.31 -16.11 -33.62
C VAL H 147 2.23 -16.34 -32.44
N TYR H 148 3.06 -15.35 -32.16
CA TYR H 148 4.09 -15.48 -31.14
C TYR H 148 3.54 -15.48 -29.71
N THR H 149 2.46 -16.24 -29.51
CA THR H 149 2.07 -16.64 -28.18
C THR H 149 3.18 -17.61 -27.74
N GLU H 150 2.88 -18.91 -27.76
CA GLU H 150 3.87 -19.94 -27.46
C GLU H 150 3.20 -21.31 -27.43
N ASN H 151 3.98 -22.37 -27.66
CA ASN H 151 3.42 -23.72 -27.66
C ASN H 151 3.29 -24.32 -26.25
N ILE H 152 4.29 -25.10 -25.84
CA ILE H 152 4.26 -25.76 -24.53
C ILE H 152 4.68 -24.82 -23.39
N ASP H 153 3.68 -24.22 -22.73
CA ASP H 153 3.92 -23.24 -21.66
C ASP H 153 2.69 -23.18 -20.75
N ASN H 154 2.12 -21.99 -20.61
CA ASN H 154 0.78 -21.86 -20.03
C ASN H 154 -0.23 -22.49 -20.98
N GLU H 155 -0.84 -23.59 -20.54
CA GLU H 155 -1.85 -24.25 -21.35
C GLU H 155 -2.94 -24.71 -20.42
N GLU H 156 -2.52 -25.13 -19.23
CA GLU H 156 -3.43 -25.60 -18.20
C GLU H 156 -4.04 -24.39 -17.50
N ILE H 157 -3.55 -23.21 -17.89
CA ILE H 157 -4.14 -21.95 -17.50
C ILE H 157 -5.16 -21.53 -18.55
N ASP H 158 -4.98 -22.05 -19.76
CA ASP H 158 -5.78 -21.67 -20.93
C ASP H 158 -6.79 -22.75 -21.33
N GLU H 159 -7.87 -22.32 -21.97
CA GLU H 159 -8.93 -23.23 -22.40
C GLU H 159 -8.51 -24.06 -23.63
N TRP H 160 -7.82 -23.42 -24.57
CA TRP H 160 -7.43 -24.03 -25.83
C TRP H 160 -5.93 -24.21 -25.94
N TRP H 161 -5.51 -25.36 -26.45
CA TRP H 161 -4.11 -25.60 -26.73
C TRP H 161 -3.84 -25.52 -28.23
N ILE H 162 -2.91 -24.64 -28.60
CA ILE H 162 -2.55 -24.45 -30.01
C ILE H 162 -1.58 -25.52 -30.53
N ARG H 163 -1.96 -26.17 -31.65
CA ARG H 163 -1.07 -27.06 -32.38
C ARG H 163 0.19 -26.35 -32.88
N GLY H 164 0.01 -25.19 -33.51
CA GLY H 164 1.12 -24.26 -33.65
C GLY H 164 1.93 -24.35 -34.91
N LYS H 165 2.74 -23.30 -35.01
CA LYS H 165 2.46 -22.15 -35.87
C LYS H 165 1.35 -22.25 -36.92
N ALA H 166 0.80 -21.10 -37.27
CA ALA H 166 -0.32 -21.11 -38.20
C ALA H 166 0.15 -21.41 -39.60
N SER H 167 -0.72 -22.04 -40.37
CA SER H 167 -0.47 -22.27 -41.77
C SER H 167 -1.13 -21.18 -42.62
N THR H 168 -0.53 -20.87 -43.76
CA THR H 168 -1.03 -19.80 -44.60
C THR H 168 -1.24 -20.30 -46.02
N HIS H 169 -1.92 -19.49 -46.80
CA HIS H 169 -2.24 -19.84 -48.16
C HIS H 169 -2.78 -18.62 -48.87
N ILE H 170 -2.10 -18.23 -49.93
CA ILE H 170 -2.66 -17.29 -50.88
C ILE H 170 -3.29 -18.04 -52.03
N SER H 171 -4.49 -17.63 -52.43
CA SER H 171 -5.16 -18.27 -53.56
C SER H 171 -5.99 -17.28 -54.34
N ASP H 172 -6.75 -17.77 -55.34
CA ASP H 172 -7.62 -16.92 -56.15
C ASP H 172 -9.04 -17.45 -56.10
N ILE H 173 -9.97 -16.55 -55.83
CA ILE H 173 -11.37 -16.91 -55.69
C ILE H 173 -12.13 -16.29 -56.81
N ARG H 174 -12.99 -17.07 -57.45
CA ARG H 174 -13.75 -16.61 -58.59
C ARG H 174 -15.15 -16.15 -58.14
N TYR H 175 -15.49 -14.90 -58.43
CA TYR H 175 -16.85 -14.40 -58.21
C TYR H 175 -17.62 -14.29 -59.54
N ASP H 176 -18.44 -15.29 -59.84
CA ASP H 176 -19.11 -15.37 -61.13
C ASP H 176 -20.22 -14.35 -61.31
N HIS H 177 -20.83 -13.92 -60.21
CA HIS H 177 -21.99 -13.07 -60.30
C HIS H 177 -21.71 -11.64 -59.82
N LEU H 178 -20.50 -11.18 -60.08
CA LEU H 178 -20.07 -9.88 -59.59
C LEU H 178 -19.39 -9.14 -60.70
N SER H 179 -20.07 -8.15 -61.25
CA SER H 179 -19.53 -7.37 -62.35
C SER H 179 -18.22 -6.74 -61.93
N SER H 180 -17.25 -6.69 -62.84
CA SER H 180 -15.93 -6.15 -62.50
C SER H 180 -15.47 -5.03 -63.42
N VAL H 181 -14.33 -4.43 -63.09
CA VAL H 181 -13.75 -3.37 -63.90
C VAL H 181 -13.72 -3.72 -65.40
N GLN H 182 -13.05 -4.81 -65.77
CA GLN H 182 -13.02 -5.28 -67.16
C GLN H 182 -13.91 -6.52 -67.29
N PRO H 183 -14.26 -6.90 -68.53
CA PRO H 183 -15.24 -7.98 -68.74
C PRO H 183 -14.68 -9.37 -68.42
N ASN H 184 -13.36 -9.53 -68.50
CA ASN H 184 -12.77 -10.84 -68.30
C ASN H 184 -12.44 -11.14 -66.83
N GLN H 185 -11.92 -10.14 -66.14
CA GLN H 185 -11.27 -10.33 -64.85
C GLN H 185 -12.19 -10.33 -63.62
N ASN H 186 -12.54 -11.52 -63.13
CA ASN H 186 -13.39 -11.64 -61.96
C ASN H 186 -12.84 -12.56 -60.87
N GLU H 187 -11.54 -12.45 -60.62
CA GLU H 187 -10.92 -13.23 -59.55
C GLU H 187 -10.28 -12.33 -58.47
N PHE H 188 -10.50 -12.69 -57.21
CA PHE H 188 -9.88 -11.96 -56.12
C PHE H 188 -8.77 -12.75 -55.43
N SER H 189 -7.71 -12.04 -55.08
CA SER H 189 -6.60 -12.58 -54.28
C SER H 189 -7.08 -12.77 -52.84
N ARG H 190 -6.98 -13.99 -52.32
CA ARG H 190 -7.39 -14.25 -50.93
C ARG H 190 -6.29 -14.87 -50.07
N ILE H 191 -6.01 -14.25 -48.93
CA ILE H 191 -5.15 -14.87 -47.92
C ILE H 191 -6.01 -15.65 -46.96
N THR H 192 -5.56 -16.85 -46.61
CA THR H 192 -6.25 -17.68 -45.62
C THR H 192 -5.28 -18.14 -44.54
N VAL H 193 -5.55 -17.76 -43.30
CA VAL H 193 -4.73 -18.22 -42.19
C VAL H 193 -5.47 -19.27 -41.37
N ARG H 194 -4.78 -20.33 -41.00
CA ARG H 194 -5.38 -21.37 -40.17
C ARG H 194 -4.53 -21.69 -38.97
N ILE H 195 -5.18 -21.79 -37.82
CA ILE H 195 -4.51 -22.13 -36.58
C ILE H 195 -5.25 -23.29 -35.93
N ASP H 196 -4.54 -24.40 -35.71
CA ASP H 196 -5.18 -25.59 -35.17
C ASP H 196 -5.17 -25.56 -33.66
N ALA H 197 -6.12 -26.24 -33.04
CA ALA H 197 -6.24 -26.19 -31.60
C ALA H 197 -7.03 -27.36 -31.06
N VAL H 198 -6.63 -27.83 -29.88
CA VAL H 198 -7.34 -28.89 -29.20
C VAL H 198 -7.88 -28.32 -27.90
N ARG H 199 -9.03 -28.84 -27.48
CA ARG H 199 -9.64 -28.34 -26.26
C ARG H 199 -9.01 -28.98 -25.02
N ASN H 200 -8.87 -28.16 -23.96
CA ASN H 200 -8.34 -28.63 -22.69
C ASN H 200 -9.37 -29.44 -21.93
N PRO H 201 -9.32 -30.78 -22.06
CA PRO H 201 -10.40 -31.68 -21.67
C PRO H 201 -10.43 -31.98 -20.19
N SER H 202 -9.45 -31.47 -19.45
CA SER H 202 -9.35 -31.77 -18.03
C SER H 202 -10.66 -31.51 -17.29
N TYR H 203 -11.06 -30.24 -17.20
CA TYR H 203 -12.19 -29.86 -16.36
C TYR H 203 -13.39 -30.76 -16.56
N TYR H 204 -13.66 -31.11 -17.82
CA TYR H 204 -14.86 -31.85 -18.13
C TYR H 204 -14.74 -33.32 -17.73
N LEU H 205 -13.52 -33.85 -17.81
CA LEU H 205 -13.24 -35.21 -17.37
C LEU H 205 -13.51 -35.37 -15.89
N TRP H 206 -12.88 -34.50 -15.11
CA TRP H 206 -12.93 -34.62 -13.66
C TRP H 206 -14.21 -34.09 -13.04
N SER H 207 -14.86 -33.15 -13.69
CA SER H 207 -16.02 -32.53 -13.05
C SER H 207 -17.35 -32.97 -13.63
N PHE H 208 -17.32 -33.63 -14.78
CA PHE H 208 -18.55 -34.10 -15.42
C PHE H 208 -18.55 -35.58 -15.77
N ILE H 209 -17.58 -36.01 -16.58
CA ILE H 209 -17.56 -37.39 -17.02
C ILE H 209 -17.37 -38.37 -15.85
N LEU H 210 -16.42 -38.10 -14.97
CA LEU H 210 -16.19 -38.96 -13.81
C LEU H 210 -17.46 -39.12 -12.96
N PRO H 211 -17.92 -38.05 -12.32
CA PRO H 211 -19.13 -38.23 -11.52
C PRO H 211 -20.28 -38.89 -12.28
N LEU H 212 -20.41 -38.64 -13.57
CA LEU H 212 -21.52 -39.21 -14.30
C LEU H 212 -21.35 -40.72 -14.23
N GLY H 213 -20.12 -41.17 -14.45
CA GLY H 213 -19.78 -42.58 -14.31
C GLY H 213 -20.17 -43.13 -12.93
N LEU H 214 -19.57 -42.58 -11.88
CA LEU H 214 -19.96 -42.93 -10.52
C LEU H 214 -21.47 -43.07 -10.37
N ILE H 215 -22.22 -42.03 -10.72
CA ILE H 215 -23.68 -42.07 -10.59
C ILE H 215 -24.31 -43.19 -11.40
N ILE H 216 -23.80 -43.44 -12.59
CA ILE H 216 -24.31 -44.52 -13.41
C ILE H 216 -24.04 -45.88 -12.77
N ALA H 217 -22.79 -46.08 -12.34
CA ALA H 217 -22.39 -47.31 -11.63
C ALA H 217 -23.25 -47.55 -10.38
N ALA H 218 -23.23 -46.59 -9.46
CA ALA H 218 -24.08 -46.63 -8.28
C ALA H 218 -25.53 -46.99 -8.59
N SER H 219 -26.00 -46.60 -9.77
CA SER H 219 -27.37 -46.94 -10.15
C SER H 219 -27.52 -48.46 -10.19
N TRP H 220 -26.45 -49.14 -10.59
CA TRP H 220 -26.44 -50.58 -10.72
C TRP H 220 -26.60 -51.30 -9.37
N SER H 221 -26.12 -50.67 -8.31
CA SER H 221 -26.19 -51.28 -7.00
C SER H 221 -27.63 -51.45 -6.53
N VAL H 222 -28.59 -51.19 -7.42
CA VAL H 222 -30.00 -51.35 -7.08
C VAL H 222 -30.33 -52.84 -6.94
N PHE H 223 -29.62 -53.67 -7.71
CA PHE H 223 -29.86 -55.10 -7.71
C PHE H 223 -29.39 -55.80 -6.42
N TRP H 224 -28.63 -55.09 -5.59
CA TRP H 224 -28.13 -55.68 -4.33
C TRP H 224 -29.07 -55.34 -3.19
N LEU H 225 -30.27 -54.87 -3.53
CA LEU H 225 -31.30 -54.64 -2.52
C LEU H 225 -32.11 -55.93 -2.35
N GLU H 226 -32.59 -56.15 -1.13
CA GLU H 226 -33.22 -57.41 -0.78
C GLU H 226 -34.66 -57.50 -1.29
N SER H 227 -35.46 -56.51 -0.92
CA SER H 227 -36.88 -56.47 -1.27
C SER H 227 -37.11 -56.03 -2.73
N PHE H 228 -38.24 -56.44 -3.29
CA PHE H 228 -38.67 -55.93 -4.58
C PHE H 228 -39.12 -54.48 -4.40
N SER H 229 -39.93 -54.25 -3.37
CA SER H 229 -40.36 -52.91 -2.99
C SER H 229 -39.17 -51.94 -2.86
N GLU H 230 -38.09 -52.39 -2.23
CA GLU H 230 -36.90 -51.57 -2.10
C GLU H 230 -36.31 -51.25 -3.47
N ARG H 231 -36.20 -52.26 -4.32
CA ARG H 231 -35.57 -52.10 -5.63
C ARG H 231 -36.30 -51.14 -6.55
N LEU H 232 -37.62 -51.29 -6.66
CA LEU H 232 -38.42 -50.45 -7.54
C LEU H 232 -38.48 -49.01 -7.04
N GLN H 233 -38.78 -48.83 -5.76
CA GLN H 233 -38.86 -47.50 -5.18
C GLN H 233 -37.54 -46.74 -5.30
N THR H 234 -36.43 -47.41 -5.02
CA THR H 234 -35.11 -46.77 -5.13
C THR H 234 -34.82 -46.33 -6.57
N SER H 235 -35.33 -47.09 -7.53
CA SER H 235 -35.16 -46.76 -8.94
C SER H 235 -35.63 -45.33 -9.27
N PHE H 236 -36.77 -44.93 -8.72
CA PHE H 236 -37.34 -43.62 -8.97
C PHE H 236 -36.45 -42.48 -8.48
N THR H 237 -35.68 -42.77 -7.44
CA THR H 237 -34.75 -41.80 -6.91
C THR H 237 -33.51 -41.69 -7.81
N LEU H 238 -33.08 -42.82 -8.36
CA LEU H 238 -31.98 -42.78 -9.32
C LEU H 238 -32.42 -42.02 -10.57
N MET H 239 -33.69 -42.21 -10.93
CA MET H 239 -34.28 -41.50 -12.06
C MET H 239 -34.12 -40.00 -11.84
N LEU H 240 -34.65 -39.53 -10.71
CA LEU H 240 -34.57 -38.12 -10.35
C LEU H 240 -33.13 -37.59 -10.37
N THR H 241 -32.20 -38.41 -9.92
CA THR H 241 -30.80 -38.03 -9.92
C THR H 241 -30.29 -37.80 -11.34
N VAL H 242 -30.56 -38.72 -12.26
CA VAL H 242 -30.11 -38.50 -13.62
C VAL H 242 -30.71 -37.22 -14.22
N VAL H 243 -31.98 -36.94 -13.93
CA VAL H 243 -32.59 -35.69 -14.36
C VAL H 243 -31.84 -34.49 -13.80
N ALA H 244 -31.64 -34.44 -12.50
CA ALA H 244 -30.89 -33.34 -11.92
C ALA H 244 -29.53 -33.24 -12.60
N TYR H 245 -28.93 -34.38 -12.90
CA TYR H 245 -27.61 -34.34 -13.49
C TYR H 245 -27.63 -33.83 -14.93
N ALA H 246 -28.67 -34.18 -15.67
CA ALA H 246 -28.86 -33.67 -17.02
C ALA H 246 -29.06 -32.16 -17.01
N PHE H 247 -29.91 -31.69 -16.09
CA PHE H 247 -30.10 -30.27 -15.88
C PHE H 247 -28.74 -29.60 -15.69
N TYR H 248 -28.03 -30.00 -14.62
CA TYR H 248 -26.70 -29.51 -14.27
C TYR H 248 -25.77 -29.52 -15.46
N THR H 249 -25.68 -30.66 -16.11
CA THR H 249 -24.85 -30.80 -17.29
C THR H 249 -25.25 -29.82 -18.41
N SER H 250 -26.55 -29.64 -18.63
CA SER H 250 -27.01 -28.82 -19.74
C SER H 250 -26.84 -27.34 -19.51
N ASN H 251 -27.12 -26.90 -18.29
CA ASN H 251 -27.03 -25.50 -17.97
C ASN H 251 -25.59 -24.99 -17.96
N ILE H 252 -24.63 -25.90 -17.80
CA ILE H 252 -23.23 -25.50 -17.65
C ILE H 252 -22.39 -25.71 -18.91
N LEU H 253 -22.67 -26.77 -19.65
CA LEU H 253 -21.95 -27.05 -20.89
C LEU H 253 -22.42 -26.19 -22.07
N PRO H 254 -21.57 -26.06 -23.10
CA PRO H 254 -21.86 -25.22 -24.25
C PRO H 254 -23.11 -25.68 -25.01
N ARG H 255 -23.98 -24.74 -25.40
CA ARG H 255 -25.16 -25.10 -26.17
C ARG H 255 -24.82 -25.57 -27.58
N LEU H 256 -25.47 -26.65 -28.01
CA LEU H 256 -25.25 -27.19 -29.35
C LEU H 256 -26.57 -27.69 -29.93
N PRO H 257 -26.61 -27.85 -31.26
CA PRO H 257 -27.82 -28.30 -31.94
C PRO H 257 -27.82 -29.80 -32.09
N TYR H 258 -26.80 -30.44 -31.53
CA TYR H 258 -26.65 -31.88 -31.61
C TYR H 258 -26.11 -32.47 -30.30
N THR H 259 -26.12 -33.79 -30.20
CA THR H 259 -25.67 -34.46 -28.98
C THR H 259 -24.17 -34.65 -28.94
N THR H 260 -23.60 -34.43 -27.77
CA THR H 260 -22.19 -34.69 -27.53
C THR H 260 -22.03 -36.05 -26.85
N VAL H 261 -20.78 -36.47 -26.63
CA VAL H 261 -20.56 -37.74 -25.96
C VAL H 261 -21.15 -37.75 -24.55
N ILE H 262 -20.95 -36.67 -23.82
CA ILE H 262 -21.57 -36.49 -22.52
C ILE H 262 -23.09 -36.63 -22.59
N ASP H 263 -23.70 -36.01 -23.59
CA ASP H 263 -25.14 -36.09 -23.77
C ASP H 263 -25.56 -37.56 -23.88
N GLN H 264 -24.78 -38.34 -24.63
CA GLN H 264 -25.07 -39.75 -24.82
C GLN H 264 -24.97 -40.56 -23.53
N MET H 265 -23.92 -40.31 -22.77
CA MET H 265 -23.79 -40.92 -21.45
C MET H 265 -25.07 -40.68 -20.64
N ILE H 266 -25.48 -39.43 -20.56
CA ILE H 266 -26.72 -39.10 -19.87
C ILE H 266 -27.92 -39.95 -20.35
N ILE H 267 -28.07 -40.06 -21.67
CA ILE H 267 -29.14 -40.87 -22.23
C ILE H 267 -29.00 -42.33 -21.82
N ALA H 268 -27.77 -42.85 -21.89
CA ALA H 268 -27.49 -44.20 -21.41
C ALA H 268 -27.94 -44.38 -19.95
N GLY H 269 -27.47 -43.50 -19.07
CA GLY H 269 -27.96 -43.48 -17.71
C GLY H 269 -29.47 -43.63 -17.63
N TYR H 270 -30.21 -42.81 -18.38
CA TYR H 270 -31.66 -42.90 -18.40
C TYR H 270 -32.10 -44.31 -18.79
N GLY H 271 -31.48 -44.84 -19.84
CA GLY H 271 -31.84 -46.12 -20.40
C GLY H 271 -31.58 -47.28 -19.47
N SER H 272 -30.37 -47.33 -18.90
CA SER H 272 -30.04 -48.30 -17.86
C SER H 272 -31.10 -48.32 -16.75
N ILE H 273 -31.39 -47.14 -16.19
CA ILE H 273 -32.37 -47.05 -15.11
C ILE H 273 -33.77 -47.48 -15.51
N PHE H 274 -34.10 -47.32 -16.79
CA PHE H 274 -35.41 -47.76 -17.28
C PHE H 274 -35.41 -49.28 -17.46
N ALA H 275 -34.38 -49.81 -18.11
CA ALA H 275 -34.23 -51.26 -18.27
C ALA H 275 -34.29 -51.95 -16.92
N ALA H 276 -33.59 -51.39 -15.95
CA ALA H 276 -33.62 -51.90 -14.59
C ALA H 276 -35.05 -51.99 -14.07
N ILE H 277 -35.82 -50.92 -14.23
CA ILE H 277 -37.19 -50.91 -13.77
C ILE H 277 -38.02 -51.99 -14.47
N LEU H 278 -37.68 -52.26 -15.72
CA LEU H 278 -38.33 -53.35 -16.45
C LEU H 278 -37.98 -54.71 -15.85
N LEU H 279 -36.69 -55.04 -15.80
CA LEU H 279 -36.25 -56.28 -15.14
C LEU H 279 -36.83 -56.42 -13.73
N ILE H 280 -36.51 -55.48 -12.87
CA ILE H 280 -37.00 -55.52 -11.49
C ILE H 280 -38.46 -55.92 -11.39
N ILE H 281 -39.30 -55.38 -12.27
CA ILE H 281 -40.73 -55.68 -12.29
C ILE H 281 -41.01 -57.05 -12.92
N PHE H 282 -40.20 -57.42 -13.90
CA PHE H 282 -40.31 -58.70 -14.56
C PHE H 282 -39.98 -59.85 -13.60
N ALA H 283 -38.79 -59.77 -12.98
CA ALA H 283 -38.36 -60.77 -12.00
C ALA H 283 -39.48 -61.13 -11.02
N HIS H 284 -40.18 -60.10 -10.55
CA HIS H 284 -41.21 -60.26 -9.54
C HIS H 284 -42.47 -60.96 -10.03
N HIS H 285 -42.69 -60.98 -11.34
CA HIS H 285 -43.92 -61.56 -11.90
C HIS H 285 -43.67 -62.63 -12.95
N ARG H 286 -42.40 -62.99 -13.15
CA ARG H 286 -42.06 -64.14 -13.98
C ARG H 286 -41.74 -65.31 -13.06
N GLN H 287 -42.78 -65.99 -12.62
CA GLN H 287 -42.64 -67.08 -11.66
C GLN H 287 -43.85 -68.02 -11.65
N ALA H 288 -44.27 -68.40 -10.45
CA ALA H 288 -45.35 -69.36 -10.29
C ALA H 288 -45.93 -69.35 -8.88
N ASN H 289 -46.28 -68.16 -8.39
CA ASN H 289 -46.87 -68.00 -7.08
C ASN H 289 -47.38 -66.57 -6.81
N GLY H 290 -46.53 -65.74 -6.23
CA GLY H 290 -46.90 -64.37 -5.89
C GLY H 290 -45.70 -63.48 -5.61
N VAL H 291 -44.81 -63.94 -4.75
CA VAL H 291 -43.57 -63.22 -4.42
C VAL H 291 -42.33 -64.12 -4.54
N GLU H 292 -42.26 -64.88 -5.65
CA GLU H 292 -41.08 -65.67 -5.96
C GLU H 292 -40.21 -64.93 -6.97
N ASP H 293 -39.41 -64.00 -6.46
CA ASP H 293 -38.49 -63.25 -7.32
C ASP H 293 -37.54 -64.20 -8.03
N ASP H 294 -37.62 -64.23 -9.36
CA ASP H 294 -36.75 -65.06 -10.20
C ASP H 294 -35.32 -65.03 -9.67
N LEU H 295 -34.91 -66.13 -9.03
CA LEU H 295 -33.62 -66.22 -8.35
C LEU H 295 -32.46 -65.68 -9.17
N LEU H 296 -32.11 -66.39 -10.24
CA LEU H 296 -30.97 -66.06 -11.08
C LEU H 296 -30.99 -64.60 -11.57
N ILE H 297 -32.16 -64.15 -12.02
CA ILE H 297 -32.28 -62.84 -12.68
C ILE H 297 -32.04 -61.65 -11.75
N GLN H 298 -32.81 -61.55 -10.67
CA GLN H 298 -32.66 -60.49 -9.68
C GLN H 298 -31.18 -60.33 -9.32
N ARG H 299 -30.38 -61.34 -9.66
CA ARG H 299 -28.93 -61.33 -9.48
C ARG H 299 -28.21 -61.25 -10.83
N CYS H 300 -28.58 -60.23 -11.60
CA CYS H 300 -27.82 -59.79 -12.76
C CYS H 300 -27.04 -58.55 -12.32
N ARG H 301 -26.40 -58.66 -11.16
CA ARG H 301 -25.59 -57.59 -10.59
C ARG H 301 -24.28 -57.50 -11.33
N LEU H 302 -24.13 -58.35 -12.35
CA LEU H 302 -22.93 -58.34 -13.17
C LEU H 302 -23.31 -58.35 -14.65
N ALA H 303 -24.55 -58.75 -14.93
CA ALA H 303 -25.07 -58.72 -16.31
C ALA H 303 -25.18 -57.27 -16.80
N PHE H 304 -25.80 -56.43 -15.98
CA PHE H 304 -25.94 -55.02 -16.29
C PHE H 304 -24.57 -54.33 -16.45
N PRO H 305 -23.78 -54.26 -15.36
CA PRO H 305 -22.52 -53.50 -15.40
C PRO H 305 -21.67 -53.76 -16.63
N LEU H 306 -21.57 -55.01 -17.06
CA LEU H 306 -20.74 -55.30 -18.23
C LEU H 306 -21.53 -55.36 -19.54
N GLY H 307 -22.82 -55.67 -19.44
CA GLY H 307 -23.70 -55.58 -20.59
C GLY H 307 -23.86 -54.13 -21.00
N PHE H 308 -23.46 -53.24 -20.10
CA PHE H 308 -23.49 -51.79 -20.33
C PHE H 308 -22.12 -51.32 -20.80
N LEU H 309 -21.07 -51.97 -20.30
CA LEU H 309 -19.72 -51.68 -20.77
C LEU H 309 -19.50 -52.27 -22.15
N ALA H 310 -20.46 -53.09 -22.58
CA ALA H 310 -20.45 -53.63 -23.94
C ALA H 310 -21.14 -52.62 -24.86
N ILE H 311 -22.37 -52.27 -24.50
CA ILE H 311 -23.13 -51.26 -25.23
C ILE H 311 -22.51 -49.87 -24.96
N GLY H 312 -21.45 -49.88 -24.17
CA GLY H 312 -20.70 -48.66 -23.87
C GLY H 312 -19.40 -48.61 -24.64
N CYS H 313 -19.06 -49.72 -25.29
CA CYS H 313 -17.93 -49.74 -26.21
C CYS H 313 -18.44 -49.77 -27.64
N VAL H 314 -19.73 -49.53 -27.80
CA VAL H 314 -20.34 -49.34 -29.12
C VAL H 314 -20.86 -47.90 -29.21
N LEU H 315 -20.52 -47.09 -28.20
CA LEU H 315 -20.68 -45.64 -28.29
C LEU H 315 -19.41 -45.09 -28.92
N VAL H 316 -18.46 -45.98 -29.20
CA VAL H 316 -17.19 -45.64 -29.81
C VAL H 316 -16.88 -46.56 -30.99
N ILE H 317 -17.88 -46.78 -31.84
CA ILE H 317 -17.71 -47.56 -33.06
C ILE H 317 -18.21 -46.77 -34.27
N PRO I 11 15.07 11.81 -29.84
CA PRO I 11 13.87 11.11 -29.37
C PRO I 11 13.13 12.01 -28.41
N VAL I 12 11.81 12.14 -28.54
CA VAL I 12 11.06 13.02 -27.67
C VAL I 12 10.79 12.35 -26.33
N ASP I 13 11.00 13.10 -25.25
CA ASP I 13 10.76 12.58 -23.91
C ASP I 13 9.30 12.76 -23.55
N VAL I 14 8.60 11.65 -23.35
CA VAL I 14 7.21 11.68 -22.91
C VAL I 14 7.10 11.11 -21.49
N SER I 15 6.51 11.89 -20.58
CA SER I 15 6.24 11.40 -19.24
C SER I 15 4.75 11.27 -19.05
N VAL I 16 4.34 10.11 -18.54
CA VAL I 16 2.93 9.85 -18.34
C VAL I 16 2.60 9.57 -16.89
N SER I 17 1.48 10.13 -16.47
CA SER I 17 0.86 9.72 -15.24
C SER I 17 -0.47 9.03 -15.54
N ILE I 18 -0.77 7.95 -14.82
CA ILE I 18 -2.04 7.25 -14.95
C ILE I 18 -2.78 7.24 -13.63
N PHE I 19 -3.93 7.91 -13.60
CA PHE I 19 -4.79 7.83 -12.44
C PHE I 19 -5.79 6.69 -12.60
N ILE I 20 -5.81 5.75 -11.65
CA ILE I 20 -6.76 4.66 -11.67
C ILE I 20 -7.96 4.85 -10.72
N ASN I 21 -9.15 5.02 -11.29
CA ASN I 21 -10.35 5.27 -10.49
C ASN I 21 -11.04 4.02 -9.97
N LYS I 22 -10.93 2.93 -10.72
CA LYS I 22 -11.77 1.76 -10.46
C LYS I 22 -11.23 0.56 -11.22
N ILE I 23 -11.11 -0.56 -10.53
CA ILE I 23 -10.83 -1.81 -11.19
C ILE I 23 -11.96 -2.76 -10.85
N TYR I 24 -12.66 -3.23 -11.86
CA TYR I 24 -13.87 -4.02 -11.60
C TYR I 24 -14.13 -5.01 -12.74
N GLY I 25 -15.24 -5.73 -12.63
CA GLY I 25 -15.72 -6.60 -13.69
C GLY I 25 -14.75 -7.67 -14.20
N VAL I 26 -14.04 -8.35 -13.30
CA VAL I 26 -13.17 -9.42 -13.77
C VAL I 26 -13.96 -10.48 -14.52
N ASN I 27 -13.42 -10.96 -15.63
CA ASN I 27 -14.06 -12.02 -16.39
C ASN I 27 -13.14 -13.21 -16.45
N THR I 28 -13.46 -14.21 -15.63
CA THR I 28 -12.56 -15.34 -15.43
C THR I 28 -12.27 -16.08 -16.72
N LEU I 29 -13.31 -16.31 -17.52
CA LEU I 29 -13.18 -17.08 -18.74
C LEU I 29 -12.28 -16.39 -19.74
N GLU I 30 -12.48 -15.07 -19.91
CA GLU I 30 -11.71 -14.28 -20.87
C GLU I 30 -10.39 -13.79 -20.32
N GLN I 31 -10.20 -13.95 -19.00
CA GLN I 31 -9.05 -13.41 -18.31
C GLN I 31 -8.90 -11.91 -18.60
N THR I 32 -9.96 -11.15 -18.31
CA THR I 32 -9.96 -9.71 -18.49
C THR I 32 -10.52 -9.04 -17.26
N TYR I 33 -10.35 -7.72 -17.20
CA TYR I 33 -10.91 -6.92 -16.12
C TYR I 33 -11.08 -5.51 -16.67
N LYS I 34 -11.98 -4.74 -16.07
CA LYS I 34 -12.26 -3.39 -16.52
C LYS I 34 -11.50 -2.36 -15.67
N VAL I 35 -10.93 -1.33 -16.31
CA VAL I 35 -10.25 -0.26 -15.59
C VAL I 35 -10.74 1.10 -16.05
N ASP I 36 -11.17 1.91 -15.10
CA ASP I 36 -11.57 3.29 -15.39
C ASP I 36 -10.54 4.22 -14.78
N GLY I 37 -10.10 5.21 -15.56
CA GLY I 37 -9.08 6.12 -15.12
C GLY I 37 -8.80 7.26 -16.06
N TYR I 38 -7.75 8.01 -15.75
CA TYR I 38 -7.31 9.10 -16.59
C TYR I 38 -5.89 8.80 -16.98
N ILE I 39 -5.50 9.25 -18.16
CA ILE I 39 -4.12 9.18 -18.59
C ILE I 39 -3.66 10.59 -18.90
N VAL I 40 -2.45 10.92 -18.48
CA VAL I 40 -1.86 12.20 -18.80
C VAL I 40 -0.52 11.96 -19.41
N ALA I 41 -0.24 12.69 -20.49
CA ALA I 41 1.05 12.54 -21.16
C ALA I 41 1.59 13.92 -21.47
N GLN I 42 2.86 14.11 -21.15
CA GLN I 42 3.51 15.40 -21.32
C GLN I 42 4.82 15.29 -22.09
N TRP I 43 5.06 16.28 -22.94
CA TRP I 43 6.29 16.37 -23.72
C TRP I 43 6.49 17.83 -24.08
N THR I 44 7.73 18.19 -24.43
CA THR I 44 8.03 19.57 -24.81
C THR I 44 8.38 19.68 -26.29
N GLY I 45 7.83 20.69 -26.94
CA GLY I 45 8.12 20.97 -28.34
C GLY I 45 8.50 22.44 -28.53
N LYS I 46 8.43 22.90 -29.78
CA LYS I 46 8.80 24.29 -30.09
C LYS I 46 7.86 25.29 -29.43
N PRO I 47 8.43 26.28 -28.72
CA PRO I 47 7.65 27.34 -28.06
C PRO I 47 6.62 27.94 -29.00
N ARG I 48 5.58 28.55 -28.44
CA ARG I 48 4.39 28.89 -29.20
C ARG I 48 3.74 30.16 -28.71
N LYS I 49 3.08 30.88 -29.61
CA LYS I 49 2.34 32.08 -29.23
C LYS I 49 0.93 31.70 -28.80
N THR I 50 0.57 32.06 -27.58
CA THR I 50 -0.74 31.74 -27.07
C THR I 50 -1.42 33.03 -26.63
N PRO I 51 -2.74 33.12 -26.84
CA PRO I 51 -3.53 34.28 -26.40
C PRO I 51 -3.12 34.69 -24.97
N GLY I 52 -3.05 36.00 -24.73
CA GLY I 52 -2.39 36.50 -23.53
C GLY I 52 -0.97 35.98 -23.59
N ASP I 53 -0.52 35.38 -22.50
CA ASP I 53 0.64 34.51 -22.59
C ASP I 53 0.37 33.39 -21.63
N LYS I 54 -0.92 33.20 -21.38
CA LYS I 54 -1.43 32.12 -20.56
C LYS I 54 -1.42 30.85 -21.39
N PRO I 55 -1.18 29.70 -20.74
CA PRO I 55 -1.27 28.46 -21.52
C PRO I 55 -2.67 28.30 -22.06
N LEU I 56 -2.79 27.61 -23.20
CA LEU I 56 -4.03 27.48 -23.92
C LEU I 56 -4.65 26.10 -23.73
N ILE I 57 -5.96 26.07 -23.51
CA ILE I 57 -6.65 24.80 -23.34
C ILE I 57 -7.50 24.43 -24.54
N VAL I 58 -7.35 23.20 -25.01
CA VAL I 58 -8.09 22.71 -26.17
C VAL I 58 -8.84 21.40 -25.84
N GLU I 59 -10.16 21.44 -25.90
CA GLU I 59 -10.98 20.26 -25.55
C GLU I 59 -11.57 19.46 -26.74
N ASN I 60 -11.62 18.15 -26.57
CA ASN I 60 -12.37 17.27 -27.48
C ASN I 60 -12.27 17.52 -28.99
N THR I 61 -13.37 17.90 -29.63
CA THR I 61 -13.36 18.04 -31.09
C THR I 61 -12.32 19.02 -31.62
N GLN I 62 -11.97 19.99 -30.79
CA GLN I 62 -11.00 20.99 -31.19
C GLN I 62 -9.60 20.41 -31.37
N ILE I 63 -9.30 19.30 -30.71
CA ILE I 63 -7.97 18.75 -30.84
C ILE I 63 -7.67 18.38 -32.27
N GLU I 64 -8.61 17.71 -32.93
CA GLU I 64 -8.35 17.26 -34.29
C GLU I 64 -8.04 18.45 -35.18
N ARG I 65 -8.78 19.53 -35.01
CA ARG I 65 -8.48 20.75 -35.75
C ARG I 65 -7.00 21.13 -35.62
N TRP I 66 -6.48 21.21 -34.39
CA TRP I 66 -5.07 21.55 -34.21
C TRP I 66 -4.16 20.56 -34.90
N ILE I 67 -4.60 19.31 -34.96
CA ILE I 67 -3.75 18.28 -35.55
C ILE I 67 -3.66 18.48 -37.06
N ASN I 68 -4.79 18.86 -37.68
CA ASN I 68 -4.82 19.15 -39.11
C ASN I 68 -3.92 20.32 -39.48
N ASN I 69 -3.85 21.30 -38.59
CA ASN I 69 -2.99 22.47 -38.82
C ASN I 69 -1.56 22.24 -38.42
N GLY I 70 -1.23 21.00 -38.07
CA GLY I 70 0.16 20.62 -37.86
C GLY I 70 0.59 20.14 -36.49
N LEU I 71 -0.25 20.32 -35.47
CA LEU I 71 0.11 19.92 -34.11
C LEU I 71 0.34 18.41 -34.01
N TRP I 72 1.46 18.04 -33.39
CA TRP I 72 1.85 16.63 -33.22
C TRP I 72 1.33 16.09 -31.90
N VAL I 73 0.42 15.11 -31.99
CA VAL I 73 -0.11 14.43 -30.82
C VAL I 73 0.00 12.93 -31.04
N PRO I 74 1.08 12.32 -30.53
CA PRO I 74 1.33 10.91 -30.81
C PRO I 74 0.24 10.05 -30.21
N ALA I 75 -0.10 8.96 -30.87
CA ALA I 75 -1.12 8.05 -30.36
C ALA I 75 -0.49 7.00 -29.47
N LEU I 76 -0.93 6.97 -28.21
CA LEU I 76 -0.47 5.98 -27.25
C LEU I 76 -1.47 4.83 -27.12
N GLU I 77 -1.03 3.62 -27.42
CA GLU I 77 -1.87 2.43 -27.38
C GLU I 77 -1.74 1.60 -26.11
N PHE I 78 -2.88 1.24 -25.53
CA PHE I 78 -2.88 0.22 -24.49
C PHE I 78 -2.66 -1.15 -25.12
N ILE I 79 -1.45 -1.65 -25.00
CA ILE I 79 -1.08 -2.91 -25.58
C ILE I 79 -2.06 -4.05 -25.27
N ASN I 80 -2.56 -4.11 -24.04
CA ASN I 80 -3.26 -5.29 -23.56
C ASN I 80 -4.73 -5.02 -23.34
N VAL I 81 -5.20 -3.92 -23.88
CA VAL I 81 -6.63 -3.65 -23.92
C VAL I 81 -7.32 -4.62 -24.91
N VAL I 82 -8.56 -5.01 -24.62
CA VAL I 82 -9.30 -5.88 -25.53
C VAL I 82 -10.47 -5.15 -26.18
N GLY I 83 -10.24 -4.61 -27.37
CA GLY I 83 -11.24 -3.76 -27.99
C GLY I 83 -10.92 -2.31 -27.74
N SER I 84 -11.46 -1.41 -28.56
CA SER I 84 -11.17 0.01 -28.39
C SER I 84 -11.71 0.48 -27.08
N PRO I 85 -10.84 1.04 -26.22
CA PRO I 85 -11.30 1.61 -24.95
C PRO I 85 -12.26 2.76 -25.20
N ASP I 86 -13.18 2.96 -24.27
CA ASP I 86 -14.15 4.04 -24.33
C ASP I 86 -13.49 5.29 -23.74
N THR I 87 -13.19 6.27 -24.57
CA THR I 87 -12.56 7.46 -24.03
C THR I 87 -13.56 8.60 -23.94
N GLY I 88 -13.59 9.24 -22.78
CA GLY I 88 -14.49 10.35 -22.53
C GLY I 88 -13.91 11.65 -23.03
N ASN I 89 -13.81 12.64 -22.15
CA ASN I 89 -13.23 13.91 -22.52
C ASN I 89 -11.74 13.79 -22.69
N LYS I 90 -11.22 14.59 -23.60
CA LYS I 90 -9.79 14.72 -23.73
C LYS I 90 -9.48 16.18 -23.94
N ARG I 91 -8.28 16.57 -23.54
CA ARG I 91 -7.88 17.96 -23.62
C ARG I 91 -6.39 18.03 -23.87
N LEU I 92 -5.98 19.05 -24.61
CA LEU I 92 -4.59 19.46 -24.71
C LEU I 92 -4.43 20.76 -23.94
N MET I 93 -3.39 20.81 -23.10
CA MET I 93 -2.98 22.06 -22.48
C MET I 93 -1.69 22.45 -23.17
N LEU I 94 -1.74 23.57 -23.89
CA LEU I 94 -0.59 24.08 -24.64
C LEU I 94 0.08 25.26 -23.92
N PHE I 95 1.28 25.05 -23.40
CA PHE I 95 2.05 26.13 -22.80
C PHE I 95 2.82 26.88 -23.87
N PRO I 96 3.08 28.18 -23.64
CA PRO I 96 3.77 29.05 -24.60
C PRO I 96 5.24 28.66 -24.73
N ASP I 97 5.79 28.11 -23.65
CA ASP I 97 7.18 27.71 -23.65
C ASP I 97 7.39 26.36 -24.30
N GLY I 98 6.32 25.80 -24.85
CA GLY I 98 6.41 24.56 -25.61
C GLY I 98 5.99 23.28 -24.89
N ARG I 99 5.58 23.38 -23.63
CA ARG I 99 5.06 22.23 -22.95
C ARG I 99 3.73 21.87 -23.60
N VAL I 100 3.46 20.57 -23.69
CA VAL I 100 2.19 20.07 -24.19
C VAL I 100 1.71 18.95 -23.28
N ILE I 101 0.56 19.15 -22.66
CA ILE I 101 0.01 18.09 -21.82
C ILE I 101 -1.33 17.52 -22.29
N TYR I 102 -1.32 16.23 -22.63
CA TYR I 102 -2.52 15.52 -23.06
C TYR I 102 -3.18 14.79 -21.89
N ASN I 103 -4.49 14.96 -21.78
CA ASN I 103 -5.27 14.39 -20.71
C ASN I 103 -6.58 13.79 -21.21
N ALA I 104 -6.82 12.52 -20.90
CA ALA I 104 -8.06 11.88 -21.31
C ALA I 104 -8.60 10.93 -20.27
N ARG I 105 -9.93 10.85 -20.20
CA ARG I 105 -10.63 9.86 -19.40
C ARG I 105 -10.73 8.56 -20.18
N PHE I 106 -10.60 7.42 -19.53
CA PHE I 106 -10.70 6.18 -20.28
C PHE I 106 -11.32 5.07 -19.49
N LEU I 107 -11.98 4.16 -20.20
CA LEU I 107 -12.55 2.95 -19.63
C LEU I 107 -12.30 1.84 -20.61
N GLY I 108 -11.62 0.81 -20.16
CA GLY I 108 -11.23 -0.24 -21.07
C GLY I 108 -11.28 -1.62 -20.44
N SER I 109 -11.34 -2.63 -21.29
CA SER I 109 -11.19 -3.98 -20.81
C SER I 109 -9.75 -4.40 -21.03
N PHE I 110 -9.08 -4.80 -19.96
CA PHE I 110 -7.68 -5.19 -20.08
C PHE I 110 -7.48 -6.67 -19.85
N SER I 111 -6.49 -7.21 -20.56
CA SER I 111 -6.18 -8.61 -20.53
C SER I 111 -4.90 -8.87 -19.76
N ASN I 112 -4.85 -10.01 -19.07
CA ASN I 112 -3.63 -10.49 -18.48
C ASN I 112 -3.74 -11.98 -18.20
N ASP I 113 -2.59 -12.64 -18.03
CA ASP I 113 -2.61 -14.05 -17.70
C ASP I 113 -3.20 -14.14 -16.32
N MET I 114 -4.22 -14.97 -16.14
CA MET I 114 -4.86 -15.08 -14.84
C MET I 114 -5.08 -16.52 -14.42
N ASP I 115 -4.47 -16.88 -13.29
CA ASP I 115 -4.55 -18.23 -12.75
C ASP I 115 -5.55 -18.27 -11.60
N PHE I 116 -6.71 -18.87 -11.84
CA PHE I 116 -7.76 -18.96 -10.84
C PHE I 116 -7.79 -20.32 -10.15
N ARG I 117 -6.72 -21.08 -10.32
CA ARG I 117 -6.67 -22.43 -9.77
C ARG I 117 -6.85 -22.52 -8.24
N LEU I 118 -6.21 -21.63 -7.49
CA LEU I 118 -6.39 -21.65 -6.05
C LEU I 118 -7.59 -20.85 -5.67
N PHE I 119 -8.76 -21.14 -6.26
CA PHE I 119 -9.92 -20.27 -6.04
C PHE I 119 -10.16 -20.04 -4.54
N PRO I 120 -11.32 -19.49 -4.19
CA PRO I 120 -11.57 -18.36 -3.28
C PRO I 120 -10.32 -17.63 -2.75
N PHE I 121 -9.15 -18.26 -2.83
CA PHE I 121 -7.94 -17.72 -2.22
C PHE I 121 -6.87 -17.32 -3.23
N ASP I 122 -7.31 -16.95 -4.43
CA ASP I 122 -6.39 -16.59 -5.49
C ASP I 122 -5.90 -15.16 -5.33
N ARG I 123 -4.72 -14.89 -5.87
CA ARG I 123 -4.26 -13.52 -6.01
C ARG I 123 -3.88 -13.23 -7.45
N GLN I 124 -4.25 -12.05 -7.92
CA GLN I 124 -4.06 -11.68 -9.31
C GLN I 124 -3.29 -10.39 -9.38
N GLN I 125 -2.74 -10.09 -10.54
CA GLN I 125 -2.29 -8.72 -10.79
C GLN I 125 -2.95 -8.06 -12.00
N PHE I 126 -3.52 -6.90 -11.76
CA PHE I 126 -4.14 -6.09 -12.80
C PHE I 126 -3.05 -5.25 -13.42
N VAL I 127 -2.75 -5.48 -14.69
CA VAL I 127 -1.71 -4.72 -15.35
C VAL I 127 -2.20 -3.85 -16.51
N LEU I 128 -1.51 -2.72 -16.71
CA LEU I 128 -1.70 -1.89 -17.87
C LEU I 128 -0.39 -1.88 -18.65
N GLU I 129 -0.47 -1.91 -19.97
CA GLU I 129 0.71 -1.81 -20.79
C GLU I 129 0.50 -0.72 -21.87
N LEU I 130 1.42 0.25 -21.93
CA LEU I 130 1.30 1.40 -22.81
C LEU I 130 2.50 1.50 -23.74
N GLU I 131 2.27 1.53 -25.05
CA GLU I 131 3.34 1.77 -26.02
C GLU I 131 2.86 2.79 -27.00
N PRO I 132 3.78 3.59 -27.55
CA PRO I 132 3.35 4.51 -28.59
C PRO I 132 2.98 3.67 -29.80
N PHE I 133 2.00 4.09 -30.59
CA PHE I 133 1.49 3.20 -31.63
C PHE I 133 2.39 3.09 -32.84
N SER I 134 2.95 4.22 -33.27
CA SER I 134 3.65 4.29 -34.54
C SER I 134 5.12 4.65 -34.37
N TYR I 135 5.41 5.37 -33.30
CA TYR I 135 6.76 5.90 -33.09
C TYR I 135 7.65 5.04 -32.21
N ASN I 136 8.67 4.45 -32.81
CA ASN I 136 9.74 3.81 -32.05
C ASN I 136 10.64 4.93 -31.58
N ASN I 137 10.64 6.01 -32.37
CA ASN I 137 11.55 7.17 -32.24
C ASN I 137 11.11 8.24 -31.23
N GLN I 138 10.53 7.78 -30.13
CA GLN I 138 10.09 8.65 -29.07
C GLN I 138 9.89 7.79 -27.81
N GLN I 139 10.25 8.34 -26.65
CA GLN I 139 10.60 7.54 -25.46
C GLN I 139 9.88 7.96 -24.17
N LEU I 140 9.44 6.97 -23.40
CA LEU I 140 8.78 7.25 -22.14
C LEU I 140 9.83 7.56 -21.11
N ARG I 141 9.80 8.80 -20.63
CA ARG I 141 10.80 9.28 -19.68
C ARG I 141 10.52 8.79 -18.27
N PHE I 142 9.28 8.96 -17.79
CA PHE I 142 8.89 8.33 -16.54
C PHE I 142 7.39 8.02 -16.38
N SER I 143 7.09 7.06 -15.51
CA SER I 143 5.71 6.70 -15.22
C SER I 143 5.31 6.89 -13.75
N ASP I 144 4.20 7.58 -13.52
CA ASP I 144 3.61 7.71 -12.18
C ASP I 144 2.15 7.25 -12.14
N ILE I 145 1.82 6.22 -11.36
CA ILE I 145 0.42 5.85 -11.23
C ILE I 145 -0.10 6.32 -9.89
N GLN I 146 -1.24 6.99 -9.91
CA GLN I 146 -1.85 7.48 -8.70
C GLN I 146 -3.10 6.61 -8.47
N VAL I 147 -2.92 5.46 -7.84
CA VAL I 147 -4.03 4.57 -7.46
C VAL I 147 -4.63 5.02 -6.15
N TYR I 148 -4.90 6.31 -6.03
CA TYR I 148 -5.30 6.89 -4.75
C TYR I 148 -6.71 6.47 -4.33
N THR I 149 -6.98 5.17 -4.44
CA THR I 149 -8.10 4.58 -3.75
C THR I 149 -7.69 4.62 -2.27
N GLU I 150 -7.26 3.49 -1.74
CA GLU I 150 -6.77 3.41 -0.36
C GLU I 150 -6.55 1.95 0.01
N ASN I 151 -5.68 1.72 0.99
CA ASN I 151 -5.39 0.35 1.41
C ASN I 151 -6.41 -0.24 2.41
N ILE I 152 -6.10 -0.13 3.70
CA ILE I 152 -6.96 -0.67 4.75
C ILE I 152 -8.12 0.27 5.07
N ASP I 153 -9.27 0.02 4.45
CA ASP I 153 -10.46 0.85 4.61
C ASP I 153 -11.69 0.02 4.26
N ASN I 154 -12.49 0.50 3.31
CA ASN I 154 -13.52 -0.33 2.71
C ASN I 154 -12.85 -1.46 1.94
N GLU I 155 -13.03 -2.68 2.42
CA GLU I 155 -12.48 -3.84 1.75
C GLU I 155 -13.51 -4.96 1.80
N GLU I 156 -14.19 -5.05 2.93
CA GLU I 156 -15.24 -6.02 3.16
C GLU I 156 -16.50 -5.56 2.46
N ILE I 157 -16.45 -4.37 1.89
CA ILE I 157 -17.48 -3.85 0.99
C ILE I 157 -17.10 -4.18 -0.44
N ASP I 158 -15.81 -4.42 -0.65
CA ASP I 158 -15.24 -4.68 -1.98
C ASP I 158 -14.85 -6.13 -2.18
N GLU I 159 -14.88 -6.55 -3.45
CA GLU I 159 -14.55 -7.92 -3.83
C GLU I 159 -13.03 -8.18 -3.72
N TRP I 160 -12.24 -7.24 -4.20
CA TRP I 160 -10.79 -7.39 -4.24
C TRP I 160 -10.08 -6.46 -3.26
N TRP I 161 -9.06 -7.00 -2.60
CA TRP I 161 -8.20 -6.22 -1.70
C TRP I 161 -6.83 -5.94 -2.33
N ILE I 162 -6.51 -4.66 -2.49
CA ILE I 162 -5.28 -4.24 -3.14
C ILE I 162 -4.07 -4.32 -2.20
N ARG I 163 -2.99 -4.96 -2.66
CA ARG I 163 -1.69 -4.94 -1.97
C ARG I 163 -1.02 -3.56 -1.99
N GLY I 164 -1.19 -2.82 -3.10
CA GLY I 164 -0.86 -1.39 -3.26
C GLY I 164 0.53 -0.96 -2.87
N LYS I 165 0.96 0.25 -3.22
CA LYS I 165 0.52 0.99 -4.37
C LYS I 165 1.02 0.26 -5.60
N ALA I 166 0.79 0.80 -6.79
CA ALA I 166 1.18 0.06 -7.99
C ALA I 166 2.66 0.15 -8.25
N SER I 167 3.23 -0.90 -8.84
CA SER I 167 4.60 -0.87 -9.31
C SER I 167 4.67 -0.55 -10.83
N THR I 168 5.73 0.13 -11.26
CA THR I 168 5.89 0.50 -12.66
C THR I 168 7.18 -0.08 -13.27
N HIS I 169 7.21 -0.19 -14.60
CA HIS I 169 8.38 -0.68 -15.35
C HIS I 169 8.50 -0.11 -16.78
N ILE I 170 9.29 0.96 -16.97
CA ILE I 170 9.62 1.41 -18.32
C ILE I 170 10.66 0.46 -18.90
N SER I 171 10.43 -0.02 -20.12
CA SER I 171 11.40 -0.89 -20.78
C SER I 171 11.35 -0.74 -22.30
N ASP I 172 12.11 -1.57 -23.00
CA ASP I 172 12.16 -1.50 -24.45
C ASP I 172 11.80 -2.83 -25.07
N ILE I 173 10.84 -2.79 -25.98
CA ILE I 173 10.35 -4.00 -26.60
C ILE I 173 10.82 -4.05 -28.05
N ARG I 174 11.28 -5.23 -28.47
CA ARG I 174 11.84 -5.39 -29.79
C ARG I 174 10.81 -6.03 -30.67
N TYR I 175 10.49 -5.37 -31.78
CA TYR I 175 9.58 -5.94 -32.77
C TYR I 175 10.38 -6.31 -34.03
N ASP I 176 10.70 -7.59 -34.15
CA ASP I 176 11.57 -8.08 -35.21
C ASP I 176 10.92 -8.13 -36.60
N HIS I 177 9.61 -8.24 -36.65
CA HIS I 177 8.94 -8.40 -37.93
C HIS I 177 8.08 -7.19 -38.29
N LEU I 178 8.57 -6.02 -37.90
CA LEU I 178 7.83 -4.79 -38.12
C LEU I 178 8.78 -3.78 -38.72
N SER I 179 8.66 -3.53 -40.01
CA SER I 179 9.49 -2.53 -40.67
C SER I 179 9.33 -1.17 -39.99
N SER I 180 10.42 -0.43 -39.89
CA SER I 180 10.41 0.85 -39.20
C SER I 180 11.00 1.99 -40.03
N VAL I 181 10.88 3.19 -39.49
CA VAL I 181 11.35 4.40 -40.17
C VAL I 181 12.78 4.19 -40.72
N GLN I 182 13.72 3.88 -39.85
CA GLN I 182 15.09 3.59 -40.29
C GLN I 182 15.35 2.08 -40.23
N PRO I 183 16.42 1.62 -40.88
CA PRO I 183 16.65 0.17 -41.01
C PRO I 183 17.10 -0.49 -39.71
N ASN I 184 17.74 0.27 -38.83
CA ASN I 184 18.26 -0.27 -37.58
C ASN I 184 17.25 -0.30 -36.43
N GLN I 185 16.48 0.78 -36.30
CA GLN I 185 15.68 1.06 -35.11
C GLN I 185 14.30 0.38 -35.04
N ASN I 186 14.24 -0.76 -34.36
CA ASN I 186 12.98 -1.47 -34.18
C ASN I 186 12.66 -1.82 -32.72
N GLU I 187 12.83 -0.84 -31.83
CA GLU I 187 12.41 -1.00 -30.45
C GLU I 187 11.39 0.06 -30.04
N PHE I 188 10.41 -0.36 -29.25
CA PHE I 188 9.42 0.57 -28.70
C PHE I 188 9.54 0.76 -27.18
N SER I 189 9.28 1.98 -26.74
CA SER I 189 9.28 2.31 -25.32
C SER I 189 7.97 1.83 -24.73
N ARG I 190 8.04 0.97 -23.73
CA ARG I 190 6.81 0.49 -23.11
C ARG I 190 6.73 0.75 -21.59
N ILE I 191 5.64 1.38 -21.17
CA ILE I 191 5.29 1.46 -19.77
C ILE I 191 4.47 0.23 -19.34
N THR I 192 4.76 -0.30 -18.16
CA THR I 192 3.96 -1.40 -17.63
C THR I 192 3.60 -1.10 -16.18
N VAL I 193 2.32 -1.04 -15.89
CA VAL I 193 1.88 -0.85 -14.53
C VAL I 193 1.34 -2.16 -13.97
N ARG I 194 1.64 -2.44 -12.71
CA ARG I 194 1.10 -3.62 -12.06
C ARG I 194 0.50 -3.29 -10.72
N ILE I 195 -0.67 -3.86 -10.45
CA ILE I 195 -1.35 -3.70 -9.19
C ILE I 195 -1.67 -5.07 -8.67
N ASP I 196 -1.23 -5.39 -7.45
CA ASP I 196 -1.47 -6.71 -6.91
C ASP I 196 -2.73 -6.72 -6.09
N ALA I 197 -3.39 -7.87 -6.05
CA ALA I 197 -4.66 -7.94 -5.34
C ALA I 197 -4.91 -9.35 -4.83
N VAL I 198 -5.61 -9.44 -3.71
CA VAL I 198 -6.06 -10.73 -3.20
C VAL I 198 -7.56 -10.76 -3.15
N ARG I 199 -8.15 -11.94 -3.35
CA ARG I 199 -9.59 -12.05 -3.37
C ARG I 199 -10.17 -12.10 -1.95
N ASN I 200 -11.30 -11.41 -1.76
CA ASN I 200 -12.01 -11.43 -0.49
C ASN I 200 -12.77 -12.76 -0.31
N PRO I 201 -12.13 -13.71 0.39
CA PRO I 201 -12.54 -15.13 0.47
C PRO I 201 -13.67 -15.40 1.44
N SER I 202 -14.14 -14.37 2.13
CA SER I 202 -15.21 -14.55 3.11
C SER I 202 -16.43 -15.27 2.53
N TYR I 203 -17.18 -14.60 1.64
CA TYR I 203 -18.42 -15.14 1.10
C TYR I 203 -18.29 -16.63 0.77
N TYR I 204 -17.20 -17.02 0.14
CA TYR I 204 -17.05 -18.38 -0.37
C TYR I 204 -16.81 -19.38 0.75
N LEU I 205 -16.09 -18.95 1.77
CA LEU I 205 -15.89 -19.79 2.95
C LEU I 205 -17.20 -20.10 3.67
N TRP I 206 -17.93 -19.05 4.01
CA TRP I 206 -19.17 -19.18 4.77
C TRP I 206 -20.37 -19.71 3.99
N SER I 207 -20.43 -19.44 2.69
CA SER I 207 -21.61 -19.81 1.94
C SER I 207 -21.41 -21.03 1.04
N PHE I 208 -20.17 -21.46 0.86
CA PHE I 208 -19.92 -22.60 -0.02
C PHE I 208 -19.07 -23.67 0.62
N ILE I 209 -17.87 -23.31 1.03
CA ILE I 209 -16.97 -24.28 1.63
C ILE I 209 -17.51 -24.90 2.94
N LEU I 210 -18.03 -24.06 3.82
CA LEU I 210 -18.64 -24.55 5.06
C LEU I 210 -19.75 -25.57 4.81
N PRO I 211 -20.88 -25.12 4.23
CA PRO I 211 -21.94 -26.10 3.99
C PRO I 211 -21.50 -27.35 3.22
N LEU I 212 -20.55 -27.22 2.29
CA LEU I 212 -20.09 -28.40 1.58
C LEU I 212 -19.52 -29.39 2.60
N GLY I 213 -18.75 -28.85 3.55
CA GLY I 213 -18.18 -29.66 4.62
C GLY I 213 -19.26 -30.37 5.42
N LEU I 214 -20.15 -29.58 6.02
CA LEU I 214 -21.32 -30.13 6.71
C LEU I 214 -21.96 -31.29 5.93
N ILE I 215 -22.32 -31.03 4.69
CA ILE I 215 -22.96 -32.05 3.85
C ILE I 215 -22.06 -33.27 3.68
N ILE I 216 -20.78 -33.05 3.44
CA ILE I 216 -19.87 -34.17 3.32
C ILE I 216 -19.80 -34.96 4.62
N ALA I 217 -19.66 -34.26 5.74
CA ALA I 217 -19.63 -34.89 7.06
C ALA I 217 -20.89 -35.72 7.30
N ALA I 218 -22.04 -35.05 7.25
CA ALA I 218 -23.32 -35.72 7.42
C ALA I 218 -23.44 -36.97 6.55
N SER I 219 -22.78 -36.96 5.40
CA SER I 219 -22.81 -38.12 4.51
C SER I 219 -22.25 -39.34 5.25
N TRP I 220 -21.33 -39.09 6.17
CA TRP I 220 -20.64 -40.15 6.90
C TRP I 220 -21.56 -40.82 7.90
N SER I 221 -22.52 -40.08 8.42
CA SER I 221 -23.45 -40.58 9.42
C SER I 221 -24.31 -41.71 8.86
N VAL I 222 -24.02 -42.13 7.64
CA VAL I 222 -24.76 -43.22 7.04
C VAL I 222 -24.42 -44.52 7.77
N PHE I 223 -23.20 -44.59 8.29
CA PHE I 223 -22.72 -45.80 8.95
C PHE I 223 -23.34 -46.03 10.32
N TRP I 224 -24.06 -45.03 10.83
CA TRP I 224 -24.74 -45.16 12.12
C TRP I 224 -26.18 -45.61 11.96
N LEU I 225 -26.51 -46.10 10.76
CA LEU I 225 -27.83 -46.65 10.50
C LEU I 225 -27.80 -48.15 10.77
N GLU I 226 -28.92 -48.65 11.29
CA GLU I 226 -28.97 -50.02 11.80
C GLU I 226 -29.05 -51.04 10.67
N SER I 227 -30.03 -50.89 9.79
CA SER I 227 -30.26 -51.82 8.70
C SER I 227 -29.29 -51.61 7.54
N PHE I 228 -29.03 -52.67 6.78
CA PHE I 228 -28.31 -52.56 5.51
C PHE I 228 -29.17 -51.82 4.50
N SER I 229 -30.42 -52.25 4.40
CA SER I 229 -31.40 -51.56 3.57
C SER I 229 -31.40 -50.05 3.83
N GLU I 230 -31.45 -49.67 5.11
CA GLU I 230 -31.43 -48.24 5.46
C GLU I 230 -30.15 -47.56 4.94
N ARG I 231 -29.02 -48.23 5.08
CA ARG I 231 -27.74 -47.64 4.73
C ARG I 231 -27.61 -47.40 3.24
N LEU I 232 -27.92 -48.42 2.44
CA LEU I 232 -27.79 -48.33 0.99
C LEU I 232 -28.76 -47.33 0.40
N GLN I 233 -30.03 -47.45 0.78
CA GLN I 233 -31.06 -46.55 0.28
C GLN I 233 -30.74 -45.09 0.59
N THR I 234 -30.35 -44.82 1.83
CA THR I 234 -30.02 -43.46 2.22
C THR I 234 -28.85 -42.92 1.40
N SER I 235 -27.97 -43.81 0.97
CA SER I 235 -26.82 -43.41 0.16
C SER I 235 -27.24 -42.67 -1.10
N PHE I 236 -28.27 -43.18 -1.77
CA PHE I 236 -28.75 -42.59 -3.01
C PHE I 236 -29.29 -41.18 -2.82
N THR I 237 -29.81 -40.88 -1.64
CA THR I 237 -30.27 -39.53 -1.34
C THR I 237 -29.09 -38.57 -1.12
N LEU I 238 -28.02 -39.07 -0.49
CA LEU I 238 -26.82 -38.27 -0.31
C LEU I 238 -26.20 -37.99 -1.68
N MET I 239 -26.25 -38.98 -2.56
CA MET I 239 -25.78 -38.83 -3.93
C MET I 239 -26.49 -37.65 -4.59
N LEU I 240 -27.82 -37.68 -4.56
CA LEU I 240 -28.64 -36.61 -5.12
C LEU I 240 -28.28 -35.27 -4.52
N THR I 241 -28.00 -35.26 -3.22
CA THR I 241 -27.64 -34.01 -2.56
C THR I 241 -26.33 -33.41 -3.11
N VAL I 242 -25.32 -34.24 -3.32
CA VAL I 242 -24.06 -33.75 -3.87
C VAL I 242 -24.32 -33.20 -5.27
N VAL I 243 -25.11 -33.91 -6.07
CA VAL I 243 -25.44 -33.41 -7.39
C VAL I 243 -26.13 -32.04 -7.31
N ALA I 244 -27.20 -31.92 -6.54
CA ALA I 244 -27.82 -30.62 -6.34
C ALA I 244 -26.78 -29.58 -5.95
N TYR I 245 -25.90 -29.93 -5.01
CA TYR I 245 -24.89 -28.99 -4.55
C TYR I 245 -23.90 -28.59 -5.66
N ALA I 246 -23.51 -29.55 -6.49
CA ALA I 246 -22.60 -29.29 -7.60
C ALA I 246 -23.25 -28.30 -8.56
N PHE I 247 -24.53 -28.53 -8.84
CA PHE I 247 -25.30 -27.65 -9.70
C PHE I 247 -25.26 -26.25 -9.14
N TYR I 248 -25.73 -26.11 -7.91
CA TYR I 248 -25.72 -24.83 -7.19
C TYR I 248 -24.35 -24.17 -7.20
N THR I 249 -23.33 -24.96 -6.88
CA THR I 249 -21.97 -24.47 -6.84
C THR I 249 -21.53 -23.95 -8.21
N SER I 250 -21.84 -24.72 -9.26
CA SER I 250 -21.37 -24.41 -10.61
C SER I 250 -22.09 -23.23 -11.25
N ASN I 251 -23.38 -23.14 -11.01
CA ASN I 251 -24.17 -22.07 -11.59
C ASN I 251 -23.85 -20.71 -10.96
N ILE I 252 -23.29 -20.73 -9.75
CA ILE I 252 -23.03 -19.47 -9.03
C ILE I 252 -21.56 -19.02 -9.02
N LEU I 253 -20.64 -19.97 -9.04
CA LEU I 253 -19.23 -19.63 -9.06
C LEU I 253 -18.74 -19.27 -10.47
N PRO I 254 -17.62 -18.55 -10.56
CA PRO I 254 -17.07 -18.12 -11.85
C PRO I 254 -16.69 -19.28 -12.75
N ARG I 255 -17.05 -19.20 -14.04
CA ARG I 255 -16.72 -20.26 -14.98
C ARG I 255 -15.21 -20.33 -15.24
N LEU I 256 -14.67 -21.54 -15.30
CA LEU I 256 -13.24 -21.74 -15.56
C LEU I 256 -13.04 -22.99 -16.39
N PRO I 257 -11.87 -23.10 -17.02
CA PRO I 257 -11.59 -24.24 -17.89
C PRO I 257 -10.88 -25.34 -17.11
N TYR I 258 -10.75 -25.15 -15.80
CA TYR I 258 -10.07 -26.10 -14.94
C TYR I 258 -10.74 -26.18 -13.58
N THR I 259 -10.29 -27.14 -12.75
CA THR I 259 -10.92 -27.38 -11.47
C THR I 259 -10.34 -26.48 -10.40
N THR I 260 -11.20 -25.97 -9.53
CA THR I 260 -10.78 -25.18 -8.39
C THR I 260 -10.77 -26.09 -7.18
N VAL I 261 -10.35 -25.56 -6.03
CA VAL I 261 -10.35 -26.34 -4.79
C VAL I 261 -11.76 -26.80 -4.43
N ILE I 262 -12.73 -25.89 -4.50
CA ILE I 262 -14.12 -26.22 -4.34
C ILE I 262 -14.59 -27.35 -5.26
N ASP I 263 -14.16 -27.31 -6.52
CA ASP I 263 -14.52 -28.37 -7.47
C ASP I 263 -14.03 -29.72 -6.95
N GLN I 264 -12.82 -29.73 -6.42
CA GLN I 264 -12.24 -30.96 -5.88
C GLN I 264 -13.02 -31.48 -4.68
N MET I 265 -13.34 -30.60 -3.73
CA MET I 265 -14.19 -30.98 -2.60
C MET I 265 -15.44 -31.70 -3.11
N ILE I 266 -16.12 -31.10 -4.07
CA ILE I 266 -17.30 -31.71 -4.66
C ILE I 266 -16.99 -33.12 -5.16
N ILE I 267 -15.91 -33.27 -5.91
CA ILE I 267 -15.52 -34.58 -6.42
C ILE I 267 -15.24 -35.57 -5.29
N ALA I 268 -14.58 -35.09 -4.24
CA ALA I 268 -14.35 -35.91 -3.04
C ALA I 268 -15.68 -36.40 -2.49
N GLY I 269 -16.60 -35.47 -2.24
CA GLY I 269 -17.94 -35.80 -1.80
C GLY I 269 -18.53 -36.95 -2.60
N TYR I 270 -18.47 -36.83 -3.93
CA TYR I 270 -18.94 -37.90 -4.82
C TYR I 270 -18.22 -39.22 -4.51
N GLY I 271 -16.90 -39.15 -4.41
CA GLY I 271 -16.08 -40.33 -4.16
C GLY I 271 -16.32 -41.00 -2.83
N SER I 272 -16.40 -40.20 -1.76
CA SER I 272 -16.77 -40.70 -0.44
C SER I 272 -18.07 -41.49 -0.49
N ILE I 273 -19.10 -40.88 -1.06
CA ILE I 273 -20.42 -41.51 -1.14
C ILE I 273 -20.42 -42.78 -1.99
N PHE I 274 -19.55 -42.84 -2.99
CA PHE I 274 -19.44 -44.04 -3.81
C PHE I 274 -18.71 -45.15 -3.05
N ALA I 275 -17.59 -44.79 -2.44
CA ALA I 275 -16.83 -45.74 -1.62
C ALA I 275 -17.73 -46.36 -0.55
N ALA I 276 -18.51 -45.50 0.12
CA ALA I 276 -19.47 -45.95 1.13
C ALA I 276 -20.42 -46.99 0.54
N ILE I 277 -21.01 -46.68 -0.60
CA ILE I 277 -21.88 -47.65 -1.26
C ILE I 277 -21.15 -48.97 -1.52
N LEU I 278 -19.88 -48.90 -1.89
CA LEU I 278 -19.09 -50.12 -2.04
C LEU I 278 -18.96 -50.88 -0.72
N LEU I 279 -18.43 -50.21 0.31
CA LEU I 279 -18.33 -50.82 1.63
C LEU I 279 -19.68 -51.39 2.08
N ILE I 280 -20.68 -50.53 2.21
CA ILE I 280 -22.00 -50.93 2.68
C ILE I 280 -22.49 -52.23 2.03
N ILE I 281 -22.23 -52.38 0.74
CA ILE I 281 -22.64 -53.57 0.01
C ILE I 281 -21.71 -54.74 0.29
N PHE I 282 -20.43 -54.44 0.51
CA PHE I 282 -19.41 -55.44 0.82
C PHE I 282 -19.67 -56.08 2.18
N ALA I 283 -19.81 -55.24 3.20
CA ALA I 283 -20.10 -55.67 4.57
C ALA I 283 -21.20 -56.72 4.61
N HIS I 284 -22.21 -56.51 3.77
CA HIS I 284 -23.39 -57.35 3.78
C HIS I 284 -23.20 -58.71 3.08
N HIS I 285 -22.15 -58.84 2.28
CA HIS I 285 -21.92 -60.09 1.56
C HIS I 285 -20.51 -60.67 1.76
N ARG I 286 -19.75 -60.05 2.65
CA ARG I 286 -18.48 -60.63 3.10
C ARG I 286 -18.69 -61.27 4.47
N GLN I 287 -19.19 -62.50 4.45
CA GLN I 287 -19.53 -63.23 5.68
C GLN I 287 -19.64 -64.74 5.47
N ALA I 288 -20.65 -65.34 6.06
CA ALA I 288 -20.84 -66.79 5.99
C ALA I 288 -22.27 -67.19 6.36
N ASN I 289 -23.25 -66.58 5.71
CA ASN I 289 -24.65 -66.90 5.94
C ASN I 289 -25.61 -66.23 4.95
N GLY I 290 -26.13 -65.06 5.33
CA GLY I 290 -27.05 -64.33 4.47
C GLY I 290 -27.20 -62.86 4.87
N VAL I 291 -27.41 -62.62 6.16
CA VAL I 291 -27.50 -61.26 6.70
C VAL I 291 -26.60 -61.06 7.92
N GLU I 292 -25.36 -61.53 7.82
CA GLU I 292 -24.36 -61.30 8.86
C GLU I 292 -23.46 -60.13 8.46
N ASP I 293 -23.94 -58.92 8.69
CA ASP I 293 -23.17 -57.72 8.38
C ASP I 293 -21.85 -57.73 9.15
N ASP I 294 -20.74 -57.78 8.41
CA ASP I 294 -19.39 -57.76 8.98
C ASP I 294 -19.32 -56.76 10.14
N LEU I 295 -19.31 -57.30 11.36
CA LEU I 295 -19.38 -56.49 12.58
C LEU I 295 -18.45 -55.27 12.56
N LEU I 296 -17.14 -55.52 12.65
CA LEU I 296 -16.14 -54.48 12.72
C LEU I 296 -16.30 -53.44 11.60
N ILE I 297 -16.50 -53.90 10.37
CA ILE I 297 -16.46 -53.02 9.22
C ILE I 297 -17.61 -52.01 9.20
N GLN I 298 -18.84 -52.50 9.24
CA GLN I 298 -20.03 -51.64 9.25
C GLN I 298 -19.86 -50.53 10.28
N ARG I 299 -18.87 -50.71 11.16
CA ARG I 299 -18.53 -49.71 12.15
C ARG I 299 -17.16 -49.07 11.86
N CYS I 300 -17.02 -48.61 10.63
CA CYS I 300 -15.92 -47.73 10.24
C CYS I 300 -16.49 -46.32 10.24
N ARG I 301 -17.18 -45.99 11.33
CA ARG I 301 -17.76 -44.68 11.52
C ARG I 301 -16.68 -43.68 11.89
N LEU I 302 -15.44 -44.16 11.93
CA LEU I 302 -14.30 -43.32 12.25
C LEU I 302 -13.21 -43.54 11.22
N ALA I 303 -13.25 -44.69 10.55
CA ALA I 303 -12.32 -44.98 9.46
C ALA I 303 -12.48 -43.98 8.31
N PHE I 304 -13.71 -43.80 7.87
CA PHE I 304 -14.04 -42.85 6.81
C PHE I 304 -13.68 -41.41 7.17
N PRO I 305 -14.34 -40.84 8.20
CA PRO I 305 -14.10 -39.43 8.55
C PRO I 305 -12.64 -39.01 8.60
N LEU I 306 -11.76 -39.83 9.18
CA LEU I 306 -10.35 -39.45 9.24
C LEU I 306 -9.51 -40.00 8.08
N GLY I 307 -9.95 -41.12 7.50
CA GLY I 307 -9.33 -41.62 6.28
C GLY I 307 -9.59 -40.67 5.13
N PHE I 308 -10.56 -39.78 5.34
CA PHE I 308 -10.91 -38.75 4.38
C PHE I 308 -10.17 -37.46 4.73
N LEU I 309 -9.98 -37.22 6.03
CA LEU I 309 -9.19 -36.07 6.47
C LEU I 309 -7.72 -36.31 6.21
N ALA I 310 -7.39 -37.53 5.83
CA ALA I 310 -6.04 -37.88 5.41
C ALA I 310 -5.88 -37.62 3.92
N ILE I 311 -6.77 -38.21 3.14
CA ILE I 311 -6.84 -37.97 1.71
C ILE I 311 -7.35 -36.55 1.47
N GLY I 312 -7.61 -35.84 2.55
CA GLY I 312 -8.07 -34.46 2.49
C GLY I 312 -6.96 -33.50 2.86
N CYS I 313 -5.85 -34.06 3.36
CA CYS I 313 -4.64 -33.28 3.60
C CYS I 313 -3.60 -33.63 2.54
N VAL I 314 -4.04 -34.33 1.51
CA VAL I 314 -3.23 -34.56 0.32
C VAL I 314 -3.88 -33.87 -0.88
N LEU I 315 -4.92 -33.08 -0.60
CA LEU I 315 -5.46 -32.11 -1.56
C LEU I 315 -4.66 -30.82 -1.42
N VAL I 316 -3.73 -30.83 -0.46
CA VAL I 316 -2.87 -29.68 -0.17
C VAL I 316 -1.41 -30.11 -0.08
N ILE I 317 -0.98 -30.93 -1.04
CA ILE I 317 0.42 -31.34 -1.13
C ILE I 317 0.96 -31.09 -2.54
N PRO J 11 -12.61 34.27 -12.56
CA PRO J 11 -13.25 32.95 -12.67
C PRO J 11 -14.70 33.10 -13.12
N VAL J 12 -15.13 32.31 -14.10
CA VAL J 12 -16.48 32.39 -14.63
C VAL J 12 -17.47 31.70 -13.68
N ASP J 13 -18.59 32.37 -13.42
CA ASP J 13 -19.63 31.80 -12.58
C ASP J 13 -20.58 30.92 -13.40
N VAL J 14 -20.56 29.63 -13.12
CA VAL J 14 -21.46 28.70 -13.80
C VAL J 14 -22.50 28.16 -12.82
N SER J 15 -23.77 28.37 -13.15
CA SER J 15 -24.83 27.74 -12.35
C SER J 15 -25.47 26.58 -13.12
N VAL J 16 -25.64 25.46 -12.44
CA VAL J 16 -26.23 24.30 -13.08
C VAL J 16 -27.45 23.80 -12.34
N SER J 17 -28.46 23.46 -13.12
CA SER J 17 -29.58 22.69 -12.62
C SER J 17 -29.58 21.30 -13.29
N ILE J 18 -29.81 20.27 -12.46
CA ILE J 18 -29.93 18.91 -12.93
C ILE J 18 -31.35 18.35 -12.72
N PHE J 19 -32.05 18.06 -13.80
CA PHE J 19 -33.33 17.35 -13.70
C PHE J 19 -33.15 15.85 -13.78
N ILE J 20 -33.59 15.14 -12.75
CA ILE J 20 -33.51 13.68 -12.71
C ILE J 20 -34.84 13.01 -13.10
N ASN J 21 -34.84 12.33 -14.25
CA ASN J 21 -36.03 11.63 -14.77
C ASN J 21 -36.24 10.22 -14.24
N LYS J 22 -35.15 9.51 -13.93
CA LYS J 22 -35.24 8.08 -13.67
C LYS J 22 -33.94 7.55 -13.10
N ILE J 23 -34.05 6.82 -11.99
CA ILE J 23 -32.91 6.14 -11.41
C ILE J 23 -33.30 4.67 -11.41
N TYR J 24 -32.48 3.84 -12.04
CA TYR J 24 -32.86 2.46 -12.24
C TYR J 24 -31.63 1.60 -12.51
N GLY J 25 -31.86 0.33 -12.79
CA GLY J 25 -30.80 -0.59 -13.12
C GLY J 25 -29.64 -0.68 -12.15
N VAL J 26 -29.88 -0.80 -10.85
CA VAL J 26 -28.77 -0.96 -9.92
C VAL J 26 -28.02 -2.25 -10.24
N ASN J 27 -26.69 -2.19 -10.24
CA ASN J 27 -25.87 -3.39 -10.40
C ASN J 27 -25.03 -3.60 -9.14
N THR J 28 -25.48 -4.52 -8.31
CA THR J 28 -24.87 -4.74 -7.01
C THR J 28 -23.39 -5.07 -7.10
N LEU J 29 -23.02 -5.92 -8.06
CA LEU J 29 -21.64 -6.35 -8.19
C LEU J 29 -20.67 -5.21 -8.54
N GLU J 30 -21.08 -4.38 -9.49
CA GLU J 30 -20.30 -3.24 -9.94
C GLU J 30 -20.49 -2.00 -9.09
N GLN J 31 -21.50 -2.02 -8.22
CA GLN J 31 -21.87 -0.86 -7.42
C GLN J 31 -22.15 0.33 -8.33
N THR J 32 -23.06 0.12 -9.28
CA THR J 32 -23.45 1.18 -10.21
C THR J 32 -24.97 1.27 -10.31
N TYR J 33 -25.44 2.34 -10.93
CA TYR J 33 -26.87 2.54 -11.15
C TYR J 33 -27.02 3.50 -12.33
N LYS J 34 -28.14 3.43 -13.01
CA LYS J 34 -28.34 4.24 -14.20
C LYS J 34 -29.18 5.45 -13.86
N VAL J 35 -28.79 6.60 -14.43
CA VAL J 35 -29.56 7.82 -14.24
C VAL J 35 -29.89 8.47 -15.55
N ASP J 36 -31.17 8.78 -15.75
CA ASP J 36 -31.58 9.53 -16.94
C ASP J 36 -32.13 10.88 -16.51
N GLY J 37 -31.64 11.95 -17.14
CA GLY J 37 -32.11 13.29 -16.85
C GLY J 37 -31.59 14.34 -17.82
N TYR J 38 -31.77 15.60 -17.44
CA TYR J 38 -31.21 16.69 -18.22
C TYR J 38 -30.22 17.43 -17.36
N ILE J 39 -29.26 18.06 -18.01
CA ILE J 39 -28.36 18.99 -17.33
C ILE J 39 -28.47 20.36 -17.99
N VAL J 40 -28.49 21.39 -17.16
CA VAL J 40 -28.50 22.75 -17.66
C VAL J 40 -27.39 23.50 -16.99
N ALA J 41 -26.64 24.27 -17.78
CA ALA J 41 -25.53 25.05 -17.25
C ALA J 41 -25.58 26.43 -17.85
N GLN J 42 -25.50 27.43 -16.98
CA GLN J 42 -25.60 28.83 -17.39
C GLN J 42 -24.42 29.66 -16.90
N TRP J 43 -24.00 30.57 -17.78
CA TRP J 43 -22.91 31.49 -17.49
C TRP J 43 -23.08 32.73 -18.38
N THR J 44 -22.45 33.83 -17.98
CA THR J 44 -22.53 35.05 -18.77
C THR J 44 -21.19 35.40 -19.38
N GLY J 45 -21.25 35.81 -20.66
CA GLY J 45 -20.08 36.21 -21.43
C GLY J 45 -20.30 37.54 -22.13
N LYS J 46 -19.46 37.85 -23.11
CA LYS J 46 -19.54 39.14 -23.78
C LYS J 46 -20.82 39.23 -24.60
N PRO J 47 -21.58 40.31 -24.41
CA PRO J 47 -22.83 40.53 -25.15
C PRO J 47 -22.62 40.25 -26.63
N ARG J 48 -23.71 40.02 -27.35
CA ARG J 48 -23.64 39.49 -28.70
C ARG J 48 -24.79 39.99 -29.56
N LYS J 49 -24.54 40.09 -30.86
CA LYS J 49 -25.60 40.46 -31.79
C LYS J 49 -26.32 39.19 -32.18
N THR J 50 -27.65 39.17 -32.01
CA THR J 50 -28.43 38.02 -32.41
C THR J 50 -29.56 38.45 -33.32
N PRO J 51 -29.88 37.64 -34.33
CA PRO J 51 -31.00 37.94 -35.24
C PRO J 51 -32.20 38.49 -34.48
N GLY J 52 -32.87 39.48 -35.06
CA GLY J 52 -33.84 40.27 -34.31
C GLY J 52 -33.08 40.85 -33.15
N ASP J 53 -33.60 40.70 -31.95
CA ASP J 53 -32.79 40.87 -30.76
C ASP J 53 -33.29 39.85 -29.76
N LYS J 54 -33.89 38.81 -30.32
CA LYS J 54 -34.36 37.65 -29.58
C LYS J 54 -33.16 36.75 -29.33
N PRO J 55 -33.16 36.04 -28.19
CA PRO J 55 -32.08 35.07 -27.95
C PRO J 55 -32.06 34.01 -29.04
N LEU J 56 -30.88 33.45 -29.28
CA LEU J 56 -30.68 32.55 -30.41
C LEU J 56 -30.55 31.12 -29.95
N ILE J 57 -31.21 30.21 -30.67
CA ILE J 57 -31.14 28.79 -30.31
C ILE J 57 -30.27 27.97 -31.27
N VAL J 58 -29.36 27.20 -30.69
CA VAL J 58 -28.44 26.39 -31.48
C VAL J 58 -28.52 24.92 -31.03
N GLU J 59 -28.98 24.04 -31.92
CA GLU J 59 -29.14 22.62 -31.60
C GLU J 59 -28.03 21.69 -32.13
N ASN J 60 -27.70 20.67 -31.35
CA ASN J 60 -26.85 19.55 -31.77
C ASN J 60 -25.63 19.86 -32.64
N THR J 61 -25.63 19.38 -33.89
CA THR J 61 -24.43 19.50 -34.71
C THR J 61 -23.99 20.95 -34.90
N GLN J 62 -24.93 21.87 -34.74
CA GLN J 62 -24.65 23.28 -34.96
C GLN J 62 -23.70 23.82 -33.86
N ILE J 63 -23.76 23.25 -32.68
CA ILE J 63 -22.95 23.73 -31.58
C ILE J 63 -21.47 23.66 -31.89
N GLU J 64 -21.01 22.56 -32.45
CA GLU J 64 -19.58 22.47 -32.75
C GLU J 64 -19.17 23.57 -33.72
N ARG J 65 -20.05 23.91 -34.67
CA ARG J 65 -19.76 24.98 -35.61
C ARG J 65 -19.44 26.27 -34.86
N TRP J 66 -20.33 26.68 -33.97
CA TRP J 66 -20.07 27.86 -33.15
C TRP J 66 -18.76 27.77 -32.35
N ILE J 67 -18.42 26.58 -31.90
CA ILE J 67 -17.21 26.42 -31.14
C ILE J 67 -15.98 26.64 -32.02
N ASN J 68 -16.03 26.16 -33.25
CA ASN J 68 -14.93 26.40 -34.18
C ASN J 68 -14.74 27.88 -34.45
N ASN J 69 -15.85 28.62 -34.48
CA ASN J 69 -15.76 30.04 -34.75
C ASN J 69 -15.50 30.84 -33.49
N GLY J 70 -15.16 30.15 -32.40
CA GLY J 70 -14.71 30.82 -31.19
C GLY J 70 -15.57 30.79 -29.94
N LEU J 71 -16.78 30.24 -30.04
CA LEU J 71 -17.66 30.17 -28.88
C LEU J 71 -17.09 29.26 -27.80
N TRP J 72 -17.15 29.71 -26.55
CA TRP J 72 -16.57 28.96 -25.44
C TRP J 72 -17.66 28.16 -24.77
N VAL J 73 -17.54 26.84 -24.84
CA VAL J 73 -18.45 25.95 -24.15
C VAL J 73 -17.64 24.93 -23.34
N PRO J 74 -17.49 25.19 -22.05
CA PRO J 74 -16.61 24.32 -21.25
C PRO J 74 -17.23 22.93 -21.14
N ALA J 75 -16.37 21.91 -21.14
CA ALA J 75 -16.82 20.53 -20.95
C ALA J 75 -16.95 20.17 -19.47
N LEU J 76 -18.16 19.81 -19.08
CA LEU J 76 -18.43 19.38 -17.70
C LEU J 76 -18.45 17.85 -17.64
N GLU J 77 -17.60 17.27 -16.81
CA GLU J 77 -17.49 15.84 -16.66
C GLU J 77 -18.24 15.29 -15.45
N PHE J 78 -18.99 14.21 -15.64
CA PHE J 78 -19.49 13.46 -14.50
C PHE J 78 -18.31 12.66 -13.92
N ILE J 79 -17.89 13.03 -12.72
CA ILE J 79 -16.73 12.43 -12.13
C ILE J 79 -16.91 10.92 -11.95
N ASN J 80 -18.10 10.52 -11.50
CA ASN J 80 -18.37 9.15 -11.07
C ASN J 80 -19.18 8.34 -12.07
N VAL J 81 -19.29 8.83 -13.30
CA VAL J 81 -19.86 8.06 -14.39
C VAL J 81 -18.90 6.91 -14.78
N VAL J 82 -19.45 5.79 -15.22
CA VAL J 82 -18.62 4.67 -15.65
C VAL J 82 -18.79 4.47 -17.14
N GLY J 83 -17.85 4.96 -17.93
CA GLY J 83 -18.00 4.98 -19.37
C GLY J 83 -18.69 6.26 -19.85
N SER J 84 -18.46 6.63 -21.11
CA SER J 84 -19.10 7.82 -21.68
C SER J 84 -20.60 7.73 -21.59
N PRO J 85 -21.23 8.69 -20.92
CA PRO J 85 -22.69 8.76 -20.89
C PRO J 85 -23.27 8.91 -22.29
N ASP J 86 -24.49 8.43 -22.46
CA ASP J 86 -25.22 8.56 -23.71
C ASP J 86 -25.94 9.89 -23.66
N THR J 87 -25.52 10.83 -24.50
CA THR J 87 -26.17 12.13 -24.48
C THR J 87 -27.06 12.24 -25.68
N GLY J 88 -28.27 12.73 -25.44
CA GLY J 88 -29.24 12.92 -26.50
C GLY J 88 -29.09 14.26 -27.19
N ASN J 89 -30.18 15.00 -27.25
CA ASN J 89 -30.12 16.33 -27.81
C ASN J 89 -29.41 17.26 -26.88
N LYS J 90 -28.74 18.23 -27.48
CA LYS J 90 -28.14 19.30 -26.71
C LYS J 90 -28.42 20.61 -27.43
N ARG J 91 -28.49 21.67 -26.66
CA ARG J 91 -28.76 22.98 -27.23
C ARG J 91 -28.02 24.09 -26.47
N LEU J 92 -27.61 25.12 -27.20
CA LEU J 92 -27.18 26.38 -26.60
C LEU J 92 -28.27 27.40 -26.83
N MET J 93 -28.65 28.11 -25.78
CA MET J 93 -29.50 29.29 -25.90
C MET J 93 -28.61 30.51 -25.65
N LEU J 94 -28.41 31.31 -26.71
CA LEU J 94 -27.52 32.47 -26.65
C LEU J 94 -28.33 33.74 -26.57
N PHE J 95 -28.25 34.40 -25.41
CA PHE J 95 -28.88 35.70 -25.23
C PHE J 95 -27.96 36.81 -25.71
N PRO J 96 -28.55 37.92 -26.19
CA PRO J 96 -27.81 39.05 -26.77
C PRO J 96 -27.04 39.80 -25.68
N ASP J 97 -27.57 39.76 -24.46
CA ASP J 97 -26.91 40.39 -23.33
C ASP J 97 -25.77 39.54 -22.78
N GLY J 98 -25.50 38.42 -23.44
CA GLY J 98 -24.34 37.61 -23.11
C GLY J 98 -24.59 36.37 -22.27
N ARG J 99 -25.85 36.15 -21.86
CA ARG J 99 -26.17 34.91 -21.17
C ARG J 99 -25.96 33.76 -22.14
N VAL J 100 -25.47 32.64 -21.62
CA VAL J 100 -25.33 31.41 -22.39
C VAL J 100 -25.84 30.22 -21.60
N ILE J 101 -26.86 29.54 -22.13
CA ILE J 101 -27.41 28.39 -21.42
C ILE J 101 -27.28 27.09 -22.22
N TYR J 102 -26.53 26.16 -21.64
CA TYR J 102 -26.32 24.84 -22.25
C TYR J 102 -27.25 23.78 -21.65
N ASN J 103 -27.92 23.04 -22.52
CA ASN J 103 -28.93 22.07 -22.10
C ASN J 103 -28.78 20.76 -22.85
N ALA J 104 -28.61 19.67 -22.10
CA ALA J 104 -28.46 18.35 -22.72
C ALA J 104 -29.18 17.22 -21.96
N ARG J 105 -29.68 16.27 -22.74
CA ARG J 105 -30.30 15.07 -22.22
C ARG J 105 -29.20 14.04 -22.00
N PHE J 106 -29.27 13.28 -20.91
CA PHE J 106 -28.20 12.33 -20.66
C PHE J 106 -28.68 11.07 -19.96
N LEU J 107 -28.04 9.96 -20.30
CA LEU J 107 -28.26 8.73 -19.59
C LEU J 107 -26.91 8.12 -19.34
N GLY J 108 -26.61 7.83 -18.08
CA GLY J 108 -25.30 7.31 -17.75
C GLY J 108 -25.32 6.31 -16.63
N SER J 109 -24.26 5.51 -16.57
CA SER J 109 -24.07 4.62 -15.44
C SER J 109 -23.19 5.32 -14.43
N PHE J 110 -23.68 5.41 -13.19
CA PHE J 110 -22.91 6.09 -12.15
C PHE J 110 -22.46 5.15 -11.05
N SER J 111 -21.30 5.45 -10.50
CA SER J 111 -20.68 4.61 -9.48
C SER J 111 -20.79 5.28 -8.12
N ASN J 112 -20.98 4.48 -7.08
CA ASN J 112 -20.85 4.94 -5.71
C ASN J 112 -20.53 3.77 -4.81
N ASP J 113 -19.95 4.03 -3.64
CA ASP J 113 -19.75 2.98 -2.65
C ASP J 113 -21.12 2.49 -2.21
N MET J 114 -21.34 1.18 -2.28
CA MET J 114 -22.65 0.63 -1.96
C MET J 114 -22.53 -0.60 -1.05
N ASP J 115 -23.17 -0.49 0.10
CA ASP J 115 -23.11 -1.53 1.10
C ASP J 115 -24.43 -2.28 1.10
N PHE J 116 -24.41 -3.51 0.61
CA PHE J 116 -25.63 -4.29 0.49
C PHE J 116 -25.74 -5.31 1.61
N ARG J 117 -24.93 -5.14 2.65
CA ARG J 117 -24.84 -6.12 3.73
C ARG J 117 -26.16 -6.35 4.47
N LEU J 118 -26.90 -5.29 4.73
CA LEU J 118 -28.19 -5.43 5.39
C LEU J 118 -29.27 -5.67 4.36
N PHE J 119 -29.10 -6.68 3.51
CA PHE J 119 -30.03 -6.84 2.39
C PHE J 119 -31.49 -6.86 2.87
N PRO J 120 -32.41 -7.29 2.01
CA PRO J 120 -33.71 -6.67 1.70
C PRO J 120 -33.98 -5.31 2.36
N PHE J 121 -33.24 -4.96 3.41
CA PHE J 121 -33.52 -3.75 4.18
C PHE J 121 -32.39 -2.73 4.09
N ASP J 122 -31.69 -2.70 2.96
CA ASP J 122 -30.58 -1.78 2.78
C ASP J 122 -31.07 -0.40 2.34
N ARG J 123 -30.30 0.62 2.69
CA ARG J 123 -30.53 1.94 2.14
C ARG J 123 -29.26 2.43 1.47
N GLN J 124 -29.44 3.04 0.32
CA GLN J 124 -28.34 3.49 -0.51
C GLN J 124 -28.49 4.97 -0.77
N GLN J 125 -27.43 5.60 -1.23
CA GLN J 125 -27.59 6.91 -1.84
C GLN J 125 -27.04 6.97 -3.27
N PHE J 126 -27.91 7.42 -4.16
CA PHE J 126 -27.54 7.61 -5.55
C PHE J 126 -26.95 9.00 -5.68
N VAL J 127 -25.68 9.07 -6.07
CA VAL J 127 -25.00 10.36 -6.18
C VAL J 127 -24.55 10.72 -7.61
N LEU J 128 -24.52 12.01 -7.90
CA LEU J 128 -23.89 12.53 -9.10
C LEU J 128 -22.76 13.46 -8.69
N GLU J 129 -21.64 13.42 -9.39
CA GLU J 129 -20.54 14.32 -9.11
C GLU J 129 -20.08 15.01 -10.38
N LEU J 130 -20.14 16.34 -10.39
CA LEU J 130 -19.84 17.14 -11.59
C LEU J 130 -18.64 18.08 -11.41
N GLU J 131 -17.61 17.94 -12.22
CA GLU J 131 -16.51 18.91 -12.25
C GLU J 131 -16.26 19.36 -13.68
N PRO J 132 -15.74 20.57 -13.87
CA PRO J 132 -15.32 20.98 -15.22
C PRO J 132 -14.12 20.12 -15.57
N PHE J 133 -13.95 19.78 -16.83
CA PHE J 133 -12.95 18.80 -17.18
C PHE J 133 -11.54 19.37 -17.22
N SER J 134 -11.42 20.60 -17.72
CA SER J 134 -10.10 21.19 -17.97
C SER J 134 -9.83 22.45 -17.14
N TYR J 135 -10.90 23.15 -16.77
CA TYR J 135 -10.79 24.46 -16.16
C TYR J 135 -10.88 24.41 -14.64
N ASN J 136 -9.75 24.65 -13.99
CA ASN J 136 -9.77 24.91 -12.54
C ASN J 136 -10.27 26.32 -12.34
N ASN J 137 -9.99 27.16 -13.36
CA ASN J 137 -10.22 28.61 -13.38
C ASN J 137 -11.63 29.06 -13.78
N GLN J 138 -12.61 28.32 -13.29
CA GLN J 138 -14.03 28.60 -13.51
C GLN J 138 -14.82 27.82 -12.47
N GLN J 139 -15.93 28.40 -12.00
CA GLN J 139 -16.48 28.01 -10.69
C GLN J 139 -17.99 27.82 -10.70
N LEU J 140 -18.44 26.77 -10.02
CA LEU J 140 -19.86 26.52 -9.92
C LEU J 140 -20.48 27.43 -8.84
N ARG J 141 -21.31 28.36 -9.30
CA ARG J 141 -21.96 29.32 -8.42
C ARG J 141 -23.07 28.69 -7.57
N PHE J 142 -24.02 27.98 -8.20
CA PHE J 142 -25.00 27.22 -7.43
C PHE J 142 -25.58 25.98 -8.11
N SER J 143 -26.10 25.06 -7.30
CA SER J 143 -26.66 23.82 -7.80
C SER J 143 -28.12 23.64 -7.43
N ASP J 144 -28.97 23.37 -8.43
CA ASP J 144 -30.35 22.97 -8.17
C ASP J 144 -30.71 21.63 -8.83
N ILE J 145 -31.09 20.63 -8.04
CA ILE J 145 -31.65 19.43 -8.65
C ILE J 145 -33.17 19.40 -8.54
N GLN J 146 -33.82 19.13 -9.66
CA GLN J 146 -35.26 19.03 -9.66
C GLN J 146 -35.59 17.53 -9.82
N VAL J 147 -35.71 16.82 -8.70
CA VAL J 147 -36.06 15.40 -8.71
C VAL J 147 -37.57 15.28 -8.63
N TYR J 148 -38.25 16.00 -9.51
CA TYR J 148 -39.71 16.09 -9.45
C TYR J 148 -40.39 14.81 -9.89
N THR J 149 -39.90 13.68 -9.38
CA THR J 149 -40.68 12.46 -9.39
C THR J 149 -41.80 12.71 -8.38
N GLU J 150 -41.67 12.14 -7.19
CA GLU J 150 -42.62 12.38 -6.12
C GLU J 150 -42.30 11.47 -4.93
N ASN J 151 -42.73 11.86 -3.73
CA ASN J 151 -42.47 11.06 -2.54
C ASN J 151 -43.48 9.93 -2.34
N ILE J 152 -44.51 10.17 -1.52
CA ILE J 152 -45.50 9.14 -1.21
C ILE J 152 -46.56 9.03 -2.32
N ASP J 153 -46.35 8.08 -3.23
CA ASP J 153 -47.24 7.87 -4.37
C ASP J 153 -47.08 6.43 -4.86
N ASN J 154 -46.74 6.27 -6.13
CA ASN J 154 -46.30 4.97 -6.64
C ASN J 154 -44.97 4.62 -6.00
N GLU J 155 -44.98 3.60 -5.16
CA GLU J 155 -43.76 3.15 -4.50
C GLU J 155 -43.79 1.64 -4.46
N GLU J 156 -44.99 1.10 -4.28
CA GLU J 156 -45.21 -0.34 -4.26
C GLU J 156 -45.25 -0.84 -5.68
N ILE J 157 -45.17 0.09 -6.62
CA ILE J 157 -44.96 -0.23 -8.03
C ILE J 157 -43.48 -0.17 -8.37
N ASP J 158 -42.72 0.54 -7.53
CA ASP J 158 -41.30 0.76 -7.75
C ASP J 158 -40.42 -0.03 -6.80
N GLU J 159 -39.21 -0.32 -7.25
CA GLU J 159 -38.24 -1.08 -6.48
C GLU J 159 -37.65 -0.27 -5.32
N TRP J 160 -37.33 1.00 -5.59
CA TRP J 160 -36.72 1.89 -4.60
C TRP J 160 -37.65 3.02 -4.15
N TRP J 161 -37.62 3.32 -2.86
CA TRP J 161 -38.36 4.44 -2.29
C TRP J 161 -37.42 5.57 -1.94
N ILE J 162 -37.69 6.75 -2.49
CA ILE J 162 -36.84 7.92 -2.28
C ILE J 162 -37.16 8.68 -0.99
N ARG J 163 -36.13 9.05 -0.23
CA ARG J 163 -36.27 9.92 0.94
C ARG J 163 -36.57 11.37 0.54
N GLY J 164 -35.86 11.86 -0.47
CA GLY J 164 -36.18 13.11 -1.14
C GLY J 164 -36.15 14.35 -0.26
N LYS J 165 -36.15 15.54 -0.85
CA LYS J 165 -35.61 15.78 -2.19
C LYS J 165 -34.10 15.64 -2.07
N ALA J 166 -33.38 15.82 -3.16
CA ALA J 166 -31.95 15.57 -3.14
C ALA J 166 -31.19 16.68 -2.42
N SER J 167 -30.07 16.33 -1.81
CA SER J 167 -29.18 17.30 -1.19
C SER J 167 -28.03 17.67 -2.13
N THR J 168 -27.57 18.92 -2.07
CA THR J 168 -26.52 19.38 -2.96
C THR J 168 -25.36 19.92 -2.15
N HIS J 169 -24.32 20.34 -2.86
CA HIS J 169 -23.08 20.71 -2.20
C HIS J 169 -21.98 20.99 -3.18
N ILE J 170 -21.74 22.28 -3.39
CA ILE J 170 -20.58 22.71 -4.12
C ILE J 170 -19.36 22.73 -3.21
N SER J 171 -18.23 22.23 -3.71
CA SER J 171 -17.00 22.24 -2.92
C SER J 171 -15.75 22.38 -3.80
N ASP J 172 -14.57 22.31 -3.20
CA ASP J 172 -13.33 22.46 -3.98
C ASP J 172 -12.45 21.26 -3.77
N ILE J 173 -12.01 20.69 -4.88
CA ILE J 173 -11.21 19.47 -4.81
C ILE J 173 -9.80 19.79 -5.25
N ARG J 174 -8.84 19.25 -4.52
CA ARG J 174 -7.44 19.54 -4.82
C ARG J 174 -6.82 18.39 -5.60
N TYR J 175 -6.26 18.71 -6.75
CA TYR J 175 -5.53 17.72 -7.53
C TYR J 175 -4.04 18.02 -7.46
N ASP J 176 -3.35 17.30 -6.57
CA ASP J 176 -1.94 17.57 -6.30
C ASP J 176 -0.99 17.14 -7.40
N HIS J 177 -1.40 16.16 -8.19
CA HIS J 177 -0.49 15.62 -9.20
C HIS J 177 -0.93 15.92 -10.62
N LEU J 178 -1.58 17.07 -10.78
CA LEU J 178 -2.09 17.49 -12.06
C LEU J 178 -1.64 18.90 -12.35
N SER J 179 -0.66 19.03 -13.24
CA SER J 179 -0.18 20.35 -13.65
C SER J 179 -1.34 21.22 -14.15
N SER J 180 -1.28 22.50 -13.83
CA SER J 180 -2.35 23.41 -14.19
C SER J 180 -1.85 24.64 -14.93
N VAL J 181 -2.81 25.47 -15.34
CA VAL J 181 -2.52 26.69 -16.10
C VAL J 181 -1.46 27.54 -15.40
N GLN J 182 -1.73 27.94 -14.15
CA GLN J 182 -0.75 28.67 -13.35
C GLN J 182 -0.15 27.75 -12.30
N PRO J 183 0.99 28.13 -11.71
CA PRO J 183 1.73 27.24 -10.81
C PRO J 183 1.03 27.00 -9.48
N ASN J 184 0.22 27.97 -9.05
CA ASN J 184 -0.43 27.91 -7.74
C ASN J 184 -1.76 27.16 -7.77
N GLN J 185 -2.53 27.41 -8.82
CA GLN J 185 -3.95 27.04 -8.84
C GLN J 185 -4.27 25.62 -9.30
N ASN J 186 -4.50 24.73 -8.34
CA ASN J 186 -4.82 23.32 -8.63
C ASN J 186 -6.05 22.80 -7.89
N GLU J 187 -7.10 23.62 -7.84
CA GLU J 187 -8.37 23.20 -7.26
C GLU J 187 -9.53 23.27 -8.27
N PHE J 188 -10.38 22.26 -8.24
CA PHE J 188 -11.53 22.24 -9.13
C PHE J 188 -12.83 22.38 -8.37
N SER J 189 -13.74 23.15 -8.95
CA SER J 189 -15.09 23.30 -8.44
C SER J 189 -15.87 22.00 -8.69
N ARG J 190 -16.44 21.42 -7.65
CA ARG J 190 -17.23 20.20 -7.79
C ARG J 190 -18.62 20.27 -7.18
N ILE J 191 -19.64 20.00 -8.00
CA ILE J 191 -21.00 19.81 -7.51
C ILE J 191 -21.20 18.36 -7.13
N THR J 192 -21.90 18.13 -6.02
CA THR J 192 -22.22 16.78 -5.61
C THR J 192 -23.68 16.70 -5.26
N VAL J 193 -24.42 15.86 -5.97
CA VAL J 193 -25.84 15.64 -5.66
C VAL J 193 -26.04 14.29 -5.01
N ARG J 194 -26.87 14.25 -3.98
CA ARG J 194 -27.16 12.99 -3.28
C ARG J 194 -28.65 12.76 -3.13
N ILE J 195 -29.07 11.55 -3.45
CA ILE J 195 -30.45 11.17 -3.29
C ILE J 195 -30.51 9.91 -2.46
N ASP J 196 -31.22 9.96 -1.33
CA ASP J 196 -31.28 8.81 -0.44
C ASP J 196 -32.44 7.91 -0.84
N ALA J 197 -32.31 6.63 -0.53
CA ALA J 197 -33.30 5.65 -0.96
C ALA J 197 -33.28 4.41 -0.10
N VAL J 198 -34.46 3.87 0.16
CA VAL J 198 -34.58 2.62 0.88
C VAL J 198 -35.17 1.59 -0.05
N ARG J 199 -34.77 0.33 0.13
CA ARG J 199 -35.26 -0.73 -0.75
C ARG J 199 -36.65 -1.21 -0.36
N ASN J 200 -37.49 -1.46 -1.36
CA ASN J 200 -38.82 -2.01 -1.12
C ASN J 200 -38.76 -3.49 -0.72
N PRO J 201 -38.77 -3.77 0.60
CA PRO J 201 -38.43 -5.09 1.17
C PRO J 201 -39.58 -6.09 1.14
N SER J 202 -40.73 -5.67 0.59
CA SER J 202 -41.88 -6.57 0.54
C SER J 202 -41.52 -7.90 -0.11
N TYR J 203 -41.33 -7.89 -1.43
CA TYR J 203 -41.12 -9.12 -2.19
C TYR J 203 -40.23 -10.12 -1.46
N TYR J 204 -39.13 -9.64 -0.89
CA TYR J 204 -38.16 -10.55 -0.27
C TYR J 204 -38.67 -11.14 1.04
N LEU J 205 -39.49 -10.37 1.76
CA LEU J 205 -40.08 -10.85 3.01
C LEU J 205 -41.01 -12.00 2.73
N TRP J 206 -41.97 -11.74 1.86
CA TRP J 206 -43.03 -12.70 1.58
C TRP J 206 -42.62 -13.87 0.72
N SER J 207 -41.64 -13.68 -0.15
CA SER J 207 -41.28 -14.76 -1.07
C SER J 207 -39.97 -15.48 -0.73
N PHE J 208 -39.20 -14.92 0.20
CA PHE J 208 -37.93 -15.56 0.56
C PHE J 208 -37.78 -15.79 2.05
N ILE J 209 -37.84 -14.72 2.83
CA ILE J 209 -37.63 -14.82 4.26
C ILE J 209 -38.69 -15.70 4.92
N LEU J 210 -39.96 -15.43 4.65
CA LEU J 210 -41.04 -16.27 5.18
C LEU J 210 -40.84 -17.77 4.91
N PRO J 211 -40.95 -18.20 3.65
CA PRO J 211 -40.75 -19.63 3.39
C PRO J 211 -39.48 -20.20 4.00
N LEU J 212 -38.40 -19.41 4.07
CA LEU J 212 -37.17 -19.94 4.62
C LEU J 212 -37.43 -20.30 6.08
N GLY J 213 -38.18 -19.45 6.76
CA GLY J 213 -38.57 -19.68 8.14
C GLY J 213 -39.36 -20.95 8.27
N LEU J 214 -40.51 -20.99 7.60
CA LEU J 214 -41.31 -22.21 7.51
C LEU J 214 -40.45 -23.45 7.33
N ILE J 215 -39.65 -23.48 6.29
CA ILE J 215 -38.77 -24.62 6.05
C ILE J 215 -37.84 -24.91 7.22
N ILE J 216 -37.28 -23.87 7.82
CA ILE J 216 -36.39 -24.08 8.95
C ILE J 216 -37.16 -24.68 10.14
N ALA J 217 -38.33 -24.11 10.41
CA ALA J 217 -39.20 -24.58 11.49
C ALA J 217 -39.56 -26.04 11.28
N ALA J 218 -40.20 -26.31 10.16
CA ALA J 218 -40.55 -27.67 9.79
C ALA J 218 -39.38 -28.64 9.98
N SER J 219 -38.15 -28.16 9.79
CA SER J 219 -37.00 -29.04 9.95
C SER J 219 -36.94 -29.55 11.38
N TRP J 220 -37.48 -28.76 12.30
CA TRP J 220 -37.46 -29.07 13.71
C TRP J 220 -38.40 -30.23 14.05
N SER J 221 -39.50 -30.32 13.31
CA SER J 221 -40.47 -31.36 13.54
C SER J 221 -39.87 -32.76 13.34
N VAL J 222 -38.56 -32.84 13.12
CA VAL J 222 -37.91 -34.14 12.95
C VAL J 222 -37.91 -34.88 14.28
N PHE J 223 -37.89 -34.12 15.37
CA PHE J 223 -37.80 -34.70 16.70
C PHE J 223 -39.11 -35.37 17.14
N TRP J 224 -40.19 -35.13 16.40
CA TRP J 224 -41.48 -35.71 16.75
C TRP J 224 -41.70 -37.02 16.01
N LEU J 225 -40.63 -37.53 15.42
CA LEU J 225 -40.69 -38.84 14.78
C LEU J 225 -40.36 -39.92 15.81
N GLU J 226 -41.00 -41.07 15.66
CA GLU J 226 -40.93 -42.13 16.67
C GLU J 226 -39.61 -42.90 16.62
N SER J 227 -39.31 -43.45 15.45
CA SER J 227 -38.10 -44.24 15.27
C SER J 227 -36.83 -43.38 15.17
N PHE J 228 -35.68 -43.97 15.50
CA PHE J 228 -34.39 -43.35 15.24
C PHE J 228 -34.13 -43.38 13.73
N SER J 229 -34.36 -44.53 13.12
CA SER J 229 -34.24 -44.67 11.66
C SER J 229 -35.03 -43.58 10.93
N GLU J 230 -36.27 -43.37 11.35
CA GLU J 230 -37.11 -42.31 10.76
C GLU J 230 -36.45 -40.93 10.91
N ARG J 231 -35.96 -40.62 12.10
CA ARG J 231 -35.38 -39.30 12.37
C ARG J 231 -34.13 -39.01 11.54
N LEU J 232 -33.20 -39.95 11.52
CA LEU J 232 -31.95 -39.76 10.80
C LEU J 232 -32.17 -39.70 9.28
N GLN J 233 -32.94 -40.64 8.76
CA GLN J 233 -33.23 -40.67 7.31
C GLN J 233 -33.95 -39.41 6.83
N THR J 234 -34.97 -38.99 7.55
CA THR J 234 -35.68 -37.75 7.21
C THR J 234 -34.73 -36.54 7.20
N SER J 235 -33.74 -36.54 8.09
CA SER J 235 -32.78 -35.45 8.15
C SER J 235 -32.13 -35.17 6.80
N PHE J 236 -31.73 -36.24 6.10
CA PHE J 236 -31.06 -36.08 4.80
C PHE J 236 -31.95 -35.41 3.75
N THR J 237 -33.25 -35.56 3.92
CA THR J 237 -34.20 -34.92 3.01
C THR J 237 -34.33 -33.43 3.33
N LEU J 238 -34.31 -33.10 4.61
CA LEU J 238 -34.29 -31.70 5.02
C LEU J 238 -33.02 -31.04 4.51
N MET J 239 -31.91 -31.79 4.55
CA MET J 239 -30.62 -31.34 4.03
C MET J 239 -30.77 -30.92 2.56
N LEU J 240 -31.24 -31.85 1.75
CA LEU J 240 -31.47 -31.61 0.33
C LEU J 240 -32.37 -30.41 0.11
N THR J 241 -33.37 -30.26 0.98
CA THR J 241 -34.28 -29.13 0.86
C THR J 241 -33.57 -27.78 1.04
N VAL J 242 -32.72 -27.67 2.06
CA VAL J 242 -31.97 -26.44 2.28
C VAL J 242 -31.04 -26.14 1.09
N VAL J 243 -30.36 -27.16 0.57
CA VAL J 243 -29.57 -27.00 -0.66
C VAL J 243 -30.42 -26.45 -1.80
N ALA J 244 -31.52 -27.12 -2.14
CA ALA J 244 -32.41 -26.59 -3.17
C ALA J 244 -32.78 -25.13 -2.88
N TYR J 245 -33.06 -24.83 -1.62
CA TYR J 245 -33.44 -23.47 -1.28
C TYR J 245 -32.30 -22.48 -1.42
N ALA J 246 -31.09 -22.92 -1.12
CA ALA J 246 -29.93 -22.05 -1.28
C ALA J 246 -29.76 -21.72 -2.75
N PHE J 247 -29.89 -22.76 -3.59
CA PHE J 247 -29.76 -22.63 -5.03
C PHE J 247 -30.77 -21.59 -5.52
N TYR J 248 -32.04 -21.85 -5.23
CA TYR J 248 -33.12 -20.93 -5.54
C TYR J 248 -32.85 -19.51 -5.06
N THR J 249 -32.51 -19.38 -3.80
CA THR J 249 -32.19 -18.10 -3.24
C THR J 249 -31.03 -17.41 -4.00
N SER J 250 -29.98 -18.16 -4.32
CA SER J 250 -28.76 -17.59 -4.91
C SER J 250 -28.94 -17.19 -6.37
N ASN J 251 -29.69 -18.00 -7.11
CA ASN J 251 -29.87 -17.73 -8.52
C ASN J 251 -30.79 -16.52 -8.74
N ILE J 252 -31.59 -16.19 -7.73
CA ILE J 252 -32.58 -15.13 -7.91
C ILE J 252 -32.23 -13.80 -7.24
N LEU J 253 -31.55 -13.86 -6.09
CA LEU J 253 -31.11 -12.65 -5.41
C LEU J 253 -29.86 -12.02 -6.05
N PRO J 254 -29.62 -10.73 -5.77
CA PRO J 254 -28.51 -9.99 -6.37
C PRO J 254 -27.16 -10.55 -5.95
N ARG J 255 -26.24 -10.72 -6.88
CA ARG J 255 -24.90 -11.24 -6.57
C ARG J 255 -24.09 -10.26 -5.72
N LEU J 256 -23.42 -10.78 -4.70
CA LEU J 256 -22.60 -9.93 -3.85
C LEU J 256 -21.33 -10.67 -3.49
N PRO J 257 -20.32 -9.96 -3.02
CA PRO J 257 -19.05 -10.57 -2.64
C PRO J 257 -19.04 -10.91 -1.15
N TYR J 258 -20.18 -10.72 -0.50
CA TYR J 258 -20.29 -10.96 0.93
C TYR J 258 -21.67 -11.51 1.28
N THR J 259 -21.84 -11.93 2.53
CA THR J 259 -23.09 -12.56 2.96
C THR J 259 -24.12 -11.55 3.40
N THR J 260 -25.36 -11.77 2.97
CA THR J 260 -26.47 -10.97 3.44
C THR J 260 -27.15 -11.67 4.62
N VAL J 261 -28.18 -11.03 5.16
CA VAL J 261 -28.92 -11.65 6.25
C VAL J 261 -29.55 -12.95 5.79
N ILE J 262 -30.20 -12.91 4.62
CA ILE J 262 -30.75 -14.11 4.01
C ILE J 262 -29.70 -15.23 3.89
N ASP J 263 -28.50 -14.87 3.46
CA ASP J 263 -27.42 -15.84 3.34
C ASP J 263 -27.15 -16.51 4.67
N GLN J 264 -27.20 -15.73 5.75
CA GLN J 264 -26.97 -16.24 7.09
C GLN J 264 -28.07 -17.19 7.54
N MET J 265 -29.33 -16.78 7.38
CA MET J 265 -30.44 -17.70 7.62
C MET J 265 -30.20 -19.06 6.96
N ILE J 266 -29.86 -19.05 5.68
CA ILE J 266 -29.55 -20.29 4.98
C ILE J 266 -28.47 -21.12 5.70
N ILE J 267 -27.38 -20.47 6.08
CA ILE J 267 -26.32 -21.17 6.79
C ILE J 267 -26.80 -21.71 8.13
N ALA J 268 -27.65 -20.94 8.83
CA ALA J 268 -28.26 -21.41 10.07
C ALA J 268 -29.06 -22.69 9.81
N GLY J 269 -29.93 -22.64 8.80
CA GLY J 269 -30.67 -23.81 8.38
C GLY J 269 -29.75 -25.02 8.26
N TYR J 270 -28.65 -24.86 7.54
CA TYR J 270 -27.68 -25.94 7.38
C TYR J 270 -27.20 -26.43 8.73
N GLY J 271 -26.87 -25.48 9.61
CA GLY J 271 -26.31 -25.78 10.92
C GLY J 271 -27.28 -26.52 11.82
N SER J 272 -28.49 -25.99 11.92
CA SER J 272 -29.56 -26.65 12.68
C SER J 272 -29.68 -28.11 12.26
N ILE J 273 -29.85 -28.33 10.97
CA ILE J 273 -30.01 -29.68 10.44
C ILE J 273 -28.82 -30.59 10.72
N PHE J 274 -27.63 -30.01 10.82
CA PHE J 274 -26.44 -30.81 11.10
C PHE J 274 -26.39 -31.13 12.57
N ALA J 275 -26.67 -30.13 13.40
CA ALA J 275 -26.74 -30.31 14.85
C ALA J 275 -27.74 -31.40 15.18
N ALA J 276 -28.91 -31.31 14.57
CA ALA J 276 -29.94 -32.32 14.73
C ALA J 276 -29.39 -33.72 14.43
N ILE J 277 -28.71 -33.88 13.29
CA ILE J 277 -28.14 -35.17 12.94
C ILE J 277 -27.14 -35.63 13.99
N LEU J 278 -26.43 -34.69 14.61
CA LEU J 278 -25.52 -35.04 15.69
C LEU J 278 -26.29 -35.56 16.90
N LEU J 279 -27.19 -34.74 17.44
CA LEU J 279 -28.08 -35.16 18.53
C LEU J 279 -28.76 -36.50 18.24
N ILE J 280 -29.56 -36.56 17.19
CA ILE J 280 -30.29 -37.76 16.82
C ILE J 280 -29.42 -39.02 16.89
N ILE J 281 -28.17 -38.91 16.46
CA ILE J 281 -27.25 -40.05 16.50
C ILE J 281 -26.69 -40.28 17.90
N PHE J 282 -26.55 -39.18 18.65
CA PHE J 282 -26.07 -39.23 20.03
C PHE J 282 -27.09 -39.90 20.95
N ALA J 283 -28.31 -39.39 20.96
CA ALA J 283 -29.40 -39.97 21.73
C ALA J 283 -29.42 -41.49 21.62
N HIS J 284 -29.19 -42.00 20.42
CA HIS J 284 -29.30 -43.43 20.14
C HIS J 284 -28.14 -44.27 20.69
N HIS J 285 -27.01 -43.63 20.97
CA HIS J 285 -25.84 -44.36 21.44
C HIS J 285 -25.29 -43.85 22.78
N ARG J 286 -25.99 -42.90 23.40
CA ARG J 286 -25.68 -42.46 24.76
C ARG J 286 -26.66 -43.12 25.72
N GLN J 287 -26.37 -44.36 26.09
CA GLN J 287 -27.28 -45.15 26.92
C GLN J 287 -26.56 -46.32 27.61
N ALA J 288 -27.22 -47.48 27.62
CA ALA J 288 -26.68 -48.66 28.29
C ALA J 288 -27.34 -49.95 27.82
N ASN J 289 -27.40 -50.14 26.50
CA ASN J 289 -27.99 -51.35 25.92
C ASN J 289 -27.75 -51.48 24.40
N GLY J 290 -28.70 -50.98 23.61
CA GLY J 290 -28.60 -51.05 22.16
C GLY J 290 -29.53 -50.08 21.46
N VAL J 291 -30.81 -50.08 21.84
CA VAL J 291 -31.80 -49.18 21.28
C VAL J 291 -32.58 -48.46 22.39
N GLU J 292 -31.86 -47.94 23.39
CA GLU J 292 -32.47 -47.12 24.44
C GLU J 292 -32.25 -45.64 24.14
N ASP J 293 -33.08 -45.09 23.26
CA ASP J 293 -32.98 -43.68 22.91
C ASP J 293 -33.15 -42.82 24.17
N ASP J 294 -32.10 -42.07 24.50
CA ASP J 294 -32.10 -41.17 25.65
C ASP J 294 -33.44 -40.43 25.73
N LEU J 295 -34.26 -40.84 26.69
CA LEU J 295 -35.63 -40.35 26.83
C LEU J 295 -35.74 -38.82 26.71
N LEU J 296 -35.21 -38.11 27.71
CA LEU J 296 -35.32 -36.66 27.80
C LEU J 296 -34.82 -35.96 26.53
N ILE J 297 -33.68 -36.40 26.01
CA ILE J 297 -33.01 -35.70 24.91
C ILE J 297 -33.78 -35.77 23.59
N GLN J 298 -34.09 -36.97 23.12
CA GLN J 298 -34.85 -37.14 21.88
C GLN J 298 -36.07 -36.23 21.89
N ARG J 299 -36.42 -35.73 23.08
CA ARG J 299 -37.52 -34.78 23.25
C ARG J 299 -37.01 -33.38 23.59
N CYS J 300 -36.08 -32.89 22.78
CA CYS J 300 -35.67 -31.50 22.77
C CYS J 300 -36.41 -30.85 21.60
N ARG J 301 -37.70 -31.13 21.54
CA ARG J 301 -38.59 -30.58 20.54
C ARG J 301 -38.88 -29.12 20.86
N LEU J 302 -38.30 -28.63 21.95
CA LEU J 302 -38.47 -27.24 22.36
C LEU J 302 -37.11 -26.61 22.65
N ALA J 303 -36.11 -27.46 22.89
CA ALA J 303 -34.75 -26.99 23.10
C ALA J 303 -34.20 -26.34 21.82
N PHE J 304 -34.34 -27.05 20.70
CA PHE J 304 -33.90 -26.54 19.40
C PHE J 304 -34.62 -25.26 18.98
N PRO J 305 -35.95 -25.34 18.78
CA PRO J 305 -36.70 -24.16 18.30
C PRO J 305 -36.34 -22.85 19.03
N LEU J 306 -36.23 -22.87 20.35
CA LEU J 306 -35.92 -21.62 21.05
C LEU J 306 -34.42 -21.42 21.29
N GLY J 307 -33.67 -22.51 21.33
CA GLY J 307 -32.22 -22.43 21.38
C GLY J 307 -31.70 -21.87 20.06
N PHE J 308 -32.57 -21.89 19.07
CA PHE J 308 -32.26 -21.35 17.75
C PHE J 308 -32.78 -19.91 17.65
N LEU J 309 -33.89 -19.63 18.32
CA LEU J 309 -34.41 -18.27 18.39
C LEU J 309 -33.56 -17.43 19.34
N ALA J 310 -32.66 -18.11 20.05
CA ALA J 310 -31.68 -17.43 20.90
C ALA J 310 -30.46 -17.09 20.05
N ILE J 311 -29.90 -18.10 19.40
CA ILE J 311 -28.79 -17.93 18.47
C ILE J 311 -29.30 -17.23 17.21
N GLY J 312 -30.59 -16.94 17.20
CA GLY J 312 -31.23 -16.22 16.11
C GLY J 312 -31.50 -14.78 16.48
N CYS J 313 -31.31 -14.45 17.75
CA CYS J 313 -31.36 -13.05 18.19
C CYS J 313 -29.94 -12.54 18.48
N VAL J 314 -28.96 -13.34 18.07
CA VAL J 314 -27.57 -12.93 18.10
C VAL J 314 -27.05 -12.83 16.66
N LEU J 315 -27.97 -12.97 15.70
CA LEU J 315 -27.70 -12.60 14.31
C LEU J 315 -28.03 -11.12 14.16
N VAL J 316 -28.50 -10.52 15.25
CA VAL J 316 -28.86 -9.10 15.29
C VAL J 316 -28.25 -8.42 16.51
N ILE J 317 -26.97 -8.71 16.76
CA ILE J 317 -26.22 -8.04 17.84
C ILE J 317 -24.93 -7.43 17.29
#